data_7PGU
#
_entry.id   7PGU
#
_cell.length_a   1.00
_cell.length_b   1.00
_cell.length_c   1.00
_cell.angle_alpha   90.00
_cell.angle_beta   90.00
_cell.angle_gamma   90.00
#
_symmetry.space_group_name_H-M   'P 1'
#
loop_
_entity.id
_entity.type
_entity.pdbx_description
1 polymer Neurofibromin
2 non-polymer '(1S)-2-{[(2-AMINOETHOXY)(HYDROXY)PHOSPHORYL]OXY}-1-[(PALMITOYLOXY)METHYL]ETHYL STEARATE'
3 non-polymer 'ZINC ION'
4 water water
#
_entity_poly.entity_id   1
_entity_poly.type   'polypeptide(L)'
_entity_poly.pdbx_seq_one_letter_code
;MAAHRPVEWVQAVVSRFDEQLPIKTGQQNTHTKVSTEHNKECLINISKYKFSLVISGLTTILKNVNNMRIFGEAAEKNLY
LSQLIILDTLEKCLAGQPKDTMRLDETMLVKQLLPEICHFLHTCREGNQHAAELRNSASGVLFSLSCNNFNAVFSRISTR
LQELTVCSEDNVDVHDIELLQYINVDCAKLKRLLKETAFKFKALKKVAQLAVINSLEKAFWNWVENYPDEFTKLYQIPQT
DMAECAEKLFDLVDGFAESTKRKAAVWPLQIILLILCPEIIQDISKDVVDENNMNKKLFLDSLRKALAGHGGSRQLTESA
AIACVKLCKASTYINWEDNSVIFLLVQSMVVDLKNLLFNPSKPFSRGSQPADVDLMIDCLVSCFRISPHNNQHFKICLAQ
NSPSTFHYVLVNSLHRIITNSALDWWPKIDAVYCHSVELRNMFGETLHKAVQGCGAHPAIRMAPSLTFKEKVTSLKFKEK
PTDLETRSYKYLLLSMVKLIHADPKLLLCNPRKQGPETQGSTAELITGLVQLVPQSHMPEIAQEAMEALLVLHQLDSIDL
WNPDAPVETFWEISSQMLFYICKKLTSHQMLSSTEILKWLREILICRNKFLLKNKQADRSSCHFLLFYGVGCDIPSSGNT
SQMSMDHEELLRTPGASLRKGKGNSSMDSAAGCSGTPPICRQAQTKLEVALYMFLWNPDTEAVLVAMSCFRHLCEEADIR
CGVDEVSVHNLLPNYNTFMEFASVSNMMSTGRAALQKRVMALLRRIEHPTAGNTEAWEDTHAKWEQATKLILNYPKAKME
DGQAAESLHKTIVKRRMSHVSGGGSIDLSDTDSLQEWINMTGFLCALGGVCLQQRSNSGLATYSPPMGPVSERKGSMISV
MSSEGNADTPVSKFMDRLLSLMVCNHEKVGLQIRTNVKDLVGLELSPALYPMLFNKLKNTISKFFDSQGQVLLTDTNTQF
VEQTIAIMKNLLDNHTEGSSEHLGQASIETMMLNLVRYVRVLGNMVHAIQIKTKLCQLVEVMMARRDDLSFCQEMKFRNK
MVEYLTDWVMGTSNQAADDDVKCLTRDLDQASMEAVVSLLAGLPLQPEEGDGVELMEAKSQLFLKYFTLFMNLLNDCSEV
EDESAQTGGRKRGMSRRLASLRHCTVLAMSNLLNANVDSGLMHSIGLGYHKDLQTRATFMEVLTKILQQGTEFDTLAETV
LADRFERLVELVTMMGDQGELPIAMALANVVPCSQWDELARVLVTLFDSRHLLYQLLWNMFSKEVELADSMQTLFRGNSL
ASKIMTFCFKVYGATYLQKLLDPLLRIVITSSDWQHVSFEVDPTRLEPSESLEENQRNLLQMTEKFFHAIISSSSEFPPQ
LRSVCHCLYQATCHSLLNKATVKEKKENKKSVVSQRFPQNSIGAVGSAMFLRFINPAIVSPYEAGILDKKPPPRIERGLK
LMSKILQSIANHVLFTKEEHMRPFNDFVKSNFDAARRFFLDIASDCPTSDAVNHSLSFISDGNVLALHRLLWNNQEKIGQ
YLSSNRDHKAVGRRPFDKMATLLAYLGPPEHKPVADTHWSSLNLTSSKFEEFMTRHQVHEKEEFKALKTLSIFYQAGTSK
AGNPIFYYVARRFKTGQINGDLLIYHVLLTLKPYYAKPYEIVVDLTHTGPSNRFKTDFLSKWFVVFPGFAYDNVSAVYIY
NCNSWVREYTKYHERLLTGLKGSKRLVFIDCPGKLAEHIEHEQQKLPAATLALEEDLKVFHNALKLAHKDTKVSIKVGST
AVQVTSAERTKVLGQSVFLNDIYYASEIEEICLVDENQFTLTIANQGTPLTFMHQECEAIVQSIIHIRTRWELSQPDSIP
QHTKIRPKDVPGTLLNIALLNLGSSDPSLRSAAYNLLCALTCTFNLKIEGQLLETSGLCIPANNTLFIVSISKTLAANEP
HLTLEFLEECISGFSKSSIELKHLCLEYMTPWLSNLVRFCKHNDDAKRQRVTAILDKLITMTINEKQMYPSIQAKIWGSL
GQITDLLDVVLDSFIKTSATGGLGSIKAEVMADTAVALASGNVKLVSSKVIGRMCKIIDKTCLSPTPTLEQHLMWDDIAI
LARYMLMLSFNNSLDVAAHLPYLFHVVTFLVATGPLSLRASTHGLVINIIHSLCTCSQLHFSEETKQVLRLSLTEFSLPK
FYLLFGISKVKSAAVIAFRSSYRDRSFSPGSYERETFALTSLETVTEALLEIMEACMRDIPTCKWLDQWTELAQRFAFQY
NPSLQPRALVVFGCISKRVSHGQIKQIIRILSKALESCLKGPDTYNSQVLIEATVIALTKLQPLLNKDSPLHKALFWVAV
AVLQLDEVNLYSAGTALLEQNLHTLDSLRIFNDKSPEEVFMAIRNPLEWHCKQMDHFVGLNFNSNFNFALVGHLLKGYRH
PSPAIVARTVRILHTLLTLVNKHRNCDKFEVNTQSVAYLAALLTVSEEVRSRCSLKHRKSLLLTDISMENVPMDTYPIHH
GDPSYRTLKETQPWSSPKGSEGYLAATYPTVGQTSPRARKSMSLDMGQPSQANTKKLLGTRKSFDHLISDTKAPKRQEME
SGITTPPKMRRVAETDYEMETQRISSSQQHPHLRKVSVSESNVLLDEEVLTDPKIQALLLTVLATLVKYTTDEFDQRILY
EYLAEASVVFPKVFPVVHNLLDSKINTLLSLCQDPNLLNPIHGIVQSVVYHEESPPQYQTSYLQSFGFNGLWRFAGPFSK
QTQIPDYAELIVKFLDALIDTYLPGIDEETSEESLLTPTSPYPPALQSQLSITANLNLSNSMTSLATSQHSPGIDKENVE
LSPTTGHCNSGRTRHGSASQVQKQRSAGSFKRNSIKKIV
;
_entity_poly.pdbx_strand_id   F,N
#
loop_
_chem_comp.id
_chem_comp.type
_chem_comp.name
_chem_comp.formula
PEV non-polymer '(1S)-2-{[(2-AMINOETHOXY)(HYDROXY)PHOSPHORYL]OXY}-1-[(PALMITOYLOXY)METHYL]ETHYL STEARATE' 'C39 H78 N O8 P'
ZN non-polymer 'ZINC ION' 'Zn 2'
#
# COMPACT_ATOMS: atom_id res chain seq x y z
N HIS A 4 75.60 22.78 -58.85
CA HIS A 4 74.74 21.65 -58.50
C HIS A 4 73.41 22.14 -57.95
N ARG A 5 73.37 22.45 -56.66
CA ARG A 5 72.17 22.97 -56.03
C ARG A 5 71.95 24.44 -56.39
N PRO A 6 72.94 25.32 -56.19
CA PRO A 6 72.67 26.75 -56.40
C PRO A 6 72.29 27.09 -57.83
N VAL A 7 72.69 26.27 -58.81
CA VAL A 7 72.25 26.50 -60.18
C VAL A 7 70.73 26.49 -60.25
N GLU A 8 70.10 25.57 -59.53
CA GLU A 8 68.64 25.52 -59.50
C GLU A 8 68.05 26.76 -58.85
N TRP A 9 68.75 27.36 -57.89
CA TRP A 9 68.25 28.57 -57.26
C TRP A 9 68.12 29.70 -58.26
N VAL A 10 69.10 29.84 -59.16
CA VAL A 10 69.06 30.91 -60.15
C VAL A 10 67.84 30.74 -61.05
N GLN A 11 67.59 29.51 -61.51
CA GLN A 11 66.46 29.28 -62.40
C GLN A 11 65.16 29.75 -61.77
N ALA A 12 65.00 29.53 -60.47
CA ALA A 12 63.76 29.91 -59.80
C ALA A 12 63.54 31.41 -59.88
N VAL A 13 64.59 32.20 -59.66
CA VAL A 13 64.46 33.65 -59.77
C VAL A 13 64.14 34.03 -61.21
N VAL A 14 64.77 33.36 -62.17
CA VAL A 14 64.47 33.62 -63.58
C VAL A 14 63.03 33.24 -63.89
N SER A 15 62.60 32.06 -63.44
CA SER A 15 61.27 31.58 -63.80
C SER A 15 60.18 32.49 -63.24
N ARG A 16 60.35 32.96 -62.00
CA ARG A 16 59.35 33.85 -61.43
C ARG A 16 59.26 35.17 -62.18
N PHE A 17 60.29 35.52 -62.94
CA PHE A 17 60.22 36.72 -63.77
C PHE A 17 59.16 36.57 -64.86
N ASP A 18 59.07 35.37 -65.46
CA ASP A 18 58.12 35.15 -66.54
C ASP A 18 56.68 35.27 -66.06
N GLU A 19 56.37 34.60 -64.96
CA GLU A 19 54.99 34.43 -64.52
C GLU A 19 54.43 35.66 -63.83
N GLN A 20 55.10 36.81 -63.97
CA GLN A 20 54.57 38.07 -63.47
C GLN A 20 54.42 39.11 -64.57
N LEU A 21 54.75 38.77 -65.81
CA LEU A 21 54.50 39.69 -66.91
C LEU A 21 53.00 39.86 -67.10
N PRO A 22 52.52 41.08 -67.34
CA PRO A 22 51.07 41.28 -67.41
C PRO A 22 50.36 40.38 -68.40
N ILE A 23 50.96 40.07 -69.55
CA ILE A 23 50.29 39.19 -70.51
C ILE A 23 50.07 37.82 -69.88
N LYS A 24 51.07 37.30 -69.19
CA LYS A 24 50.83 36.14 -68.35
C LYS A 24 49.79 36.50 -67.30
N THR A 25 48.87 35.58 -67.05
CA THR A 25 47.74 35.87 -66.18
C THR A 25 48.21 36.52 -64.89
N GLY A 26 47.65 37.69 -64.58
CA GLY A 26 47.97 38.37 -63.34
C GLY A 26 47.23 37.77 -62.17
N GLN A 27 47.96 37.07 -61.30
CA GLN A 27 47.39 36.40 -60.14
C GLN A 27 47.62 37.16 -58.85
N GLN A 28 47.80 38.48 -58.94
CA GLN A 28 48.01 39.36 -57.80
C GLN A 28 49.23 39.00 -56.98
N ASN A 29 50.12 38.15 -57.52
CA ASN A 29 51.36 37.85 -56.82
C ASN A 29 52.23 39.09 -56.65
N THR A 30 51.96 40.14 -57.43
CA THR A 30 52.72 41.38 -57.30
C THR A 30 52.67 41.90 -55.87
N HIS A 31 51.56 41.71 -55.17
CA HIS A 31 51.41 42.15 -53.79
C HIS A 31 51.77 43.63 -53.67
N THR A 32 51.05 44.45 -54.44
CA THR A 32 51.32 45.87 -54.58
C THR A 32 52.62 46.14 -55.32
N LYS A 33 53.12 45.15 -56.08
CA LYS A 33 54.31 45.22 -56.90
C LYS A 33 55.59 45.25 -56.09
N VAL A 34 55.51 45.23 -54.76
CA VAL A 34 56.73 45.25 -53.95
C VAL A 34 57.47 43.92 -54.07
N SER A 35 56.73 42.81 -54.08
CA SER A 35 57.37 41.50 -54.17
C SER A 35 58.04 41.32 -55.52
N THR A 36 57.31 41.58 -56.61
CA THR A 36 57.90 41.43 -57.93
C THR A 36 59.01 42.44 -58.17
N GLU A 37 58.92 43.62 -57.53
CA GLU A 37 59.99 44.60 -57.66
C GLU A 37 61.30 44.07 -57.11
N HIS A 38 61.24 43.41 -55.95
CA HIS A 38 62.46 42.83 -55.37
C HIS A 38 63.05 41.77 -56.27
N ASN A 39 62.20 40.96 -56.90
CA ASN A 39 62.71 39.89 -57.75
C ASN A 39 63.51 40.43 -58.92
N LYS A 40 63.10 41.59 -59.47
CA LYS A 40 63.87 42.18 -60.57
C LYS A 40 65.27 42.54 -60.13
N GLU A 41 65.41 43.26 -59.02
CA GLU A 41 66.71 43.75 -58.61
C GLU A 41 67.65 42.60 -58.27
N CYS A 42 67.13 41.55 -57.64
CA CYS A 42 67.96 40.38 -57.37
C CYS A 42 68.42 39.74 -58.67
N LEU A 43 67.54 39.66 -59.67
CA LEU A 43 67.93 39.11 -60.96
C LEU A 43 69.01 39.98 -61.62
N ILE A 44 68.90 41.29 -61.46
CA ILE A 44 69.89 42.20 -62.04
C ILE A 44 71.27 41.94 -61.45
N ASN A 45 71.33 41.79 -60.13
CA ASN A 45 72.63 41.61 -59.47
C ASN A 45 73.30 40.32 -59.91
N ILE A 46 72.53 39.25 -60.08
CA ILE A 46 73.12 37.97 -60.46
C ILE A 46 73.82 38.08 -61.81
N SER A 47 73.38 39.00 -62.66
CA SER A 47 73.98 39.12 -63.98
C SER A 47 75.47 39.43 -63.91
N LYS A 48 75.90 40.13 -62.86
CA LYS A 48 77.30 40.52 -62.76
C LYS A 48 78.24 39.33 -62.68
N TYR A 49 77.75 38.18 -62.23
CA TYR A 49 78.57 36.99 -62.05
C TYR A 49 78.20 35.85 -62.97
N LYS A 50 76.94 35.73 -63.37
CA LYS A 50 76.50 34.77 -64.38
C LYS A 50 75.89 35.59 -65.50
N PHE A 51 76.75 36.03 -66.42
CA PHE A 51 76.31 36.91 -67.50
C PHE A 51 75.65 36.11 -68.62
N SER A 52 76.24 34.99 -69.02
CA SER A 52 75.68 34.21 -70.11
C SER A 52 74.33 33.63 -69.74
N LEU A 53 74.19 33.12 -68.51
CA LEU A 53 72.97 32.43 -68.13
C LEU A 53 71.78 33.38 -68.05
N VAL A 54 71.96 34.50 -67.35
CA VAL A 54 70.85 35.44 -67.18
C VAL A 54 70.44 36.03 -68.51
N ILE A 55 71.42 36.44 -69.33
CA ILE A 55 71.10 37.04 -70.62
C ILE A 55 70.43 36.01 -71.52
N SER A 56 71.04 34.82 -71.65
CA SER A 56 70.44 33.79 -72.48
C SER A 56 69.07 33.38 -71.96
N GLY A 57 68.84 33.54 -70.66
CA GLY A 57 67.50 33.29 -70.13
C GLY A 57 66.50 34.32 -70.61
N LEU A 58 66.93 35.57 -70.77
CA LEU A 58 66.00 36.65 -71.11
C LEU A 58 65.66 36.68 -72.59
N THR A 59 66.53 36.17 -73.46
CA THR A 59 66.18 36.12 -74.88
C THR A 59 65.03 35.16 -75.11
N THR A 60 65.10 33.97 -74.52
CA THR A 60 64.04 32.99 -74.68
C THR A 60 62.73 33.51 -74.09
N ILE A 61 62.79 34.22 -72.97
CA ILE A 61 61.58 34.83 -72.42
C ILE A 61 61.00 35.82 -73.43
N LEU A 62 61.86 36.65 -74.02
CA LEU A 62 61.39 37.64 -74.99
C LEU A 62 60.94 36.97 -76.28
N LYS A 63 61.64 35.92 -76.71
CA LYS A 63 61.29 35.28 -77.97
C LYS A 63 59.89 34.70 -77.93
N ASN A 64 59.46 34.20 -76.77
CA ASN A 64 58.11 33.65 -76.66
C ASN A 64 57.05 34.74 -76.64
N VAL A 65 57.32 35.83 -75.92
CA VAL A 65 56.32 36.89 -75.81
C VAL A 65 56.03 37.50 -77.17
N ASN A 66 57.07 37.74 -77.97
CA ASN A 66 56.86 38.28 -79.31
C ASN A 66 56.06 37.33 -80.18
N ASN A 67 56.39 36.04 -80.11
CA ASN A 67 55.81 35.04 -81.00
C ASN A 67 54.61 34.36 -80.33
N MET A 68 53.56 35.17 -80.12
CA MET A 68 52.29 34.65 -79.64
C MET A 68 51.18 35.55 -80.13
N ARG A 69 49.97 35.00 -80.21
CA ARG A 69 48.82 35.67 -80.80
C ARG A 69 47.82 36.04 -79.72
N ILE A 70 47.31 37.27 -79.79
CA ILE A 70 46.29 37.76 -78.86
C ILE A 70 45.29 38.60 -79.63
N PHE A 71 44.05 38.58 -79.16
CA PHE A 71 42.97 39.37 -79.76
C PHE A 71 42.29 40.19 -78.68
N GLY A 72 41.93 41.43 -79.02
CA GLY A 72 41.24 42.29 -78.09
C GLY A 72 42.07 43.49 -77.69
N GLU A 73 41.41 44.64 -77.50
CA GLU A 73 42.13 45.85 -77.14
C GLU A 73 42.83 45.70 -75.80
N ALA A 74 42.16 45.09 -74.82
CA ALA A 74 42.75 44.92 -73.51
C ALA A 74 43.99 44.05 -73.57
N ALA A 75 43.93 42.97 -74.36
CA ALA A 75 45.08 42.06 -74.46
C ALA A 75 46.30 42.76 -75.06
N GLU A 76 46.09 43.59 -76.08
CA GLU A 76 47.21 44.27 -76.71
C GLU A 76 47.93 45.19 -75.75
N LYS A 77 47.18 45.92 -74.93
CA LYS A 77 47.81 46.83 -73.97
C LYS A 77 48.77 46.07 -73.06
N ASN A 78 48.44 44.82 -72.73
CA ASN A 78 49.34 44.02 -71.91
C ASN A 78 50.62 43.68 -72.67
N LEU A 79 50.47 43.22 -73.91
CA LEU A 79 51.66 42.83 -74.69
C LEU A 79 52.61 44.00 -74.86
N TYR A 80 52.07 45.18 -75.16
CA TYR A 80 52.92 46.37 -75.21
C TYR A 80 53.58 46.63 -73.86
N LEU A 81 52.85 46.38 -72.78
CA LEU A 81 53.39 46.69 -71.45
C LEU A 81 54.40 45.65 -71.00
N SER A 82 54.18 44.37 -71.34
CA SER A 82 55.10 43.33 -70.92
C SER A 82 56.46 43.48 -71.59
N GLN A 83 56.46 43.67 -72.92
CA GLN A 83 57.72 43.81 -73.63
C GLN A 83 58.49 45.04 -73.18
N LEU A 84 57.79 46.06 -72.70
CA LEU A 84 58.47 47.26 -72.22
C LEU A 84 59.34 46.93 -71.00
N ILE A 85 58.85 46.04 -70.14
CA ILE A 85 59.60 45.68 -68.94
C ILE A 85 60.83 44.86 -69.31
N ILE A 86 60.70 43.94 -70.27
CA ILE A 86 61.82 43.05 -70.60
C ILE A 86 63.00 43.85 -71.11
N LEU A 87 62.76 44.83 -71.98
CA LEU A 87 63.87 45.61 -72.53
C LEU A 87 64.50 46.51 -71.49
N ASP A 88 63.69 47.14 -70.64
CA ASP A 88 64.26 47.97 -69.57
C ASP A 88 65.15 47.14 -68.67
N THR A 89 64.70 45.93 -68.32
CA THR A 89 65.53 45.05 -67.51
C THR A 89 66.74 44.56 -68.29
N LEU A 90 66.54 44.21 -69.56
CA LEU A 90 67.64 43.64 -70.34
C LEU A 90 68.77 44.65 -70.54
N GLU A 91 68.47 45.95 -70.51
CA GLU A 91 69.51 46.95 -70.73
C GLU A 91 70.37 47.14 -69.48
N LYS A 92 69.78 47.02 -68.29
CA LYS A 92 70.56 47.22 -67.07
C LYS A 92 71.54 46.09 -66.84
N CYS A 93 71.20 44.88 -67.28
CA CYS A 93 72.16 43.79 -67.20
C CYS A 93 73.41 44.10 -68.02
N LEU A 94 73.23 44.60 -69.24
CA LEU A 94 74.36 44.98 -70.06
C LEU A 94 75.07 46.20 -69.50
N ALA A 95 74.30 47.21 -69.05
CA ALA A 95 74.91 48.45 -68.61
C ALA A 95 75.79 48.25 -67.39
N GLY A 96 75.32 47.48 -66.42
CA GLY A 96 76.04 47.32 -65.17
C GLY A 96 77.15 46.29 -65.19
N GLN A 97 77.36 45.61 -66.31
CA GLN A 97 78.44 44.64 -66.38
C GLN A 97 79.79 45.34 -66.19
N PRO A 98 80.70 44.77 -65.41
CA PRO A 98 82.02 45.39 -65.27
C PRO A 98 82.70 45.53 -66.63
N LYS A 99 83.36 46.67 -66.82
CA LYS A 99 84.00 46.97 -68.11
C LYS A 99 85.41 46.36 -68.12
N ASP A 100 85.42 45.03 -68.21
CA ASP A 100 86.65 44.25 -68.35
C ASP A 100 86.78 43.65 -69.73
N THR A 101 86.14 44.26 -70.73
CA THR A 101 86.15 43.74 -72.10
C THR A 101 85.67 42.30 -72.14
N MET A 102 84.59 42.01 -71.42
CA MET A 102 84.03 40.66 -71.32
C MET A 102 83.28 40.34 -72.61
N ARG A 103 84.05 40.25 -73.70
CA ARG A 103 83.52 39.94 -75.02
C ARG A 103 83.62 38.43 -75.23
N LEU A 104 82.64 37.71 -74.67
CA LEU A 104 82.63 36.26 -74.73
C LEU A 104 81.23 35.74 -75.05
N ASP A 105 80.57 36.37 -76.03
CA ASP A 105 79.19 36.01 -76.36
C ASP A 105 78.98 35.91 -77.86
N GLU A 106 80.01 35.50 -78.60
CA GLU A 106 79.93 35.57 -80.06
C GLU A 106 78.79 34.70 -80.61
N THR A 107 78.63 33.49 -80.08
CA THR A 107 77.65 32.57 -80.64
C THR A 107 76.23 33.09 -80.43
N MET A 108 75.94 33.64 -79.25
CA MET A 108 74.56 34.02 -78.91
C MET A 108 74.04 35.11 -79.85
N LEU A 109 74.79 36.20 -79.98
CA LEU A 109 74.26 37.39 -80.64
C LEU A 109 73.86 37.10 -82.08
N VAL A 110 74.67 36.35 -82.81
CA VAL A 110 74.51 36.28 -84.26
C VAL A 110 73.14 35.73 -84.63
N LYS A 111 72.57 34.85 -83.80
CA LYS A 111 71.33 34.18 -84.16
C LYS A 111 70.31 34.10 -83.04
N GLN A 112 70.57 34.68 -81.87
CA GLN A 112 69.63 34.59 -80.75
C GLN A 112 69.08 35.94 -80.34
N LEU A 113 69.94 36.93 -80.11
CA LEU A 113 69.48 38.20 -79.54
C LEU A 113 69.18 39.25 -80.61
N LEU A 114 70.10 39.46 -81.55
CA LEU A 114 69.88 40.50 -82.55
C LEU A 114 68.60 40.30 -83.33
N PRO A 115 68.30 39.11 -83.88
CA PRO A 115 67.06 38.96 -84.66
C PRO A 115 65.79 39.28 -83.87
N GLU A 116 65.88 39.51 -82.57
CA GLU A 116 64.73 39.94 -81.78
C GLU A 116 64.72 41.44 -81.54
N ILE A 117 65.87 42.05 -81.32
CA ILE A 117 65.93 43.50 -81.14
C ILE A 117 65.64 44.22 -82.45
N CYS A 118 66.20 43.72 -83.55
CA CYS A 118 65.98 44.37 -84.85
C CYS A 118 64.49 44.40 -85.19
N HIS A 119 63.71 43.52 -84.58
CA HIS A 119 62.28 43.45 -84.90
C HIS A 119 61.57 44.75 -84.54
N PHE A 120 61.91 45.36 -83.41
CA PHE A 120 61.22 46.57 -82.99
C PHE A 120 61.64 47.78 -83.83
N LEU A 121 62.89 47.80 -84.28
CA LEU A 121 63.42 49.00 -84.92
C LEU A 121 62.83 49.23 -86.31
N HIS A 122 62.29 48.18 -86.94
CA HIS A 122 61.58 48.36 -88.19
C HIS A 122 60.57 49.49 -88.07
N THR A 123 60.49 50.33 -89.09
CA THR A 123 59.46 51.35 -89.12
C THR A 123 58.10 50.71 -88.88
N CYS A 124 57.47 51.07 -87.77
CA CYS A 124 56.29 50.38 -87.27
C CYS A 124 55.07 51.27 -87.42
N ARG A 125 54.06 50.77 -88.14
CA ARG A 125 52.82 51.49 -88.36
C ARG A 125 51.66 50.90 -87.57
N GLU A 126 51.93 49.92 -86.70
CA GLU A 126 50.86 49.32 -85.91
C GLU A 126 50.24 50.35 -84.98
N GLY A 127 51.05 51.19 -84.35
CA GLY A 127 50.55 52.20 -83.44
C GLY A 127 51.28 53.52 -83.55
N ASN A 128 50.55 54.62 -83.38
CA ASN A 128 51.17 55.94 -83.45
C ASN A 128 52.08 56.18 -82.25
N GLN A 129 51.64 55.81 -81.06
CA GLN A 129 52.36 56.07 -79.82
C GLN A 129 53.08 54.85 -79.28
N HIS A 130 52.46 53.66 -79.35
CA HIS A 130 53.05 52.49 -78.75
C HIS A 130 54.41 52.18 -79.35
N ALA A 131 54.48 52.07 -80.67
CA ALA A 131 55.76 51.76 -81.31
C ALA A 131 56.79 52.86 -81.07
N ALA A 132 56.32 54.08 -80.81
CA ALA A 132 57.26 55.19 -80.59
C ALA A 132 58.11 54.95 -79.36
N GLU A 133 57.51 54.48 -78.27
CA GLU A 133 58.26 54.29 -77.03
C GLU A 133 59.12 53.03 -77.07
N LEU A 134 58.64 51.97 -77.70
CA LEU A 134 59.44 50.76 -77.80
C LEU A 134 60.72 51.01 -78.60
N ARG A 135 60.58 51.58 -79.80
CA ARG A 135 61.75 51.84 -80.63
C ARG A 135 62.77 52.68 -79.86
N ASN A 136 62.31 53.56 -78.99
CA ASN A 136 63.22 54.27 -78.12
C ASN A 136 63.89 53.30 -77.15
N SER A 137 63.14 52.32 -76.65
CA SER A 137 63.69 51.39 -75.66
C SER A 137 64.61 50.37 -76.32
N ALA A 138 64.27 49.92 -77.52
CA ALA A 138 65.11 48.93 -78.19
C ALA A 138 66.39 49.54 -78.74
N SER A 139 66.35 50.83 -79.08
CA SER A 139 67.57 51.49 -79.57
C SER A 139 68.63 51.55 -78.48
N GLY A 140 68.22 51.90 -77.26
CA GLY A 140 69.18 51.98 -76.17
C GLY A 140 69.88 50.67 -75.89
N VAL A 141 69.17 49.55 -76.05
CA VAL A 141 69.78 48.24 -75.82
C VAL A 141 70.77 47.92 -76.93
N LEU A 142 70.39 48.17 -78.19
CA LEU A 142 71.29 47.86 -79.30
C LEU A 142 72.56 48.68 -79.23
N PHE A 143 72.50 49.89 -78.66
CA PHE A 143 73.71 50.66 -78.47
C PHE A 143 74.64 50.01 -77.46
N SER A 144 74.09 49.65 -76.29
CA SER A 144 74.91 49.01 -75.27
C SER A 144 75.45 47.66 -75.74
N LEU A 145 74.74 46.99 -76.64
CA LEU A 145 75.14 45.69 -77.13
C LEU A 145 76.21 45.77 -78.20
N SER A 146 76.66 46.97 -78.55
CA SER A 146 77.64 47.16 -79.60
C SER A 146 78.93 47.81 -79.13
N CYS A 147 79.00 48.24 -77.87
CA CYS A 147 80.23 48.83 -77.37
C CYS A 147 81.38 47.84 -77.40
N ASN A 148 81.10 46.58 -77.07
CA ASN A 148 82.12 45.54 -77.02
C ASN A 148 82.14 44.68 -78.29
N ASN A 149 80.99 44.14 -78.68
CA ASN A 149 80.90 43.20 -79.80
C ASN A 149 80.58 43.93 -81.10
N PHE A 150 81.42 44.90 -81.44
CA PHE A 150 81.18 45.67 -82.66
C PHE A 150 81.24 44.78 -83.89
N ASN A 151 82.20 43.86 -83.94
CA ASN A 151 82.32 43.00 -85.10
C ASN A 151 81.08 42.14 -85.30
N ALA A 152 80.42 41.75 -84.22
CA ALA A 152 79.20 40.95 -84.36
C ALA A 152 78.12 41.74 -85.09
N VAL A 153 77.89 42.99 -84.68
CA VAL A 153 76.86 43.80 -85.31
C VAL A 153 77.29 44.21 -86.72
N PHE A 154 78.54 44.61 -86.88
CA PHE A 154 79.01 45.10 -88.17
C PHE A 154 79.01 44.00 -89.24
N SER A 155 78.99 42.73 -88.83
CA SER A 155 78.97 41.64 -89.81
C SER A 155 77.62 41.53 -90.49
N ARG A 156 76.55 41.91 -89.81
CA ARG A 156 75.22 41.85 -90.42
C ARG A 156 75.07 42.89 -91.51
N ILE A 157 75.63 44.08 -91.31
CA ILE A 157 75.52 45.14 -92.31
C ILE A 157 76.36 44.81 -93.54
N SER A 158 77.59 44.34 -93.34
CA SER A 158 78.50 44.12 -94.46
C SER A 158 77.91 43.13 -95.45
N THR A 159 77.33 42.03 -94.94
CA THR A 159 76.74 41.05 -95.84
C THR A 159 75.57 41.64 -96.63
N ARG A 160 74.77 42.49 -95.98
CA ARG A 160 73.60 43.05 -96.65
C ARG A 160 74.01 43.84 -97.88
N LEU A 161 75.06 44.65 -97.78
CA LEU A 161 75.49 45.43 -98.93
C LEU A 161 75.88 44.53 -100.08
N GLN A 162 76.59 43.44 -99.80
CA GLN A 162 76.95 42.51 -100.86
C GLN A 162 75.71 41.93 -101.53
N GLU A 163 74.72 41.53 -100.72
CA GLU A 163 73.50 40.98 -101.29
C GLU A 163 72.80 41.99 -102.17
N LEU A 164 72.67 43.23 -101.70
CA LEU A 164 71.99 44.25 -102.50
C LEU A 164 72.74 44.56 -103.78
N THR A 165 74.06 44.33 -103.79
CA THR A 165 74.83 44.56 -105.01
C THR A 165 74.42 43.58 -106.11
N VAL A 166 74.12 42.34 -105.73
CA VAL A 166 73.83 41.30 -106.72
C VAL A 166 72.50 41.59 -107.43
N CYS A 167 71.47 41.92 -106.67
CA CYS A 167 70.14 42.09 -107.25
C CYS A 167 70.16 43.17 -108.33
N SER A 168 69.55 42.84 -109.48
CA SER A 168 69.46 43.77 -110.59
C SER A 168 68.19 44.62 -110.54
N GLU A 169 67.26 44.32 -109.65
CA GLU A 169 66.02 45.07 -109.51
C GLU A 169 66.02 45.74 -108.14
N ASP A 170 65.66 47.03 -108.11
CA ASP A 170 65.68 47.77 -106.86
C ASP A 170 64.74 47.12 -105.85
N ASN A 171 65.25 46.92 -104.64
CA ASN A 171 64.50 46.29 -103.56
C ASN A 171 64.30 47.30 -102.44
N VAL A 172 63.15 47.21 -101.79
CA VAL A 172 62.76 48.17 -100.76
C VAL A 172 62.93 47.61 -99.35
N ASP A 173 63.77 46.59 -99.18
CA ASP A 173 64.08 46.02 -97.87
C ASP A 173 65.49 46.45 -97.50
N VAL A 174 65.60 47.53 -96.71
CA VAL A 174 66.88 48.09 -96.33
C VAL A 174 66.95 48.29 -94.83
N HIS A 175 66.03 47.67 -94.09
CA HIS A 175 66.02 47.85 -92.64
C HIS A 175 67.35 47.45 -92.02
N ASP A 176 68.06 46.51 -92.64
CA ASP A 176 69.37 46.12 -92.12
C ASP A 176 70.39 47.23 -92.31
N ILE A 177 70.27 48.00 -93.40
CA ILE A 177 71.22 49.08 -93.64
C ILE A 177 71.10 50.16 -92.58
N GLU A 178 69.89 50.41 -92.08
CA GLU A 178 69.64 51.52 -91.19
C GLU A 178 70.06 51.24 -89.75
N LEU A 179 70.88 50.23 -89.50
CA LEU A 179 71.36 49.99 -88.16
C LEU A 179 72.49 50.91 -87.77
N LEU A 180 73.12 51.59 -88.73
CA LEU A 180 74.23 52.49 -88.41
C LEU A 180 73.79 53.64 -87.52
N GLN A 181 72.50 53.99 -87.54
CA GLN A 181 72.03 55.10 -86.73
C GLN A 181 72.24 54.87 -85.24
N TYR A 182 72.36 53.62 -84.80
CA TYR A 182 72.33 53.29 -83.39
C TYR A 182 73.63 52.72 -82.85
N ILE A 183 74.42 52.02 -83.67
CA ILE A 183 75.60 51.33 -83.15
C ILE A 183 76.62 52.34 -82.66
N ASN A 184 77.26 52.04 -81.55
CA ASN A 184 78.34 52.88 -81.04
C ASN A 184 79.46 52.96 -82.07
N VAL A 185 80.07 54.13 -82.18
CA VAL A 185 81.08 54.38 -83.20
C VAL A 185 82.26 55.11 -82.57
N ASP A 186 83.46 54.86 -83.10
CA ASP A 186 84.68 55.52 -82.68
C ASP A 186 85.43 55.97 -83.93
N CYS A 187 86.43 56.82 -83.74
CA CYS A 187 87.17 57.34 -84.89
C CYS A 187 87.73 56.22 -85.73
N ALA A 188 88.43 55.28 -85.10
CA ALA A 188 88.99 54.15 -85.86
C ALA A 188 87.90 53.34 -86.52
N LYS A 189 86.83 53.04 -85.79
CA LYS A 189 85.72 52.28 -86.36
C LYS A 189 85.02 53.09 -87.44
N LEU A 190 84.90 54.40 -87.24
CA LEU A 190 84.23 55.23 -88.24
C LEU A 190 84.93 55.16 -89.59
N LYS A 191 86.26 55.07 -89.59
CA LYS A 191 86.98 54.88 -90.83
C LYS A 191 86.54 53.61 -91.53
N ARG A 192 86.28 52.55 -90.75
CA ARG A 192 85.87 51.28 -91.34
C ARG A 192 84.57 51.42 -92.11
N LEU A 193 83.61 52.17 -91.56
CA LEU A 193 82.34 52.35 -92.24
C LEU A 193 82.48 53.14 -93.54
N LEU A 194 83.33 54.17 -93.55
CA LEU A 194 83.50 54.96 -94.76
C LEU A 194 84.15 54.15 -95.86
N LYS A 195 85.25 53.45 -95.54
CA LYS A 195 85.97 52.70 -96.56
C LYS A 195 85.08 51.66 -97.21
N GLU A 196 84.39 50.86 -96.42
CA GLU A 196 83.55 49.80 -96.97
C GLU A 196 82.44 50.38 -97.83
N THR A 197 81.79 51.44 -97.37
CA THR A 197 80.71 52.03 -98.13
C THR A 197 81.21 52.59 -99.46
N ALA A 198 82.42 53.15 -99.46
CA ALA A 198 82.96 53.75 -100.68
C ALA A 198 83.06 52.70 -101.79
N PHE A 199 83.54 51.51 -101.45
CA PHE A 199 83.70 50.47 -102.47
C PHE A 199 82.36 50.09 -103.10
N LYS A 200 81.33 49.94 -102.28
CA LYS A 200 80.07 49.39 -102.75
C LYS A 200 79.04 50.44 -103.15
N PHE A 201 79.24 51.71 -102.78
CA PHE A 201 78.23 52.72 -103.08
C PHE A 201 78.01 52.89 -104.58
N LYS A 202 78.99 52.51 -105.41
CA LYS A 202 78.87 52.72 -106.84
C LYS A 202 77.88 51.75 -107.49
N ALA A 203 77.54 50.66 -106.81
CA ALA A 203 76.75 49.59 -107.43
C ALA A 203 75.37 49.40 -106.81
N LEU A 204 75.05 50.13 -105.74
CA LEU A 204 73.75 49.95 -105.10
C LEU A 204 72.64 50.56 -105.97
N LYS A 205 71.41 50.48 -105.47
CA LYS A 205 70.25 51.02 -106.16
C LYS A 205 69.83 52.34 -105.53
N LYS A 206 68.76 52.93 -106.07
CA LYS A 206 68.39 54.28 -105.65
C LYS A 206 67.97 54.31 -104.19
N VAL A 207 67.05 53.42 -103.80
CA VAL A 207 66.57 53.45 -102.43
C VAL A 207 67.68 53.09 -101.46
N ALA A 208 68.51 52.11 -101.81
CA ALA A 208 69.65 51.77 -100.97
C ALA A 208 70.62 52.93 -100.85
N GLN A 209 70.88 53.62 -101.97
CA GLN A 209 71.82 54.73 -101.94
C GLN A 209 71.35 55.83 -101.01
N LEU A 210 70.06 56.16 -101.05
CA LEU A 210 69.53 57.15 -100.12
C LEU A 210 69.61 56.64 -98.68
N ALA A 211 69.31 55.36 -98.45
CA ALA A 211 69.31 54.83 -97.09
C ALA A 211 70.69 54.93 -96.47
N VAL A 212 71.73 54.58 -97.23
CA VAL A 212 73.08 54.62 -96.68
C VAL A 212 73.48 56.05 -96.37
N ILE A 213 73.05 57.02 -97.17
CA ILE A 213 73.42 58.41 -96.93
C ILE A 213 72.93 58.87 -95.58
N ASN A 214 71.61 58.83 -95.37
CA ASN A 214 71.04 59.37 -94.14
C ASN A 214 71.64 58.70 -92.92
N SER A 215 71.68 57.38 -92.91
CA SER A 215 72.25 56.67 -91.76
C SER A 215 73.72 57.05 -91.57
N LEU A 216 74.47 57.12 -92.66
CA LEU A 216 75.88 57.51 -92.54
C LEU A 216 76.03 58.94 -92.06
N GLU A 217 75.03 59.79 -92.30
CA GLU A 217 75.08 61.16 -91.84
C GLU A 217 74.82 61.25 -90.34
N LYS A 218 73.91 60.42 -89.84
CA LYS A 218 73.60 60.44 -88.40
C LYS A 218 74.70 59.77 -87.58
N ALA A 219 75.39 58.79 -88.16
CA ALA A 219 76.48 58.14 -87.43
C ALA A 219 77.55 59.15 -87.02
N PHE A 220 77.74 60.20 -87.82
CA PHE A 220 78.75 61.18 -87.50
C PHE A 220 78.48 61.85 -86.16
N TRP A 221 77.23 62.20 -85.88
CA TRP A 221 76.93 62.92 -84.66
C TRP A 221 76.97 62.03 -83.43
N ASN A 222 76.85 60.72 -83.58
CA ASN A 222 77.10 59.83 -82.45
C ASN A 222 78.57 59.84 -82.06
N TRP A 223 79.47 59.97 -83.04
CA TRP A 223 80.89 60.05 -82.74
C TRP A 223 81.23 61.36 -82.03
N VAL A 224 80.77 62.47 -82.57
CA VAL A 224 81.12 63.77 -82.00
C VAL A 224 80.50 63.93 -80.62
N GLU A 225 79.27 63.46 -80.44
CA GLU A 225 78.61 63.60 -79.15
C GLU A 225 79.32 62.79 -78.06
N ASN A 226 79.75 61.57 -78.39
CA ASN A 226 80.31 60.68 -77.37
C ASN A 226 81.81 60.82 -77.19
N TYR A 227 82.54 61.27 -78.22
CA TYR A 227 83.98 61.43 -78.15
C TYR A 227 84.38 62.80 -78.66
N PRO A 228 84.03 63.86 -77.92
CA PRO A 228 84.42 65.21 -78.36
C PRO A 228 85.92 65.37 -78.51
N ASP A 229 86.71 64.71 -77.68
CA ASP A 229 88.16 64.93 -77.69
C ASP A 229 88.76 64.52 -79.03
N GLU A 230 88.36 63.37 -79.55
CA GLU A 230 88.95 62.89 -80.80
C GLU A 230 88.62 63.81 -81.96
N PHE A 231 87.46 64.47 -81.92
CA PHE A 231 87.13 65.42 -82.96
C PHE A 231 88.09 66.60 -82.95
N THR A 232 88.47 67.07 -81.76
CA THR A 232 89.38 68.19 -81.66
C THR A 232 90.76 67.83 -82.21
N LYS A 233 91.30 66.69 -81.78
CA LYS A 233 92.64 66.31 -82.21
C LYS A 233 92.76 66.23 -83.73
N LEU A 234 91.64 65.98 -84.41
CA LEU A 234 91.67 65.89 -85.86
C LEU A 234 92.15 67.18 -86.51
N TYR A 235 92.11 68.30 -85.77
CA TYR A 235 92.56 69.58 -86.29
C TYR A 235 93.89 70.03 -85.71
N GLN A 236 94.25 69.58 -84.51
CA GLN A 236 95.56 69.91 -83.96
C GLN A 236 96.66 69.14 -84.67
N ILE A 237 96.46 67.84 -84.88
CA ILE A 237 97.47 66.98 -85.51
C ILE A 237 96.87 66.35 -86.76
N PRO A 238 97.29 66.75 -87.96
CA PRO A 238 96.66 66.20 -89.17
C PRO A 238 96.78 64.69 -89.24
N GLN A 239 95.74 64.06 -89.78
CA GLN A 239 95.71 62.62 -90.03
C GLN A 239 95.32 62.40 -91.48
N THR A 240 96.26 61.90 -92.27
CA THR A 240 96.04 61.75 -93.70
C THR A 240 95.11 60.59 -94.05
N ASP A 241 94.93 59.64 -93.12
CA ASP A 241 94.04 58.52 -93.41
C ASP A 241 92.58 58.96 -93.39
N MET A 242 92.19 59.74 -92.38
CA MET A 242 90.80 60.21 -92.31
C MET A 242 90.46 61.10 -93.49
N ALA A 243 91.37 62.00 -93.87
CA ALA A 243 91.09 62.91 -94.97
C ALA A 243 90.87 62.15 -96.27
N GLU A 244 91.66 61.11 -96.52
CA GLU A 244 91.52 60.36 -97.76
C GLU A 244 90.17 59.66 -97.84
N CYS A 245 89.74 59.04 -96.73
CA CYS A 245 88.46 58.33 -96.75
C CYS A 245 87.30 59.28 -97.03
N ALA A 246 87.31 60.45 -96.40
CA ALA A 246 86.23 61.41 -96.60
C ALA A 246 86.22 61.93 -98.04
N GLU A 247 87.39 62.24 -98.59
CA GLU A 247 87.43 62.82 -99.93
C GLU A 247 86.90 61.83 -100.97
N LYS A 248 87.28 60.57 -100.88
CA LYS A 248 86.85 59.60 -101.88
C LYS A 248 85.34 59.45 -101.87
N LEU A 249 84.74 59.37 -100.68
CA LEU A 249 83.29 59.24 -100.60
C LEU A 249 82.59 60.51 -101.07
N PHE A 250 83.26 61.66 -100.96
CA PHE A 250 82.65 62.91 -101.40
C PHE A 250 82.37 62.88 -102.90
N ASP A 251 83.34 62.42 -103.70
CA ASP A 251 83.17 62.44 -105.14
C ASP A 251 82.05 61.50 -105.58
N LEU A 252 81.96 60.31 -104.96
CA LEU A 252 80.92 59.37 -105.33
C LEU A 252 79.54 59.96 -105.07
N VAL A 253 79.35 60.59 -103.92
CA VAL A 253 78.07 61.21 -103.61
C VAL A 253 77.76 62.31 -104.60
N ASP A 254 78.75 63.14 -104.92
CA ASP A 254 78.53 64.23 -105.86
C ASP A 254 78.09 63.70 -107.22
N GLY A 255 78.69 62.60 -107.69
CA GLY A 255 78.26 62.03 -108.95
C GLY A 255 76.82 61.54 -108.91
N PHE A 256 76.38 61.06 -107.75
CA PHE A 256 75.00 60.59 -107.62
C PHE A 256 74.02 61.73 -107.84
N ALA A 257 74.31 62.91 -107.34
CA ALA A 257 73.40 64.03 -107.40
C ALA A 257 73.53 64.75 -108.74
N GLU A 258 72.46 64.75 -109.52
CA GLU A 258 72.44 65.47 -110.79
C GLU A 258 71.21 66.36 -110.99
N SER A 259 70.11 66.09 -110.29
CA SER A 259 68.90 66.90 -110.40
C SER A 259 68.73 67.71 -109.13
N THR A 260 67.90 68.76 -109.22
CA THR A 260 67.71 69.63 -108.07
C THR A 260 67.13 68.88 -106.89
N LYS A 261 66.12 68.04 -107.14
CA LYS A 261 65.51 67.30 -106.04
C LYS A 261 66.53 66.39 -105.37
N ARG A 262 67.37 65.72 -106.14
CA ARG A 262 68.42 64.90 -105.54
C ARG A 262 69.41 65.76 -104.77
N LYS A 263 69.76 66.94 -105.30
CA LYS A 263 70.73 67.79 -104.62
C LYS A 263 70.27 68.13 -103.22
N ALA A 264 68.98 68.45 -103.05
CA ALA A 264 68.48 68.83 -101.74
C ALA A 264 68.64 67.72 -100.71
N ALA A 265 68.80 66.48 -101.15
CA ALA A 265 68.86 65.36 -100.21
C ALA A 265 70.28 65.09 -99.71
N VAL A 266 71.30 65.45 -100.49
CA VAL A 266 72.67 65.08 -100.16
C VAL A 266 73.49 66.23 -99.58
N TRP A 267 73.07 67.48 -99.78
CA TRP A 267 73.85 68.60 -99.27
C TRP A 267 74.13 68.51 -97.78
N PRO A 268 73.20 68.10 -96.91
CA PRO A 268 73.52 68.02 -95.48
C PRO A 268 74.63 67.03 -95.16
N LEU A 269 74.91 66.06 -96.03
CA LEU A 269 75.99 65.12 -95.77
C LEU A 269 77.34 65.63 -96.26
N GLN A 270 77.41 66.15 -97.48
CA GLN A 270 78.67 66.54 -98.05
C GLN A 270 79.41 67.52 -97.15
N ILE A 271 78.68 68.47 -96.56
CA ILE A 271 79.31 69.41 -95.64
C ILE A 271 80.04 68.67 -94.53
N ILE A 272 79.39 67.66 -93.96
CA ILE A 272 80.04 66.90 -92.89
C ILE A 272 81.32 66.26 -93.39
N LEU A 273 81.40 65.96 -94.69
CA LEU A 273 82.60 65.34 -95.23
C LEU A 273 83.68 66.37 -95.54
N LEU A 274 83.30 67.49 -96.15
CA LEU A 274 84.27 68.53 -96.45
C LEU A 274 84.94 69.05 -95.19
N ILE A 275 84.24 69.01 -94.06
CA ILE A 275 84.83 69.42 -92.78
C ILE A 275 85.92 68.45 -92.36
N LEU A 276 85.81 67.18 -92.74
CA LEU A 276 86.76 66.19 -92.25
C LEU A 276 88.13 66.31 -92.89
N CYS A 277 88.21 66.90 -94.08
CA CYS A 277 89.48 67.17 -94.76
C CYS A 277 89.76 68.66 -94.69
N PRO A 278 90.40 69.16 -93.64
CA PRO A 278 90.51 70.63 -93.47
C PRO A 278 91.21 71.32 -94.62
N GLU A 279 92.24 70.70 -95.19
CA GLU A 279 93.08 71.42 -96.14
C GLU A 279 92.32 71.81 -97.39
N ILE A 280 91.37 70.98 -97.83
CA ILE A 280 90.63 71.30 -99.06
C ILE A 280 89.91 72.63 -98.89
N ILE A 281 89.45 72.93 -97.67
CA ILE A 281 88.78 74.20 -97.43
C ILE A 281 89.75 75.36 -97.68
N GLN A 282 90.96 75.25 -97.15
CA GLN A 282 91.93 76.34 -97.31
C GLN A 282 92.24 76.58 -98.78
N ASP A 283 92.43 75.51 -99.55
CA ASP A 283 92.82 75.67 -100.94
C ASP A 283 91.76 76.40 -101.75
N ILE A 284 90.50 76.28 -101.36
CA ILE A 284 89.44 76.98 -102.09
C ILE A 284 89.59 78.48 -101.96
N SER A 285 90.15 78.96 -100.84
CA SER A 285 90.35 80.39 -100.67
C SER A 285 91.27 80.96 -101.74
N LYS A 286 92.36 80.26 -102.03
CA LYS A 286 93.31 80.67 -103.05
C LYS A 286 92.86 80.12 -104.41
N ASP A 287 93.73 80.20 -105.40
CA ASP A 287 93.42 79.60 -106.70
C ASP A 287 93.13 78.11 -106.52
N VAL A 288 92.40 77.57 -107.49
CA VAL A 288 91.83 76.22 -107.38
C VAL A 288 92.57 75.29 -108.32
N VAL A 289 92.90 74.10 -107.81
CA VAL A 289 93.48 73.07 -108.67
C VAL A 289 92.49 72.69 -109.76
N ASP A 290 93.02 72.17 -110.87
CA ASP A 290 92.19 71.86 -112.02
C ASP A 290 91.06 70.90 -111.65
N GLU A 291 91.40 69.81 -110.96
CA GLU A 291 90.42 68.79 -110.61
C GLU A 291 90.48 68.35 -109.16
N ASN A 292 91.58 68.56 -108.45
CA ASN A 292 91.66 68.12 -107.07
C ASN A 292 90.61 68.81 -106.20
N ASN A 293 90.38 70.10 -106.45
CA ASN A 293 89.47 70.88 -105.62
C ASN A 293 88.48 71.70 -106.43
N MET A 294 88.50 71.63 -107.75
CA MET A 294 87.53 72.38 -108.55
C MET A 294 86.11 71.93 -108.25
N ASN A 295 85.92 70.61 -108.08
CA ASN A 295 84.59 70.10 -107.77
C ASN A 295 84.10 70.62 -106.42
N LYS A 296 84.97 70.69 -105.43
CA LYS A 296 84.56 71.13 -104.10
C LYS A 296 84.32 72.64 -104.09
N LYS A 297 85.14 73.41 -104.80
CA LYS A 297 84.96 74.86 -104.81
C LYS A 297 83.59 75.24 -105.37
N LEU A 298 83.15 74.58 -106.43
CA LEU A 298 81.84 74.85 -106.99
C LEU A 298 80.73 74.53 -105.98
N PHE A 299 80.98 73.59 -105.08
CA PHE A 299 79.96 73.21 -104.11
C PHE A 299 79.58 74.37 -103.21
N LEU A 300 80.58 75.07 -102.67
CA LEU A 300 80.29 76.18 -101.76
C LEU A 300 79.54 77.29 -102.47
N ASP A 301 80.06 77.76 -103.60
CA ASP A 301 79.43 78.88 -104.29
C ASP A 301 77.97 78.58 -104.60
N SER A 302 77.65 77.33 -104.91
CA SER A 302 76.26 76.95 -105.07
C SER A 302 75.51 77.03 -103.74
N LEU A 303 76.18 76.69 -102.64
CA LEU A 303 75.53 76.69 -101.35
C LEU A 303 75.20 78.10 -100.90
N ARG A 304 76.16 79.01 -100.97
CA ARG A 304 75.93 80.38 -100.52
C ARG A 304 74.87 81.07 -101.37
N LYS A 305 74.93 80.89 -102.68
CA LYS A 305 73.96 81.53 -103.56
C LYS A 305 72.54 81.14 -103.18
N ALA A 306 72.31 79.85 -102.93
CA ALA A 306 70.98 79.40 -102.54
C ALA A 306 70.60 79.90 -101.16
N LEU A 307 71.58 80.00 -100.24
CA LEU A 307 71.26 80.47 -98.89
C LEU A 307 70.75 81.90 -98.92
N ALA A 308 71.37 82.76 -99.73
CA ALA A 308 70.92 84.15 -99.81
C ALA A 308 69.51 84.22 -100.39
N GLY A 309 69.20 83.37 -101.35
CA GLY A 309 67.90 83.35 -101.98
C GLY A 309 67.87 83.81 -103.42
N HIS A 310 69.02 84.11 -104.02
CA HIS A 310 69.03 84.55 -105.41
C HIS A 310 68.52 83.46 -106.33
N GLY A 311 68.94 82.22 -106.10
CA GLY A 311 68.47 81.13 -106.93
C GLY A 311 66.96 80.97 -106.85
N GLY A 312 66.35 80.67 -107.98
CA GLY A 312 64.90 80.49 -108.03
C GLY A 312 64.49 79.06 -107.75
N SER A 313 64.73 78.60 -106.53
CA SER A 313 64.39 77.23 -106.14
C SER A 313 64.14 77.21 -104.65
N ARG A 314 62.87 77.02 -104.27
CA ARG A 314 62.54 76.97 -102.84
C ARG A 314 63.18 75.76 -102.17
N GLN A 315 63.23 74.62 -102.88
CA GLN A 315 63.78 73.41 -102.28
C GLN A 315 65.20 73.64 -101.78
N LEU A 316 66.07 74.15 -102.65
CA LEU A 316 67.47 74.34 -102.25
C LEU A 316 67.59 75.37 -101.14
N THR A 317 66.78 76.42 -101.18
CA THR A 317 66.84 77.44 -100.13
C THR A 317 66.57 76.83 -98.77
N GLU A 318 65.52 76.01 -98.68
CA GLU A 318 65.26 75.32 -97.42
C GLU A 318 66.37 74.33 -97.09
N SER A 319 66.86 73.61 -98.09
CA SER A 319 67.91 72.63 -97.83
C SER A 319 69.19 73.29 -97.36
N ALA A 320 69.58 74.41 -97.97
CA ALA A 320 70.78 75.11 -97.54
C ALA A 320 70.66 75.55 -96.10
N ALA A 321 69.46 75.94 -95.66
CA ALA A 321 69.26 76.31 -94.27
C ALA A 321 69.55 75.14 -93.35
N ILE A 322 69.10 73.94 -93.70
CA ILE A 322 69.36 72.77 -92.87
C ILE A 322 70.85 72.47 -92.86
N ALA A 323 71.52 72.61 -94.00
CA ALA A 323 72.92 72.23 -94.09
C ALA A 323 73.81 73.18 -93.32
N CYS A 324 73.59 74.49 -93.45
CA CYS A 324 74.47 75.46 -92.81
C CYS A 324 74.28 75.53 -91.31
N VAL A 325 73.13 75.09 -90.79
CA VAL A 325 72.95 75.03 -89.35
C VAL A 325 73.73 73.88 -88.74
N LYS A 326 74.03 72.84 -89.52
CA LYS A 326 74.85 71.75 -89.01
C LYS A 326 76.32 72.13 -88.97
N LEU A 327 76.78 72.93 -89.93
CA LEU A 327 78.15 73.40 -89.93
C LEU A 327 78.43 74.26 -88.69
N CYS A 328 77.49 75.15 -88.36
CA CYS A 328 77.64 75.97 -87.16
C CYS A 328 77.68 75.11 -85.91
N LYS A 329 76.83 74.09 -85.84
CA LYS A 329 76.79 73.23 -84.66
C LYS A 329 78.12 72.51 -84.47
N ALA A 330 78.71 72.02 -85.56
CA ALA A 330 79.97 71.27 -85.43
C ALA A 330 81.12 72.17 -85.04
N SER A 331 81.11 73.42 -85.49
CA SER A 331 82.22 74.32 -85.19
C SER A 331 82.44 74.48 -83.69
N THR A 332 81.37 74.45 -82.89
CA THR A 332 81.52 74.71 -81.46
C THR A 332 82.50 73.74 -80.82
N TYR A 333 82.59 72.51 -81.31
CA TYR A 333 83.47 71.53 -80.68
C TYR A 333 84.94 71.85 -80.92
N ILE A 334 85.27 72.43 -82.08
CA ILE A 334 86.64 72.84 -82.35
C ILE A 334 87.04 73.91 -81.34
N ASN A 335 88.17 73.70 -80.66
CA ASN A 335 88.59 74.62 -79.61
C ASN A 335 88.91 76.00 -80.15
N TRP A 336 89.19 76.13 -81.45
CA TRP A 336 89.44 77.41 -82.09
C TRP A 336 90.80 77.97 -81.72
N GLU A 337 91.52 77.30 -80.82
CA GLU A 337 92.93 77.64 -80.63
C GLU A 337 93.69 77.43 -81.94
N ASP A 338 93.34 76.39 -82.69
CA ASP A 338 93.84 76.25 -84.05
C ASP A 338 93.36 77.41 -84.91
N ASN A 339 92.10 77.82 -84.73
CA ASN A 339 91.53 78.95 -85.46
C ASN A 339 91.60 78.69 -86.98
N SER A 340 91.32 77.45 -87.37
CA SER A 340 91.39 77.09 -88.78
C SER A 340 90.34 77.86 -89.56
N VAL A 341 90.34 77.70 -90.88
CA VAL A 341 89.40 78.41 -91.74
C VAL A 341 87.96 78.08 -91.40
N ILE A 342 87.72 77.07 -90.57
CA ILE A 342 86.35 76.73 -90.18
C ILE A 342 85.68 77.95 -89.55
N PHE A 343 86.35 78.56 -88.57
CA PHE A 343 85.77 79.71 -87.91
C PHE A 343 85.51 80.84 -88.90
N LEU A 344 86.49 81.12 -89.76
CA LEU A 344 86.30 82.15 -90.76
C LEU A 344 85.20 81.77 -91.74
N LEU A 345 84.97 80.48 -91.96
CA LEU A 345 83.93 80.06 -92.87
C LEU A 345 82.55 80.24 -92.24
N VAL A 346 82.44 79.98 -90.93
CA VAL A 346 81.15 80.16 -90.25
C VAL A 346 80.74 81.62 -90.27
N GLN A 347 81.68 82.53 -89.97
CA GLN A 347 81.34 83.95 -89.91
C GLN A 347 80.76 84.44 -91.23
N SER A 348 81.17 83.85 -92.35
CA SER A 348 80.68 84.29 -93.64
C SER A 348 79.18 84.10 -93.76
N MET A 349 78.66 82.99 -93.24
CA MET A 349 77.27 82.62 -93.44
C MET A 349 76.37 82.99 -92.27
N VAL A 350 76.92 83.19 -91.07
CA VAL A 350 76.08 83.41 -89.90
C VAL A 350 75.18 84.62 -90.11
N VAL A 351 75.73 85.70 -90.66
CA VAL A 351 74.94 86.90 -90.88
C VAL A 351 73.82 86.63 -91.86
N ASP A 352 74.07 85.81 -92.88
CA ASP A 352 73.06 85.50 -93.86
C ASP A 352 72.05 84.46 -93.38
N LEU A 353 72.40 83.66 -92.38
CA LEU A 353 71.49 82.65 -91.88
C LEU A 353 70.39 83.27 -91.05
N LYS A 354 70.74 84.22 -90.17
CA LYS A 354 69.74 84.80 -89.28
C LYS A 354 68.74 85.66 -90.03
N ASN A 355 69.19 86.39 -91.06
CA ASN A 355 68.25 87.15 -91.87
C ASN A 355 67.19 86.24 -92.48
N LEU A 356 67.51 84.97 -92.68
CA LEU A 356 66.55 84.03 -93.26
C LEU A 356 65.63 83.41 -92.22
N LEU A 357 66.11 83.22 -91.00
CA LEU A 357 65.33 82.57 -89.95
C LEU A 357 64.62 83.58 -89.05
N PHE A 358 65.37 84.50 -88.45
CA PHE A 358 64.79 85.47 -87.50
C PHE A 358 64.40 86.76 -88.22
N ASN A 359 63.45 86.63 -89.13
CA ASN A 359 62.90 87.75 -89.89
C ASN A 359 61.41 87.84 -89.63
N PRO A 360 60.96 88.66 -88.68
CA PRO A 360 59.53 88.64 -88.32
C PRO A 360 58.60 88.94 -89.48
N SER A 361 59.01 89.79 -90.41
CA SER A 361 58.13 90.16 -91.51
C SER A 361 57.75 88.94 -92.35
N LYS A 362 58.74 88.10 -92.66
CA LYS A 362 58.53 86.90 -93.48
C LYS A 362 59.06 85.69 -92.73
N PRO A 363 58.24 85.05 -91.89
CA PRO A 363 58.71 83.87 -91.16
C PRO A 363 59.05 82.73 -92.11
N PHE A 364 60.01 81.92 -91.70
CA PHE A 364 60.49 80.80 -92.49
C PHE A 364 59.67 79.57 -92.17
N SER A 365 58.89 79.11 -93.15
CA SER A 365 58.05 77.93 -92.99
C SER A 365 58.43 76.89 -94.03
N ARG A 366 58.63 75.65 -93.59
CA ARG A 366 58.98 74.59 -94.53
C ARG A 366 57.92 74.42 -95.60
N GLY A 367 56.66 74.68 -95.26
CA GLY A 367 55.57 74.54 -96.21
C GLY A 367 54.32 73.97 -95.59
N SER A 368 54.47 73.31 -94.44
CA SER A 368 53.34 72.73 -93.71
C SER A 368 53.13 73.41 -92.37
N GLN A 369 54.15 73.47 -91.53
CA GLN A 369 54.02 74.11 -90.23
C GLN A 369 54.15 75.63 -90.36
N PRO A 370 53.63 76.39 -89.39
CA PRO A 370 53.81 77.84 -89.46
C PRO A 370 55.27 78.26 -89.48
N ALA A 371 56.13 77.53 -88.78
CA ALA A 371 57.57 77.78 -88.81
C ALA A 371 58.25 76.61 -88.14
N ASP A 372 59.34 76.13 -88.75
CA ASP A 372 60.05 74.97 -88.20
C ASP A 372 60.78 75.38 -86.94
N VAL A 373 60.13 75.20 -85.79
CA VAL A 373 60.68 75.71 -84.54
C VAL A 373 61.98 74.99 -84.19
N ASP A 374 62.02 73.67 -84.36
CA ASP A 374 63.19 72.92 -83.94
C ASP A 374 64.45 73.37 -84.67
N LEU A 375 64.32 73.79 -85.92
CA LEU A 375 65.47 74.30 -86.65
C LEU A 375 66.00 75.58 -86.02
N MET A 376 65.11 76.47 -85.60
CA MET A 376 65.55 77.76 -85.07
C MET A 376 66.21 77.60 -83.70
N ILE A 377 65.77 76.64 -82.90
CA ILE A 377 66.41 76.42 -81.61
C ILE A 377 67.88 76.05 -81.81
N ASP A 378 68.16 75.20 -82.78
CA ASP A 378 69.55 74.82 -83.05
C ASP A 378 70.37 76.03 -83.48
N CYS A 379 69.81 76.89 -84.31
CA CYS A 379 70.56 78.05 -84.78
C CYS A 379 70.89 79.00 -83.65
N LEU A 380 69.91 79.28 -82.79
CA LEU A 380 70.13 80.25 -81.72
C LEU A 380 71.02 79.68 -80.63
N VAL A 381 70.86 78.41 -80.30
CA VAL A 381 71.68 77.81 -79.24
C VAL A 381 73.14 77.75 -79.66
N SER A 382 73.39 77.51 -80.95
CA SER A 382 74.76 77.38 -81.41
C SER A 382 75.47 78.72 -81.49
N CYS A 383 74.76 79.75 -81.98
CA CYS A 383 75.38 81.06 -82.08
C CYS A 383 75.77 81.61 -80.72
N PHE A 384 74.89 81.45 -79.73
CA PHE A 384 75.19 81.91 -78.38
C PHE A 384 76.53 81.35 -77.89
N ARG A 385 76.75 80.05 -78.11
CA ARG A 385 77.96 79.43 -77.61
C ARG A 385 79.20 79.95 -78.32
N ILE A 386 79.05 80.49 -79.53
CA ILE A 386 80.19 81.04 -80.25
C ILE A 386 80.58 82.41 -79.68
N SER A 387 79.64 83.34 -79.67
CA SER A 387 79.87 84.72 -79.22
C SER A 387 78.78 85.10 -78.23
N PRO A 388 78.92 84.69 -76.97
CA PRO A 388 77.81 84.90 -76.01
C PRO A 388 77.47 86.35 -75.78
N HIS A 389 78.47 87.17 -75.40
CA HIS A 389 78.16 88.55 -75.01
C HIS A 389 77.59 89.35 -76.16
N ASN A 390 78.18 89.23 -77.35
CA ASN A 390 77.73 90.00 -78.51
C ASN A 390 76.62 89.24 -79.23
N ASN A 391 75.48 89.16 -78.55
CA ASN A 391 74.28 88.53 -79.10
C ASN A 391 73.26 89.63 -79.39
N GLN A 392 73.23 90.07 -80.64
CA GLN A 392 72.26 91.06 -81.08
C GLN A 392 70.95 90.43 -81.54
N HIS A 393 70.90 89.11 -81.66
CA HIS A 393 69.69 88.41 -82.06
C HIS A 393 68.98 87.73 -80.90
N PHE A 394 69.58 87.73 -79.70
CA PHE A 394 68.81 87.41 -78.50
C PHE A 394 67.74 88.46 -78.28
N LYS A 395 68.06 89.72 -78.54
CA LYS A 395 67.12 90.81 -78.32
C LYS A 395 65.96 90.77 -79.30
N ILE A 396 66.20 90.28 -80.51
CA ILE A 396 65.11 90.21 -81.49
C ILE A 396 63.99 89.33 -80.97
N CYS A 397 64.34 88.17 -80.41
CA CYS A 397 63.31 87.30 -79.84
C CYS A 397 62.75 87.88 -78.56
N LEU A 398 63.59 88.52 -77.75
CA LEU A 398 63.20 88.98 -76.42
C LEU A 398 62.30 90.21 -76.46
N ALA A 399 62.15 90.85 -77.63
CA ALA A 399 61.29 92.02 -77.74
C ALA A 399 59.81 91.61 -77.68
N GLN A 400 58.97 92.57 -77.31
CA GLN A 400 57.54 92.30 -77.17
C GLN A 400 56.79 92.34 -78.49
N ASN A 401 57.30 93.06 -79.49
CA ASN A 401 56.59 93.16 -80.76
C ASN A 401 56.74 91.92 -81.63
N SER A 402 57.70 91.06 -81.34
CA SER A 402 57.97 89.91 -82.19
C SER A 402 56.81 88.92 -82.13
N PRO A 403 56.69 88.03 -83.11
CA PRO A 403 55.63 87.03 -83.08
C PRO A 403 55.69 86.19 -81.83
N SER A 404 54.64 85.40 -81.61
CA SER A 404 54.62 84.49 -80.48
C SER A 404 55.43 83.24 -80.72
N THR A 405 55.84 82.96 -81.95
CA THR A 405 56.69 81.81 -82.21
C THR A 405 58.11 82.06 -81.74
N PHE A 406 58.61 83.28 -81.91
CA PHE A 406 59.96 83.60 -81.44
C PHE A 406 60.06 83.46 -79.94
N HIS A 407 59.04 83.92 -79.21
CA HIS A 407 59.04 83.78 -77.76
C HIS A 407 59.14 82.31 -77.36
N TYR A 408 58.61 81.41 -78.17
CA TYR A 408 58.71 79.99 -77.87
C TYR A 408 60.15 79.50 -78.06
N VAL A 409 60.82 79.97 -79.11
CA VAL A 409 62.19 79.53 -79.38
C VAL A 409 63.15 80.02 -78.30
N LEU A 410 62.92 81.20 -77.76
CA LEU A 410 63.87 81.78 -76.82
C LEU A 410 63.81 81.11 -75.46
N VAL A 411 62.67 80.56 -75.07
CA VAL A 411 62.54 79.97 -73.75
C VAL A 411 62.94 78.51 -73.72
N ASN A 412 63.08 77.85 -74.87
CA ASN A 412 63.62 76.50 -74.93
C ASN A 412 65.09 76.48 -75.31
N SER A 413 65.58 77.52 -75.99
CA SER A 413 67.00 77.66 -76.18
C SER A 413 67.71 77.86 -74.85
N LEU A 414 67.14 78.71 -73.97
CA LEU A 414 67.71 78.87 -72.65
C LEU A 414 67.65 77.57 -71.85
N HIS A 415 66.72 76.69 -72.21
CA HIS A 415 66.48 75.47 -71.45
C HIS A 415 67.39 74.32 -71.88
N ARG A 416 68.14 74.49 -72.97
CA ARG A 416 69.19 73.54 -73.35
C ARG A 416 70.56 73.94 -72.82
N ILE A 417 70.84 75.24 -72.78
CA ILE A 417 72.09 75.70 -72.21
C ILE A 417 72.19 75.27 -70.75
N ILE A 418 71.06 75.27 -70.05
CA ILE A 418 71.06 74.92 -68.63
C ILE A 418 71.37 73.44 -68.45
N THR A 419 70.73 72.57 -69.23
CA THR A 419 70.70 71.16 -68.91
C THR A 419 71.60 70.29 -69.79
N ASN A 420 72.09 70.80 -70.92
CA ASN A 420 72.95 70.02 -71.82
C ASN A 420 74.21 70.84 -72.12
N SER A 421 75.22 70.70 -71.27
CA SER A 421 76.49 71.39 -71.50
C SER A 421 77.60 70.46 -71.03
N ALA A 422 78.22 69.75 -71.98
CA ALA A 422 79.30 68.82 -71.66
C ALA A 422 80.65 69.53 -71.64
N LEU A 423 81.03 70.17 -72.74
CA LEU A 423 82.33 70.83 -72.81
C LEU A 423 82.37 72.00 -71.84
N ASP A 424 83.53 72.15 -71.18
CA ASP A 424 83.64 73.14 -70.11
C ASP A 424 83.87 74.55 -70.64
N TRP A 425 84.77 74.70 -71.60
CA TRP A 425 85.12 76.04 -72.07
C TRP A 425 83.97 76.75 -72.77
N TRP A 426 82.80 76.13 -72.89
CA TRP A 426 81.64 76.81 -73.43
C TRP A 426 81.13 77.85 -72.45
N PRO A 427 80.47 78.90 -72.93
CA PRO A 427 79.83 79.85 -72.01
C PRO A 427 78.65 79.21 -71.32
N LYS A 428 78.33 79.72 -70.14
CA LYS A 428 77.32 79.14 -69.27
C LYS A 428 76.16 80.12 -69.08
N ILE A 429 75.14 79.66 -68.35
CA ILE A 429 73.91 80.42 -68.20
C ILE A 429 74.13 81.74 -67.46
N ASP A 430 75.27 81.88 -66.76
CA ASP A 430 75.52 83.08 -65.99
C ASP A 430 75.51 84.33 -66.87
N ALA A 431 75.89 84.19 -68.14
CA ALA A 431 76.02 85.34 -69.02
C ALA A 431 74.68 85.94 -69.43
N VAL A 432 73.57 85.39 -68.96
CA VAL A 432 72.25 85.88 -69.33
C VAL A 432 71.54 86.56 -68.18
N TYR A 433 72.10 86.52 -66.97
CA TYR A 433 71.39 87.05 -65.81
C TYR A 433 71.08 88.54 -65.95
N CYS A 434 71.78 89.25 -66.83
CA CYS A 434 71.49 90.65 -67.03
C CYS A 434 70.12 90.89 -67.66
N HIS A 435 69.46 89.85 -68.16
CA HIS A 435 68.19 89.99 -68.85
C HIS A 435 67.00 89.54 -67.99
N SER A 436 67.21 89.25 -66.72
CA SER A 436 66.12 88.71 -65.91
C SER A 436 64.92 89.64 -65.89
N VAL A 437 65.13 90.94 -66.04
CA VAL A 437 64.02 91.88 -65.96
C VAL A 437 63.01 91.64 -67.07
N GLU A 438 63.49 91.39 -68.30
CA GLU A 438 62.57 91.19 -69.40
C GLU A 438 61.81 89.88 -69.26
N LEU A 439 62.49 88.83 -68.79
CA LEU A 439 61.84 87.53 -68.70
C LEU A 439 60.66 87.57 -67.74
N ARG A 440 60.83 88.24 -66.60
CA ARG A 440 59.72 88.35 -65.64
C ARG A 440 58.53 89.05 -66.27
N ASN A 441 58.77 90.11 -67.04
CA ASN A 441 57.66 90.78 -67.73
C ASN A 441 56.99 89.85 -68.73
N MET A 442 57.78 89.07 -69.47
CA MET A 442 57.20 88.13 -70.41
C MET A 442 56.36 87.08 -69.70
N PHE A 443 56.78 86.67 -68.50
CA PHE A 443 55.96 85.76 -67.71
C PHE A 443 54.71 86.44 -67.17
N GLY A 444 54.70 87.76 -67.11
CA GLY A 444 53.52 88.49 -66.68
C GLY A 444 52.42 88.44 -67.71
N GLU A 445 52.69 88.99 -68.89
CA GLU A 445 51.65 89.08 -69.91
C GLU A 445 51.15 87.70 -70.32
N THR A 446 52.06 86.74 -70.50
CA THR A 446 51.64 85.41 -70.92
C THR A 446 50.71 84.80 -69.89
N LEU A 447 51.01 84.94 -68.61
CA LEU A 447 50.10 84.44 -67.59
C LEU A 447 48.77 85.16 -67.65
N HIS A 448 48.78 86.47 -67.89
CA HIS A 448 47.54 87.23 -67.95
C HIS A 448 46.66 86.76 -69.10
N LYS A 449 47.24 86.51 -70.26
CA LYS A 449 46.47 86.19 -71.45
C LYS A 449 46.12 84.71 -71.57
N ALA A 450 46.55 83.88 -70.62
CA ALA A 450 46.21 82.46 -70.64
C ALA A 450 44.99 82.17 -69.78
N VAL A 451 44.97 82.66 -68.54
CA VAL A 451 43.79 82.50 -67.69
C VAL A 451 42.63 83.27 -68.28
N GLN A 452 42.87 84.49 -68.76
CA GLN A 452 41.80 85.31 -69.31
C GLN A 452 41.14 84.63 -70.51
N GLY A 453 41.95 84.03 -71.38
CA GLY A 453 41.38 83.42 -72.57
C GLY A 453 40.45 82.27 -72.26
N CYS A 454 40.87 81.37 -71.37
CA CYS A 454 40.04 80.23 -71.03
C CYS A 454 38.77 80.66 -70.31
N GLY A 455 38.88 81.65 -69.42
CA GLY A 455 37.74 82.14 -68.67
C GLY A 455 37.57 81.45 -67.33
N THR A 482 41.93 84.47 -81.40
CA THR A 482 41.40 83.32 -82.11
C THR A 482 41.63 82.05 -81.31
N ASP A 483 40.93 80.97 -81.70
CA ASP A 483 41.09 79.70 -81.01
C ASP A 483 42.53 79.19 -81.13
N LEU A 484 43.09 79.24 -82.34
CA LEU A 484 44.46 78.78 -82.54
C LEU A 484 45.43 79.69 -81.79
N GLU A 485 45.22 81.01 -81.85
CA GLU A 485 46.12 81.93 -81.18
C GLU A 485 46.12 81.71 -79.68
N THR A 486 44.94 81.50 -79.10
CA THR A 486 44.87 81.25 -77.65
C THR A 486 45.60 79.95 -77.29
N ARG A 487 45.51 78.94 -78.15
CA ARG A 487 46.23 77.70 -77.88
C ARG A 487 47.72 77.93 -77.78
N SER A 488 48.25 78.90 -78.54
CA SER A 488 49.68 79.18 -78.47
C SER A 488 50.07 79.66 -77.09
N TYR A 489 49.29 80.55 -76.50
CA TYR A 489 49.63 81.09 -75.18
C TYR A 489 49.72 80.01 -74.12
N LYS A 490 49.04 78.88 -74.31
CA LYS A 490 49.14 77.81 -73.33
C LYS A 490 50.44 77.04 -73.46
N TYR A 491 51.00 76.96 -74.67
CA TYR A 491 52.29 76.29 -74.84
C TYR A 491 53.43 77.15 -74.33
N LEU A 492 53.40 78.46 -74.60
CA LEU A 492 54.44 79.34 -74.10
C LEU A 492 54.45 79.37 -72.58
N LEU A 493 53.28 79.40 -71.96
CA LEU A 493 53.22 79.41 -70.50
C LEU A 493 53.77 78.13 -69.90
N LEU A 494 53.38 76.98 -70.46
CA LEU A 494 53.86 75.71 -69.91
C LEU A 494 55.38 75.63 -69.94
N SER A 495 56.01 76.21 -70.96
CA SER A 495 57.47 76.13 -71.08
C SER A 495 58.16 77.06 -70.08
N MET A 496 57.60 78.24 -69.83
CA MET A 496 58.22 79.15 -68.89
C MET A 496 58.20 78.57 -67.47
N VAL A 497 57.15 77.83 -67.12
CA VAL A 497 57.11 77.22 -65.81
C VAL A 497 58.18 76.14 -65.68
N LYS A 498 58.40 75.37 -66.74
CA LYS A 498 59.47 74.39 -66.73
C LYS A 498 60.84 75.05 -66.60
N LEU A 499 60.97 76.31 -67.01
CA LEU A 499 62.24 77.00 -66.88
C LEU A 499 62.55 77.32 -65.42
N ILE A 500 61.55 77.78 -64.66
CA ILE A 500 61.77 78.05 -63.24
C ILE A 500 62.15 76.77 -62.51
N HIS A 501 61.60 75.64 -62.94
CA HIS A 501 61.91 74.38 -62.29
C HIS A 501 63.37 73.97 -62.49
N ALA A 502 64.07 74.52 -63.48
CA ALA A 502 65.43 74.14 -63.79
C ALA A 502 66.47 75.08 -63.17
N ASP A 503 66.24 76.38 -63.22
CA ASP A 503 67.15 77.36 -62.63
C ASP A 503 66.34 78.54 -62.10
N PRO A 504 65.93 78.48 -60.83
CA PRO A 504 65.13 79.60 -60.29
C PRO A 504 65.85 80.93 -60.29
N LYS A 505 67.18 80.93 -60.16
CA LYS A 505 67.90 82.18 -60.03
C LYS A 505 67.82 83.04 -61.28
N LEU A 506 67.51 82.44 -62.44
CA LEU A 506 67.42 83.22 -63.67
C LEU A 506 66.28 84.22 -63.66
N LEU A 507 65.29 84.04 -62.77
CA LEU A 507 64.17 84.95 -62.69
C LEU A 507 64.08 85.70 -61.37
N LEU A 508 64.93 85.39 -60.40
CA LEU A 508 64.95 86.10 -59.11
C LEU A 508 66.23 86.91 -58.95
N CYS A 509 66.68 87.54 -60.02
CA CYS A 509 67.84 88.43 -59.99
C CYS A 509 67.38 89.86 -60.25
N ASN A 510 68.20 90.82 -59.80
CA ASN A 510 67.88 92.23 -59.88
C ASN A 510 66.50 92.50 -59.27
N PRO A 511 66.30 92.20 -57.99
CA PRO A 511 64.97 92.36 -57.40
C PRO A 511 64.51 93.81 -57.41
N ARG A 512 63.19 94.00 -57.49
CA ARG A 512 62.61 95.33 -57.44
C ARG A 512 62.43 95.85 -56.03
N LYS A 513 62.38 94.95 -55.03
CA LYS A 513 62.22 95.34 -53.63
C LYS A 513 60.85 95.95 -53.38
N GLN A 514 60.33 95.76 -52.17
CA GLN A 514 58.97 96.22 -51.86
C GLN A 514 58.88 97.74 -51.99
N GLY A 515 57.84 98.21 -52.67
CA GLY A 515 57.60 99.62 -52.82
C GLY A 515 56.56 100.12 -51.84
N PRO A 516 56.56 101.42 -51.56
CA PRO A 516 55.54 101.96 -50.65
C PRO A 516 54.12 101.68 -51.11
N GLU A 517 53.90 101.70 -52.43
CA GLU A 517 52.58 101.43 -52.99
C GLU A 517 52.56 100.22 -53.92
N THR A 518 53.70 99.61 -54.21
CA THR A 518 53.79 98.49 -55.14
C THR A 518 54.46 97.31 -54.46
N GLN A 519 54.03 96.11 -54.83
CA GLN A 519 54.61 94.89 -54.31
C GLN A 519 55.92 94.58 -55.01
N GLY A 520 56.71 93.71 -54.37
CA GLY A 520 58.01 93.34 -54.89
C GLY A 520 57.92 92.48 -56.14
N SER A 521 59.08 92.13 -56.66
CA SER A 521 59.15 91.30 -57.85
C SER A 521 59.11 89.82 -57.53
N THR A 522 59.56 89.43 -56.34
CA THR A 522 59.49 88.02 -55.94
C THR A 522 58.06 87.62 -55.63
N ALA A 523 57.34 88.45 -54.87
CA ALA A 523 55.96 88.12 -54.54
C ALA A 523 55.09 88.09 -55.79
N GLU A 524 55.25 89.08 -56.68
CA GLU A 524 54.44 89.12 -57.88
C GLU A 524 54.55 87.82 -58.67
N LEU A 525 55.76 87.27 -58.74
CA LEU A 525 55.94 86.00 -59.42
C LEU A 525 55.42 84.84 -58.58
N ILE A 526 55.65 84.88 -57.27
CA ILE A 526 55.22 83.77 -56.40
C ILE A 526 53.71 83.64 -56.42
N THR A 527 52.98 84.74 -56.33
CA THR A 527 51.53 84.67 -56.36
C THR A 527 51.04 84.12 -57.68
N GLY A 528 51.68 84.49 -58.79
CA GLY A 528 51.26 84.02 -60.08
C GLY A 528 51.27 82.51 -60.18
N LEU A 529 52.32 81.87 -59.65
CA LEU A 529 52.39 80.42 -59.69
C LEU A 529 51.28 79.78 -58.89
N VAL A 530 50.94 80.36 -57.74
CA VAL A 530 49.95 79.75 -56.85
C VAL A 530 48.59 79.67 -57.54
N GLN A 531 48.19 80.73 -58.23
CA GLN A 531 46.86 80.80 -58.82
C GLN A 531 46.64 79.77 -59.92
N LEU A 532 47.68 78.99 -60.25
CA LEU A 532 47.54 77.93 -61.23
C LEU A 532 47.36 76.56 -60.60
N VAL A 533 47.66 76.41 -59.31
CA VAL A 533 47.56 75.09 -58.66
C VAL A 533 46.13 74.56 -58.67
N PRO A 534 45.11 75.32 -58.27
CA PRO A 534 43.76 74.78 -58.22
C PRO A 534 43.02 74.77 -59.55
N GLN A 535 43.71 74.95 -60.68
CA GLN A 535 43.03 74.95 -61.97
C GLN A 535 42.59 73.55 -62.36
N SER A 536 41.46 73.48 -63.07
CA SER A 536 40.99 72.25 -63.67
C SER A 536 40.97 72.31 -65.19
N HIS A 537 40.91 73.50 -65.78
CA HIS A 537 40.98 73.62 -67.23
C HIS A 537 42.32 73.14 -67.75
N MET A 538 43.41 73.53 -67.09
CA MET A 538 44.78 73.22 -67.52
C MET A 538 45.38 72.23 -66.53
N PRO A 539 45.10 70.93 -66.68
CA PRO A 539 45.58 69.97 -65.68
C PRO A 539 47.08 69.71 -65.74
N GLU A 540 47.75 69.99 -66.86
CA GLU A 540 49.17 69.71 -66.97
C GLU A 540 50.04 70.85 -66.45
N ILE A 541 49.60 72.09 -66.60
CA ILE A 541 50.34 73.21 -66.01
C ILE A 541 50.24 73.16 -64.50
N ALA A 542 49.04 72.92 -63.97
CA ALA A 542 48.87 72.86 -62.52
C ALA A 542 49.78 71.82 -61.90
N GLN A 543 50.13 70.77 -62.64
CA GLN A 543 51.08 69.79 -62.14
C GLN A 543 52.51 70.35 -62.14
N GLU A 544 52.84 71.15 -63.16
CA GLU A 544 54.19 71.73 -63.23
C GLU A 544 54.34 72.88 -62.25
N ALA A 545 53.34 73.76 -62.13
CA ALA A 545 53.44 74.87 -61.22
C ALA A 545 53.60 74.43 -59.77
N MET A 546 53.18 73.21 -59.44
CA MET A 546 53.43 72.70 -58.10
C MET A 546 54.90 72.39 -57.90
N GLU A 547 55.56 71.80 -58.89
CA GLU A 547 56.97 71.46 -58.75
C GLU A 547 57.84 72.70 -58.65
N ALA A 548 57.49 73.76 -59.40
CA ALA A 548 58.28 74.99 -59.32
C ALA A 548 58.25 75.57 -57.91
N LEU A 549 57.07 75.64 -57.30
CA LEU A 549 56.96 76.18 -55.96
C LEU A 549 57.61 75.29 -54.92
N LEU A 550 57.78 74.00 -55.22
CA LEU A 550 58.47 73.10 -54.29
C LEU A 550 59.98 73.18 -54.44
N VAL A 551 60.49 73.76 -55.53
CA VAL A 551 61.91 73.97 -55.68
C VAL A 551 62.37 75.32 -55.15
N LEU A 552 61.47 76.30 -55.09
CA LEU A 552 61.80 77.58 -54.48
C LEU A 552 61.81 77.52 -52.96
N HIS A 553 61.36 76.43 -52.37
CA HIS A 553 61.31 76.28 -50.92
C HIS A 553 62.53 75.55 -50.37
N GLN A 554 63.44 75.09 -51.23
CA GLN A 554 64.65 74.45 -50.76
C GLN A 554 65.55 75.47 -50.08
N LEU A 555 66.34 75.00 -49.11
CA LEU A 555 67.21 75.90 -48.36
C LEU A 555 68.16 76.65 -49.27
N ASP A 556 68.51 76.09 -50.43
CA ASP A 556 69.42 76.76 -51.33
C ASP A 556 68.79 77.99 -51.97
N SER A 557 67.51 77.88 -52.36
CA SER A 557 66.85 78.92 -53.13
C SER A 557 66.08 79.91 -52.26
N ILE A 558 66.09 79.73 -50.94
CA ILE A 558 65.36 80.67 -50.08
C ILE A 558 66.13 81.96 -49.86
N ASP A 559 67.45 81.96 -50.04
CA ASP A 559 68.22 83.18 -49.88
C ASP A 559 67.95 84.16 -51.01
N LEU A 560 67.52 83.66 -52.17
CA LEU A 560 67.35 84.51 -53.34
C LEU A 560 66.09 85.36 -53.30
N TRP A 561 65.13 85.04 -52.44
CA TRP A 561 63.87 85.77 -52.45
C TRP A 561 64.10 87.24 -52.14
N ASN A 562 64.92 87.52 -51.13
CA ASN A 562 65.25 88.90 -50.79
C ASN A 562 66.56 88.90 -50.00
N PRO A 563 67.71 88.98 -50.66
CA PRO A 563 68.98 88.82 -49.94
C PRO A 563 69.23 89.89 -48.88
N ASP A 564 68.57 91.04 -48.98
CA ASP A 564 68.74 92.07 -47.95
C ASP A 564 68.20 91.59 -46.61
N ALA A 565 67.04 90.94 -46.60
CA ALA A 565 66.39 90.50 -45.37
C ALA A 565 65.59 89.24 -45.67
N PRO A 566 66.23 88.08 -45.72
CA PRO A 566 65.51 86.87 -46.14
C PRO A 566 64.39 86.45 -45.19
N VAL A 567 64.70 86.33 -43.90
CA VAL A 567 63.74 85.72 -42.97
C VAL A 567 62.44 86.51 -42.93
N GLU A 568 62.53 87.83 -42.90
CA GLU A 568 61.32 88.64 -42.80
C GLU A 568 60.42 88.43 -44.01
N THR A 569 61.00 88.36 -45.20
CA THR A 569 60.19 88.22 -46.41
C THR A 569 59.67 86.80 -46.60
N PHE A 570 60.47 85.78 -46.24
CA PHE A 570 60.05 84.41 -46.49
C PHE A 570 58.79 84.07 -45.70
N TRP A 571 58.74 84.46 -44.43
CA TRP A 571 57.59 84.08 -43.61
C TRP A 571 56.33 84.81 -44.05
N GLU A 572 56.45 86.05 -44.54
CA GLU A 572 55.25 86.74 -45.01
C GLU A 572 54.77 86.17 -46.33
N ILE A 573 55.68 85.92 -47.27
CA ILE A 573 55.29 85.39 -48.57
C ILE A 573 54.83 83.95 -48.46
N SER A 574 55.54 83.13 -47.69
CA SER A 574 55.20 81.72 -47.61
C SER A 574 53.83 81.52 -46.97
N SER A 575 53.55 82.23 -45.88
CA SER A 575 52.28 82.06 -45.20
C SER A 575 51.12 82.54 -46.06
N GLN A 576 51.32 83.62 -46.81
CA GLN A 576 50.24 84.11 -47.67
C GLN A 576 49.85 83.07 -48.71
N MET A 577 50.83 82.39 -49.29
CA MET A 577 50.52 81.28 -50.19
C MET A 577 49.68 80.23 -49.47
N LEU A 578 50.09 79.85 -48.27
CA LEU A 578 49.38 78.83 -47.53
C LEU A 578 47.95 79.25 -47.24
N PHE A 579 47.76 80.52 -46.88
CA PHE A 579 46.42 81.00 -46.59
C PHE A 579 45.50 80.84 -47.79
N TYR A 580 45.99 81.22 -48.97
CA TYR A 580 45.15 81.16 -50.16
C TYR A 580 44.78 79.73 -50.50
N ILE A 581 45.75 78.82 -50.52
CA ILE A 581 45.47 77.45 -50.95
C ILE A 581 44.61 76.74 -49.92
N CYS A 582 44.89 76.93 -48.63
CA CYS A 582 44.10 76.26 -47.60
C CYS A 582 42.66 76.74 -47.57
N LYS A 583 42.38 77.92 -48.13
CA LYS A 583 41.01 78.39 -48.21
C LYS A 583 40.24 77.75 -49.37
N LYS A 584 40.94 77.39 -50.46
CA LYS A 584 40.27 76.76 -51.59
C LYS A 584 39.97 75.29 -51.31
N LEU A 585 40.81 74.61 -50.52
CA LEU A 585 40.54 73.21 -50.23
C LEU A 585 39.23 73.04 -49.49
N THR A 586 38.96 73.91 -48.51
CA THR A 586 37.70 73.85 -47.78
C THR A 586 36.54 74.47 -48.53
N SER A 587 36.79 75.16 -49.65
CA SER A 587 35.71 75.83 -50.36
C SER A 587 34.73 74.83 -50.96
N HIS A 588 35.24 73.83 -51.68
CA HIS A 588 34.39 72.82 -52.31
C HIS A 588 35.28 71.74 -52.88
N GLN A 589 34.65 70.62 -53.24
CA GLN A 589 35.39 69.47 -53.75
C GLN A 589 35.95 69.76 -55.13
N MET A 590 37.10 69.15 -55.42
CA MET A 590 37.73 69.25 -56.73
C MET A 590 38.24 67.87 -57.12
N LEU A 591 38.44 67.69 -58.42
CA LEU A 591 38.93 66.41 -58.91
C LEU A 591 40.35 66.12 -58.42
N SER A 592 41.18 67.16 -58.30
CA SER A 592 42.58 67.00 -57.97
C SER A 592 42.89 67.26 -56.50
N SER A 593 41.86 67.32 -55.65
CA SER A 593 42.09 67.67 -54.25
C SER A 593 43.08 66.73 -53.59
N THR A 594 43.00 65.44 -53.88
CA THR A 594 43.90 64.49 -53.26
C THR A 594 45.34 64.76 -53.63
N GLU A 595 45.59 65.28 -54.84
CA GLU A 595 46.95 65.56 -55.26
C GLU A 595 47.51 66.80 -54.58
N ILE A 596 46.70 67.87 -54.49
CA ILE A 596 47.15 69.08 -53.81
C ILE A 596 47.49 68.77 -52.35
N LEU A 597 46.83 67.78 -51.76
CA LEU A 597 47.12 67.43 -50.38
C LEU A 597 48.53 66.85 -50.23
N LYS A 598 48.93 65.97 -51.16
CA LYS A 598 50.28 65.40 -51.10
C LYS A 598 51.33 66.48 -51.28
N TRP A 599 51.13 67.39 -52.22
CA TRP A 599 52.07 68.50 -52.40
C TRP A 599 52.12 69.36 -51.14
N LEU A 600 50.96 69.63 -50.53
CA LEU A 600 50.93 70.44 -49.33
C LEU A 600 51.68 69.78 -48.18
N ARG A 601 51.77 68.45 -48.18
CA ARG A 601 52.52 67.79 -47.11
C ARG A 601 53.99 68.17 -47.17
N GLU A 602 54.55 68.25 -48.38
CA GLU A 602 55.98 68.52 -48.53
C GLU A 602 56.31 69.98 -48.28
N ILE A 603 55.42 70.91 -48.63
CA ILE A 603 55.67 72.31 -48.34
C ILE A 603 55.86 72.52 -46.85
N LEU A 604 55.07 71.82 -46.03
CA LEU A 604 55.22 71.93 -44.59
C LEU A 604 56.57 71.40 -44.13
N ILE A 605 57.04 70.30 -44.73
CA ILE A 605 58.33 69.75 -44.35
C ILE A 605 59.44 70.77 -44.60
N CYS A 606 59.40 71.43 -45.76
CA CYS A 606 60.42 72.42 -46.07
C CYS A 606 60.39 73.58 -45.09
N ARG A 607 59.19 74.03 -44.71
CA ARG A 607 59.09 75.14 -43.75
C ARG A 607 59.72 74.76 -42.43
N ASN A 608 59.60 73.51 -42.02
CA ASN A 608 60.21 73.08 -40.75
C ASN A 608 61.72 73.17 -40.81
N LYS A 609 62.32 72.71 -41.92
CA LYS A 609 63.77 72.71 -42.00
C LYS A 609 64.34 74.12 -41.91
N PHE A 610 63.73 75.06 -42.63
CA PHE A 610 64.21 76.44 -42.58
C PHE A 610 64.10 77.00 -41.17
N LEU A 611 63.00 76.72 -40.48
CA LEU A 611 62.83 77.19 -39.11
C LEU A 611 63.92 76.63 -38.21
N LEU A 612 64.22 75.34 -38.35
CA LEU A 612 65.29 74.74 -37.54
C LEU A 612 66.62 75.42 -37.83
N LYS A 613 66.95 75.60 -39.10
CA LYS A 613 68.20 76.27 -39.46
C LYS A 613 68.22 77.69 -38.93
N ASN A 614 67.14 78.44 -39.14
CA ASN A 614 67.10 79.82 -38.69
C ASN A 614 67.21 79.92 -37.18
N LYS A 615 66.54 79.02 -36.45
CA LYS A 615 66.58 79.07 -34.99
C LYS A 615 67.99 78.86 -34.47
N GLN A 616 68.73 77.93 -35.07
CA GLN A 616 70.11 77.71 -34.64
C GLN A 616 70.96 78.96 -34.83
N ALA A 617 70.87 79.57 -36.02
CA ALA A 617 71.66 80.76 -36.28
C ALA A 617 71.24 81.92 -35.39
N ASP A 618 69.94 82.17 -35.28
CA ASP A 618 69.42 83.26 -34.46
C ASP A 618 68.01 82.92 -34.04
N ARG A 619 67.75 82.96 -32.73
CA ARG A 619 66.41 82.66 -32.23
C ARG A 619 65.41 83.71 -32.70
N SER A 620 65.78 84.98 -32.66
CA SER A 620 64.91 86.07 -33.08
C SER A 620 63.59 86.03 -32.31
N SER A 674 62.29 83.93 -36.61
CA SER A 674 61.10 83.29 -36.05
C SER A 674 59.95 84.28 -35.92
N GLY A 675 59.88 85.20 -36.88
CA GLY A 675 58.81 86.20 -36.83
C GLY A 675 57.45 85.55 -36.92
N THR A 676 56.49 86.13 -36.19
CA THR A 676 55.10 85.66 -36.18
C THR A 676 54.18 86.84 -36.39
N PRO A 677 54.05 87.32 -37.62
CA PRO A 677 53.11 88.41 -37.91
C PRO A 677 51.67 87.91 -37.76
N PRO A 678 50.69 88.81 -37.83
CA PRO A 678 49.29 88.35 -37.75
C PRO A 678 48.93 87.38 -38.85
N ILE A 679 49.49 87.53 -40.04
CA ILE A 679 49.21 86.58 -41.11
C ILE A 679 49.70 85.19 -40.74
N CYS A 680 50.77 85.12 -39.93
CA CYS A 680 51.26 83.82 -39.50
C CYS A 680 50.21 83.08 -38.67
N ARG A 681 49.55 83.79 -37.77
CA ARG A 681 48.51 83.15 -36.95
C ARG A 681 47.23 82.93 -37.73
N GLN A 682 46.91 83.82 -38.66
CA GLN A 682 45.70 83.69 -39.45
C GLN A 682 45.82 82.64 -40.55
N ALA A 683 47.02 82.14 -40.81
CA ALA A 683 47.23 81.04 -41.73
C ALA A 683 47.61 79.75 -41.05
N GLN A 684 48.09 79.83 -39.80
CA GLN A 684 48.28 78.63 -38.99
C GLN A 684 46.96 78.03 -38.54
N THR A 685 45.88 78.79 -38.62
CA THR A 685 44.56 78.32 -38.19
C THR A 685 43.76 77.73 -39.34
N LYS A 686 43.76 78.39 -40.50
CA LYS A 686 43.04 77.87 -41.64
C LYS A 686 43.59 76.54 -42.12
N LEU A 687 44.80 76.19 -41.68
CA LEU A 687 45.36 74.89 -42.01
C LEU A 687 44.71 73.77 -41.20
N GLU A 688 44.46 74.01 -39.92
CA GLU A 688 43.81 72.99 -39.10
C GLU A 688 42.34 72.83 -39.48
N VAL A 689 41.68 73.91 -39.90
CA VAL A 689 40.32 73.83 -40.40
C VAL A 689 40.24 72.99 -41.67
N ALA A 690 41.37 72.69 -42.31
CA ALA A 690 41.39 71.87 -43.50
C ALA A 690 41.92 70.45 -43.27
N LEU A 691 42.66 70.23 -42.19
CA LEU A 691 43.11 68.87 -41.89
C LEU A 691 42.05 68.07 -41.15
N TYR A 692 41.07 68.73 -40.54
CA TYR A 692 39.93 68.02 -39.96
C TYR A 692 38.91 67.66 -41.02
N MET A 693 38.56 68.62 -41.87
CA MET A 693 37.51 68.41 -42.86
C MET A 693 37.89 67.39 -43.91
N PHE A 694 39.15 66.96 -43.97
CA PHE A 694 39.54 65.85 -44.82
C PHE A 694 39.41 64.51 -44.13
N LEU A 695 39.10 64.48 -42.83
CA LEU A 695 38.97 63.22 -42.13
C LEU A 695 37.68 62.49 -42.45
N TRP A 696 36.73 63.13 -43.13
CA TRP A 696 35.50 62.47 -43.56
C TRP A 696 35.37 62.43 -45.08
N ASN A 697 36.46 62.66 -45.80
CA ASN A 697 36.42 62.57 -47.25
C ASN A 697 36.12 61.13 -47.65
N PRO A 698 35.24 60.90 -48.63
CA PRO A 698 34.95 59.51 -49.03
C PRO A 698 36.18 58.77 -49.50
N ASP A 699 37.12 59.45 -50.16
CA ASP A 699 38.33 58.78 -50.62
C ASP A 699 39.17 58.31 -49.44
N THR A 700 39.59 57.05 -49.47
CA THR A 700 40.42 56.54 -48.39
C THR A 700 41.84 57.07 -48.48
N GLU A 701 42.29 57.45 -49.67
CA GLU A 701 43.67 57.90 -49.83
C GLU A 701 43.90 59.24 -49.17
N ALA A 702 43.00 60.20 -49.37
CA ALA A 702 43.19 61.52 -48.78
C ALA A 702 43.18 61.45 -47.26
N VAL A 703 42.25 60.68 -46.69
CA VAL A 703 42.12 60.64 -45.24
C VAL A 703 43.37 60.07 -44.58
N LEU A 704 44.01 59.10 -45.23
CA LEU A 704 45.24 58.54 -44.67
C LEU A 704 46.39 59.54 -44.74
N VAL A 705 46.44 60.35 -45.79
CA VAL A 705 47.48 61.38 -45.88
C VAL A 705 47.25 62.46 -44.84
N ALA A 706 46.01 62.95 -44.72
CA ALA A 706 45.73 64.06 -43.83
C ALA A 706 46.10 63.75 -42.39
N MET A 707 45.98 62.49 -41.97
CA MET A 707 46.41 62.13 -40.62
C MET A 707 47.92 62.28 -40.48
N SER A 708 48.68 61.96 -41.53
CA SER A 708 50.12 62.09 -41.48
C SER A 708 50.53 63.54 -41.27
N CYS A 709 49.89 64.47 -41.98
CA CYS A 709 50.27 65.88 -41.87
C CYS A 709 50.17 66.38 -40.43
N PHE A 710 49.30 65.78 -39.62
CA PHE A 710 49.15 66.25 -38.25
C PHE A 710 50.46 66.15 -37.49
N ARG A 711 51.30 65.17 -37.82
CA ARG A 711 52.57 65.01 -37.11
C ARG A 711 53.46 66.23 -37.31
N HIS A 712 53.42 66.82 -38.51
CA HIS A 712 54.29 67.96 -38.80
C HIS A 712 53.93 69.18 -37.96
N LEU A 713 52.65 69.33 -37.60
CA LEU A 713 52.27 70.41 -36.70
C LEU A 713 52.89 70.21 -35.32
N CYS A 714 52.98 68.96 -34.86
CA CYS A 714 53.62 68.69 -33.57
C CYS A 714 55.11 69.03 -33.63
N GLU A 715 55.79 68.61 -34.69
CA GLU A 715 57.23 68.86 -34.79
C GLU A 715 57.53 70.35 -34.83
N GLU A 716 56.75 71.11 -35.61
CA GLU A 716 57.00 72.54 -35.70
C GLU A 716 56.81 73.22 -34.34
N ALA A 717 56.01 72.64 -33.47
CA ALA A 717 55.85 73.20 -32.13
C ALA A 717 57.05 72.88 -31.25
N ASP A 718 57.62 71.68 -31.40
CA ASP A 718 58.81 71.34 -30.63
C ASP A 718 59.95 72.28 -30.95
N ILE A 719 60.18 72.56 -32.23
CA ILE A 719 61.28 73.44 -32.62
C ILE A 719 61.05 74.84 -32.08
N ARG A 720 59.82 75.34 -32.17
CA ARG A 720 59.55 76.71 -31.75
C ARG A 720 59.73 76.89 -30.25
N CYS A 721 59.59 75.81 -29.47
CA CYS A 721 59.77 75.88 -28.03
C CYS A 721 60.22 74.51 -27.54
N GLY A 722 61.40 74.45 -26.92
CA GLY A 722 61.92 73.19 -26.41
C GLY A 722 61.40 72.78 -25.05
N VAL A 723 60.64 73.65 -24.37
CA VAL A 723 60.13 73.34 -23.05
C VAL A 723 58.85 72.52 -23.18
N ASP A 724 58.99 71.19 -23.16
CA ASP A 724 57.84 70.32 -23.32
C ASP A 724 56.88 70.39 -22.14
N GLU A 725 57.33 70.92 -21.00
CA GLU A 725 56.48 70.92 -19.81
C GLU A 725 55.21 71.71 -20.04
N VAL A 726 55.33 73.01 -20.31
CA VAL A 726 54.17 73.87 -20.46
C VAL A 726 54.16 74.61 -21.80
N SER A 727 55.30 74.83 -22.44
CA SER A 727 55.29 75.57 -23.70
C SER A 727 54.66 74.75 -24.82
N VAL A 728 55.05 73.48 -24.94
CA VAL A 728 54.53 72.64 -26.02
C VAL A 728 53.02 72.47 -25.86
N HIS A 729 52.58 72.14 -24.65
CA HIS A 729 51.16 71.95 -24.37
C HIS A 729 50.41 73.26 -24.22
N ASN A 730 51.04 74.38 -24.55
CA ASN A 730 50.38 75.69 -24.56
C ASN A 730 50.21 76.26 -25.96
N LEU A 731 51.20 76.08 -26.83
CA LEU A 731 51.04 76.48 -28.22
C LEU A 731 50.06 75.55 -28.94
N LEU A 732 50.11 74.25 -28.64
CA LEU A 732 49.35 73.23 -29.34
C LEU A 732 48.62 72.40 -28.30
N PRO A 733 47.47 72.88 -27.81
CA PRO A 733 46.84 72.25 -26.64
C PRO A 733 46.61 70.76 -26.79
N ASN A 734 46.34 70.27 -28.00
CA ASN A 734 46.04 68.86 -28.24
C ASN A 734 47.25 68.09 -28.72
N TYR A 735 48.44 68.44 -28.22
CA TYR A 735 49.66 67.79 -28.69
C TYR A 735 49.58 66.28 -28.53
N ASN A 736 49.10 65.82 -27.37
CA ASN A 736 49.16 64.39 -27.07
C ASN A 736 48.37 63.57 -28.09
N THR A 737 47.12 63.98 -28.33
CA THR A 737 46.27 63.19 -29.23
C THR A 737 46.75 63.26 -30.67
N PHE A 738 47.33 64.39 -31.08
CA PHE A 738 47.85 64.49 -32.44
C PHE A 738 48.93 63.46 -32.70
N MET A 739 49.78 63.17 -31.71
CA MET A 739 50.79 62.14 -31.90
C MET A 739 50.15 60.78 -32.15
N GLU A 740 48.93 60.57 -31.65
CA GLU A 740 48.25 59.30 -31.88
C GLU A 740 47.67 59.22 -33.29
N PHE A 741 47.35 60.35 -33.91
CA PHE A 741 46.85 60.33 -35.27
C PHE A 741 47.90 59.73 -36.22
N ALA A 742 49.16 60.12 -36.07
CA ALA A 742 50.20 59.65 -36.97
C ALA A 742 50.40 58.15 -36.84
N SER A 743 50.40 57.62 -35.62
CA SER A 743 50.64 56.19 -35.43
C SER A 743 49.59 55.35 -36.13
N VAL A 744 48.32 55.75 -36.04
CA VAL A 744 47.26 54.97 -36.66
C VAL A 744 47.46 54.88 -38.17
N SER A 745 47.91 55.98 -38.79
CA SER A 745 48.13 55.97 -40.23
C SER A 745 49.15 54.93 -40.65
N ASN A 746 50.02 54.50 -39.73
CA ASN A 746 50.98 53.43 -40.01
C ASN A 746 50.35 52.08 -39.70
N MET A 747 49.29 51.77 -40.46
CA MET A 747 48.57 50.52 -40.28
C MET A 747 48.10 50.02 -41.64
N MET A 748 47.83 48.72 -41.71
CA MET A 748 47.41 48.11 -42.96
C MET A 748 46.13 48.77 -43.47
N SER A 749 46.11 49.10 -44.75
CA SER A 749 44.93 49.71 -45.34
C SER A 749 43.76 48.73 -45.33
N THR A 750 42.58 49.23 -44.97
CA THR A 750 41.38 48.41 -44.90
C THR A 750 40.23 49.21 -45.50
N GLY A 751 39.02 48.69 -45.33
CA GLY A 751 37.86 49.31 -45.95
C GLY A 751 37.48 50.62 -45.30
N ARG A 752 36.57 51.33 -45.96
CA ARG A 752 36.13 52.62 -45.47
C ARG A 752 35.52 52.50 -44.07
N ALA A 753 34.64 51.51 -43.88
CA ALA A 753 33.97 51.38 -42.59
C ALA A 753 34.97 51.13 -41.48
N ALA A 754 35.96 50.27 -41.71
CA ALA A 754 36.92 49.95 -40.67
C ALA A 754 37.73 51.18 -40.28
N LEU A 755 38.12 51.99 -41.26
CA LEU A 755 38.93 53.16 -40.96
C LEU A 755 38.12 54.23 -40.24
N GLN A 756 36.89 54.48 -40.69
CA GLN A 756 36.07 55.51 -40.05
C GLN A 756 35.83 55.22 -38.59
N LYS A 757 35.75 53.94 -38.21
CA LYS A 757 35.58 53.60 -36.81
C LYS A 757 36.84 53.82 -35.99
N ARG A 758 37.96 54.11 -36.65
CA ARG A 758 39.18 54.51 -35.95
C ARG A 758 39.35 56.02 -35.90
N VAL A 759 38.94 56.72 -36.94
CA VAL A 759 38.97 58.18 -36.93
C VAL A 759 38.08 58.70 -35.81
N MET A 760 36.87 58.15 -35.70
CA MET A 760 35.94 58.62 -34.69
C MET A 760 36.51 58.43 -33.28
N ALA A 761 37.02 57.24 -32.99
CA ALA A 761 37.55 56.98 -31.66
C ALA A 761 38.60 58.02 -31.28
N LEU A 762 39.39 58.47 -32.25
CA LEU A 762 40.37 59.52 -31.98
C LEU A 762 39.70 60.87 -31.80
N LEU A 763 38.75 61.20 -32.66
CA LEU A 763 38.03 62.46 -32.52
C LEU A 763 37.32 62.54 -31.18
N ARG A 764 36.88 61.41 -30.62
CA ARG A 764 36.21 61.42 -29.33
C ARG A 764 37.14 61.82 -28.20
N ARG A 765 38.45 61.86 -28.44
CA ARG A 765 39.43 62.16 -27.41
C ARG A 765 39.93 63.59 -27.45
N ILE A 766 39.47 64.41 -28.39
CA ILE A 766 39.82 65.83 -28.38
C ILE A 766 39.16 66.47 -27.18
N GLU A 767 39.95 67.20 -26.39
CA GLU A 767 39.49 67.75 -25.12
C GLU A 767 39.25 69.25 -25.18
N HIS A 768 40.26 70.02 -25.58
CA HIS A 768 40.23 71.46 -25.39
C HIS A 768 39.69 72.15 -26.64
N PRO A 769 38.72 73.04 -26.52
CA PRO A 769 38.30 73.83 -27.68
C PRO A 769 39.40 74.76 -28.15
N THR A 770 39.37 75.07 -29.44
CA THR A 770 40.34 75.97 -30.05
C THR A 770 39.64 76.68 -31.20
N ALA A 771 40.41 77.31 -32.07
CA ALA A 771 39.85 77.87 -33.29
C ALA A 771 39.79 76.86 -34.43
N GLY A 772 40.62 75.82 -34.39
CA GLY A 772 40.58 74.77 -35.39
C GLY A 772 39.45 73.79 -35.14
N ASN A 773 39.36 73.31 -33.89
CA ASN A 773 38.25 72.43 -33.52
C ASN A 773 36.91 73.12 -33.74
N THR A 774 36.75 74.32 -33.16
CA THR A 774 35.43 74.93 -33.08
C THR A 774 34.93 75.39 -34.43
N GLU A 775 35.81 75.80 -35.33
CA GLU A 775 35.37 76.25 -36.65
C GLU A 775 35.18 75.10 -37.62
N ALA A 776 35.95 74.02 -37.48
CA ALA A 776 35.73 72.86 -38.32
C ALA A 776 34.35 72.28 -38.09
N TRP A 777 33.93 72.14 -36.83
CA TRP A 777 32.61 71.62 -36.55
C TRP A 777 31.52 72.50 -37.16
N GLU A 778 31.64 73.82 -36.98
CA GLU A 778 30.60 74.71 -37.46
C GLU A 778 30.62 74.84 -38.97
N ASP A 779 31.80 74.68 -39.58
CA ASP A 779 31.89 74.80 -41.04
C ASP A 779 31.26 73.60 -41.73
N THR A 780 31.59 72.39 -41.28
CA THR A 780 31.03 71.20 -41.90
C THR A 780 29.57 70.99 -41.54
N HIS A 781 29.09 71.61 -40.45
CA HIS A 781 27.68 71.52 -40.12
C HIS A 781 26.83 72.16 -41.21
N ALA A 782 27.25 73.32 -41.72
CA ALA A 782 26.50 73.98 -42.78
C ALA A 782 26.46 73.14 -44.05
N LYS A 783 27.57 72.49 -44.39
CA LYS A 783 27.57 71.55 -45.51
C LYS A 783 26.63 70.39 -45.23
N TRP A 784 26.64 69.87 -44.00
CA TRP A 784 25.76 68.77 -43.64
C TRP A 784 24.31 69.18 -43.76
N GLU A 785 23.98 70.42 -43.43
CA GLU A 785 22.60 70.86 -43.45
C GLU A 785 22.08 71.10 -44.86
N GLN A 786 22.97 71.25 -45.84
CA GLN A 786 22.54 71.41 -47.23
C GLN A 786 22.43 70.08 -47.96
N ALA A 787 23.30 69.12 -47.64
CA ALA A 787 23.19 67.81 -48.25
C ALA A 787 21.85 67.17 -47.90
N THR A 788 21.39 67.34 -46.66
CA THR A 788 20.14 66.73 -46.24
C THR A 788 18.97 67.24 -47.07
N LYS A 789 18.93 68.53 -47.36
CA LYS A 789 17.81 69.07 -48.12
C LYS A 789 17.75 68.46 -49.52
N LEU A 790 18.91 68.33 -50.18
CA LEU A 790 18.90 67.77 -51.53
C LEU A 790 18.50 66.30 -51.53
N ILE A 791 18.90 65.54 -50.51
CA ILE A 791 18.53 64.14 -50.46
C ILE A 791 17.02 63.98 -50.25
N LEU A 792 16.44 64.80 -49.37
CA LEU A 792 15.06 64.62 -48.94
C LEU A 792 14.08 65.44 -49.79
N ASN A 793 14.26 66.76 -49.84
CA ASN A 793 13.27 67.60 -50.52
C ASN A 793 13.10 67.20 -51.97
N TYR A 794 14.20 66.93 -52.66
CA TYR A 794 14.12 66.39 -54.01
C TYR A 794 13.72 64.92 -53.94
N PRO A 795 12.60 64.50 -54.57
CA PRO A 795 12.23 63.08 -54.52
C PRO A 795 13.13 62.20 -55.38
N THR A 831 23.80 56.87 -54.77
CA THR A 831 24.38 56.23 -53.60
C THR A 831 25.69 56.91 -53.20
N ASP A 832 26.36 57.50 -54.19
CA ASP A 832 27.61 58.21 -53.90
C ASP A 832 27.39 59.34 -52.92
N SER A 833 26.31 60.12 -53.11
CA SER A 833 26.01 61.20 -52.19
C SER A 833 25.61 60.67 -50.82
N LEU A 834 24.98 59.49 -50.76
CA LEU A 834 24.53 58.95 -49.49
C LEU A 834 25.70 58.51 -48.62
N GLN A 835 26.81 58.12 -49.23
CA GLN A 835 27.98 57.75 -48.43
C GLN A 835 28.70 58.97 -47.88
N GLU A 836 28.69 60.09 -48.61
CA GLU A 836 29.27 61.31 -48.07
C GLU A 836 28.44 61.82 -46.90
N TRP A 837 27.12 61.72 -47.00
CA TRP A 837 26.25 62.15 -45.91
C TRP A 837 26.50 61.32 -44.65
N ILE A 838 26.70 60.01 -44.81
CA ILE A 838 26.92 59.15 -43.66
C ILE A 838 28.23 59.47 -42.96
N ASN A 839 29.22 59.96 -43.72
CA ASN A 839 30.50 60.32 -43.11
C ASN A 839 30.40 61.62 -42.34
N MET A 840 29.72 62.62 -42.89
CA MET A 840 29.59 63.90 -42.20
C MET A 840 28.88 63.74 -40.87
N THR A 841 27.78 62.97 -40.84
CA THR A 841 27.04 62.81 -39.60
C THR A 841 27.90 62.17 -38.52
N GLY A 842 28.66 61.13 -38.87
CA GLY A 842 29.55 60.53 -37.90
C GLY A 842 30.63 61.48 -37.42
N PHE A 843 31.01 62.45 -38.25
CA PHE A 843 31.99 63.45 -37.85
C PHE A 843 31.44 64.35 -36.76
N LEU A 844 30.21 64.85 -36.94
CA LEU A 844 29.63 65.78 -35.99
C LEU A 844 29.28 65.11 -34.67
N CYS A 845 28.83 63.86 -34.72
CA CYS A 845 28.51 63.15 -33.47
C CYS A 845 29.76 62.93 -32.63
N ALA A 846 30.86 62.54 -33.27
CA ALA A 846 32.07 62.19 -32.53
C ALA A 846 32.82 63.41 -32.02
N LEU A 847 32.82 64.51 -32.77
CA LEU A 847 33.55 65.72 -32.43
C LEU A 847 32.60 66.86 -32.06
N GLY A 848 31.52 66.53 -31.35
CA GLY A 848 30.61 67.57 -30.89
C GLY A 848 30.90 68.11 -29.52
N GLY A 849 31.72 67.44 -28.74
CA GLY A 849 31.97 67.88 -27.37
C GLY A 849 32.60 69.25 -27.32
N VAL A 850 33.50 69.55 -28.25
CA VAL A 850 34.22 70.82 -28.23
C VAL A 850 33.26 71.98 -28.34
N CYS A 851 32.27 71.89 -29.22
CA CYS A 851 31.37 72.99 -29.49
C CYS A 851 30.28 73.14 -28.43
N LEU A 852 30.32 72.36 -27.37
CA LEU A 852 29.28 72.38 -26.35
C LEU A 852 29.53 73.55 -25.40
N GLN A 853 28.62 74.52 -25.39
CA GLN A 853 28.74 75.69 -24.52
C GLN A 853 30.05 76.42 -24.75
N ALA A 887 20.74 76.76 -25.21
CA ALA A 887 19.40 77.15 -25.62
C ALA A 887 19.24 77.02 -27.14
N ASP A 888 19.70 78.03 -27.87
CA ASP A 888 19.64 78.05 -29.32
C ASP A 888 21.01 77.90 -29.96
N THR A 889 21.95 77.27 -29.25
CA THR A 889 23.28 77.10 -29.78
C THR A 889 23.25 76.15 -30.98
N PRO A 890 24.23 76.25 -31.88
CA PRO A 890 24.21 75.37 -33.06
C PRO A 890 24.31 73.90 -32.73
N VAL A 891 24.85 73.54 -31.57
CA VAL A 891 24.90 72.13 -31.19
C VAL A 891 23.50 71.62 -30.88
N SER A 892 22.71 72.41 -30.16
CA SER A 892 21.36 72.00 -29.79
C SER A 892 20.42 71.96 -30.98
N LYS A 893 20.82 72.53 -32.12
CA LYS A 893 20.03 72.40 -33.35
C LYS A 893 20.41 71.16 -34.14
N PHE A 894 21.64 70.68 -34.00
CA PHE A 894 22.00 69.40 -34.59
C PHE A 894 21.17 68.27 -33.98
N MET A 895 21.04 68.29 -32.65
CA MET A 895 20.24 67.26 -31.98
C MET A 895 18.78 67.32 -32.44
N ASP A 896 18.22 68.52 -32.55
CA ASP A 896 16.82 68.63 -32.96
C ASP A 896 16.61 68.01 -34.33
N ARG A 897 17.50 68.30 -35.28
CA ARG A 897 17.36 67.74 -36.62
C ARG A 897 17.61 66.24 -36.61
N LEU A 898 18.40 65.75 -35.66
CA LEU A 898 18.73 64.34 -35.60
C LEU A 898 17.60 63.49 -35.06
N LEU A 899 16.67 64.09 -34.31
CA LEU A 899 15.52 63.38 -33.79
C LEU A 899 14.29 63.52 -34.67
N SER A 900 14.42 64.18 -35.81
CA SER A 900 13.39 64.14 -36.83
C SER A 900 13.67 63.11 -37.91
N LEU A 901 14.95 62.81 -38.16
CA LEU A 901 15.30 61.75 -39.09
C LEU A 901 15.03 60.37 -38.53
N MET A 902 15.03 60.21 -37.20
CA MET A 902 14.73 58.92 -36.61
C MET A 902 13.36 58.41 -37.00
N VAL A 903 12.45 59.30 -37.40
CA VAL A 903 11.11 58.90 -37.81
C VAL A 903 10.90 59.30 -39.26
N CYS A 904 11.97 59.28 -40.05
CA CYS A 904 11.89 59.71 -41.44
C CYS A 904 11.13 58.69 -42.27
N ASN A 905 10.04 59.13 -42.89
CA ASN A 905 9.22 58.29 -43.77
C ASN A 905 9.35 58.86 -45.18
N HIS A 906 10.37 58.39 -45.90
CA HIS A 906 10.64 58.81 -47.27
C HIS A 906 10.52 57.60 -48.18
N GLU A 907 9.84 57.79 -49.31
CA GLU A 907 9.47 56.65 -50.15
C GLU A 907 10.70 55.90 -50.66
N LYS A 908 11.76 56.62 -51.01
CA LYS A 908 12.91 56.02 -51.69
C LYS A 908 14.03 55.64 -50.74
N VAL A 909 14.53 56.59 -49.96
CA VAL A 909 15.72 56.39 -49.14
C VAL A 909 15.42 56.33 -47.65
N GLY A 910 14.17 56.55 -47.24
CA GLY A 910 13.81 56.60 -45.85
C GLY A 910 14.42 55.52 -44.96
N LEU A 911 14.44 54.28 -45.45
CA LEU A 911 14.89 53.18 -44.60
C LEU A 911 16.36 53.34 -44.20
N GLN A 912 17.22 53.72 -45.15
CA GLN A 912 18.64 53.80 -44.84
C GLN A 912 18.94 54.92 -43.85
N ILE A 913 18.17 56.00 -43.88
CA ILE A 913 18.41 57.12 -42.97
C ILE A 913 18.09 56.72 -41.54
N ARG A 914 16.95 56.06 -41.33
CA ARG A 914 16.59 55.62 -39.98
C ARG A 914 17.61 54.63 -39.43
N THR A 915 18.18 53.80 -40.30
CA THR A 915 19.08 52.76 -39.83
C THR A 915 20.44 53.33 -39.44
N ASN A 916 20.97 54.25 -40.24
CA ASN A 916 22.28 54.83 -39.92
C ASN A 916 22.19 55.77 -38.73
N VAL A 917 21.12 56.54 -38.64
CA VAL A 917 20.96 57.45 -37.51
C VAL A 917 20.93 56.68 -36.20
N LYS A 918 20.20 55.56 -36.16
CA LYS A 918 20.17 54.74 -34.96
C LYS A 918 21.56 54.20 -34.64
N ASP A 919 22.31 53.81 -35.67
CA ASP A 919 23.63 53.25 -35.45
C ASP A 919 24.61 54.31 -34.94
N LEU A 920 24.61 55.49 -35.55
CA LEU A 920 25.57 56.52 -35.17
C LEU A 920 25.25 57.10 -33.80
N VAL A 921 23.99 57.44 -33.57
CA VAL A 921 23.63 58.09 -32.31
C VAL A 921 23.76 57.15 -31.13
N GLY A 922 23.80 55.84 -31.36
CA GLY A 922 23.92 54.90 -30.29
C GLY A 922 25.35 54.52 -29.97
N LEU A 923 26.15 54.28 -31.01
CA LEU A 923 27.48 53.73 -30.82
C LEU A 923 28.60 54.75 -30.93
N GLU A 924 28.39 55.88 -31.61
CA GLU A 924 29.47 56.81 -31.90
C GLU A 924 29.33 58.18 -31.24
N LEU A 925 28.22 58.48 -30.59
CA LEU A 925 28.05 59.80 -30.01
C LEU A 925 29.11 60.06 -28.94
N SER A 926 29.49 61.33 -28.80
CA SER A 926 30.49 61.72 -27.82
C SER A 926 29.89 61.72 -26.43
N PRO A 927 30.54 61.13 -25.43
CA PRO A 927 29.92 61.05 -24.10
C PRO A 927 29.55 62.40 -23.52
N ALA A 928 30.24 63.48 -23.90
CA ALA A 928 29.92 64.78 -23.34
C ALA A 928 28.56 65.30 -23.76
N LEU A 929 27.90 64.64 -24.71
CA LEU A 929 26.59 65.05 -25.19
C LEU A 929 25.45 64.23 -24.61
N TYR A 930 25.73 63.26 -23.74
CA TYR A 930 24.64 62.45 -23.19
C TYR A 930 23.63 63.29 -22.43
N PRO A 931 24.02 64.17 -21.51
CA PRO A 931 23.00 64.94 -20.78
C PRO A 931 22.06 65.71 -21.69
N MET A 932 22.56 66.22 -22.82
CA MET A 932 21.70 66.93 -23.75
C MET A 932 20.81 65.99 -24.54
N LEU A 933 21.11 64.69 -24.56
CA LEU A 933 20.29 63.71 -25.25
C LEU A 933 19.17 63.20 -24.35
N PHE A 934 19.53 62.64 -23.19
CA PHE A 934 18.51 62.14 -22.27
C PHE A 934 17.47 63.20 -21.97
N ASN A 935 17.88 64.47 -21.90
CA ASN A 935 16.97 65.55 -21.61
C ASN A 935 16.15 65.96 -22.82
N LYS A 936 16.51 65.53 -24.02
CA LYS A 936 15.75 65.83 -25.22
C LYS A 936 14.85 64.69 -25.66
N LEU A 937 15.24 63.44 -25.39
CA LEU A 937 14.32 62.32 -25.64
C LEU A 937 13.16 62.34 -24.66
N LYS A 938 13.40 62.77 -23.42
CA LYS A 938 12.33 62.83 -22.44
C LYS A 938 11.28 63.86 -22.83
N ASN A 939 11.70 65.06 -23.24
CA ASN A 939 10.75 66.09 -23.62
C ASN A 939 10.04 65.78 -24.93
N THR A 940 10.48 64.76 -25.67
CA THR A 940 9.78 64.33 -26.87
C THR A 940 8.74 63.28 -26.58
N ILE A 941 8.97 62.43 -25.57
CA ILE A 941 8.01 61.38 -25.23
C ILE A 941 6.93 61.88 -24.29
N SER A 942 7.19 62.94 -23.54
CA SER A 942 6.19 63.44 -22.60
C SER A 942 4.97 64.03 -23.30
N LYS A 943 5.04 64.25 -24.61
CA LYS A 943 3.91 64.80 -25.35
C LYS A 943 3.02 63.72 -25.95
N PHE A 944 3.32 62.44 -25.71
CA PHE A 944 2.45 61.37 -26.17
C PHE A 944 1.29 61.13 -25.22
N PHE A 945 1.31 61.71 -24.02
CA PHE A 945 0.23 61.60 -23.05
C PHE A 945 -0.46 62.94 -22.93
N ASP A 946 -1.76 62.96 -23.21
CA ASP A 946 -2.54 64.16 -22.99
C ASP A 946 -2.86 64.32 -21.51
N SER A 947 -3.50 65.43 -21.17
CA SER A 947 -3.92 65.64 -19.80
C SER A 947 -4.73 64.44 -19.31
N GLN A 948 -4.60 64.14 -18.01
CA GLN A 948 -5.18 62.96 -17.37
C GLN A 948 -4.41 61.70 -17.73
N GLY A 949 -3.29 61.81 -18.43
CA GLY A 949 -2.43 60.68 -18.69
C GLY A 949 -3.03 59.57 -19.53
N GLN A 950 -3.66 59.93 -20.65
CA GLN A 950 -4.20 58.96 -21.59
C GLN A 950 -3.29 58.91 -22.81
N VAL A 951 -2.78 57.72 -23.12
CA VAL A 951 -1.83 57.60 -24.21
C VAL A 951 -2.52 57.90 -25.55
N LEU A 952 -1.70 58.24 -26.55
CA LEU A 952 -2.19 58.66 -27.86
C LEU A 952 -1.43 57.88 -28.93
N LEU A 953 -1.99 56.76 -29.37
CA LEU A 953 -1.38 56.00 -30.45
C LEU A 953 -1.54 56.75 -31.76
N THR A 954 -0.44 56.87 -32.52
CA THR A 954 -0.47 57.62 -33.77
C THR A 954 0.26 56.92 -34.91
N ASP A 955 0.87 55.77 -34.67
CA ASP A 955 1.56 55.00 -35.71
C ASP A 955 2.87 55.64 -36.14
N THR A 956 3.15 56.85 -35.62
CA THR A 956 4.47 57.45 -35.71
C THR A 956 5.08 57.68 -34.35
N ASN A 957 4.25 57.84 -33.32
CA ASN A 957 4.74 57.76 -31.96
C ASN A 957 5.21 56.35 -31.63
N THR A 958 4.57 55.34 -32.24
CA THR A 958 5.03 53.97 -32.07
C THR A 958 6.40 53.76 -32.73
N GLN A 959 6.62 54.41 -33.88
CA GLN A 959 7.91 54.28 -34.54
C GLN A 959 9.00 55.01 -33.77
N PHE A 960 8.68 56.15 -33.18
CA PHE A 960 9.66 56.89 -32.38
C PHE A 960 9.99 56.12 -31.11
N VAL A 961 8.97 55.60 -30.40
CA VAL A 961 9.22 54.88 -29.16
C VAL A 961 9.85 53.52 -29.41
N GLU A 962 10.04 53.13 -30.66
CA GLU A 962 10.73 51.88 -30.96
C GLU A 962 12.19 52.10 -31.34
N GLN A 963 12.53 53.28 -31.86
CA GLN A 963 13.94 53.63 -32.08
C GLN A 963 14.62 53.99 -30.76
N THR A 964 13.92 54.74 -29.90
CA THR A 964 14.48 55.14 -28.62
C THR A 964 14.97 53.93 -27.82
N ILE A 965 14.25 52.82 -27.90
CA ILE A 965 14.65 51.63 -27.16
C ILE A 965 15.93 51.05 -27.74
N ALA A 966 16.09 51.09 -29.07
CA ALA A 966 17.31 50.56 -29.67
C ALA A 966 18.49 51.49 -29.43
N ILE A 967 18.26 52.80 -29.41
CA ILE A 967 19.34 53.75 -29.12
C ILE A 967 19.79 53.59 -27.67
N MET A 968 18.84 53.57 -26.74
CA MET A 968 19.19 53.46 -25.33
C MET A 968 19.78 52.10 -24.99
N LYS A 969 19.55 51.08 -25.82
CA LYS A 969 20.09 49.76 -25.52
C LYS A 969 21.55 49.66 -25.92
N ASN A 970 21.93 50.27 -27.04
CA ASN A 970 23.34 50.30 -27.42
C ASN A 970 24.12 51.28 -26.56
N LEU A 971 23.55 52.47 -26.33
CA LEU A 971 24.25 53.50 -25.59
C LEU A 971 24.59 53.06 -24.18
N LEU A 972 23.79 52.16 -23.61
CA LEU A 972 24.02 51.64 -22.27
C LEU A 972 24.86 50.38 -22.24
N ASP A 973 24.90 49.62 -23.33
CA ASP A 973 25.43 48.27 -23.34
C ASP A 973 26.89 48.21 -23.75
N ASN A 974 27.57 49.35 -23.90
CA ASN A 974 29.00 49.39 -24.16
C ASN A 974 29.66 50.39 -23.24
N HIS A 975 30.91 50.13 -22.88
CA HIS A 975 31.65 50.97 -21.96
C HIS A 975 32.67 51.79 -22.75
N THR A 976 32.48 53.10 -22.76
CA THR A 976 33.37 54.02 -23.47
C THR A 976 34.11 54.89 -22.48
N GLU A 977 35.40 55.10 -22.75
CA GLU A 977 36.22 55.89 -21.83
C GLU A 977 35.72 57.32 -21.79
N GLY A 978 35.66 57.87 -20.57
CA GLY A 978 35.26 59.24 -20.36
C GLY A 978 33.77 59.45 -20.15
N SER A 979 32.98 58.38 -20.09
CA SER A 979 31.54 58.50 -19.90
C SER A 979 31.12 58.42 -18.44
N SER A 980 32.04 58.10 -17.53
CA SER A 980 31.65 57.88 -16.14
C SER A 980 31.07 59.14 -15.52
N GLU A 981 31.68 60.29 -15.79
CA GLU A 981 31.24 61.54 -15.18
C GLU A 981 30.03 62.16 -15.87
N HIS A 982 29.68 61.66 -17.06
CA HIS A 982 28.57 62.20 -17.82
C HIS A 982 27.33 61.31 -17.81
N LEU A 983 27.51 59.99 -17.72
CA LEU A 983 26.36 59.10 -17.72
C LEU A 983 25.54 59.28 -16.45
N GLY A 984 26.20 59.51 -15.32
CA GLY A 984 25.52 59.68 -14.06
C GLY A 984 25.10 61.09 -13.73
N GLN A 985 25.22 62.03 -14.67
CA GLN A 985 24.86 63.41 -14.39
C GLN A 985 23.36 63.64 -14.46
N ALA A 986 22.64 62.89 -15.30
CA ALA A 986 21.22 63.07 -15.50
C ALA A 986 20.46 61.80 -15.15
N SER A 987 19.18 61.96 -14.85
CA SER A 987 18.30 60.87 -14.49
C SER A 987 17.48 60.45 -15.70
N ILE A 988 17.15 59.16 -15.76
CA ILE A 988 16.33 58.60 -16.82
C ILE A 988 15.12 57.86 -16.25
N GLU A 989 14.77 58.14 -15.00
CA GLU A 989 13.64 57.44 -14.38
C GLU A 989 12.33 57.77 -15.07
N THR A 990 12.04 59.06 -15.22
CA THR A 990 10.75 59.45 -15.78
C THR A 990 10.59 59.05 -17.22
N MET A 991 11.69 58.86 -17.96
CA MET A 991 11.58 58.41 -19.33
C MET A 991 11.28 56.92 -19.40
N MET A 992 11.86 56.13 -18.51
CA MET A 992 11.64 54.69 -18.53
C MET A 992 10.22 54.34 -18.12
N LEU A 993 9.68 55.04 -17.12
CA LEU A 993 8.31 54.77 -16.72
C LEU A 993 7.33 55.08 -17.84
N ASN A 994 7.56 56.17 -18.56
CA ASN A 994 6.68 56.51 -19.69
C ASN A 994 6.83 55.54 -20.84
N LEU A 995 7.96 54.84 -20.95
CA LEU A 995 8.11 53.86 -22.01
C LEU A 995 7.32 52.59 -21.73
N VAL A 996 7.34 52.10 -20.49
CA VAL A 996 6.54 50.94 -20.15
C VAL A 996 5.07 51.29 -20.16
N ARG A 997 4.72 52.49 -19.72
CA ARG A 997 3.34 52.92 -19.68
C ARG A 997 2.76 53.21 -21.05
N TYR A 998 3.58 53.26 -22.10
CA TYR A 998 3.08 53.42 -23.46
C TYR A 998 2.90 52.08 -24.14
N VAL A 999 3.94 51.24 -24.15
CA VAL A 999 3.85 49.93 -24.77
C VAL A 999 2.82 49.06 -24.06
N ARG A 1000 2.44 49.42 -22.84
CA ARG A 1000 1.45 48.66 -22.09
C ARG A 1000 0.10 48.63 -22.79
N VAL A 1001 -0.15 49.54 -23.72
CA VAL A 1001 -1.46 49.70 -24.36
C VAL A 1001 -1.46 49.24 -25.81
N LEU A 1002 -0.32 48.79 -26.33
CA LEU A 1002 -0.26 48.41 -27.74
C LEU A 1002 -1.23 47.28 -28.05
N GLY A 1003 -1.29 46.27 -27.19
CA GLY A 1003 -2.17 45.14 -27.38
C GLY A 1003 -1.41 43.87 -27.69
N ASN A 1004 -2.13 42.91 -28.26
CA ASN A 1004 -1.59 41.60 -28.62
C ASN A 1004 -1.55 41.47 -30.13
N MET A 1005 -0.38 41.15 -30.66
CA MET A 1005 -0.16 40.99 -32.09
C MET A 1005 1.26 40.49 -32.28
N VAL A 1006 1.63 40.22 -33.53
CA VAL A 1006 3.00 39.82 -33.80
C VAL A 1006 3.94 41.00 -33.62
N HIS A 1007 3.48 42.22 -33.89
CA HIS A 1007 4.33 43.39 -33.76
C HIS A 1007 4.43 43.86 -32.31
N ALA A 1008 3.29 44.04 -31.65
CA ALA A 1008 3.31 44.55 -30.28
C ALA A 1008 4.11 43.63 -29.37
N ILE A 1009 3.96 42.32 -29.53
CA ILE A 1009 4.70 41.39 -28.69
C ILE A 1009 6.19 41.46 -28.94
N GLN A 1010 6.61 41.90 -30.13
CA GLN A 1010 8.03 42.05 -30.38
C GLN A 1010 8.60 43.29 -29.71
N ILE A 1011 7.83 44.38 -29.66
CA ILE A 1011 8.27 45.57 -28.94
C ILE A 1011 8.39 45.27 -27.46
N LYS A 1012 7.42 44.54 -26.91
CA LYS A 1012 7.45 44.25 -25.48
C LYS A 1012 8.67 43.44 -25.09
N THR A 1013 9.12 42.53 -25.96
CA THR A 1013 10.29 41.72 -25.64
C THR A 1013 11.54 42.58 -25.53
N LYS A 1014 11.71 43.53 -26.45
CA LYS A 1014 12.91 44.35 -26.43
C LYS A 1014 12.90 45.32 -25.25
N LEU A 1015 11.72 45.81 -24.87
CA LEU A 1015 11.64 46.68 -23.70
C LEU A 1015 12.05 45.95 -22.43
N CYS A 1016 11.77 44.63 -22.35
CA CYS A 1016 12.19 43.88 -21.17
C CYS A 1016 13.68 43.61 -21.16
N GLN A 1017 14.31 43.52 -22.34
CA GLN A 1017 15.76 43.32 -22.39
C GLN A 1017 16.53 44.59 -22.08
N LEU A 1018 15.93 45.76 -22.35
CA LEU A 1018 16.57 47.01 -21.96
C LEU A 1018 16.61 47.15 -20.44
N VAL A 1019 15.52 46.79 -19.76
CA VAL A 1019 15.49 46.92 -18.30
C VAL A 1019 16.58 46.06 -17.67
N GLU A 1020 16.84 44.88 -18.23
CA GLU A 1020 17.87 44.03 -17.68
C GLU A 1020 19.25 44.66 -17.81
N VAL A 1021 19.51 45.32 -18.93
CA VAL A 1021 20.77 46.06 -19.09
C VAL A 1021 20.78 47.29 -18.19
N MET A 1022 19.64 47.95 -18.00
CA MET A 1022 19.61 49.12 -17.16
C MET A 1022 19.92 48.78 -15.71
N MET A 1023 19.61 47.58 -15.27
CA MET A 1023 19.92 47.16 -13.91
C MET A 1023 21.34 46.65 -13.77
N ALA A 1024 22.04 46.39 -14.87
CA ALA A 1024 23.45 46.06 -14.81
C ALA A 1024 24.32 47.30 -14.61
N ARG A 1025 23.89 48.44 -15.13
CA ARG A 1025 24.59 49.71 -14.97
C ARG A 1025 24.02 50.56 -13.84
N ARG A 1026 23.37 49.94 -12.86
CA ARG A 1026 22.67 50.71 -11.84
C ARG A 1026 23.60 51.53 -10.96
N ASP A 1027 24.89 51.22 -10.94
CA ASP A 1027 25.83 51.95 -10.10
C ASP A 1027 26.50 53.11 -10.84
N ASP A 1028 26.17 53.32 -12.11
CA ASP A 1028 26.66 54.47 -12.88
C ASP A 1028 25.56 55.46 -13.21
N LEU A 1029 24.31 55.16 -12.87
CA LEU A 1029 23.18 56.04 -13.11
C LEU A 1029 22.80 56.78 -11.84
N SER A 1030 21.97 57.80 -12.00
CA SER A 1030 21.56 58.67 -10.91
C SER A 1030 20.05 58.55 -10.72
N PHE A 1031 19.64 58.26 -9.49
CA PHE A 1031 18.24 58.06 -9.15
C PHE A 1031 17.82 59.06 -8.09
N CYS A 1032 16.62 59.62 -8.25
CA CYS A 1032 16.04 60.47 -7.21
C CYS A 1032 15.31 59.66 -6.15
N GLN A 1033 14.66 58.56 -6.54
CA GLN A 1033 14.00 57.64 -5.62
C GLN A 1033 14.12 56.25 -6.23
N GLU A 1034 15.16 55.52 -5.84
CA GLU A 1034 15.42 54.23 -6.48
C GLU A 1034 14.48 53.15 -5.95
N MET A 1035 14.15 53.18 -4.66
CA MET A 1035 13.32 52.12 -4.10
C MET A 1035 11.92 52.14 -4.69
N LYS A 1036 11.33 53.31 -4.86
CA LYS A 1036 10.00 53.38 -5.45
C LYS A 1036 10.03 53.12 -6.95
N PHE A 1037 11.13 53.47 -7.61
CA PHE A 1037 11.25 53.20 -9.04
C PHE A 1037 11.33 51.70 -9.30
N ARG A 1038 12.14 50.98 -8.52
CA ARG A 1038 12.26 49.55 -8.72
C ARG A 1038 11.00 48.82 -8.29
N ASN A 1039 10.25 49.38 -7.34
CA ASN A 1039 9.00 48.78 -6.93
C ASN A 1039 7.90 48.99 -7.95
N LYS A 1040 7.89 50.15 -8.61
CA LYS A 1040 6.84 50.51 -9.54
C LYS A 1040 7.00 49.89 -10.91
N MET A 1041 8.11 49.21 -11.17
CA MET A 1041 8.30 48.48 -12.43
C MET A 1041 8.15 46.99 -12.26
N VAL A 1042 8.35 46.46 -11.05
CA VAL A 1042 7.97 45.09 -10.76
C VAL A 1042 6.46 44.94 -10.89
N GLU A 1043 5.72 45.98 -10.52
CA GLU A 1043 4.27 45.96 -10.66
C GLU A 1043 3.85 45.90 -12.12
N TYR A 1044 4.49 46.70 -12.97
CA TYR A 1044 4.10 46.75 -14.37
C TYR A 1044 4.49 45.48 -15.11
N LEU A 1045 5.72 45.00 -14.92
CA LEU A 1045 6.22 43.92 -15.75
C LEU A 1045 5.69 42.55 -15.34
N THR A 1046 5.05 42.44 -14.17
CA THR A 1046 4.46 41.18 -13.75
C THR A 1046 3.06 40.98 -14.32
N ASP A 1047 2.58 41.90 -15.16
CA ASP A 1047 1.29 41.73 -15.81
C ASP A 1047 1.40 41.08 -17.18
N TRP A 1048 2.58 41.03 -17.77
CA TRP A 1048 2.81 40.37 -19.04
C TRP A 1048 3.27 38.93 -18.88
N VAL A 1049 3.36 38.44 -17.65
CA VAL A 1049 3.95 37.14 -17.38
C VAL A 1049 2.87 36.08 -17.41
N MET A 1050 1.70 36.43 -17.94
CA MET A 1050 0.60 35.47 -18.06
C MET A 1050 1.08 34.19 -18.70
N GLY A 1051 0.78 33.07 -18.05
CA GLY A 1051 1.19 31.77 -18.54
C GLY A 1051 0.05 31.04 -19.22
N THR A 1052 0.40 30.13 -20.12
CA THR A 1052 -0.55 29.33 -20.90
C THR A 1052 -1.24 30.15 -21.97
N SER A 1053 -0.76 31.36 -22.24
CA SER A 1053 -1.40 32.21 -23.25
C SER A 1053 -1.33 31.57 -24.63
N ASN A 1054 -0.17 31.01 -24.99
CA ASN A 1054 -0.02 30.41 -26.32
C ASN A 1054 -1.00 29.26 -26.50
N GLN A 1055 -1.16 28.43 -25.47
CA GLN A 1055 -2.16 27.36 -25.55
C GLN A 1055 -3.56 27.93 -25.72
N ALA A 1056 -3.88 29.00 -24.99
CA ALA A 1056 -5.16 29.67 -25.17
C ALA A 1056 -5.19 30.47 -26.47
N ALA A 1057 -4.03 30.91 -26.95
CA ALA A 1057 -3.98 31.67 -28.20
C ALA A 1057 -4.49 30.84 -29.36
N ASP A 1058 -4.20 29.53 -29.36
CA ASP A 1058 -4.63 28.64 -30.43
C ASP A 1058 -4.01 29.03 -31.77
N ASP A 1059 -2.78 29.55 -31.73
CA ASP A 1059 -2.06 29.95 -32.93
C ASP A 1059 -0.64 29.42 -32.87
N ASP A 1060 -0.11 29.04 -34.03
CA ASP A 1060 1.26 28.55 -34.09
C ASP A 1060 2.27 29.68 -34.16
N VAL A 1061 1.86 30.85 -34.66
CA VAL A 1061 2.75 32.00 -34.71
C VAL A 1061 2.90 32.67 -33.35
N LYS A 1062 2.05 32.35 -32.40
CA LYS A 1062 2.10 32.93 -31.06
C LYS A 1062 3.09 32.21 -30.15
N CYS A 1063 4.02 31.45 -30.72
CA CYS A 1063 5.14 30.95 -29.93
C CYS A 1063 5.98 32.09 -29.38
N LEU A 1064 5.83 33.31 -29.92
CA LEU A 1064 6.53 34.46 -29.38
C LEU A 1064 6.13 34.72 -27.93
N THR A 1065 4.84 34.58 -27.62
CA THR A 1065 4.39 34.87 -26.26
C THR A 1065 5.10 34.00 -25.23
N ARG A 1066 5.64 32.86 -25.65
CA ARG A 1066 6.52 32.10 -24.77
C ARG A 1066 7.81 32.86 -24.49
N ASP A 1067 8.38 33.50 -25.52
CA ASP A 1067 9.60 34.26 -25.33
C ASP A 1067 9.38 35.49 -24.46
N LEU A 1068 8.19 36.07 -24.50
CA LEU A 1068 7.91 37.23 -23.66
C LEU A 1068 7.94 36.85 -22.18
N ASP A 1069 7.42 35.67 -21.84
CA ASP A 1069 7.49 35.22 -20.45
C ASP A 1069 8.93 35.03 -20.01
N GLN A 1070 9.77 34.47 -20.87
CA GLN A 1070 11.17 34.30 -20.52
C GLN A 1070 11.85 35.67 -20.33
N ALA A 1071 11.53 36.62 -21.20
CA ALA A 1071 12.13 37.95 -21.08
C ALA A 1071 11.67 38.64 -19.80
N SER A 1072 10.37 38.57 -19.50
CA SER A 1072 9.84 39.29 -18.34
C SER A 1072 10.38 38.74 -17.04
N MET A 1073 10.54 37.42 -16.95
CA MET A 1073 11.07 36.85 -15.72
C MET A 1073 12.54 37.17 -15.52
N GLU A 1074 13.31 37.21 -16.61
CA GLU A 1074 14.72 37.59 -16.47
C GLU A 1074 14.84 39.04 -15.99
N ALA A 1075 13.96 39.92 -16.46
CA ALA A 1075 13.95 41.29 -15.97
C ALA A 1075 13.53 41.35 -14.51
N VAL A 1076 12.48 40.62 -14.12
CA VAL A 1076 11.96 40.73 -12.76
C VAL A 1076 12.96 40.18 -11.75
N VAL A 1077 13.73 39.17 -12.12
CA VAL A 1077 14.75 38.64 -11.21
C VAL A 1077 15.77 39.72 -10.88
N SER A 1078 16.14 40.55 -11.87
CA SER A 1078 17.18 41.55 -11.65
C SER A 1078 16.66 42.74 -10.84
N LEU A 1079 15.35 43.02 -10.90
CA LEU A 1079 14.79 44.13 -10.15
C LEU A 1079 14.62 43.82 -8.67
N LEU A 1080 14.53 42.55 -8.30
CA LEU A 1080 14.23 42.15 -6.92
C LEU A 1080 15.48 41.92 -6.09
N ALA A 1081 16.67 42.06 -6.65
CA ALA A 1081 17.90 41.76 -5.92
C ALA A 1081 18.14 42.84 -4.88
N GLY A 1082 17.95 42.51 -3.61
CA GLY A 1082 18.14 43.47 -2.54
C GLY A 1082 17.13 44.59 -2.54
N LEU A 1083 15.86 44.28 -2.78
CA LEU A 1083 14.81 45.29 -2.90
C LEU A 1083 13.80 45.17 -1.78
N PRO A 1084 13.83 46.04 -0.77
CA PRO A 1084 12.73 46.08 0.19
C PRO A 1084 11.42 46.43 -0.52
N LEU A 1085 10.34 45.81 -0.05
CA LEU A 1085 9.01 46.06 -0.61
C LEU A 1085 8.41 47.30 0.03
N GLN A 1086 7.79 48.14 -0.81
CA GLN A 1086 7.17 49.37 -0.34
C GLN A 1086 5.75 49.43 -0.90
N PRO A 1087 4.72 49.48 -0.05
CA PRO A 1087 3.36 49.70 -0.56
C PRO A 1087 3.17 51.16 -0.94
N GLU A 1088 2.64 51.39 -2.14
CA GLU A 1088 2.38 52.76 -2.56
C GLU A 1088 1.39 53.40 -1.60
N GLU A 1089 1.84 54.39 -0.85
CA GLU A 1089 1.06 54.95 0.23
C GLU A 1089 -0.19 55.64 -0.32
N GLY A 1090 -1.03 56.11 0.60
CA GLY A 1090 -2.31 56.69 0.26
C GLY A 1090 -3.51 55.85 0.66
N ASP A 1091 -3.32 54.79 1.44
CA ASP A 1091 -4.40 53.92 1.87
C ASP A 1091 -4.38 53.77 3.37
N GLY A 1092 -5.54 53.43 3.93
CA GLY A 1092 -5.67 53.34 5.38
C GLY A 1092 -4.82 52.24 6.00
N VAL A 1093 -4.64 51.12 5.28
CA VAL A 1093 -3.94 49.98 5.85
C VAL A 1093 -2.59 50.41 6.42
N GLU A 1094 -2.26 49.87 7.59
CA GLU A 1094 -1.02 50.21 8.26
C GLU A 1094 0.16 49.64 7.48
N LEU A 1095 1.35 50.16 7.79
CA LEU A 1095 2.53 49.81 7.00
C LEU A 1095 2.86 48.32 7.11
N MET A 1096 2.97 47.81 8.34
CA MET A 1096 3.38 46.43 8.53
C MET A 1096 2.39 45.47 7.88
N GLU A 1097 1.10 45.71 8.05
CA GLU A 1097 0.10 44.82 7.47
C GLU A 1097 0.02 45.00 5.95
N ALA A 1098 0.38 46.19 5.45
CA ALA A 1098 0.33 46.41 4.01
C ALA A 1098 1.45 45.69 3.29
N LYS A 1099 2.64 45.62 3.90
CA LYS A 1099 3.74 44.92 3.26
C LYS A 1099 3.47 43.42 3.19
N SER A 1100 2.88 42.85 4.23
CA SER A 1100 2.60 41.42 4.21
C SER A 1100 1.62 41.06 3.10
N GLN A 1101 0.57 41.86 2.92
CA GLN A 1101 -0.34 41.60 1.82
C GLN A 1101 0.36 41.70 0.47
N LEU A 1102 1.41 42.53 0.39
CA LEU A 1102 2.13 42.71 -0.86
C LEU A 1102 3.05 41.53 -1.16
N PHE A 1103 3.71 40.99 -0.13
CA PHE A 1103 4.55 39.82 -0.33
C PHE A 1103 3.72 38.63 -0.79
N LEU A 1104 2.54 38.45 -0.21
CA LEU A 1104 1.68 37.34 -0.61
C LEU A 1104 1.27 37.44 -2.06
N LYS A 1105 1.03 38.67 -2.55
CA LYS A 1105 0.59 38.83 -3.93
C LYS A 1105 1.64 38.31 -4.91
N TYR A 1106 2.91 38.64 -4.68
CA TYR A 1106 3.97 38.19 -5.57
C TYR A 1106 4.28 36.72 -5.38
N PHE A 1107 4.25 36.24 -4.13
CA PHE A 1107 4.56 34.84 -3.87
C PHE A 1107 3.56 33.91 -4.56
N THR A 1108 2.26 34.15 -4.35
CA THR A 1108 1.27 33.30 -4.99
C THR A 1108 1.36 33.34 -6.50
N LEU A 1109 1.80 34.47 -7.06
CA LEU A 1109 1.94 34.57 -8.50
C LEU A 1109 3.03 33.63 -9.00
N PHE A 1110 4.17 33.60 -8.33
CA PHE A 1110 5.27 32.75 -8.76
C PHE A 1110 4.94 31.28 -8.56
N MET A 1111 4.25 30.94 -7.47
CA MET A 1111 3.86 29.56 -7.25
C MET A 1111 2.97 29.04 -8.36
N ASN A 1112 1.97 29.83 -8.76
CA ASN A 1112 1.11 29.41 -9.86
C ASN A 1112 1.92 29.17 -11.14
N LEU A 1113 2.86 30.06 -11.44
CA LEU A 1113 3.72 29.86 -12.58
C LEU A 1113 4.60 28.63 -12.41
N LEU A 1114 5.00 28.34 -11.17
CA LEU A 1114 5.86 27.19 -10.91
C LEU A 1114 5.14 25.87 -11.18
N ASN A 1115 3.86 25.79 -10.81
CA ASN A 1115 3.11 24.55 -11.02
C ASN A 1115 2.95 24.25 -12.50
N ASP A 1116 2.69 25.27 -13.32
CA ASP A 1116 2.46 25.06 -14.74
C ASP A 1116 3.72 24.65 -15.50
N CYS A 1117 4.89 24.71 -14.87
CA CYS A 1117 6.14 24.29 -15.49
C CYS A 1117 6.52 22.87 -15.10
N SER A 1118 5.63 22.14 -14.44
CA SER A 1118 5.90 20.74 -14.13
C SER A 1118 5.98 19.92 -15.41
N GLU A 1119 6.84 18.91 -15.38
CA GLU A 1119 7.07 18.11 -16.58
C GLU A 1119 5.77 17.52 -17.11
N VAL A 1120 4.89 17.06 -16.21
CA VAL A 1120 3.62 16.50 -16.66
C VAL A 1120 2.80 17.56 -17.38
N GLU A 1121 2.80 18.79 -16.88
CA GLU A 1121 2.06 19.88 -17.52
C GLU A 1121 2.91 20.56 -18.58
N MET A 1134 9.46 21.23 -25.90
CA MET A 1134 9.39 22.29 -24.91
C MET A 1134 10.08 21.87 -23.62
N SER A 1135 10.81 20.76 -23.67
CA SER A 1135 11.54 20.31 -22.49
C SER A 1135 12.61 21.30 -22.08
N ARG A 1136 13.08 22.14 -23.00
CA ARG A 1136 14.07 23.17 -22.68
C ARG A 1136 13.43 24.47 -22.22
N ARG A 1137 12.34 24.89 -22.89
CA ARG A 1137 11.70 26.14 -22.50
C ARG A 1137 11.18 26.08 -21.08
N LEU A 1138 10.56 24.96 -20.69
CA LEU A 1138 10.07 24.82 -19.32
C LEU A 1138 11.22 24.72 -18.33
N ALA A 1139 12.36 24.17 -18.75
CA ALA A 1139 13.50 24.06 -17.85
C ALA A 1139 14.04 25.44 -17.49
N SER A 1140 14.20 26.31 -18.47
CA SER A 1140 14.71 27.65 -18.21
C SER A 1140 13.70 28.47 -17.40
N LEU A 1141 12.45 28.51 -17.85
CA LEU A 1141 11.46 29.33 -17.17
C LEU A 1141 11.25 28.89 -15.73
N ARG A 1142 11.33 27.58 -15.48
CA ARG A 1142 11.19 27.10 -14.11
C ARG A 1142 12.40 27.47 -13.27
N HIS A 1143 13.59 27.52 -13.86
CA HIS A 1143 14.78 27.92 -13.12
C HIS A 1143 14.68 29.38 -12.68
N CYS A 1144 14.19 30.25 -13.55
CA CYS A 1144 14.10 31.66 -13.20
C CYS A 1144 13.08 31.90 -12.10
N THR A 1145 11.93 31.23 -12.15
CA THR A 1145 10.89 31.47 -11.16
C THR A 1145 11.38 31.12 -9.76
N VAL A 1146 12.17 30.05 -9.64
CA VAL A 1146 12.73 29.71 -8.34
C VAL A 1146 13.84 30.66 -7.92
N LEU A 1147 14.44 31.38 -8.87
CA LEU A 1147 15.46 32.36 -8.55
C LEU A 1147 14.88 33.75 -8.30
N ALA A 1148 13.57 33.93 -8.51
CA ALA A 1148 12.91 35.18 -8.17
C ALA A 1148 12.23 35.11 -6.81
N MET A 1149 11.80 33.93 -6.38
CA MET A 1149 11.32 33.77 -5.01
C MET A 1149 12.47 33.81 -4.00
N SER A 1150 13.66 33.41 -4.43
CA SER A 1150 14.82 33.53 -3.56
C SER A 1150 15.12 34.99 -3.25
N ASN A 1151 15.08 35.85 -4.27
CA ASN A 1151 15.40 37.25 -4.07
C ASN A 1151 14.31 37.96 -3.28
N LEU A 1152 13.05 37.62 -3.54
CA LEU A 1152 11.95 38.26 -2.81
C LEU A 1152 12.03 37.96 -1.32
N LEU A 1153 12.32 36.71 -0.96
CA LEU A 1153 12.40 36.33 0.44
C LEU A 1153 13.68 36.81 1.09
N ASN A 1154 14.79 36.83 0.35
CA ASN A 1154 16.07 37.18 0.94
C ASN A 1154 16.07 38.57 1.54
N ALA A 1155 15.26 39.48 1.01
CA ALA A 1155 15.25 40.87 1.44
C ALA A 1155 14.08 41.20 2.37
N ASN A 1156 13.17 40.26 2.61
CA ASN A 1156 11.94 40.52 3.34
C ASN A 1156 11.66 39.40 4.33
N VAL A 1157 12.70 38.97 5.06
CA VAL A 1157 12.54 37.80 5.94
C VAL A 1157 11.44 38.05 6.95
N ASP A 1158 11.43 39.22 7.59
CA ASP A 1158 10.40 39.52 8.58
C ASP A 1158 9.02 39.57 7.94
N SER A 1159 8.91 40.20 6.77
CA SER A 1159 7.60 40.43 6.18
C SER A 1159 6.99 39.16 5.61
N GLY A 1160 7.80 38.24 5.09
CA GLY A 1160 7.26 37.13 4.33
C GLY A 1160 7.88 35.78 4.59
N LEU A 1161 8.37 35.54 5.81
CA LEU A 1161 8.80 34.19 6.15
C LEU A 1161 7.61 33.27 6.41
N MET A 1162 6.54 33.82 6.99
CA MET A 1162 5.38 32.99 7.33
C MET A 1162 4.77 32.37 6.07
N HIS A 1163 4.66 33.14 4.99
CA HIS A 1163 4.02 32.64 3.78
C HIS A 1163 4.88 31.61 3.05
N SER A 1164 6.15 31.49 3.39
CA SER A 1164 7.09 30.66 2.64
C SER A 1164 7.40 29.32 3.30
N ILE A 1165 7.13 29.17 4.60
CA ILE A 1165 7.53 27.96 5.31
C ILE A 1165 6.98 26.70 4.62
N GLY A 1166 5.89 26.82 3.89
CA GLY A 1166 5.30 25.66 3.25
C GLY A 1166 6.02 25.18 2.02
N LEU A 1167 7.12 25.83 1.63
CA LEU A 1167 7.91 25.38 0.49
C LEU A 1167 8.77 24.17 0.82
N GLY A 1168 8.90 23.79 2.09
CA GLY A 1168 9.71 22.67 2.47
C GLY A 1168 9.07 21.31 2.25
N TYR A 1169 7.79 21.28 1.89
CA TYR A 1169 7.09 20.03 1.61
C TYR A 1169 6.55 20.01 0.19
N HIS A 1170 7.22 20.71 -0.73
CA HIS A 1170 6.72 20.84 -2.09
C HIS A 1170 6.71 19.47 -2.78
N LYS A 1171 6.00 19.42 -3.90
CA LYS A 1171 5.95 18.20 -4.70
C LYS A 1171 7.19 18.04 -5.58
N ASP A 1172 7.96 19.10 -5.77
CA ASP A 1172 9.15 19.07 -6.62
C ASP A 1172 10.38 19.04 -5.73
N LEU A 1173 11.16 17.95 -5.83
CA LEU A 1173 12.30 17.78 -4.94
C LEU A 1173 13.41 18.77 -5.23
N GLN A 1174 13.50 19.29 -6.46
CA GLN A 1174 14.51 20.29 -6.77
C GLN A 1174 14.15 21.66 -6.24
N THR A 1175 12.87 21.93 -6.01
CA THR A 1175 12.47 23.19 -5.39
C THR A 1175 12.69 23.18 -3.88
N ARG A 1176 12.56 22.01 -3.25
CA ARG A 1176 12.81 21.92 -1.83
C ARG A 1176 14.28 22.08 -1.51
N ALA A 1177 15.17 21.64 -2.41
CA ALA A 1177 16.60 21.79 -2.18
C ALA A 1177 17.00 23.26 -2.19
N THR A 1178 16.50 24.01 -3.17
CA THR A 1178 16.85 25.43 -3.26
C THR A 1178 16.35 26.20 -2.06
N PHE A 1179 15.13 25.91 -1.61
CA PHE A 1179 14.57 26.64 -0.47
C PHE A 1179 15.37 26.40 0.81
N MET A 1180 16.00 25.24 0.93
CA MET A 1180 16.75 24.93 2.14
C MET A 1180 18.17 25.47 2.12
N GLU A 1181 18.62 25.99 0.98
CA GLU A 1181 19.86 26.75 0.94
C GLU A 1181 19.65 28.22 1.26
N VAL A 1182 18.48 28.76 0.97
CA VAL A 1182 18.17 30.13 1.33
C VAL A 1182 18.00 30.26 2.84
N LEU A 1183 17.27 29.32 3.45
CA LEU A 1183 17.12 29.33 4.91
C LEU A 1183 18.47 29.23 5.60
N THR A 1184 19.43 28.53 5.00
CA THR A 1184 20.75 28.42 5.61
C THR A 1184 21.46 29.77 5.63
N LYS A 1185 21.38 30.53 4.54
CA LYS A 1185 22.02 31.83 4.48
C LYS A 1185 21.45 32.78 5.52
N ILE A 1186 20.12 32.82 5.64
CA ILE A 1186 19.48 33.73 6.58
C ILE A 1186 19.95 33.46 8.00
N LEU A 1187 20.03 32.18 8.38
CA LEU A 1187 20.42 31.84 9.74
C LEU A 1187 21.83 32.33 10.07
N GLN A 1188 22.73 32.27 9.09
CA GLN A 1188 24.12 32.63 9.35
C GLN A 1188 24.32 34.12 9.46
N GLN A 1189 23.37 34.93 9.00
CA GLN A 1189 23.46 36.38 9.13
C GLN A 1189 22.73 36.84 10.38
N GLY A 1190 23.40 37.68 11.18
CA GLY A 1190 22.76 38.20 12.37
C GLY A 1190 21.53 39.01 12.03
N THR A 1191 20.55 38.96 12.92
CA THR A 1191 19.28 39.66 12.68
C THR A 1191 19.52 41.15 12.49
N GLU A 1192 20.34 41.75 13.36
CA GLU A 1192 20.77 43.13 13.19
C GLU A 1192 22.28 43.21 13.36
N PHE A 1193 22.82 44.42 13.44
CA PHE A 1193 24.27 44.58 13.56
C PHE A 1193 24.80 43.75 14.72
N ASP A 1194 24.23 43.91 15.91
CA ASP A 1194 24.60 43.16 17.10
C ASP A 1194 26.09 43.31 17.44
N THR A 1195 26.76 44.32 16.88
CA THR A 1195 28.19 44.51 17.08
C THR A 1195 28.97 43.24 16.76
N LEU A 1196 28.51 42.51 15.75
CA LEU A 1196 29.13 41.25 15.35
C LEU A 1196 29.98 41.36 14.10
N ALA A 1197 30.01 42.53 13.44
CA ALA A 1197 30.85 42.69 12.26
C ALA A 1197 32.32 42.57 12.62
N GLU A 1198 32.72 43.13 13.77
CA GLU A 1198 34.11 43.09 14.20
C GLU A 1198 34.53 41.72 14.68
N THR A 1199 33.59 40.79 14.89
CA THR A 1199 33.92 39.46 15.39
C THR A 1199 33.56 38.36 14.39
N VAL A 1200 32.33 38.35 13.89
CA VAL A 1200 31.88 37.26 13.02
C VAL A 1200 32.63 37.31 11.69
N LEU A 1201 32.73 38.49 11.08
CA LEU A 1201 33.28 38.65 9.74
C LEU A 1201 34.68 39.23 9.73
N ALA A 1202 35.22 39.62 10.89
CA ALA A 1202 36.55 40.24 10.90
C ALA A 1202 37.61 39.30 10.37
N ASP A 1203 37.57 38.03 10.77
CA ASP A 1203 38.55 37.04 10.35
C ASP A 1203 38.11 36.27 9.12
N ARG A 1204 36.91 36.50 8.61
CA ARG A 1204 36.46 35.77 7.43
C ARG A 1204 37.28 36.16 6.20
N PHE A 1205 37.56 37.45 6.04
CA PHE A 1205 38.30 37.96 4.90
C PHE A 1205 39.75 38.29 5.24
N GLU A 1206 40.23 37.92 6.42
CA GLU A 1206 41.61 38.20 6.78
C GLU A 1206 42.57 37.57 5.79
N ARG A 1207 42.25 36.37 5.30
CA ARG A 1207 43.13 35.70 4.36
C ARG A 1207 43.09 36.35 2.98
N LEU A 1208 41.98 37.03 2.66
CA LEU A 1208 41.86 37.66 1.34
C LEU A 1208 42.88 38.77 1.19
N VAL A 1209 42.95 39.68 2.16
CA VAL A 1209 43.85 40.83 2.04
C VAL A 1209 45.30 40.36 2.04
N GLU A 1210 45.63 39.37 2.87
CA GLU A 1210 46.99 38.85 2.90
C GLU A 1210 47.40 38.29 1.55
N LEU A 1211 46.43 37.83 0.75
CA LEU A 1211 46.76 37.29 -0.56
C LEU A 1211 47.20 38.39 -1.52
N VAL A 1212 46.44 39.49 -1.57
CA VAL A 1212 46.75 40.56 -2.52
C VAL A 1212 48.02 41.29 -2.10
N THR A 1213 48.20 41.52 -0.80
CA THR A 1213 49.41 42.14 -0.30
C THR A 1213 50.60 41.20 -0.30
N MET A 1214 50.46 40.01 -0.88
CA MET A 1214 51.58 39.09 -0.97
C MET A 1214 52.80 39.78 -1.57
N MET A 1215 53.88 39.83 -0.80
CA MET A 1215 55.13 40.44 -1.24
C MET A 1215 55.82 39.46 -2.17
N GLY A 1216 55.33 39.41 -3.41
CA GLY A 1216 55.91 38.55 -4.42
C GLY A 1216 57.41 38.78 -4.51
N ASP A 1217 58.18 37.70 -4.71
CA ASP A 1217 59.63 37.79 -4.70
C ASP A 1217 60.10 38.99 -5.53
N GLN A 1218 61.10 39.69 -5.00
CA GLN A 1218 61.61 40.94 -5.54
C GLN A 1218 60.61 42.08 -5.41
N GLY A 1219 59.55 41.90 -4.62
CA GLY A 1219 58.54 42.94 -4.47
C GLY A 1219 57.83 43.23 -5.77
N GLU A 1220 57.14 42.24 -6.33
CA GLU A 1220 56.46 42.38 -7.61
C GLU A 1220 54.94 42.44 -7.48
N LEU A 1221 54.37 41.95 -6.39
CA LEU A 1221 52.93 41.99 -6.18
C LEU A 1221 52.21 41.42 -7.38
N PRO A 1222 52.28 40.10 -7.61
CA PRO A 1222 51.64 39.54 -8.82
C PRO A 1222 50.15 39.79 -8.88
N ILE A 1223 49.44 39.73 -7.76
CA ILE A 1223 47.98 39.88 -7.79
C ILE A 1223 47.61 41.31 -8.12
N ALA A 1224 48.25 42.28 -7.46
CA ALA A 1224 47.93 43.69 -7.72
C ALA A 1224 48.23 44.04 -9.17
N MET A 1225 49.44 43.72 -9.64
CA MET A 1225 49.81 44.05 -11.02
C MET A 1225 48.90 43.33 -12.02
N ALA A 1226 48.62 42.05 -11.77
CA ALA A 1226 47.72 41.32 -12.65
C ALA A 1226 46.35 41.96 -12.67
N LEU A 1227 45.86 42.38 -11.50
CA LEU A 1227 44.55 43.02 -11.43
C LEU A 1227 44.52 44.29 -12.26
N ALA A 1228 45.62 45.03 -12.31
CA ALA A 1228 45.66 46.28 -13.04
C ALA A 1228 45.43 46.07 -14.53
N ASN A 1229 46.05 45.04 -15.11
CA ASN A 1229 46.04 44.88 -16.56
C ASN A 1229 44.66 44.48 -17.06
N VAL A 1230 44.04 43.49 -16.43
CA VAL A 1230 42.85 42.84 -17.01
C VAL A 1230 41.54 43.55 -16.68
N VAL A 1231 41.53 44.46 -15.72
CA VAL A 1231 40.27 45.13 -15.38
C VAL A 1231 39.88 46.06 -16.53
N PRO A 1232 38.59 46.21 -16.83
CA PRO A 1232 38.19 47.16 -17.87
C PRO A 1232 38.57 48.58 -17.50
N CYS A 1233 38.80 49.40 -18.53
CA CYS A 1233 39.18 50.79 -18.30
C CYS A 1233 38.07 51.55 -17.58
N SER A 1234 36.82 51.24 -17.90
CA SER A 1234 35.70 51.93 -17.26
C SER A 1234 35.73 51.77 -15.74
N GLN A 1235 36.36 50.70 -15.25
CA GLN A 1235 36.41 50.41 -13.82
C GLN A 1235 37.72 50.87 -13.18
N TRP A 1236 38.52 51.65 -13.89
CA TRP A 1236 39.81 52.08 -13.34
C TRP A 1236 39.66 53.06 -12.19
N ASP A 1237 38.57 53.83 -12.14
CA ASP A 1237 38.35 54.71 -11.01
C ASP A 1237 38.12 53.91 -9.73
N GLU A 1238 37.36 52.82 -9.82
CA GLU A 1238 37.13 51.99 -8.65
C GLU A 1238 38.41 51.33 -8.17
N LEU A 1239 39.23 50.84 -9.11
CA LEU A 1239 40.43 50.09 -8.73
C LEU A 1239 41.42 50.96 -7.98
N ALA A 1240 41.59 52.22 -8.41
CA ALA A 1240 42.56 53.09 -7.75
C ALA A 1240 42.19 53.33 -6.29
N ARG A 1241 40.90 53.55 -6.01
CA ARG A 1241 40.47 53.77 -4.64
C ARG A 1241 40.71 52.55 -3.77
N VAL A 1242 40.36 51.37 -4.29
CA VAL A 1242 40.46 50.15 -3.49
C VAL A 1242 41.92 49.81 -3.20
N LEU A 1243 42.77 49.87 -4.23
CA LEU A 1243 44.17 49.50 -4.05
C LEU A 1243 44.87 50.45 -3.08
N VAL A 1244 44.71 51.76 -3.28
CA VAL A 1244 45.42 52.72 -2.45
C VAL A 1244 44.96 52.61 -1.00
N THR A 1245 43.65 52.50 -0.79
CA THR A 1245 43.13 52.40 0.57
C THR A 1245 43.63 51.13 1.24
N LEU A 1246 43.61 50.01 0.53
CA LEU A 1246 44.00 48.74 1.13
C LEU A 1246 45.47 48.74 1.54
N PHE A 1247 46.37 49.00 0.58
CA PHE A 1247 47.79 48.91 0.88
C PHE A 1247 48.19 49.88 1.99
N ASP A 1248 47.68 51.10 1.95
CA ASP A 1248 48.03 52.07 2.97
C ASP A 1248 47.62 51.58 4.36
N SER A 1249 46.43 50.98 4.46
CA SER A 1249 45.99 50.43 5.74
C SER A 1249 46.95 49.38 6.27
N ARG A 1250 47.69 48.71 5.38
CA ARG A 1250 48.68 47.73 5.78
C ARG A 1250 50.08 48.32 5.93
N HIS A 1251 50.23 49.63 5.73
CA HIS A 1251 51.54 50.30 5.83
C HIS A 1251 52.50 49.78 4.78
N LEU A 1252 52.03 49.73 3.53
CA LEU A 1252 52.86 49.32 2.40
C LEU A 1252 52.61 50.21 1.19
N LEU A 1253 52.22 51.46 1.40
CA LEU A 1253 51.83 52.31 0.28
C LEU A 1253 53.00 52.53 -0.67
N TYR A 1254 54.20 52.75 -0.13
CA TYR A 1254 55.37 52.93 -0.99
C TYR A 1254 55.56 51.75 -1.92
N GLN A 1255 55.31 50.54 -1.43
CA GLN A 1255 55.52 49.35 -2.24
C GLN A 1255 54.63 49.36 -3.48
N LEU A 1256 53.36 49.72 -3.31
CA LEU A 1256 52.45 49.76 -4.46
C LEU A 1256 52.90 50.79 -5.48
N LEU A 1257 53.23 52.00 -5.02
CA LEU A 1257 53.60 53.07 -5.94
C LEU A 1257 54.89 52.75 -6.68
N TRP A 1258 55.88 52.20 -5.98
CA TRP A 1258 57.16 51.92 -6.62
C TRP A 1258 56.98 51.01 -7.83
N ASN A 1259 56.06 50.04 -7.73
CA ASN A 1259 55.78 49.16 -8.85
C ASN A 1259 54.85 49.77 -9.88
N MET A 1260 54.21 50.90 -9.56
CA MET A 1260 53.19 51.48 -10.42
C MET A 1260 53.75 52.60 -11.29
N PHE A 1261 54.46 53.56 -10.69
CA PHE A 1261 55.04 54.65 -11.48
C PHE A 1261 56.30 54.21 -12.22
N SER A 1262 57.07 53.28 -11.64
CA SER A 1262 58.32 52.88 -12.25
C SER A 1262 58.14 52.45 -13.70
N LYS A 1263 57.09 51.67 -13.97
CA LYS A 1263 56.89 51.14 -15.32
C LYS A 1263 56.72 52.27 -16.34
N GLU A 1264 55.80 53.19 -16.08
CA GLU A 1264 55.52 54.24 -17.05
C GLU A 1264 56.71 55.18 -17.21
N VAL A 1265 57.37 55.54 -16.11
CA VAL A 1265 58.51 56.45 -16.19
C VAL A 1265 59.60 55.86 -17.06
N GLU A 1266 59.93 54.59 -16.84
CA GLU A 1266 60.95 53.94 -17.66
C GLU A 1266 60.40 53.58 -19.04
N LEU A 1267 59.13 53.17 -19.11
CA LEU A 1267 58.53 52.79 -20.39
C LEU A 1267 58.50 53.97 -21.35
N ALA A 1268 58.13 55.15 -20.85
CA ALA A 1268 57.97 56.34 -21.68
C ALA A 1268 58.90 57.44 -21.19
N ASP A 1269 59.55 58.12 -22.13
CA ASP A 1269 60.43 59.24 -21.79
C ASP A 1269 59.65 60.43 -21.22
N SER A 1270 58.33 60.45 -21.36
CA SER A 1270 57.54 61.54 -20.81
C SER A 1270 57.65 61.63 -19.30
N MET A 1271 58.08 60.55 -18.64
CA MET A 1271 58.25 60.51 -17.18
C MET A 1271 57.12 61.23 -16.48
N GLN A 1272 57.42 62.28 -15.71
CA GLN A 1272 56.38 62.95 -14.93
C GLN A 1272 55.25 63.46 -15.82
N THR A 1273 55.56 63.81 -17.07
CA THR A 1273 54.52 64.38 -17.93
C THR A 1273 53.40 63.40 -18.20
N LEU A 1274 53.69 62.10 -18.22
CA LEU A 1274 52.67 61.12 -18.60
C LEU A 1274 51.62 60.92 -17.51
N PHE A 1275 51.90 61.33 -16.27
CA PHE A 1275 50.96 61.12 -15.17
C PHE A 1275 49.81 62.12 -15.18
N ARG A 1276 49.70 62.95 -16.22
CA ARG A 1276 48.60 63.91 -16.33
C ARG A 1276 47.69 63.61 -17.52
N GLY A 1277 47.78 62.42 -18.09
CA GLY A 1277 46.83 61.96 -19.09
C GLY A 1277 45.73 61.13 -18.46
N ASN A 1278 45.28 60.12 -19.21
CA ASN A 1278 44.29 59.16 -18.71
C ASN A 1278 44.93 57.78 -18.70
N SER A 1279 45.19 57.28 -17.49
CA SER A 1279 45.79 55.96 -17.32
C SER A 1279 45.77 55.64 -15.83
N LEU A 1280 45.81 54.34 -15.53
CA LEU A 1280 45.67 53.93 -14.13
C LEU A 1280 46.72 54.57 -13.25
N ALA A 1281 47.96 54.67 -13.73
CA ALA A 1281 49.01 55.28 -12.92
C ALA A 1281 48.71 56.75 -12.61
N SER A 1282 48.00 57.43 -13.50
CA SER A 1282 47.64 58.82 -13.26
C SER A 1282 46.48 58.95 -12.29
N LYS A 1283 45.55 58.00 -12.30
CA LYS A 1283 44.38 58.11 -11.44
C LYS A 1283 44.73 57.85 -9.98
N ILE A 1284 45.75 57.04 -9.73
CA ILE A 1284 46.23 56.86 -8.36
C ILE A 1284 46.83 58.16 -7.84
N MET A 1285 47.47 58.95 -8.70
CA MET A 1285 47.99 60.24 -8.29
C MET A 1285 46.87 61.19 -7.92
N THR A 1286 45.84 61.28 -8.77
CA THR A 1286 44.73 62.17 -8.49
C THR A 1286 44.06 61.84 -7.18
N PHE A 1287 43.87 60.54 -6.90
CA PHE A 1287 43.22 60.14 -5.65
C PHE A 1287 44.03 60.59 -4.45
N CYS A 1288 45.36 60.41 -4.49
CA CYS A 1288 46.18 60.77 -3.33
C CYS A 1288 46.14 62.27 -3.07
N PHE A 1289 46.24 63.08 -4.12
CA PHE A 1289 46.17 64.52 -3.92
C PHE A 1289 44.80 64.94 -3.41
N LYS A 1290 43.73 64.38 -3.97
CA LYS A 1290 42.40 64.87 -3.70
C LYS A 1290 41.89 64.45 -2.32
N VAL A 1291 42.36 63.32 -1.79
CA VAL A 1291 41.87 62.80 -0.52
C VAL A 1291 42.80 63.15 0.62
N TYR A 1292 44.11 63.06 0.42
CA TYR A 1292 45.07 63.26 1.49
C TYR A 1292 45.61 64.69 1.56
N GLY A 1293 45.48 65.46 0.48
CA GLY A 1293 46.05 66.80 0.45
C GLY A 1293 45.03 67.91 0.58
N ALA A 1294 43.74 67.59 0.47
CA ALA A 1294 42.71 68.62 0.52
C ALA A 1294 42.74 69.37 1.85
N THR A 1295 42.97 68.65 2.95
CA THR A 1295 43.01 69.30 4.25
C THR A 1295 44.30 70.10 4.45
N TYR A 1296 45.37 69.71 3.77
CA TYR A 1296 46.61 70.46 3.89
C TYR A 1296 46.45 71.88 3.36
N LEU A 1297 45.79 72.03 2.21
CA LEU A 1297 45.65 73.34 1.60
C LEU A 1297 44.68 74.23 2.38
N GLN A 1298 43.60 73.66 2.89
CA GLN A 1298 42.59 74.47 3.57
C GLN A 1298 43.18 75.16 4.80
N LYS A 1299 43.98 74.44 5.58
CA LYS A 1299 44.60 75.04 6.75
C LYS A 1299 45.70 76.01 6.42
N LEU A 1300 46.13 76.07 5.15
CA LEU A 1300 47.24 76.91 4.73
C LEU A 1300 46.74 78.22 4.13
N LEU A 1301 45.91 78.15 3.10
CA LEU A 1301 45.47 79.33 2.37
C LEU A 1301 44.29 80.04 3.02
N ASP A 1302 43.61 79.42 3.98
CA ASP A 1302 42.41 80.03 4.54
C ASP A 1302 42.71 81.34 5.25
N PRO A 1303 43.60 81.41 6.23
CA PRO A 1303 43.84 82.70 6.90
C PRO A 1303 44.37 83.78 5.96
N LEU A 1304 45.21 83.42 4.99
CA LEU A 1304 45.79 84.42 4.11
C LEU A 1304 44.73 85.06 3.22
N LEU A 1305 43.91 84.25 2.57
CA LEU A 1305 42.87 84.79 1.69
C LEU A 1305 41.91 85.68 2.45
N ARG A 1306 41.68 85.38 3.74
CA ARG A 1306 40.82 86.23 4.54
C ARG A 1306 41.40 87.64 4.66
N ILE A 1307 42.71 87.73 4.81
CA ILE A 1307 43.35 89.05 4.94
C ILE A 1307 43.10 89.89 3.70
N VAL A 1308 43.56 89.42 2.55
CA VAL A 1308 43.48 90.23 1.34
C VAL A 1308 42.03 90.47 0.95
N ILE A 1309 41.17 89.46 1.11
CA ILE A 1309 39.80 89.58 0.64
C ILE A 1309 39.01 90.56 1.49
N THR A 1310 39.24 90.60 2.80
CA THR A 1310 38.38 91.34 3.72
C THR A 1310 39.09 92.45 4.49
N SER A 1311 40.38 92.33 4.75
CA SER A 1311 41.05 93.30 5.62
C SER A 1311 40.95 94.71 5.06
N SER A 1312 40.91 95.68 5.96
CA SER A 1312 40.74 97.08 5.55
C SER A 1312 41.94 97.57 4.76
N ASP A 1313 43.16 97.16 5.14
CA ASP A 1313 44.34 97.64 4.45
C ASP A 1313 44.28 97.39 2.96
N TRP A 1314 43.69 96.27 2.55
CA TRP A 1314 43.61 95.89 1.14
C TRP A 1314 42.26 96.23 0.53
N GLN A 1315 41.52 97.19 1.11
CA GLN A 1315 40.20 97.52 0.60
C GLN A 1315 40.27 98.08 -0.81
N HIS A 1316 41.22 98.98 -1.07
CA HIS A 1316 41.35 99.64 -2.36
C HIS A 1316 42.76 99.41 -2.87
N VAL A 1317 42.95 98.30 -3.60
CA VAL A 1317 44.23 97.95 -4.18
C VAL A 1317 43.99 97.27 -5.51
N SER A 1318 44.96 97.36 -6.41
CA SER A 1318 44.92 96.69 -7.69
C SER A 1318 46.27 96.03 -7.96
N PHE A 1319 46.23 94.97 -8.74
CA PHE A 1319 47.41 94.17 -9.06
C PHE A 1319 47.62 94.10 -10.57
N GLU A 1320 47.34 95.20 -11.25
CA GLU A 1320 47.43 95.26 -12.71
C GLU A 1320 48.74 95.97 -13.07
N VAL A 1321 49.69 95.21 -13.61
CA VAL A 1321 50.99 95.73 -13.98
C VAL A 1321 51.21 95.63 -15.49
N ASP A 1322 50.14 95.58 -16.28
CA ASP A 1322 50.25 95.57 -17.72
C ASP A 1322 50.04 96.99 -18.23
N PRO A 1323 51.06 97.68 -18.74
CA PRO A 1323 50.84 99.05 -19.22
C PRO A 1323 49.76 99.15 -20.29
N THR A 1324 49.69 98.16 -21.19
CA THR A 1324 48.65 98.19 -22.22
C THR A 1324 47.27 98.13 -21.60
N ARG A 1325 47.09 97.27 -20.60
CA ARG A 1325 45.81 97.15 -19.91
C ARG A 1325 45.65 98.15 -18.78
N LEU A 1326 46.73 98.82 -18.37
CA LEU A 1326 46.66 99.74 -17.24
C LEU A 1326 45.66 100.85 -17.52
N GLU A 1327 44.87 101.18 -16.51
CA GLU A 1327 43.91 102.28 -16.63
C GLU A 1327 44.61 103.62 -16.41
N PRO A 1328 44.02 104.71 -16.90
CA PRO A 1328 44.68 106.02 -16.73
C PRO A 1328 44.96 106.38 -15.28
N SER A 1329 44.05 106.06 -14.37
CA SER A 1329 44.23 106.42 -12.97
C SER A 1329 45.25 105.52 -12.27
N GLU A 1330 45.40 104.28 -12.74
CA GLU A 1330 46.31 103.34 -12.10
C GLU A 1330 47.75 103.82 -12.24
N SER A 1331 48.54 103.58 -11.19
CA SER A 1331 49.95 103.92 -11.16
C SER A 1331 50.77 102.64 -11.18
N LEU A 1332 51.68 102.54 -12.16
CA LEU A 1332 52.44 101.31 -12.31
C LEU A 1332 53.31 101.04 -11.10
N GLU A 1333 53.97 102.07 -10.57
CA GLU A 1333 54.78 101.88 -9.37
C GLU A 1333 53.94 101.41 -8.21
N GLU A 1334 52.77 102.02 -8.02
CA GLU A 1334 51.90 101.62 -6.91
C GLU A 1334 51.43 100.19 -7.07
N ASN A 1335 51.07 99.79 -8.29
CA ASN A 1335 50.59 98.43 -8.51
C ASN A 1335 51.68 97.41 -8.24
N GLN A 1336 52.90 97.67 -8.73
CA GLN A 1336 53.97 96.67 -8.62
C GLN A 1336 54.33 96.40 -7.17
N ARG A 1337 54.42 97.44 -6.34
CA ARG A 1337 54.83 97.23 -4.96
C ARG A 1337 53.81 96.40 -4.19
N ASN A 1338 52.52 96.64 -4.41
CA ASN A 1338 51.50 95.86 -3.72
C ASN A 1338 51.58 94.38 -4.10
N LEU A 1339 51.69 94.10 -5.40
CA LEU A 1339 51.76 92.71 -5.84
C LEU A 1339 52.96 92.00 -5.24
N LEU A 1340 54.10 92.68 -5.19
CA LEU A 1340 55.30 92.06 -4.63
C LEU A 1340 55.10 91.68 -3.17
N GLN A 1341 54.45 92.54 -2.39
CA GLN A 1341 54.26 92.26 -0.98
C GLN A 1341 53.39 91.03 -0.76
N MET A 1342 52.35 90.86 -1.58
CA MET A 1342 51.48 89.69 -1.45
C MET A 1342 52.26 88.41 -1.70
N THR A 1343 53.07 88.38 -2.77
CA THR A 1343 53.85 87.18 -3.07
C THR A 1343 54.78 86.82 -1.91
N GLU A 1344 55.22 87.81 -1.15
CA GLU A 1344 56.02 87.51 0.04
C GLU A 1344 55.22 86.77 1.08
N LYS A 1345 53.94 87.13 1.26
CA LYS A 1345 53.12 86.46 2.26
C LYS A 1345 52.86 85.01 1.86
N PHE A 1346 52.42 84.79 0.61
CA PHE A 1346 52.07 83.45 0.19
C PHE A 1346 53.31 82.56 0.12
N PHE A 1347 54.37 83.03 -0.52
CA PHE A 1347 55.57 82.19 -0.66
C PHE A 1347 56.15 81.85 0.70
N HIS A 1348 56.22 82.81 1.60
CA HIS A 1348 56.82 82.55 2.91
C HIS A 1348 56.04 81.47 3.66
N ALA A 1349 54.71 81.51 3.59
CA ALA A 1349 53.90 80.57 4.34
C ALA A 1349 54.15 79.13 3.86
N ILE A 1350 54.28 78.94 2.56
CA ILE A 1350 54.49 77.59 2.03
C ILE A 1350 55.77 77.00 2.58
N ILE A 1351 56.86 77.78 2.59
CA ILE A 1351 58.15 77.27 3.01
C ILE A 1351 58.10 76.80 4.46
N SER A 1352 57.44 77.57 5.33
CA SER A 1352 57.41 77.24 6.75
C SER A 1352 56.49 76.07 7.08
N SER A 1353 55.72 75.57 6.11
CA SER A 1353 54.75 74.52 6.35
C SER A 1353 55.27 73.14 5.96
N SER A 1354 56.58 72.93 6.03
CA SER A 1354 57.13 71.62 5.72
C SER A 1354 56.71 70.58 6.75
N SER A 1355 56.67 70.96 8.02
CA SER A 1355 56.39 69.99 9.07
C SER A 1355 54.99 69.41 8.95
N GLU A 1356 54.04 70.18 8.43
CA GLU A 1356 52.65 69.75 8.35
C GLU A 1356 52.32 69.04 7.04
N PHE A 1357 53.31 68.79 6.20
CA PHE A 1357 53.05 68.11 4.93
C PHE A 1357 52.50 66.70 5.21
N PRO A 1358 51.43 66.28 4.55
CA PRO A 1358 50.82 64.99 4.90
C PRO A 1358 51.80 63.85 4.73
N PRO A 1359 51.82 62.88 5.66
CA PRO A 1359 52.69 61.71 5.45
C PRO A 1359 52.37 60.94 4.18
N GLN A 1360 51.09 60.89 3.79
CA GLN A 1360 50.71 60.10 2.62
C GLN A 1360 51.35 60.65 1.35
N LEU A 1361 51.59 61.97 1.29
CA LEU A 1361 52.14 62.59 0.09
C LEU A 1361 53.66 62.56 0.04
N ARG A 1362 54.33 62.43 1.18
CA ARG A 1362 55.78 62.35 1.16
C ARG A 1362 56.25 61.12 0.41
N SER A 1363 55.51 60.02 0.52
CA SER A 1363 55.84 58.81 -0.24
C SER A 1363 55.71 59.05 -1.74
N VAL A 1364 54.66 59.76 -2.16
CA VAL A 1364 54.47 60.02 -3.58
C VAL A 1364 55.63 60.85 -4.11
N CYS A 1365 56.02 61.89 -3.36
CA CYS A 1365 57.13 62.74 -3.79
C CYS A 1365 58.42 61.94 -3.86
N HIS A 1366 58.68 61.09 -2.87
CA HIS A 1366 59.90 60.32 -2.86
C HIS A 1366 59.98 59.38 -4.06
N CYS A 1367 58.88 58.73 -4.41
CA CYS A 1367 58.90 57.80 -5.53
C CYS A 1367 59.30 58.51 -6.82
N LEU A 1368 58.76 59.69 -7.06
CA LEU A 1368 59.18 60.47 -8.23
C LEU A 1368 60.66 60.81 -8.14
N TYR A 1369 61.13 61.19 -6.94
CA TYR A 1369 62.54 61.49 -6.77
C TYR A 1369 63.42 60.29 -7.09
N GLN A 1370 63.06 59.12 -6.56
CA GLN A 1370 63.82 57.90 -6.85
C GLN A 1370 63.64 57.48 -8.30
N ALA A 1371 62.39 57.41 -8.77
CA ALA A 1371 62.13 56.94 -10.12
C ALA A 1371 62.82 57.82 -11.15
N THR A 1372 62.72 59.14 -10.98
CA THR A 1372 63.43 60.04 -11.87
C THR A 1372 64.94 59.93 -11.69
N CYS A 1373 65.40 59.78 -10.44
CA CYS A 1373 66.83 59.64 -10.19
C CYS A 1373 67.39 58.40 -10.89
N HIS A 1374 66.66 57.27 -10.80
CA HIS A 1374 67.08 56.08 -11.52
C HIS A 1374 66.97 56.27 -13.03
N SER A 1375 65.99 57.04 -13.49
CA SER A 1375 65.86 57.29 -14.91
C SER A 1375 67.11 57.95 -15.48
N LEU A 1376 67.64 58.94 -14.76
CA LEU A 1376 68.90 59.56 -15.17
C LEU A 1376 70.05 58.56 -15.09
N LEU A 1377 70.04 57.68 -14.09
CA LEU A 1377 71.13 56.76 -13.88
C LEU A 1377 71.32 55.85 -15.09
N ASN A 1378 70.23 55.31 -15.63
CA ASN A 1378 70.32 54.43 -16.79
C ASN A 1378 70.43 55.18 -18.11
N LYS A 1379 70.31 56.51 -18.10
CA LYS A 1379 70.46 57.32 -19.30
C LYS A 1379 71.75 58.13 -19.23
N PRO A 1398 73.24 68.01 -16.63
CA PRO A 1398 73.20 68.52 -15.25
C PRO A 1398 71.77 68.57 -14.67
N GLN A 1399 70.86 67.81 -15.28
CA GLN A 1399 69.49 67.78 -14.80
C GLN A 1399 69.45 67.30 -13.35
N ASN A 1400 68.61 67.95 -12.55
CA ASN A 1400 68.47 67.62 -11.14
C ASN A 1400 67.15 66.92 -10.89
N SER A 1401 67.19 65.88 -10.06
CA SER A 1401 65.97 65.14 -9.72
C SER A 1401 64.97 66.05 -9.00
N ILE A 1402 65.45 66.81 -8.02
CA ILE A 1402 64.55 67.65 -7.24
C ILE A 1402 63.90 68.71 -8.11
N GLY A 1403 64.52 69.08 -9.22
CA GLY A 1403 63.92 70.10 -10.07
C GLY A 1403 62.58 69.68 -10.63
N ALA A 1404 62.47 68.44 -11.08
CA ALA A 1404 61.23 67.97 -11.70
C ALA A 1404 60.15 67.69 -10.66
N VAL A 1405 60.54 67.17 -9.49
CA VAL A 1405 59.56 66.85 -8.45
C VAL A 1405 58.88 68.13 -7.98
N GLY A 1406 59.67 69.14 -7.63
CA GLY A 1406 59.09 70.38 -7.13
C GLY A 1406 58.25 71.10 -8.17
N SER A 1407 58.73 71.12 -9.42
CA SER A 1407 57.97 71.77 -10.49
C SER A 1407 56.64 71.05 -10.71
N ALA A 1408 56.66 69.73 -10.76
CA ALA A 1408 55.42 68.98 -10.94
C ALA A 1408 54.48 69.16 -9.76
N MET A 1409 55.03 69.13 -8.54
CA MET A 1409 54.19 69.32 -7.36
C MET A 1409 53.51 70.68 -7.38
N PHE A 1410 54.27 71.73 -7.68
CA PHE A 1410 53.70 73.08 -7.67
C PHE A 1410 52.63 73.23 -8.75
N LEU A 1411 52.88 72.72 -9.94
CA LEU A 1411 51.95 72.95 -11.05
C LEU A 1411 50.69 72.12 -10.93
N ARG A 1412 50.77 70.95 -10.29
CA ARG A 1412 49.65 70.02 -10.26
C ARG A 1412 48.92 69.97 -8.93
N PHE A 1413 49.51 70.48 -7.85
CA PHE A 1413 48.92 70.41 -6.52
C PHE A 1413 48.54 71.77 -5.97
N ILE A 1414 49.48 72.71 -5.89
CA ILE A 1414 49.24 73.96 -5.19
C ILE A 1414 48.68 75.04 -6.11
N ASN A 1415 49.22 75.17 -7.32
CA ASN A 1415 48.80 76.28 -8.18
C ASN A 1415 47.31 76.29 -8.43
N PRO A 1416 46.66 75.18 -8.78
CA PRO A 1416 45.21 75.24 -9.03
C PRO A 1416 44.42 75.76 -7.84
N ALA A 1417 44.85 75.45 -6.61
CA ALA A 1417 44.13 75.92 -5.43
C ALA A 1417 44.21 77.44 -5.32
N ILE A 1418 45.40 78.01 -5.52
CA ILE A 1418 45.56 79.45 -5.39
C ILE A 1418 44.77 80.16 -6.47
N VAL A 1419 44.87 79.69 -7.71
CA VAL A 1419 44.22 80.38 -8.82
C VAL A 1419 42.72 80.42 -8.63
N SER A 1420 42.12 79.30 -8.25
CA SER A 1420 40.67 79.18 -8.09
C SER A 1420 40.37 78.59 -6.71
N PRO A 1421 40.35 79.42 -5.68
CA PRO A 1421 40.08 78.90 -4.33
C PRO A 1421 38.62 78.59 -4.09
N TYR A 1422 37.73 79.30 -4.80
CA TYR A 1422 36.30 79.07 -4.62
C TYR A 1422 35.89 77.70 -5.15
N GLU A 1423 36.31 77.36 -6.36
CA GLU A 1423 35.93 76.09 -6.96
C GLU A 1423 36.67 74.92 -6.35
N ALA A 1424 37.44 75.15 -5.30
CA ALA A 1424 38.09 74.08 -4.55
C ALA A 1424 37.55 73.96 -3.13
N GLY A 1425 36.56 74.77 -2.76
CA GLY A 1425 35.96 74.70 -1.45
C GLY A 1425 36.67 75.46 -0.35
N ILE A 1426 37.71 76.24 -0.68
CA ILE A 1426 38.39 77.04 0.34
C ILE A 1426 37.58 78.28 0.69
N LEU A 1427 36.65 78.68 -0.17
CA LEU A 1427 35.94 79.94 -0.02
C LEU A 1427 34.47 79.71 -0.34
N ASP A 1428 33.62 80.59 0.19
CA ASP A 1428 32.18 80.43 0.05
C ASP A 1428 31.60 81.14 -1.17
N LYS A 1429 32.23 82.23 -1.62
CA LYS A 1429 31.74 82.99 -2.75
C LYS A 1429 32.92 83.40 -3.63
N LYS A 1430 32.64 83.62 -4.89
CA LYS A 1430 33.69 83.94 -5.85
C LYS A 1430 34.35 85.27 -5.46
N PRO A 1431 35.67 85.40 -5.60
CA PRO A 1431 36.34 86.63 -5.18
C PRO A 1431 36.01 87.78 -6.12
N PRO A 1432 36.23 89.02 -5.69
CA PRO A 1432 36.01 90.14 -6.60
C PRO A 1432 36.95 90.09 -7.77
N PRO A 1433 36.58 90.69 -8.91
CA PRO A 1433 37.49 90.63 -10.08
C PRO A 1433 38.86 91.20 -9.80
N ARG A 1434 38.97 92.24 -8.98
CA ARG A 1434 40.28 92.82 -8.69
C ARG A 1434 41.21 91.79 -8.07
N ILE A 1435 40.75 91.10 -7.03
CA ILE A 1435 41.60 90.11 -6.37
C ILE A 1435 41.81 88.91 -7.28
N GLU A 1436 40.85 88.60 -8.15
CA GLU A 1436 41.00 87.47 -9.06
C GLU A 1436 42.22 87.66 -9.96
N ARG A 1437 42.40 88.86 -10.50
CA ARG A 1437 43.58 89.13 -11.33
C ARG A 1437 44.85 89.01 -10.52
N GLY A 1438 44.87 89.54 -9.30
CA GLY A 1438 46.08 89.50 -8.49
C GLY A 1438 46.56 88.09 -8.24
N LEU A 1439 45.63 87.18 -7.92
CA LEU A 1439 46.00 85.80 -7.65
C LEU A 1439 46.61 85.15 -8.89
N LYS A 1440 46.01 85.39 -10.06
CA LYS A 1440 46.49 84.72 -11.27
C LYS A 1440 47.92 85.14 -11.59
N LEU A 1441 48.23 86.43 -11.47
CA LEU A 1441 49.59 86.88 -11.73
C LEU A 1441 50.56 86.29 -10.71
N MET A 1442 50.17 86.26 -9.44
CA MET A 1442 51.06 85.72 -8.41
C MET A 1442 51.43 84.28 -8.71
N SER A 1443 50.54 83.53 -9.36
CA SER A 1443 50.84 82.14 -9.69
C SER A 1443 52.03 82.03 -10.62
N LYS A 1444 52.10 82.90 -11.62
CA LYS A 1444 53.21 82.86 -12.57
C LYS A 1444 54.54 83.14 -11.87
N ILE A 1445 54.55 84.10 -10.95
CA ILE A 1445 55.78 84.39 -10.21
C ILE A 1445 56.19 83.21 -9.35
N LEU A 1446 55.23 82.58 -8.67
CA LEU A 1446 55.55 81.43 -7.83
C LEU A 1446 56.02 80.24 -8.68
N GLN A 1447 55.42 80.07 -9.86
CA GLN A 1447 55.84 78.96 -10.72
C GLN A 1447 57.27 79.12 -11.18
N SER A 1448 57.66 80.34 -11.57
CA SER A 1448 59.01 80.55 -12.09
C SER A 1448 60.07 80.22 -11.04
N ILE A 1449 59.81 80.57 -9.78
CA ILE A 1449 60.79 80.27 -8.73
C ILE A 1449 61.04 78.77 -8.66
N ALA A 1450 59.98 77.96 -8.75
CA ALA A 1450 60.15 76.51 -8.67
C ALA A 1450 60.97 76.00 -9.86
N ASN A 1451 60.69 76.52 -11.06
CA ASN A 1451 61.39 76.05 -12.25
C ASN A 1451 62.84 76.49 -12.31
N HIS A 1452 63.25 77.43 -11.46
CA HIS A 1452 64.62 77.95 -11.47
C HIS A 1452 64.91 78.65 -12.79
N VAL A 1453 64.00 79.55 -13.19
CA VAL A 1453 64.09 80.26 -14.45
C VAL A 1453 63.78 81.73 -14.19
N LEU A 1454 64.15 82.57 -15.15
CA LEU A 1454 63.90 84.00 -15.10
C LEU A 1454 62.91 84.40 -16.19
N PHE A 1455 62.49 85.66 -16.14
CA PHE A 1455 61.50 86.19 -17.06
C PHE A 1455 62.16 86.74 -18.31
N THR A 1456 61.71 86.27 -19.48
CA THR A 1456 62.18 86.77 -20.76
C THR A 1456 61.03 86.73 -21.75
N LYS A 1457 61.00 87.71 -22.64
CA LYS A 1457 59.99 87.89 -23.68
C LYS A 1457 58.71 88.50 -23.11
N GLU A 1458 58.64 88.77 -21.81
CA GLU A 1458 57.46 89.35 -21.17
C GLU A 1458 57.92 90.55 -20.36
N GLU A 1459 57.96 91.73 -20.99
CA GLU A 1459 58.42 92.93 -20.30
C GLU A 1459 57.55 93.27 -19.10
N HIS A 1460 56.30 92.81 -19.07
CA HIS A 1460 55.43 93.11 -17.93
C HIS A 1460 56.04 92.59 -16.65
N MET A 1461 56.52 91.34 -16.65
CA MET A 1461 57.01 90.68 -15.45
C MET A 1461 58.52 90.84 -15.27
N ARG A 1462 59.22 91.43 -16.24
CA ARG A 1462 60.67 91.56 -16.12
C ARG A 1462 61.10 92.27 -14.84
N PRO A 1463 60.43 93.32 -14.36
CA PRO A 1463 60.90 93.99 -13.13
C PRO A 1463 61.01 93.06 -11.94
N PHE A 1464 60.30 91.94 -11.93
CA PHE A 1464 60.32 91.00 -10.81
C PHE A 1464 61.42 89.96 -10.92
N ASN A 1465 62.18 89.93 -12.02
CA ASN A 1465 63.19 88.90 -12.19
C ASN A 1465 64.25 88.93 -11.10
N ASP A 1466 64.38 90.06 -10.39
CA ASP A 1466 65.30 90.11 -9.26
C ASP A 1466 64.74 89.34 -8.07
N PHE A 1467 63.44 89.50 -7.80
CA PHE A 1467 62.85 88.82 -6.66
C PHE A 1467 62.88 87.30 -6.84
N VAL A 1468 62.56 86.82 -8.04
CA VAL A 1468 62.55 85.38 -8.27
C VAL A 1468 63.95 84.81 -8.13
N LYS A 1469 64.96 85.54 -8.61
CA LYS A 1469 66.32 85.02 -8.57
C LYS A 1469 66.79 84.81 -7.14
N SER A 1470 66.46 85.75 -6.24
CA SER A 1470 66.90 85.63 -4.87
C SER A 1470 66.26 84.46 -4.14
N ASN A 1471 65.21 83.88 -4.69
CA ASN A 1471 64.45 82.83 -4.03
C ASN A 1471 64.72 81.43 -4.59
N PHE A 1472 65.64 81.29 -5.55
CA PHE A 1472 65.95 79.97 -6.06
C PHE A 1472 66.50 79.06 -4.98
N ASP A 1473 67.16 79.61 -3.96
CA ASP A 1473 67.77 78.80 -2.93
C ASP A 1473 66.72 78.31 -1.93
N ALA A 1474 65.95 79.23 -1.35
CA ALA A 1474 64.99 78.85 -0.32
C ALA A 1474 64.00 77.81 -0.83
N ALA A 1475 63.59 77.92 -2.09
CA ALA A 1475 62.65 76.94 -2.63
C ALA A 1475 63.24 75.53 -2.63
N ARG A 1476 64.50 75.41 -3.03
CA ARG A 1476 65.12 74.09 -3.09
C ARG A 1476 65.17 73.44 -1.72
N ARG A 1477 65.53 74.19 -0.69
CA ARG A 1477 65.59 73.63 0.65
C ARG A 1477 64.25 73.04 1.06
N PHE A 1478 63.15 73.68 0.67
CA PHE A 1478 61.84 73.15 1.00
C PHE A 1478 61.58 71.82 0.33
N PHE A 1479 61.80 71.76 -0.99
CA PHE A 1479 61.61 70.49 -1.70
C PHE A 1479 62.48 69.39 -1.11
N LEU A 1480 63.64 69.76 -0.55
CA LEU A 1480 64.51 68.76 0.05
C LEU A 1480 63.85 68.10 1.24
N ASP A 1481 63.18 68.88 2.09
CA ASP A 1481 62.59 68.31 3.30
C ASP A 1481 61.55 67.25 2.98
N ILE A 1482 60.62 67.56 2.07
CA ILE A 1482 59.54 66.63 1.78
C ILE A 1482 60.06 65.39 1.05
N ALA A 1483 61.01 65.57 0.13
CA ALA A 1483 61.49 64.50 -0.72
C ALA A 1483 62.68 63.75 -0.14
N SER A 1484 63.13 64.10 1.06
CA SER A 1484 64.29 63.46 1.68
C SER A 1484 63.90 62.32 2.60
N ASP A 1485 62.63 61.94 2.62
CA ASP A 1485 62.22 60.79 3.41
C ASP A 1485 62.87 59.53 2.89
N CYS A 1486 63.07 58.57 3.78
CA CYS A 1486 63.73 57.32 3.41
C CYS A 1486 62.89 56.56 2.39
N PRO A 1487 63.53 55.79 1.49
CA PRO A 1487 62.74 54.98 0.56
C PRO A 1487 61.78 54.04 1.26
N THR A 1488 62.14 53.53 2.44
CA THR A 1488 61.26 52.77 3.29
C THR A 1488 61.19 53.45 4.64
N SER A 1489 59.98 53.55 5.20
CA SER A 1489 59.78 54.31 6.43
C SER A 1489 60.34 53.56 7.63
N ASP A 1490 61.66 53.39 7.68
CA ASP A 1490 62.28 52.73 8.82
C ASP A 1490 62.28 53.65 10.04
N ALA A 1491 62.61 54.93 9.85
CA ALA A 1491 62.65 55.86 10.97
C ALA A 1491 61.27 56.05 11.58
N VAL A 1492 60.25 56.22 10.75
CA VAL A 1492 58.88 56.45 11.19
C VAL A 1492 58.08 55.19 10.93
N ASN A 1493 57.51 54.61 11.98
CA ASN A 1493 56.74 53.39 11.86
C ASN A 1493 55.62 53.39 12.90
N HIS A 1494 54.49 52.80 12.52
CA HIS A 1494 53.39 52.58 13.43
C HIS A 1494 52.52 51.47 12.88
N SER A 1495 51.73 50.85 13.76
CA SER A 1495 50.90 49.70 13.40
C SER A 1495 49.50 49.92 13.98
N LEU A 1496 48.62 50.53 13.19
CA LEU A 1496 47.22 50.67 13.55
C LEU A 1496 46.38 49.51 13.02
N SER A 1497 46.62 49.09 11.77
CA SER A 1497 45.97 47.92 11.18
C SER A 1497 44.45 48.08 11.17
N PHE A 1498 43.99 49.09 10.44
CA PHE A 1498 42.56 49.33 10.33
C PHE A 1498 41.87 48.11 9.71
N ILE A 1499 40.71 47.76 10.25
CA ILE A 1499 39.96 46.63 9.70
C ILE A 1499 39.42 46.98 8.32
N SER A 1500 38.82 48.16 8.18
CA SER A 1500 38.34 48.66 6.89
C SER A 1500 37.39 47.66 6.23
N ASP A 1501 36.36 47.27 6.98
CA ASP A 1501 35.44 46.23 6.50
C ASP A 1501 34.76 46.64 5.21
N GLY A 1502 34.24 47.86 5.16
CA GLY A 1502 33.46 48.27 4.01
C GLY A 1502 34.26 48.31 2.72
N ASN A 1503 35.56 48.51 2.83
CA ASN A 1503 36.42 48.52 1.64
C ASN A 1503 36.66 47.11 1.11
N VAL A 1504 36.79 46.14 2.00
CA VAL A 1504 37.12 44.77 1.58
C VAL A 1504 36.01 44.22 0.69
N LEU A 1505 34.76 44.44 1.05
CA LEU A 1505 33.66 43.91 0.25
C LEU A 1505 33.75 44.37 -1.19
N ALA A 1506 34.25 45.59 -1.42
CA ALA A 1506 34.43 46.06 -2.79
C ALA A 1506 35.55 45.29 -3.48
N LEU A 1507 36.62 44.98 -2.75
CA LEU A 1507 37.71 44.19 -3.33
C LEU A 1507 37.23 42.78 -3.67
N HIS A 1508 36.56 42.12 -2.74
CA HIS A 1508 36.10 40.76 -2.98
C HIS A 1508 35.11 40.70 -4.13
N ARG A 1509 34.42 41.82 -4.40
CA ARG A 1509 33.51 41.87 -5.52
C ARG A 1509 34.23 42.07 -6.84
N LEU A 1510 35.38 42.77 -6.81
CA LEU A 1510 36.13 43.02 -8.03
C LEU A 1510 36.89 41.78 -8.50
N LEU A 1511 37.47 41.04 -7.56
CA LEU A 1511 38.18 39.81 -7.91
C LEU A 1511 37.24 38.78 -8.52
N TRP A 1512 36.04 38.63 -7.95
CA TRP A 1512 35.13 37.59 -8.40
C TRP A 1512 34.75 37.77 -9.87
N ASN A 1513 34.44 39.00 -10.28
CA ASN A 1513 33.95 39.20 -11.63
C ASN A 1513 35.02 39.02 -12.70
N ASN A 1514 36.30 39.03 -12.32
CA ASN A 1514 37.40 38.91 -13.26
C ASN A 1514 38.21 37.64 -13.01
N GLN A 1515 37.54 36.57 -12.58
CA GLN A 1515 38.25 35.34 -12.24
C GLN A 1515 38.98 34.76 -13.45
N GLU A 1516 38.29 34.69 -14.59
CA GLU A 1516 38.87 34.01 -15.75
C GLU A 1516 40.08 34.76 -16.29
N LYS A 1517 39.92 36.06 -16.52
CA LYS A 1517 41.02 36.85 -17.08
C LYS A 1517 42.21 36.89 -16.14
N ILE A 1518 41.97 37.06 -14.84
CA ILE A 1518 43.07 37.12 -13.89
C ILE A 1518 43.86 35.83 -13.90
N GLY A 1519 43.18 34.70 -14.06
CA GLY A 1519 43.87 33.42 -14.07
C GLY A 1519 44.81 33.27 -15.24
N GLN A 1520 44.36 33.65 -16.44
CA GLN A 1520 45.20 33.52 -17.62
C GLN A 1520 46.46 34.35 -17.49
N TYR A 1521 46.33 35.59 -17.00
CA TYR A 1521 47.49 36.47 -16.89
C TYR A 1521 48.56 35.88 -15.98
N LEU A 1522 48.16 35.35 -14.83
CA LEU A 1522 49.13 34.81 -13.89
C LEU A 1522 49.79 33.54 -14.42
N SER A 1523 49.06 32.74 -15.20
CA SER A 1523 49.61 31.47 -15.65
C SER A 1523 50.84 31.67 -16.53
N SER A 1524 50.81 32.66 -17.41
CA SER A 1524 51.91 32.85 -18.35
C SER A 1524 53.22 33.08 -17.62
N ASN A 1525 53.22 33.94 -16.62
CA ASN A 1525 54.44 34.23 -15.86
C ASN A 1525 54.63 33.20 -14.76
N ARG A 1526 55.69 33.38 -13.97
CA ARG A 1526 56.08 32.39 -12.96
C ARG A 1526 56.29 31.03 -13.61
N ASP A 1527 57.07 31.00 -14.67
CA ASP A 1527 57.31 29.77 -15.41
C ASP A 1527 58.26 28.83 -14.68
N HIS A 1528 59.32 29.38 -14.07
CA HIS A 1528 60.33 28.53 -13.44
C HIS A 1528 59.72 27.73 -12.29
N LYS A 1529 58.84 28.34 -11.53
CA LYS A 1529 58.07 27.67 -10.48
C LYS A 1529 56.63 27.60 -10.96
N ALA A 1530 56.14 26.40 -11.21
CA ALA A 1530 54.82 26.22 -11.79
C ALA A 1530 53.77 26.88 -10.90
N VAL A 1531 52.56 26.97 -11.42
CA VAL A 1531 51.48 27.66 -10.72
C VAL A 1531 50.69 26.66 -9.88
N GLY A 1532 51.24 25.47 -9.69
CA GLY A 1532 50.58 24.49 -8.84
C GLY A 1532 50.32 25.01 -7.44
N ARG A 1533 51.20 25.89 -6.93
CA ARG A 1533 50.93 26.54 -5.66
C ARG A 1533 51.32 28.02 -5.68
N ARG A 1534 51.39 28.64 -6.85
CA ARG A 1534 51.63 30.06 -6.95
C ARG A 1534 50.38 30.82 -6.55
N PRO A 1535 50.50 32.13 -6.27
CA PRO A 1535 49.33 32.93 -5.88
C PRO A 1535 48.06 32.59 -6.65
N PHE A 1536 48.17 32.27 -7.94
CA PHE A 1536 46.98 31.98 -8.72
C PHE A 1536 46.22 30.79 -8.14
N ASP A 1537 46.94 29.74 -7.73
CA ASP A 1537 46.27 28.58 -7.16
C ASP A 1537 45.65 28.90 -5.82
N LYS A 1538 46.28 29.78 -5.05
CA LYS A 1538 45.69 30.21 -3.78
C LYS A 1538 44.41 31.01 -3.99
N MET A 1539 44.33 31.76 -5.09
CA MET A 1539 43.16 32.61 -5.31
C MET A 1539 41.92 31.78 -5.59
N ALA A 1540 42.04 30.78 -6.46
CA ALA A 1540 40.87 29.96 -6.80
C ALA A 1540 40.34 29.22 -5.58
N THR A 1541 41.24 28.70 -4.74
CA THR A 1541 40.80 28.01 -3.54
C THR A 1541 40.10 28.95 -2.58
N LEU A 1542 40.60 30.17 -2.43
CA LEU A 1542 40.03 31.09 -1.46
C LEU A 1542 38.73 31.69 -1.95
N LEU A 1543 38.66 32.04 -3.24
CA LEU A 1543 37.43 32.60 -3.77
C LEU A 1543 36.28 31.60 -3.68
N ALA A 1544 36.55 30.33 -4.00
CA ALA A 1544 35.52 29.31 -3.92
C ALA A 1544 35.09 29.08 -2.49
N TYR A 1545 36.01 29.19 -1.54
CA TYR A 1545 35.67 29.03 -0.13
C TYR A 1545 34.73 30.14 0.34
N LEU A 1546 34.99 31.38 -0.09
CA LEU A 1546 34.18 32.51 0.38
C LEU A 1546 32.81 32.54 -0.27
N GLY A 1547 32.71 32.26 -1.57
CA GLY A 1547 31.45 32.22 -2.25
C GLY A 1547 31.18 33.47 -3.07
N PRO A 1548 29.96 33.57 -3.63
CA PRO A 1548 29.64 34.75 -4.43
C PRO A 1548 29.44 35.98 -3.56
N PRO A 1549 29.73 37.17 -4.07
CA PRO A 1549 29.53 38.38 -3.28
C PRO A 1549 28.05 38.73 -3.17
N GLU A 1550 27.75 39.53 -2.14
CA GLU A 1550 26.38 39.96 -1.88
C GLU A 1550 25.92 40.94 -2.95
N HIS A 1551 24.68 41.41 -2.82
CA HIS A 1551 24.12 42.42 -3.69
C HIS A 1551 24.25 43.80 -3.05
N LYS A 1552 24.64 44.78 -3.84
CA LYS A 1552 24.76 46.13 -3.32
C LYS A 1552 23.38 46.65 -2.93
N PRO A 1553 23.26 47.34 -1.80
CA PRO A 1553 21.96 47.89 -1.40
C PRO A 1553 21.57 49.09 -2.26
N VAL A 1554 20.29 49.45 -2.18
CA VAL A 1554 19.79 50.57 -2.97
C VAL A 1554 20.49 51.85 -2.54
N ALA A 1555 20.58 52.81 -3.45
CA ALA A 1555 21.20 54.09 -3.19
C ALA A 1555 20.22 55.04 -2.55
N ASP A 1556 20.70 55.83 -1.58
CA ASP A 1556 19.88 56.77 -0.85
C ASP A 1556 20.15 58.22 -1.22
N THR A 1557 20.99 58.46 -2.22
CA THR A 1557 21.34 59.82 -2.64
C THR A 1557 21.49 59.83 -4.15
N HIS A 1558 21.75 61.01 -4.70
CA HIS A 1558 22.08 61.11 -6.11
C HIS A 1558 23.49 60.60 -6.35
N TRP A 1559 23.86 60.45 -7.62
CA TRP A 1559 25.20 59.99 -7.96
C TRP A 1559 26.22 61.06 -7.63
N SER A 1560 27.36 60.63 -7.09
CA SER A 1560 28.46 61.54 -6.82
C SER A 1560 29.76 60.81 -7.02
N SER A 1561 30.82 61.59 -7.24
CA SER A 1561 32.15 61.03 -7.52
C SER A 1561 33.18 61.66 -6.60
N LEU A 1562 34.46 61.40 -6.89
CA LEU A 1562 35.52 61.98 -6.08
C LEU A 1562 35.59 63.50 -6.24
N ASN A 1563 35.18 64.02 -7.40
CA ASN A 1563 35.27 65.45 -7.68
C ASN A 1563 34.05 66.20 -7.11
N LEU A 1564 33.82 66.01 -5.81
CA LEU A 1564 32.70 66.63 -5.12
C LEU A 1564 33.24 67.57 -4.05
N THR A 1565 32.73 68.81 -4.05
CA THR A 1565 33.14 69.81 -3.08
C THR A 1565 31.89 70.58 -2.64
N SER A 1566 32.10 71.56 -1.76
CA SER A 1566 30.98 72.33 -1.23
C SER A 1566 30.32 73.18 -2.31
N SER A 1567 31.09 73.67 -3.28
CA SER A 1567 30.52 74.57 -4.28
C SER A 1567 29.67 73.81 -5.28
N LYS A 1568 30.12 72.64 -5.73
CA LYS A 1568 29.35 71.87 -6.70
C LYS A 1568 28.04 71.38 -6.11
N PHE A 1569 28.07 70.92 -4.85
CA PHE A 1569 26.84 70.45 -4.22
C PHE A 1569 25.85 71.60 -4.09
N GLU A 1570 26.33 72.78 -3.69
CA GLU A 1570 25.46 73.95 -3.58
C GLU A 1570 24.86 74.32 -4.93
N GLU A 1571 25.69 74.29 -5.98
CA GLU A 1571 25.19 74.65 -7.31
C GLU A 1571 24.21 73.60 -7.84
N PHE A 1572 24.49 72.33 -7.59
CA PHE A 1572 23.63 71.27 -8.12
C PHE A 1572 22.23 71.35 -7.54
N MET A 1573 22.10 71.57 -6.23
CA MET A 1573 20.78 71.62 -5.62
C MET A 1573 19.99 72.81 -6.15
N THR A 1574 20.66 73.95 -6.37
CA THR A 1574 19.94 75.15 -6.79
C THR A 1574 19.22 74.94 -8.11
N ARG A 1575 19.92 74.41 -9.12
CA ARG A 1575 19.28 74.19 -10.41
C ARG A 1575 18.34 73.00 -10.36
N HIS A 1576 18.72 71.95 -9.62
CA HIS A 1576 17.84 70.82 -9.35
C HIS A 1576 16.82 71.26 -8.30
N GLN A 1577 15.96 72.18 -8.72
CA GLN A 1577 15.12 72.92 -7.78
C GLN A 1577 14.31 71.97 -6.91
N VAL A 1578 14.38 72.20 -5.60
CA VAL A 1578 13.73 71.33 -4.62
C VAL A 1578 12.77 72.08 -3.73
N HIS A 1579 12.53 73.37 -3.96
CA HIS A 1579 11.69 74.15 -3.08
C HIS A 1579 10.21 73.82 -3.22
N GLU A 1580 9.81 73.22 -4.35
CA GLU A 1580 8.41 72.86 -4.60
C GLU A 1580 8.20 71.35 -4.63
N LYS A 1581 9.16 70.57 -4.13
CA LYS A 1581 9.05 69.12 -4.22
C LYS A 1581 7.90 68.58 -3.37
N GLU A 1582 7.48 69.34 -2.35
CA GLU A 1582 6.44 68.90 -1.42
C GLU A 1582 6.98 67.85 -0.45
N GLU A 1583 8.22 67.42 -0.64
CA GLU A 1583 8.96 66.66 0.36
C GLU A 1583 10.02 67.49 1.05
N PHE A 1584 10.48 68.57 0.41
CA PHE A 1584 11.36 69.51 1.07
C PHE A 1584 10.60 70.39 2.04
N LYS A 1585 9.32 70.67 1.76
CA LYS A 1585 8.51 71.48 2.66
C LYS A 1585 8.25 70.76 3.97
N ALA A 1586 7.93 69.46 3.90
CA ALA A 1586 7.61 68.72 5.11
C ALA A 1586 8.77 68.69 6.10
N LEU A 1587 10.01 68.86 5.62
CA LEU A 1587 11.14 68.89 6.53
C LEU A 1587 11.02 70.03 7.53
N LYS A 1588 10.43 71.14 7.13
CA LYS A 1588 10.33 72.29 8.02
C LYS A 1588 9.33 72.03 9.14
N THR A 1589 8.15 71.51 8.81
CA THR A 1589 7.13 71.27 9.82
C THR A 1589 7.58 70.18 10.79
N LEU A 1590 8.23 69.13 10.27
CA LEU A 1590 8.71 68.05 11.14
C LEU A 1590 9.68 68.58 12.18
N SER A 1591 10.38 69.68 11.87
CA SER A 1591 11.28 70.32 12.82
C SER A 1591 12.44 69.40 13.23
N ILE A 1592 13.17 68.92 12.22
CA ILE A 1592 14.37 68.15 12.50
C ILE A 1592 15.50 69.07 12.96
N PHE A 1593 15.69 70.18 12.26
CA PHE A 1593 16.77 71.12 12.51
C PHE A 1593 16.20 72.53 12.53
N TYR A 1594 16.49 73.26 13.61
CA TYR A 1594 15.96 74.62 13.74
C TYR A 1594 16.84 75.41 14.68
N GLN A 1595 16.67 76.73 14.66
CA GLN A 1595 17.41 77.66 15.49
C GLN A 1595 16.53 78.22 16.59
N ALA A 1596 17.11 78.36 17.79
CA ALA A 1596 16.36 78.91 18.91
C ALA A 1596 17.32 79.36 20.00
N GLY A 1597 17.24 80.63 20.37
CA GLY A 1597 17.93 81.13 21.54
C GLY A 1597 19.40 81.44 21.30
N THR A 1598 20.05 81.92 22.36
CA THR A 1598 21.48 82.20 22.34
C THR A 1598 22.07 81.83 23.69
N SER A 1599 23.33 81.41 23.67
CA SER A 1599 23.99 80.96 24.89
C SER A 1599 24.60 82.16 25.63
N LYS A 1600 25.34 81.86 26.70
CA LYS A 1600 25.98 82.92 27.47
C LYS A 1600 26.97 83.70 26.62
N ALA A 1601 27.76 83.00 25.81
CA ALA A 1601 28.75 83.69 24.98
C ALA A 1601 28.09 84.62 23.96
N GLY A 1602 26.80 84.45 23.69
CA GLY A 1602 26.09 85.29 22.76
C GLY A 1602 25.91 84.72 21.37
N ASN A 1603 26.24 83.44 21.17
CA ASN A 1603 26.12 82.84 19.84
C ASN A 1603 24.75 82.19 19.66
N PRO A 1604 24.22 82.16 18.45
CA PRO A 1604 22.97 81.44 18.21
C PRO A 1604 23.18 79.93 18.39
N ILE A 1605 22.08 79.25 18.72
CA ILE A 1605 22.09 77.83 19.00
C ILE A 1605 21.10 77.12 18.10
N PHE A 1606 21.53 75.99 17.53
CA PHE A 1606 20.71 75.18 16.64
C PHE A 1606 20.49 73.82 17.28
N TYR A 1607 19.29 73.27 17.11
CA TYR A 1607 18.93 71.98 17.66
C TYR A 1607 18.78 70.96 16.54
N TYR A 1608 19.19 69.72 16.83
CA TYR A 1608 19.03 68.61 15.89
C TYR A 1608 18.33 67.48 16.62
N VAL A 1609 17.08 67.23 16.27
CA VAL A 1609 16.27 66.18 16.88
C VAL A 1609 16.56 64.89 16.11
N ALA A 1610 17.40 64.04 16.69
CA ALA A 1610 17.95 62.92 15.93
C ALA A 1610 16.91 61.86 15.61
N ARG A 1611 15.88 61.70 16.45
CA ARG A 1611 14.94 60.60 16.29
C ARG A 1611 13.73 60.95 15.43
N ARG A 1612 13.86 61.93 14.53
CA ARG A 1612 12.84 62.24 13.55
C ARG A 1612 13.26 61.89 12.13
N PHE A 1613 14.37 61.18 11.97
CA PHE A 1613 14.90 60.82 10.65
C PHE A 1613 14.77 59.31 10.47
N LYS A 1614 14.10 58.90 9.40
CA LYS A 1614 13.94 57.49 9.08
C LYS A 1614 14.90 57.15 7.94
N THR A 1615 15.74 56.14 8.17
CA THR A 1615 16.95 55.95 7.38
C THR A 1615 16.68 55.59 5.92
N GLY A 1616 15.44 55.42 5.48
CA GLY A 1616 15.21 55.04 4.10
C GLY A 1616 14.00 55.65 3.43
N GLN A 1617 13.42 56.69 4.03
CA GLN A 1617 12.13 57.20 3.57
C GLN A 1617 12.22 58.46 2.72
N ILE A 1618 13.31 59.23 2.82
CA ILE A 1618 13.49 60.40 1.98
C ILE A 1618 14.90 60.39 1.41
N ASN A 1619 15.08 61.17 0.34
CA ASN A 1619 16.40 61.31 -0.25
C ASN A 1619 17.34 61.98 0.75
N GLY A 1620 18.50 61.36 0.97
CA GLY A 1620 19.42 61.88 1.97
C GLY A 1620 19.92 63.26 1.66
N ASP A 1621 20.12 63.57 0.38
CA ASP A 1621 20.65 64.89 0.00
C ASP A 1621 19.71 66.01 0.42
N LEU A 1622 18.42 65.74 0.51
CA LEU A 1622 17.48 66.78 0.92
C LEU A 1622 17.75 67.22 2.35
N LEU A 1623 18.06 66.27 3.24
CA LEU A 1623 18.36 66.65 4.62
C LEU A 1623 19.58 67.55 4.70
N ILE A 1624 20.64 67.23 3.96
CA ILE A 1624 21.84 68.06 3.98
C ILE A 1624 21.52 69.47 3.50
N TYR A 1625 20.77 69.56 2.41
CA TYR A 1625 20.44 70.88 1.86
C TYR A 1625 19.61 71.69 2.85
N HIS A 1626 18.65 71.06 3.51
CA HIS A 1626 17.84 71.77 4.50
C HIS A 1626 18.69 72.28 5.65
N VAL A 1627 19.64 71.47 6.11
CA VAL A 1627 20.54 71.92 7.17
C VAL A 1627 21.40 73.08 6.66
N LEU A 1628 21.94 72.96 5.46
CA LEU A 1628 22.79 74.01 4.92
C LEU A 1628 22.02 75.30 4.73
N LEU A 1629 20.81 75.22 4.17
CA LEU A 1629 20.06 76.42 3.83
C LEU A 1629 19.68 77.25 5.05
N THR A 1630 19.61 76.63 6.23
CA THR A 1630 19.31 77.35 7.46
C THR A 1630 20.56 77.79 8.21
N LEU A 1631 21.74 77.52 7.66
CA LEU A 1631 23.00 77.92 8.28
C LEU A 1631 23.73 79.01 7.52
N LYS A 1632 23.34 79.30 6.28
CA LYS A 1632 24.09 80.27 5.49
C LYS A 1632 24.20 81.62 6.17
N PRO A 1633 23.12 82.22 6.68
CA PRO A 1633 23.27 83.54 7.31
C PRO A 1633 24.14 83.53 8.56
N TYR A 1634 24.38 82.37 9.18
CA TYR A 1634 25.05 82.33 10.48
C TYR A 1634 26.42 81.67 10.47
N TYR A 1635 26.70 80.77 9.53
CA TYR A 1635 27.95 80.00 9.66
C TYR A 1635 29.18 80.80 9.29
N ALA A 1636 29.08 82.11 9.09
CA ALA A 1636 30.25 82.96 8.92
C ALA A 1636 30.81 83.45 10.24
N LYS A 1637 30.10 83.21 11.34
CA LYS A 1637 30.51 83.59 12.70
C LYS A 1637 30.27 82.42 13.63
N PRO A 1638 30.86 82.44 14.83
CA PRO A 1638 30.72 81.30 15.73
C PRO A 1638 29.26 81.02 16.07
N TYR A 1639 28.96 79.73 16.24
CA TYR A 1639 27.63 79.28 16.64
C TYR A 1639 27.79 78.00 17.44
N GLU A 1640 26.68 77.49 17.97
CA GLU A 1640 26.68 76.30 18.81
C GLU A 1640 25.52 75.40 18.42
N ILE A 1641 25.67 74.10 18.66
CA ILE A 1641 24.71 73.09 18.25
C ILE A 1641 24.38 72.20 19.45
N VAL A 1642 23.09 71.91 19.62
CA VAL A 1642 22.62 70.99 20.64
C VAL A 1642 22.01 69.78 19.93
N VAL A 1643 22.57 68.60 20.18
CA VAL A 1643 22.11 67.36 19.55
C VAL A 1643 21.31 66.58 20.58
N ASP A 1644 20.07 66.26 20.23
CA ASP A 1644 19.14 65.56 21.12
C ASP A 1644 19.03 64.12 20.66
N LEU A 1645 19.60 63.20 21.44
CA LEU A 1645 19.64 61.78 21.10
C LEU A 1645 18.61 60.97 21.89
N THR A 1646 17.48 61.58 22.24
CA THR A 1646 16.45 60.86 22.98
C THR A 1646 15.86 59.76 22.12
N HIS A 1647 15.84 58.54 22.65
CA HIS A 1647 15.14 57.42 22.02
C HIS A 1647 15.66 57.15 20.61
N THR A 1648 16.98 57.20 20.46
CA THR A 1648 17.62 56.91 19.18
C THR A 1648 17.93 55.42 19.06
N GLY A 1649 17.73 54.89 17.87
CA GLY A 1649 17.92 53.48 17.63
C GLY A 1649 18.51 53.17 16.27
N PRO A 1650 18.62 51.89 15.93
CA PRO A 1650 19.20 51.51 14.64
C PRO A 1650 18.35 51.90 13.45
N SER A 1651 17.07 52.21 13.64
CA SER A 1651 16.18 52.54 12.53
C SER A 1651 16.36 53.96 12.02
N ASN A 1652 17.19 54.77 12.68
CA ASN A 1652 17.42 56.16 12.27
C ASN A 1652 18.91 56.46 12.27
N ARG A 1653 19.69 55.57 11.67
CA ARG A 1653 21.13 55.70 11.57
C ARG A 1653 21.54 56.22 10.21
N PHE A 1654 22.78 56.71 10.14
CA PHE A 1654 23.43 57.01 8.87
C PHE A 1654 24.29 55.82 8.44
N LYS A 1655 24.58 55.77 7.15
CA LYS A 1655 25.43 54.73 6.59
C LYS A 1655 26.76 55.32 6.15
N THR A 1656 27.72 54.44 5.87
CA THR A 1656 29.06 54.90 5.54
C THR A 1656 29.07 55.77 4.30
N ASP A 1657 28.30 55.39 3.29
CA ASP A 1657 28.21 56.20 2.08
C ASP A 1657 27.63 57.58 2.37
N PHE A 1658 26.62 57.64 3.23
CA PHE A 1658 25.94 58.89 3.54
C PHE A 1658 26.54 59.60 4.75
N LEU A 1659 27.29 58.88 5.59
CA LEU A 1659 27.92 59.52 6.74
C LEU A 1659 29.15 60.31 6.34
N SER A 1660 29.89 59.84 5.34
CA SER A 1660 31.09 60.52 4.90
C SER A 1660 30.80 61.77 4.09
N LYS A 1661 29.58 61.94 3.57
CA LYS A 1661 29.25 63.17 2.86
C LYS A 1661 29.32 64.37 3.78
N TRP A 1662 28.92 64.20 5.04
CA TRP A 1662 28.83 65.35 5.94
C TRP A 1662 30.17 66.04 6.14
N PHE A 1663 31.27 65.36 5.84
CA PHE A 1663 32.60 65.95 6.03
C PHE A 1663 33.11 66.71 4.82
N VAL A 1664 32.45 66.61 3.66
CA VAL A 1664 32.98 67.18 2.43
C VAL A 1664 31.95 68.04 1.71
N VAL A 1665 30.94 68.52 2.42
CA VAL A 1665 29.85 69.25 1.79
C VAL A 1665 29.77 70.71 2.24
N PHE A 1666 30.28 71.05 3.38
CA PHE A 1666 30.19 72.44 3.81
C PHE A 1666 31.50 73.17 3.56
N PRO A 1667 31.47 74.48 3.36
CA PRO A 1667 32.72 75.21 3.17
C PRO A 1667 33.64 75.04 4.37
N GLY A 1668 34.94 74.96 4.10
CA GLY A 1668 35.87 74.51 5.12
C GLY A 1668 35.84 75.32 6.39
N PHE A 1669 35.47 76.60 6.32
CA PHE A 1669 35.42 77.41 7.52
C PHE A 1669 34.17 77.17 8.34
N ALA A 1670 33.14 76.55 7.77
CA ALA A 1670 31.94 76.24 8.54
C ALA A 1670 32.25 75.26 9.66
N TYR A 1671 33.17 74.32 9.42
CA TYR A 1671 33.54 73.37 10.46
C TYR A 1671 34.29 74.04 11.61
N ASP A 1672 35.07 75.08 11.31
CA ASP A 1672 35.88 75.72 12.34
C ASP A 1672 35.07 76.62 13.25
N ASN A 1673 34.02 77.25 12.73
CA ASN A 1673 33.23 78.17 13.52
C ASN A 1673 32.38 77.49 14.59
N VAL A 1674 32.30 76.15 14.57
CA VAL A 1674 31.48 75.44 15.54
C VAL A 1674 32.16 75.58 16.91
N SER A 1675 31.55 76.38 17.79
CA SER A 1675 32.16 76.67 19.07
C SER A 1675 32.13 75.46 19.98
N ALA A 1676 30.94 74.97 20.30
CA ALA A 1676 30.79 73.83 21.19
C ALA A 1676 29.55 73.03 20.78
N VAL A 1677 29.52 71.76 21.20
CA VAL A 1677 28.42 70.85 20.90
C VAL A 1677 27.94 70.24 22.20
N TYR A 1678 26.63 70.28 22.43
CA TYR A 1678 26.01 69.75 23.63
C TYR A 1678 25.18 68.52 23.24
N ILE A 1679 25.67 67.34 23.58
CA ILE A 1679 24.97 66.09 23.29
C ILE A 1679 24.08 65.76 24.47
N TYR A 1680 22.84 65.36 24.17
CA TYR A 1680 21.79 65.19 25.17
C TYR A 1680 21.17 63.81 25.03
N ASN A 1681 21.03 63.10 26.15
CA ASN A 1681 20.38 61.79 26.21
C ASN A 1681 21.06 60.78 25.28
N CYS A 1682 22.32 60.50 25.57
CA CYS A 1682 22.99 59.39 24.91
C CYS A 1682 22.43 58.08 25.42
N ASN A 1683 22.59 57.02 24.63
CA ASN A 1683 22.15 55.69 25.03
C ASN A 1683 23.12 54.65 24.49
N SER A 1684 22.84 53.39 24.83
CA SER A 1684 23.79 52.32 24.55
C SER A 1684 24.02 52.15 23.05
N TRP A 1685 22.95 52.16 22.26
CA TRP A 1685 23.10 51.94 20.82
C TRP A 1685 24.06 52.95 20.21
N VAL A 1686 23.95 54.22 20.62
CA VAL A 1686 24.81 55.26 20.05
C VAL A 1686 26.28 54.95 20.32
N ARG A 1687 26.59 54.53 21.55
CA ARG A 1687 27.97 54.24 21.90
C ARG A 1687 28.52 53.12 21.02
N GLU A 1688 27.75 52.06 20.81
CA GLU A 1688 28.18 50.99 19.91
C GLU A 1688 28.29 51.50 18.48
N TYR A 1689 27.38 52.38 18.07
CA TYR A 1689 27.47 52.96 16.74
C TYR A 1689 28.76 53.75 16.55
N THR A 1690 29.15 54.51 17.58
CA THR A 1690 30.38 55.29 17.49
C THR A 1690 31.59 54.38 17.35
N LYS A 1691 31.63 53.29 18.12
CA LYS A 1691 32.79 52.41 18.09
C LYS A 1691 32.99 51.80 16.71
N TYR A 1692 31.89 51.39 16.07
CA TYR A 1692 32.00 50.78 14.75
C TYR A 1692 32.59 51.75 13.73
N HIS A 1693 32.17 53.01 13.76
CA HIS A 1693 32.62 54.04 12.84
C HIS A 1693 33.71 54.91 13.43
N GLU A 1694 34.52 54.35 14.34
CA GLU A 1694 35.54 55.15 15.01
C GLU A 1694 36.63 55.61 14.06
N ARG A 1695 36.83 54.92 12.94
CA ARG A 1695 37.84 55.35 11.98
C ARG A 1695 37.51 56.74 11.43
N LEU A 1696 36.27 56.93 10.97
CA LEU A 1696 35.87 58.22 10.41
C LEU A 1696 35.88 59.32 11.46
N LEU A 1697 35.41 59.02 12.67
CA LEU A 1697 35.22 60.03 13.70
C LEU A 1697 36.49 60.32 14.49
N THR A 1698 37.66 59.93 13.99
CA THR A 1698 38.90 60.22 14.69
C THR A 1698 39.08 61.72 14.91
N GLY A 1699 38.53 62.53 14.01
CA GLY A 1699 38.63 63.98 14.19
C GLY A 1699 37.98 64.45 15.47
N LEU A 1700 36.88 63.82 15.85
CA LEU A 1700 36.17 64.18 17.09
C LEU A 1700 36.78 63.52 18.32
N LYS A 1701 37.64 62.53 18.14
CA LYS A 1701 38.21 61.81 19.28
C LYS A 1701 38.96 62.79 20.19
N GLY A 1702 38.60 62.79 21.47
CA GLY A 1702 39.30 63.60 22.45
C GLY A 1702 39.11 65.09 22.29
N SER A 1703 38.24 65.53 21.40
CA SER A 1703 38.04 66.96 21.19
C SER A 1703 37.46 67.60 22.44
N LYS A 1704 37.82 68.86 22.66
CA LYS A 1704 37.30 69.62 23.78
C LYS A 1704 36.02 70.37 23.45
N ARG A 1705 35.56 70.32 22.20
CA ARG A 1705 34.33 70.99 21.81
C ARG A 1705 33.08 70.15 22.07
N LEU A 1706 33.24 68.87 22.43
CA LEU A 1706 32.11 68.02 22.78
C LEU A 1706 31.83 68.14 24.27
N VAL A 1707 30.61 68.53 24.62
CA VAL A 1707 30.17 68.66 26.00
C VAL A 1707 28.98 67.75 26.20
N PHE A 1708 29.08 66.83 27.17
CA PHE A 1708 28.02 65.88 27.46
C PHE A 1708 27.22 66.37 28.66
N ILE A 1709 25.91 66.35 28.53
CA ILE A 1709 25.01 66.78 29.59
C ILE A 1709 24.52 65.57 30.36
N ASP A 1710 24.53 65.65 31.69
CA ASP A 1710 24.11 64.57 32.56
C ASP A 1710 22.67 64.72 33.05
N CYS A 1711 22.25 65.94 33.37
CA CYS A 1711 20.90 66.21 33.83
C CYS A 1711 20.44 67.52 33.20
N PRO A 1712 19.13 67.74 33.09
CA PRO A 1712 18.65 69.00 32.50
C PRO A 1712 19.14 70.23 33.24
N GLY A 1713 19.42 70.12 34.53
CA GLY A 1713 19.90 71.28 35.27
C GLY A 1713 21.25 71.78 34.76
N LYS A 1714 22.14 70.86 34.40
CA LYS A 1714 23.46 71.27 33.92
C LYS A 1714 23.35 72.13 32.66
N LEU A 1715 22.35 71.87 31.82
CA LEU A 1715 22.21 72.67 30.61
C LEU A 1715 22.03 74.15 30.92
N ALA A 1716 21.46 74.47 32.09
CA ALA A 1716 21.26 75.87 32.46
C ALA A 1716 22.57 76.64 32.46
N GLU A 1717 23.67 76.00 32.85
CA GLU A 1717 24.95 76.71 32.93
C GLU A 1717 25.35 77.28 31.58
N HIS A 1718 25.29 76.46 30.53
CA HIS A 1718 25.71 76.92 29.21
C HIS A 1718 24.60 77.71 28.52
N ILE A 1719 23.43 77.12 28.36
CA ILE A 1719 22.27 77.80 27.79
C ILE A 1719 21.37 78.22 28.93
N GLU A 1720 21.17 79.52 29.07
CA GLU A 1720 20.40 80.03 30.19
C GLU A 1720 18.94 79.62 30.06
N HIS A 1721 18.28 79.48 31.21
CA HIS A 1721 16.87 79.11 31.22
C HIS A 1721 16.03 80.21 30.59
N GLU A 1722 14.83 79.84 30.16
CA GLU A 1722 13.88 80.68 29.43
C GLU A 1722 14.33 80.92 27.99
N GLN A 1723 15.47 80.40 27.58
CA GLN A 1723 15.90 80.42 26.18
C GLN A 1723 16.00 79.04 25.56
N GLN A 1724 16.12 77.99 26.38
CA GLN A 1724 16.17 76.64 25.85
C GLN A 1724 14.83 76.25 25.25
N LYS A 1725 14.85 75.70 24.04
CA LYS A 1725 13.65 75.20 23.37
C LYS A 1725 13.93 73.78 22.89
N LEU A 1726 13.73 72.81 23.77
CA LEU A 1726 13.80 71.42 23.36
C LEU A 1726 12.44 70.93 22.93
N PRO A 1727 12.37 69.81 22.21
CA PRO A 1727 11.06 69.33 21.74
C PRO A 1727 10.12 69.11 22.92
N ALA A 1728 8.84 69.41 22.71
CA ALA A 1728 7.85 69.23 23.76
C ALA A 1728 7.85 67.80 24.28
N ALA A 1729 8.08 66.83 23.40
CA ALA A 1729 8.12 65.44 23.84
C ALA A 1729 9.28 65.21 24.81
N THR A 1730 10.44 65.81 24.54
CA THR A 1730 11.61 65.55 25.39
C THR A 1730 11.37 66.05 26.80
N LEU A 1731 10.77 67.24 26.95
CA LEU A 1731 10.52 67.77 28.28
C LEU A 1731 9.56 66.88 29.06
N ALA A 1732 8.52 66.37 28.40
CA ALA A 1732 7.51 65.58 29.08
C ALA A 1732 8.08 64.31 29.71
N LEU A 1733 9.25 63.87 29.26
CA LEU A 1733 9.85 62.64 29.78
C LEU A 1733 10.62 62.85 31.06
N GLU A 1734 10.43 63.97 31.75
CA GLU A 1734 11.12 64.24 33.01
C GLU A 1734 10.14 64.81 34.03
N GLU A 1735 8.97 64.20 34.14
CA GLU A 1735 7.95 64.62 35.10
C GLU A 1735 7.20 63.41 35.62
N ASP A 1736 6.66 63.54 36.83
CA ASP A 1736 5.88 62.47 37.45
C ASP A 1736 6.67 61.17 37.55
N LEU A 1737 7.96 61.29 37.85
CA LEU A 1737 8.83 60.14 37.88
C LEU A 1737 8.68 59.36 39.20
N LYS A 1738 9.01 58.08 39.13
CA LYS A 1738 8.97 57.17 40.29
C LYS A 1738 10.33 56.48 40.33
N VAL A 1739 11.27 57.10 41.03
CA VAL A 1739 12.67 56.66 40.98
C VAL A 1739 12.86 55.46 41.90
N PHE A 1740 13.72 54.54 41.46
CA PHE A 1740 14.10 53.36 42.24
C PHE A 1740 15.63 53.28 42.23
N HIS A 1741 16.25 53.94 43.21
CA HIS A 1741 17.70 54.04 43.24
C HIS A 1741 18.34 52.71 43.64
N ASN A 1742 19.64 52.62 43.39
CA ASN A 1742 20.52 51.56 43.88
C ASN A 1742 20.26 50.21 43.23
N ALA A 1743 19.39 50.14 42.23
CA ALA A 1743 19.14 48.88 41.56
C ALA A 1743 20.41 48.40 40.85
N LEU A 1744 20.36 47.17 40.35
CA LEU A 1744 21.46 46.58 39.61
C LEU A 1744 20.92 45.90 38.36
N LYS A 1745 21.72 45.92 37.31
CA LYS A 1745 21.36 45.31 36.03
C LYS A 1745 22.13 44.01 35.86
N LEU A 1746 21.42 42.94 35.50
CA LEU A 1746 22.01 41.63 35.35
C LEU A 1746 22.28 41.35 33.88
N ALA A 1747 23.56 41.24 33.53
CA ALA A 1747 23.99 40.93 32.18
C ALA A 1747 25.30 40.15 32.26
N HIS A 1748 25.99 40.04 31.13
CA HIS A 1748 27.31 39.42 31.14
C HIS A 1748 28.24 40.13 32.12
N LYS A 1749 28.04 41.44 32.32
CA LYS A 1749 28.81 42.22 33.28
C LYS A 1749 27.86 43.24 33.89
N ASP A 1750 27.49 43.05 35.15
CA ASP A 1750 26.49 43.88 35.78
C ASP A 1750 27.05 45.27 36.08
N THR A 1751 26.14 46.24 36.19
CA THR A 1751 26.51 47.61 36.51
C THR A 1751 25.30 48.31 37.10
N LYS A 1752 25.56 49.24 38.02
CA LYS A 1752 24.47 49.92 38.71
C LYS A 1752 23.60 50.69 37.73
N VAL A 1753 22.30 50.73 38.03
CA VAL A 1753 21.32 51.46 37.25
C VAL A 1753 20.35 52.13 38.21
N SER A 1754 19.38 52.86 37.66
CA SER A 1754 18.32 53.47 38.47
C SER A 1754 17.07 53.53 37.61
N ILE A 1755 16.20 52.54 37.78
CA ILE A 1755 14.98 52.47 36.97
C ILE A 1755 14.03 53.58 37.37
N LYS A 1756 13.47 54.26 36.37
CA LYS A 1756 12.43 55.25 36.57
C LYS A 1756 11.25 54.89 35.68
N VAL A 1757 10.04 55.02 36.21
CA VAL A 1757 8.82 54.63 35.52
C VAL A 1757 7.88 55.83 35.53
N GLY A 1758 7.88 56.59 34.44
CA GLY A 1758 6.93 57.67 34.28
C GLY A 1758 5.60 57.18 33.77
N SER A 1759 4.71 58.14 33.49
CA SER A 1759 3.38 57.80 33.00
C SER A 1759 3.45 57.11 31.64
N THR A 1760 4.33 57.60 30.76
CA THR A 1760 4.36 57.14 29.37
C THR A 1760 5.37 56.03 29.11
N ALA A 1761 6.58 56.14 29.62
CA ALA A 1761 7.65 55.22 29.28
C ALA A 1761 8.51 54.92 30.49
N VAL A 1762 9.42 53.97 30.32
CA VAL A 1762 10.31 53.51 31.38
C VAL A 1762 11.74 53.88 30.99
N GLN A 1763 12.44 54.54 31.91
CA GLN A 1763 13.79 55.04 31.67
C GLN A 1763 14.76 54.27 32.56
N VAL A 1764 15.73 53.60 31.94
CA VAL A 1764 16.76 52.86 32.66
C VAL A 1764 18.00 53.73 32.65
N THR A 1765 18.16 54.56 33.68
CA THR A 1765 19.26 55.50 33.76
C THR A 1765 20.45 54.84 34.45
N SER A 1766 21.54 54.66 33.70
CA SER A 1766 22.74 54.08 34.28
C SER A 1766 23.32 55.00 35.36
N ALA A 1767 23.85 54.39 36.42
CA ALA A 1767 24.43 55.13 37.53
C ALA A 1767 25.95 55.13 37.50
N GLU A 1768 26.56 54.66 36.40
CA GLU A 1768 28.00 54.63 36.26
C GLU A 1768 28.40 55.30 34.96
N ARG A 1769 29.48 56.09 35.00
CA ARG A 1769 29.97 56.76 33.81
C ARG A 1769 30.79 55.81 32.95
N THR A 1770 30.69 55.99 31.63
CA THR A 1770 31.40 55.15 30.67
C THR A 1770 32.05 56.03 29.61
N LYS A 1771 33.12 55.51 29.01
CA LYS A 1771 33.90 56.27 28.04
C LYS A 1771 33.19 56.25 26.69
N VAL A 1772 32.91 57.45 26.16
CA VAL A 1772 32.36 57.61 24.83
C VAL A 1772 33.19 58.69 24.12
N LEU A 1773 33.81 58.33 23.01
CA LEU A 1773 34.70 59.24 22.29
C LEU A 1773 35.75 59.82 23.23
N GLY A 1774 36.27 58.98 24.12
CA GLY A 1774 37.28 59.41 25.06
C GLY A 1774 36.80 60.27 26.19
N GLN A 1775 35.52 60.20 26.54
CA GLN A 1775 34.97 60.99 27.64
C GLN A 1775 33.99 60.15 28.45
N SER A 1776 34.07 60.29 29.77
CA SER A 1776 33.14 59.59 30.65
C SER A 1776 31.77 60.25 30.61
N VAL A 1777 30.71 59.43 30.58
CA VAL A 1777 29.36 59.93 30.46
C VAL A 1777 28.39 58.82 30.89
N PHE A 1778 27.18 59.23 31.26
CA PHE A 1778 26.12 58.29 31.60
C PHE A 1778 25.30 57.94 30.36
N LEU A 1779 24.78 56.71 30.34
CA LEU A 1779 24.05 56.17 29.20
C LEU A 1779 22.60 55.92 29.62
N ASN A 1780 21.76 56.93 29.41
CA ASN A 1780 20.33 56.80 29.68
C ASN A 1780 19.63 56.10 28.52
N ASP A 1781 18.80 55.12 28.84
CA ASP A 1781 18.02 54.39 27.85
C ASP A 1781 16.53 54.54 28.15
N ILE A 1782 15.73 54.61 27.09
CA ILE A 1782 14.30 54.82 27.20
C ILE A 1782 13.58 53.71 26.46
N TYR A 1783 12.64 53.05 27.13
CA TYR A 1783 11.78 52.04 26.53
C TYR A 1783 10.34 52.52 26.66
N TYR A 1784 9.66 52.67 25.53
CA TYR A 1784 8.29 53.14 25.53
C TYR A 1784 7.31 52.00 25.81
N ALA A 1785 6.08 52.37 26.14
CA ALA A 1785 5.08 51.38 26.52
C ALA A 1785 4.80 50.41 25.38
N SER A 1786 4.63 50.93 24.17
CA SER A 1786 4.27 50.08 23.05
C SER A 1786 5.32 49.01 22.80
N GLU A 1787 6.57 49.28 23.14
CA GLU A 1787 7.63 48.30 22.94
C GLU A 1787 7.68 47.24 24.03
N ILE A 1788 6.93 47.41 25.11
CA ILE A 1788 6.94 46.46 26.22
C ILE A 1788 6.03 45.28 25.87
N GLU A 1789 6.59 44.07 25.94
CA GLU A 1789 5.88 42.86 25.58
C GLU A 1789 5.64 41.94 26.78
N GLU A 1790 6.70 41.57 27.49
CA GLU A 1790 6.62 40.59 28.57
C GLU A 1790 7.04 41.21 29.88
N ILE A 1791 6.23 41.01 30.91
CA ILE A 1791 6.53 41.43 32.27
C ILE A 1791 6.34 40.24 33.18
N CYS A 1792 7.41 39.76 33.79
CA CYS A 1792 7.36 38.58 34.63
C CYS A 1792 8.25 38.79 35.85
N LEU A 1793 7.99 37.99 36.89
CA LEU A 1793 8.74 38.02 38.14
C LEU A 1793 9.23 36.61 38.44
N VAL A 1794 10.47 36.31 38.06
CA VAL A 1794 11.04 35.00 38.37
C VAL A 1794 11.27 34.87 39.87
N ASP A 1795 11.69 35.95 40.52
CA ASP A 1795 11.93 35.95 41.96
C ASP A 1795 11.85 37.38 42.45
N GLU A 1796 11.66 37.52 43.77
CA GLU A 1796 11.68 38.86 44.36
C GLU A 1796 13.02 39.53 44.12
N ASN A 1797 14.09 38.75 43.95
CA ASN A 1797 15.40 39.32 43.72
C ASN A 1797 15.53 39.85 42.29
N GLN A 1798 14.93 39.15 41.32
CA GLN A 1798 15.16 39.45 39.91
C GLN A 1798 13.84 39.47 39.14
N PHE A 1799 13.79 40.34 38.12
CA PHE A 1799 12.70 40.37 37.18
C PHE A 1799 13.27 40.55 35.77
N THR A 1800 12.49 40.12 34.78
CA THR A 1800 12.93 40.13 33.39
C THR A 1800 11.96 40.93 32.53
N LEU A 1801 12.51 41.67 31.58
CA LEU A 1801 11.73 42.46 30.62
C LEU A 1801 12.12 42.09 29.20
N THR A 1802 11.11 41.98 28.34
CA THR A 1802 11.31 41.66 26.93
C THR A 1802 10.88 42.86 26.10
N ILE A 1803 11.73 43.27 25.16
CA ILE A 1803 11.49 44.45 24.33
C ILE A 1803 11.44 44.00 22.87
N ALA A 1804 10.49 44.58 22.12
CA ALA A 1804 10.30 44.18 20.74
C ALA A 1804 11.53 44.48 19.90
N ASN A 1805 11.95 43.51 19.10
CA ASN A 1805 13.02 43.61 18.12
C ASN A 1805 14.41 43.71 18.75
N GLN A 1806 14.52 43.76 20.07
CA GLN A 1806 15.81 43.90 20.72
C GLN A 1806 16.50 42.56 20.99
N GLY A 1807 15.83 41.45 20.71
CA GLY A 1807 16.42 40.15 20.95
C GLY A 1807 16.26 39.65 22.37
N THR A 1808 17.38 39.40 23.03
CA THR A 1808 17.34 38.83 24.37
C THR A 1808 16.65 39.80 25.33
N PRO A 1809 15.80 39.31 26.24
CA PRO A 1809 15.19 40.19 27.23
C PRO A 1809 16.19 40.66 28.26
N LEU A 1810 15.85 41.77 28.92
CA LEU A 1810 16.71 42.39 29.91
C LEU A 1810 16.24 42.02 31.31
N THR A 1811 17.17 41.51 32.12
CA THR A 1811 16.89 41.09 33.48
C THR A 1811 17.63 42.00 34.47
N PHE A 1812 16.93 42.41 35.52
CA PHE A 1812 17.49 43.28 36.55
C PHE A 1812 17.23 42.68 37.92
N MET A 1813 18.08 43.03 38.88
CA MET A 1813 17.97 42.57 40.25
C MET A 1813 17.70 43.75 41.17
N HIS A 1814 16.65 43.63 41.98
CA HIS A 1814 16.32 44.66 42.96
C HIS A 1814 15.65 43.99 44.16
N GLN A 1815 15.72 44.66 45.31
CA GLN A 1815 15.17 44.10 46.53
C GLN A 1815 13.65 44.01 46.50
N GLU A 1816 12.99 44.82 45.69
CA GLU A 1816 11.53 44.87 45.61
C GLU A 1816 11.08 44.77 44.16
N CYS A 1817 11.65 43.80 43.44
CA CYS A 1817 11.32 43.65 42.02
C CYS A 1817 9.82 43.54 41.80
N GLU A 1818 9.11 42.90 42.72
CA GLU A 1818 7.65 42.78 42.56
C GLU A 1818 6.99 44.15 42.57
N ALA A 1819 7.44 45.04 43.46
CA ALA A 1819 6.88 46.39 43.49
C ALA A 1819 7.15 47.12 42.19
N ILE A 1820 8.38 47.02 41.68
CA ILE A 1820 8.70 47.65 40.40
C ILE A 1820 7.93 46.98 39.27
N VAL A 1821 7.89 45.64 39.27
CA VAL A 1821 7.18 44.92 38.22
C VAL A 1821 5.72 45.33 38.19
N GLN A 1822 5.12 45.50 39.37
CA GLN A 1822 3.73 45.95 39.41
C GLN A 1822 3.57 47.32 38.76
N SER A 1823 4.49 48.23 39.03
CA SER A 1823 4.36 49.59 38.51
C SER A 1823 4.39 49.58 36.98
N ILE A 1824 5.28 48.81 36.38
CA ILE A 1824 5.36 48.76 34.92
C ILE A 1824 4.05 48.26 34.33
N ILE A 1825 3.43 47.26 34.96
CA ILE A 1825 2.21 46.67 34.42
C ILE A 1825 1.13 47.72 34.30
N HIS A 1826 1.03 48.62 35.29
CA HIS A 1826 0.01 49.66 35.25
C HIS A 1826 0.11 50.49 33.97
N ILE A 1827 1.33 50.94 33.64
CA ILE A 1827 1.52 51.75 32.45
C ILE A 1827 1.18 50.94 31.21
N ARG A 1828 1.64 49.69 31.15
CA ARG A 1828 1.35 48.86 29.99
C ARG A 1828 -0.15 48.66 29.82
N THR A 1829 -0.85 48.39 30.91
CA THR A 1829 -2.29 48.16 30.84
C THR A 1829 -3.02 49.38 30.30
N ARG A 1830 -2.65 50.58 30.76
CA ARG A 1830 -3.33 51.78 30.31
C ARG A 1830 -3.17 51.98 28.81
N TRP A 1831 -1.98 51.73 28.28
CA TRP A 1831 -1.77 51.85 26.85
C TRP A 1831 -2.62 50.86 26.07
N GLU A 1832 -2.77 49.64 26.60
CA GLU A 1832 -3.62 48.66 25.94
C GLU A 1832 -5.02 49.19 25.74
N LEU A 1833 -5.58 49.86 26.75
CA LEU A 1833 -6.87 50.50 26.59
C LEU A 1833 -6.79 51.70 25.67
N SER A 1834 -5.66 52.40 25.67
CA SER A 1834 -5.54 53.63 24.88
C SER A 1834 -5.70 53.36 23.39
N GLN A 1835 -5.06 52.32 22.88
CA GLN A 1835 -5.11 52.03 21.46
C GLN A 1835 -6.53 51.67 21.05
N PRO A 1836 -7.08 52.28 19.99
CA PRO A 1836 -8.48 51.99 19.63
C PRO A 1836 -8.67 50.69 18.86
N ASP A 1837 -7.64 50.28 18.12
CA ASP A 1837 -7.76 49.09 17.28
C ASP A 1837 -8.18 47.88 18.13
N SER A 1838 -9.14 47.11 17.59
CA SER A 1838 -9.63 45.95 18.31
C SER A 1838 -8.53 44.93 18.56
N ILE A 1839 -7.95 44.40 17.48
CA ILE A 1839 -6.91 43.38 17.59
C ILE A 1839 -6.15 43.31 16.27
N PRO A 1840 -4.82 43.17 16.28
CA PRO A 1840 -4.09 43.01 15.04
C PRO A 1840 -4.36 41.66 14.40
N GLN A 1841 -4.11 41.60 13.08
CA GLN A 1841 -4.36 40.41 12.28
C GLN A 1841 -3.05 39.73 11.93
N HIS A 1842 -3.02 38.41 12.08
CA HIS A 1842 -1.82 37.62 11.80
C HIS A 1842 -0.73 37.89 12.83
N THR A 1843 0.39 37.17 12.74
CA THR A 1843 1.48 37.32 13.68
C THR A 1843 2.79 37.33 12.92
N LYS A 1844 3.68 38.25 13.29
CA LYS A 1844 5.00 38.34 12.67
C LYS A 1844 5.95 37.37 13.35
N ILE A 1845 6.62 36.54 12.55
CA ILE A 1845 7.57 35.56 13.05
C ILE A 1845 8.89 35.77 12.32
N ARG A 1846 9.98 35.66 13.07
CA ARG A 1846 11.32 35.71 12.52
C ARG A 1846 12.03 34.39 12.77
N PRO A 1847 13.17 34.15 12.11
CA PRO A 1847 13.80 32.82 12.21
C PRO A 1847 14.08 32.36 13.62
N LYS A 1848 14.41 33.27 14.54
CA LYS A 1848 14.72 32.89 15.91
C LYS A 1848 13.49 32.51 16.72
N ASP A 1849 12.29 32.70 16.16
CA ASP A 1849 11.06 32.37 16.87
C ASP A 1849 10.53 30.98 16.54
N VAL A 1850 11.13 30.28 15.58
CA VAL A 1850 10.63 28.98 15.17
C VAL A 1850 11.77 27.99 14.96
N PRO A 1851 12.62 27.76 15.96
CA PRO A 1851 13.61 26.68 15.82
C PRO A 1851 12.96 25.31 15.68
N GLY A 1852 11.81 25.10 16.31
CA GLY A 1852 11.16 23.81 16.22
C GLY A 1852 10.64 23.47 14.83
N THR A 1853 10.16 24.48 14.10
CA THR A 1853 9.64 24.24 12.77
C THR A 1853 10.74 23.96 11.76
N LEU A 1854 11.88 24.62 11.88
CA LEU A 1854 12.99 24.37 10.97
C LEU A 1854 13.62 23.02 11.22
N LEU A 1855 13.62 22.54 12.45
CA LEU A 1855 14.27 21.27 12.76
C LEU A 1855 13.54 20.11 12.10
N ASN A 1856 12.21 20.17 12.01
CA ASN A 1856 11.48 19.06 11.40
C ASN A 1856 11.72 19.01 9.90
N ILE A 1857 11.87 20.16 9.24
CA ILE A 1857 12.17 20.15 7.82
C ILE A 1857 13.54 19.57 7.56
N ALA A 1858 14.49 19.79 8.46
CA ALA A 1858 15.82 19.24 8.27
C ALA A 1858 15.81 17.71 8.37
N LEU A 1859 15.21 17.18 9.43
CA LEU A 1859 15.25 15.73 9.64
C LEU A 1859 14.42 14.99 8.60
N LEU A 1860 13.24 15.50 8.26
CA LEU A 1860 12.40 14.81 7.29
C LEU A 1860 13.09 14.69 5.94
N ASN A 1861 13.76 15.76 5.50
CA ASN A 1861 14.43 15.75 4.20
C ASN A 1861 15.76 15.02 4.23
N LEU A 1862 16.33 14.75 5.40
CA LEU A 1862 17.54 13.94 5.49
C LEU A 1862 17.32 12.50 5.10
N GLY A 1863 16.07 12.07 4.94
CA GLY A 1863 15.79 10.71 4.53
C GLY A 1863 15.20 10.64 3.14
N SER A 1864 15.36 11.70 2.35
CA SER A 1864 14.80 11.73 1.00
C SER A 1864 15.45 10.67 0.13
N SER A 1865 14.95 10.53 -1.10
CA SER A 1865 15.51 9.62 -2.07
C SER A 1865 16.32 10.33 -3.15
N ASP A 1866 16.57 11.63 -2.98
CA ASP A 1866 17.31 12.43 -3.95
C ASP A 1866 18.64 12.85 -3.35
N PRO A 1867 19.79 12.45 -3.90
CA PRO A 1867 21.06 12.77 -3.23
C PRO A 1867 21.29 14.25 -3.04
N SER A 1868 20.86 15.08 -3.98
CA SER A 1868 21.08 16.53 -3.85
C SER A 1868 20.27 17.09 -2.70
N LEU A 1869 19.03 16.63 -2.52
CA LEU A 1869 18.20 17.14 -1.43
C LEU A 1869 18.75 16.73 -0.08
N ARG A 1870 19.37 15.55 0.01
CA ARG A 1870 19.94 15.11 1.28
C ARG A 1870 21.09 16.01 1.72
N SER A 1871 21.90 16.50 0.79
CA SER A 1871 23.02 17.37 1.15
C SER A 1871 22.53 18.70 1.68
N ALA A 1872 21.55 19.32 1.00
CA ALA A 1872 20.97 20.55 1.50
C ALA A 1872 20.44 20.39 2.91
N ALA A 1873 19.89 19.21 3.22
CA ALA A 1873 19.35 18.99 4.57
C ALA A 1873 20.45 18.91 5.61
N TYR A 1874 21.60 18.32 5.26
CA TYR A 1874 22.69 18.24 6.22
C TYR A 1874 23.20 19.62 6.60
N ASN A 1875 23.36 20.50 5.61
CA ASN A 1875 23.86 21.84 5.89
C ASN A 1875 22.88 22.65 6.73
N LEU A 1876 21.59 22.56 6.41
CA LEU A 1876 20.60 23.29 7.21
C LEU A 1876 20.63 22.84 8.66
N LEU A 1877 20.84 21.55 8.89
CA LEU A 1877 20.93 21.04 10.25
C LEU A 1877 22.16 21.57 10.98
N CYS A 1878 23.20 21.93 10.24
CA CYS A 1878 24.40 22.45 10.87
C CYS A 1878 24.23 23.90 11.29
N ALA A 1879 23.48 24.69 10.50
CA ALA A 1879 23.24 26.07 10.86
C ALA A 1879 22.41 26.18 12.12
N LEU A 1880 21.40 25.32 12.28
CA LEU A 1880 20.59 25.35 13.49
C LEU A 1880 21.43 25.08 14.73
N THR A 1881 22.26 24.04 14.68
CA THR A 1881 23.06 23.70 15.86
C THR A 1881 24.02 24.81 16.25
N CYS A 1882 24.47 25.61 15.28
CA CYS A 1882 25.36 26.71 15.60
C CYS A 1882 24.58 27.91 16.13
N THR A 1883 23.54 28.32 15.42
CA THR A 1883 22.80 29.52 15.81
C THR A 1883 22.18 29.36 17.20
N PHE A 1884 21.47 28.26 17.42
CA PHE A 1884 20.75 28.05 18.66
C PHE A 1884 21.55 27.28 19.70
N ASN A 1885 22.81 26.95 19.41
CA ASN A 1885 23.68 26.26 20.37
C ASN A 1885 23.04 24.97 20.86
N LEU A 1886 22.40 24.25 19.97
CA LEU A 1886 21.83 22.95 20.33
C LEU A 1886 22.95 21.95 20.61
N LYS A 1887 22.78 21.17 21.66
CA LYS A 1887 23.80 20.24 22.13
C LYS A 1887 23.50 18.86 21.57
N ILE A 1888 24.26 18.46 20.56
CA ILE A 1888 24.14 17.14 19.95
C ILE A 1888 25.33 16.29 20.37
N GLU A 1889 25.26 15.00 20.05
CA GLU A 1889 26.30 14.07 20.49
C GLU A 1889 27.61 14.31 19.76
N GLY A 1890 27.60 14.17 18.44
CA GLY A 1890 28.80 14.29 17.64
C GLY A 1890 29.08 15.72 17.22
N GLN A 1891 29.93 15.85 16.21
CA GLN A 1891 30.27 17.14 15.63
C GLN A 1891 29.83 17.18 14.18
N LEU A 1892 29.43 18.37 13.73
CA LEU A 1892 28.96 18.58 12.38
C LEU A 1892 29.80 19.65 11.70
N LEU A 1893 29.81 19.63 10.38
CA LEU A 1893 30.63 20.55 9.60
C LEU A 1893 30.02 20.71 8.22
N GLU A 1894 29.74 21.96 7.83
CA GLU A 1894 29.17 22.22 6.52
C GLU A 1894 30.20 21.91 5.43
N THR A 1895 29.71 21.40 4.30
CA THR A 1895 30.57 21.03 3.20
C THR A 1895 29.75 20.94 1.93
N SER A 1896 30.43 21.03 0.80
CA SER A 1896 29.84 20.81 -0.50
C SER A 1896 30.47 19.57 -1.13
N GLY A 1897 29.63 18.72 -1.70
CA GLY A 1897 30.09 17.51 -2.37
C GLY A 1897 30.00 16.25 -1.56
N LEU A 1898 29.33 16.26 -0.41
CA LEU A 1898 29.19 15.05 0.39
C LEU A 1898 28.31 14.03 -0.32
N CYS A 1899 28.64 12.76 -0.11
CA CYS A 1899 27.83 11.64 -0.58
C CYS A 1899 27.21 10.97 0.63
N ILE A 1900 25.89 11.05 0.73
CA ILE A 1900 25.14 10.61 1.91
C ILE A 1900 24.29 9.41 1.53
N PRO A 1901 24.42 8.28 2.22
CA PRO A 1901 23.67 7.09 1.80
C PRO A 1901 22.17 7.28 1.93
N ALA A 1902 21.42 6.56 1.10
CA ALA A 1902 19.96 6.62 1.18
C ALA A 1902 19.45 5.99 2.46
N ASN A 1903 20.10 4.93 2.94
CA ASN A 1903 19.75 4.31 4.21
C ASN A 1903 20.29 5.18 5.33
N ASN A 1904 19.40 5.92 5.99
CA ASN A 1904 19.82 6.90 6.97
C ASN A 1904 18.95 6.90 8.23
N THR A 1905 18.17 5.85 8.45
CA THR A 1905 17.22 5.86 9.56
C THR A 1905 17.92 5.97 10.90
N LEU A 1906 18.93 5.12 11.13
CA LEU A 1906 19.54 5.09 12.44
C LEU A 1906 20.29 6.38 12.76
N PHE A 1907 20.86 7.03 11.75
CA PHE A 1907 21.52 8.31 12.00
C PHE A 1907 20.50 9.38 12.38
N ILE A 1908 19.38 9.44 11.66
CA ILE A 1908 18.36 10.43 11.94
C ILE A 1908 17.81 10.25 13.35
N VAL A 1909 17.58 9.00 13.75
CA VAL A 1909 16.94 8.75 15.05
C VAL A 1909 17.87 9.12 16.20
N SER A 1910 19.18 8.93 16.03
CA SER A 1910 20.11 9.27 17.10
C SER A 1910 20.08 10.76 17.41
N ILE A 1911 20.04 11.60 16.38
CA ILE A 1911 19.98 13.04 16.62
C ILE A 1911 18.68 13.41 17.30
N SER A 1912 17.56 12.89 16.80
CA SER A 1912 16.27 13.18 17.41
C SER A 1912 16.21 12.66 18.84
N LYS A 1913 16.74 11.47 19.07
CA LYS A 1913 16.70 10.89 20.41
C LYS A 1913 17.54 11.68 21.41
N THR A 1914 18.52 12.44 20.94
CA THR A 1914 19.37 13.22 21.84
C THR A 1914 18.78 14.59 22.14
N LEU A 1915 18.44 15.35 21.10
CA LEU A 1915 17.83 16.66 21.32
C LEU A 1915 16.60 16.56 22.20
N ALA A 1916 15.84 15.47 22.08
CA ALA A 1916 14.67 15.29 22.92
C ALA A 1916 15.07 15.21 24.39
N ALA A 1917 16.15 14.50 24.69
CA ALA A 1917 16.55 14.30 26.07
C ALA A 1917 17.02 15.60 26.72
N ASN A 1918 17.83 16.38 26.00
CA ASN A 1918 18.47 17.57 26.55
C ASN A 1918 18.11 18.82 25.77
N GLU A 1919 16.88 18.91 25.28
CA GLU A 1919 16.39 20.15 24.69
C GLU A 1919 14.87 20.17 24.75
N PRO A 1920 14.26 20.07 25.93
CA PRO A 1920 12.81 19.87 26.00
C PRO A 1920 11.98 21.04 25.49
N HIS A 1921 12.52 22.24 25.42
CA HIS A 1921 11.71 23.42 25.13
C HIS A 1921 11.24 23.50 23.68
N LEU A 1922 11.55 22.50 22.85
CA LEU A 1922 11.08 22.45 21.49
C LEU A 1922 9.88 21.52 21.30
N THR A 1923 9.40 20.89 22.38
CA THR A 1923 8.47 19.78 22.24
C THR A 1923 7.17 20.22 21.57
N LEU A 1924 6.61 21.36 21.99
CA LEU A 1924 5.32 21.77 21.46
C LEU A 1924 5.43 22.30 20.03
N GLU A 1925 6.56 22.91 19.68
CA GLU A 1925 6.75 23.34 18.30
C GLU A 1925 7.04 22.17 17.39
N PHE A 1926 7.86 21.23 17.85
CA PHE A 1926 8.27 20.11 16.99
C PHE A 1926 7.10 19.20 16.66
N LEU A 1927 6.36 18.77 17.69
CA LEU A 1927 5.30 17.79 17.46
C LEU A 1927 4.20 18.37 16.58
N GLU A 1928 3.82 19.63 16.81
CA GLU A 1928 2.79 20.23 15.98
C GLU A 1928 3.19 20.21 14.52
N GLU A 1929 4.47 20.41 14.23
CA GLU A 1929 4.95 20.42 12.85
C GLU A 1929 5.26 19.02 12.34
N CYS A 1930 5.69 18.12 13.22
CA CYS A 1930 5.99 16.75 12.79
C CYS A 1930 4.74 16.05 12.30
N ILE A 1931 3.63 16.19 13.03
CA ILE A 1931 2.39 15.55 12.62
C ILE A 1931 1.84 16.19 11.35
N SER A 1932 1.99 17.50 11.21
CA SER A 1932 1.47 18.19 10.03
C SER A 1932 2.14 17.70 8.77
N GLY A 1933 3.47 17.56 8.79
CA GLY A 1933 4.18 17.01 7.64
C GLY A 1933 4.00 15.52 7.48
N PHE A 1934 3.46 14.85 8.50
CA PHE A 1934 3.17 13.43 8.39
C PHE A 1934 2.12 13.16 7.32
N SER A 1935 1.13 14.04 7.23
CA SER A 1935 0.02 13.83 6.30
C SER A 1935 0.35 14.23 4.86
N LYS A 1936 1.43 14.98 4.64
CA LYS A 1936 1.80 15.45 3.32
C LYS A 1936 2.82 14.57 2.63
N SER A 1937 3.27 13.50 3.26
CA SER A 1937 4.37 12.67 2.75
C SER A 1937 3.84 11.33 2.25
N SER A 1938 4.71 10.61 1.56
CA SER A 1938 4.36 9.33 0.97
C SER A 1938 4.43 8.22 2.02
N ILE A 1939 4.01 7.03 1.61
CA ILE A 1939 3.90 5.91 2.55
C ILE A 1939 5.25 5.59 3.14
N GLU A 1940 6.28 5.50 2.30
CA GLU A 1940 7.60 5.09 2.78
C GLU A 1940 8.16 6.11 3.78
N LEU A 1941 7.95 7.40 3.52
CA LEU A 1941 8.42 8.43 4.46
C LEU A 1941 7.59 8.43 5.74
N LYS A 1942 6.31 8.03 5.65
CA LYS A 1942 5.49 7.98 6.85
C LYS A 1942 6.08 7.05 7.89
N HIS A 1943 6.64 5.92 7.47
CA HIS A 1943 7.24 5.00 8.41
C HIS A 1943 8.43 5.63 9.13
N LEU A 1944 9.11 6.57 8.48
CA LEU A 1944 10.24 7.22 9.12
C LEU A 1944 9.78 8.18 10.21
N CYS A 1945 8.69 8.92 9.96
CA CYS A 1945 8.23 9.90 10.94
C CYS A 1945 7.90 9.25 12.27
N LEU A 1946 7.40 8.01 12.26
CA LEU A 1946 7.16 7.31 13.51
C LEU A 1946 8.46 7.01 14.24
N GLU A 1947 9.53 6.74 13.52
CA GLU A 1947 10.77 6.31 14.17
C GLU A 1947 11.34 7.42 15.05
N TYR A 1948 11.45 8.63 14.54
CA TYR A 1948 12.06 9.71 15.31
C TYR A 1948 11.03 10.57 16.04
N MET A 1949 9.74 10.30 15.88
CA MET A 1949 8.72 11.04 16.63
C MET A 1949 8.55 10.51 18.04
N THR A 1950 8.70 9.20 18.23
CA THR A 1950 8.35 8.60 19.52
C THR A 1950 9.12 9.18 20.69
N PRO A 1951 10.43 9.46 20.60
CA PRO A 1951 11.14 9.95 21.79
C PRO A 1951 10.60 11.26 22.35
N TRP A 1952 9.93 12.06 21.52
CA TRP A 1952 9.49 13.37 21.97
C TRP A 1952 8.19 13.31 22.77
N LEU A 1953 7.46 12.20 22.73
CA LEU A 1953 6.19 12.12 23.44
C LEU A 1953 6.39 12.10 24.94
N SER A 1954 7.52 11.58 25.42
CA SER A 1954 7.75 11.51 26.85
C SER A 1954 7.80 12.88 27.50
N ASN A 1955 8.10 13.93 26.71
CA ASN A 1955 8.28 15.26 27.27
C ASN A 1955 6.97 15.96 27.57
N LEU A 1956 5.81 15.41 27.16
CA LEU A 1956 4.54 16.08 27.40
C LEU A 1956 4.19 16.16 28.87
N VAL A 1957 4.88 15.42 29.75
CA VAL A 1957 4.58 15.51 31.17
C VAL A 1957 4.89 16.90 31.70
N ARG A 1958 5.96 17.53 31.20
CA ARG A 1958 6.36 18.83 31.69
C ARG A 1958 5.37 19.93 31.32
N PHE A 1959 4.43 19.65 30.42
CA PHE A 1959 3.48 20.66 29.96
C PHE A 1959 2.03 20.32 30.29
N CYS A 1960 1.77 19.18 30.91
CA CYS A 1960 0.38 18.78 31.16
C CYS A 1960 -0.29 19.68 32.18
N LYS A 1961 0.44 20.12 33.20
CA LYS A 1961 -0.10 20.92 34.30
C LYS A 1961 0.69 22.20 34.46
N HIS A 1962 0.96 22.88 33.35
CA HIS A 1962 1.80 24.07 33.34
C HIS A 1962 1.02 25.33 33.68
N ASN A 1963 0.33 25.32 34.81
CA ASN A 1963 -0.35 26.50 35.34
C ASN A 1963 -1.39 27.06 34.36
N ASP A 1964 -2.03 26.18 33.60
CA ASP A 1964 -3.09 26.56 32.67
C ASP A 1964 -2.74 27.83 31.90
N ASP A 1965 -1.51 27.91 31.40
CA ASP A 1965 -1.03 29.09 30.72
C ASP A 1965 -1.36 29.10 29.23
N ALA A 1966 -2.39 28.36 28.83
CA ALA A 1966 -2.77 28.08 27.44
C ALA A 1966 -1.83 27.03 26.84
N LYS A 1967 -0.80 26.61 27.56
CA LYS A 1967 0.01 25.49 27.09
C LYS A 1967 -0.73 24.18 27.27
N ARG A 1968 -1.44 24.03 28.39
CA ARG A 1968 -2.29 22.86 28.58
C ARG A 1968 -3.32 22.76 27.47
N GLN A 1969 -3.70 23.89 26.87
CA GLN A 1969 -4.66 23.88 25.78
C GLN A 1969 -4.05 23.37 24.48
N ARG A 1970 -2.72 23.33 24.38
CA ARG A 1970 -2.07 22.86 23.16
C ARG A 1970 -1.79 21.37 23.19
N VAL A 1971 -1.37 20.83 24.33
CA VAL A 1971 -1.14 19.40 24.42
C VAL A 1971 -2.42 18.64 24.08
N THR A 1972 -3.56 19.12 24.58
CA THR A 1972 -4.83 18.52 24.22
C THR A 1972 -5.11 18.66 22.73
N ALA A 1973 -4.63 19.74 22.11
CA ALA A 1973 -4.78 19.88 20.67
C ALA A 1973 -3.93 18.87 19.93
N ILE A 1974 -2.70 18.65 20.40
CA ILE A 1974 -1.82 17.68 19.75
C ILE A 1974 -2.42 16.28 19.85
N LEU A 1975 -2.91 15.91 21.04
CA LEU A 1975 -3.47 14.57 21.21
C LEU A 1975 -4.61 14.32 20.24
N ASP A 1976 -5.37 15.37 19.90
CA ASP A 1976 -6.42 15.22 18.91
C ASP A 1976 -5.84 14.79 17.56
N LYS A 1977 -4.70 15.37 17.17
CA LYS A 1977 -4.11 15.03 15.89
C LYS A 1977 -3.71 13.55 15.84
N LEU A 1978 -3.12 13.04 16.92
CA LEU A 1978 -2.73 11.64 16.94
C LEU A 1978 -3.94 10.73 16.77
N ILE A 1979 -5.06 11.07 17.41
CA ILE A 1979 -6.27 10.27 17.26
C ILE A 1979 -6.70 10.23 15.81
N THR A 1980 -6.57 11.36 15.10
CA THR A 1980 -6.98 11.39 13.69
C THR A 1980 -6.08 10.50 12.83
N MET A 1981 -4.78 10.46 13.12
CA MET A 1981 -3.90 9.59 12.35
C MET A 1981 -4.30 8.14 12.51
N THR A 1982 -4.58 7.72 13.75
CA THR A 1982 -4.90 6.32 14.01
C THR A 1982 -6.11 5.87 13.21
N ILE A 1983 -7.08 6.77 13.02
CA ILE A 1983 -8.32 6.37 12.37
C ILE A 1983 -8.10 6.10 10.89
N ASN A 1984 -7.27 6.91 10.23
CA ASN A 1984 -7.18 6.89 8.78
C ASN A 1984 -6.23 5.82 8.26
N GLU A 1985 -5.07 5.64 8.88
CA GLU A 1985 -4.05 4.73 8.38
C GLU A 1985 -4.25 3.36 9.00
N LYS A 1986 -4.88 2.46 8.26
CA LYS A 1986 -5.26 1.16 8.76
C LYS A 1986 -4.21 0.08 8.52
N GLN A 1987 -3.30 0.29 7.57
CA GLN A 1987 -2.27 -0.71 7.32
C GLN A 1987 -1.17 -0.68 8.37
N MET A 1988 -0.84 0.50 8.89
CA MET A 1988 0.19 0.65 9.91
C MET A 1988 -0.37 0.46 11.32
N TYR A 1989 -1.62 0.04 11.44
CA TYR A 1989 -2.28 0.01 12.75
C TYR A 1989 -1.56 -0.82 13.79
N PRO A 1990 -1.07 -2.03 13.50
CA PRO A 1990 -0.37 -2.80 14.54
C PRO A 1990 0.88 -2.13 15.07
N SER A 1991 1.47 -1.21 14.32
CA SER A 1991 2.68 -0.54 14.76
C SER A 1991 2.41 0.75 15.53
N ILE A 1992 1.34 1.46 15.18
CA ILE A 1992 1.00 2.68 15.90
C ILE A 1992 0.64 2.36 17.35
N GLN A 1993 -0.08 1.25 17.57
CA GLN A 1993 -0.45 0.86 18.92
C GLN A 1993 0.77 0.58 19.78
N ALA A 1994 1.76 -0.13 19.24
CA ALA A 1994 2.93 -0.50 20.03
C ALA A 1994 3.93 0.63 20.20
N LYS A 1995 3.83 1.69 19.41
CA LYS A 1995 4.78 2.80 19.47
C LYS A 1995 4.21 4.03 20.15
N ILE A 1996 3.07 4.53 19.69
CA ILE A 1996 2.53 5.78 20.23
C ILE A 1996 1.75 5.49 21.50
N TRP A 1997 0.68 4.70 21.38
CA TRP A 1997 -0.23 4.54 22.51
C TRP A 1997 0.36 3.60 23.56
N GLY A 1998 1.23 2.69 23.14
CA GLY A 1998 1.86 1.81 24.12
C GLY A 1998 2.68 2.57 25.14
N SER A 1999 3.44 3.57 24.69
CA SER A 1999 4.32 4.31 25.59
C SER A 1999 3.54 5.24 26.49
N LEU A 2000 2.55 5.95 25.93
CA LEU A 2000 1.80 6.93 26.73
C LEU A 2000 1.12 6.26 27.91
N GLY A 2001 0.81 4.97 27.81
CA GLY A 2001 0.20 4.29 28.93
C GLY A 2001 1.09 4.26 30.16
N GLN A 2002 2.40 4.21 29.96
CA GLN A 2002 3.35 4.10 31.07
C GLN A 2002 3.61 5.42 31.76
N ILE A 2003 3.08 6.53 31.25
CA ILE A 2003 3.28 7.85 31.86
C ILE A 2003 2.12 8.08 32.82
N THR A 2004 2.38 7.94 34.11
CA THR A 2004 1.31 7.99 35.10
C THR A 2004 0.61 9.34 35.13
N ASP A 2005 1.38 10.43 35.08
CA ASP A 2005 0.80 11.76 35.25
C ASP A 2005 -0.06 12.19 34.08
N LEU A 2006 -0.02 11.47 32.96
CA LEU A 2006 -0.69 11.90 31.74
C LEU A 2006 -1.95 11.10 31.43
N LEU A 2007 -2.29 10.10 32.23
CA LEU A 2007 -3.45 9.27 31.92
C LEU A 2007 -4.74 10.06 31.99
N ASP A 2008 -4.88 10.92 33.00
CA ASP A 2008 -6.15 11.59 33.22
C ASP A 2008 -6.55 12.45 32.02
N VAL A 2009 -5.60 13.21 31.49
CA VAL A 2009 -5.90 14.06 30.33
C VAL A 2009 -6.10 13.21 29.09
N VAL A 2010 -5.26 12.20 28.88
CA VAL A 2010 -5.36 11.37 27.68
C VAL A 2010 -6.69 10.64 27.65
N LEU A 2011 -7.08 10.06 28.79
CA LEU A 2011 -8.36 9.36 28.85
C LEU A 2011 -9.51 10.33 28.60
N ASP A 2012 -9.40 11.56 29.10
CA ASP A 2012 -10.48 12.51 28.95
C ASP A 2012 -10.75 12.84 27.49
N SER A 2013 -9.69 13.00 26.70
CA SER A 2013 -9.88 13.30 25.28
C SER A 2013 -10.48 12.11 24.54
N PHE A 2014 -10.18 10.89 24.96
CA PHE A 2014 -10.75 9.71 24.32
C PHE A 2014 -12.27 9.76 24.34
N ILE A 2015 -12.85 10.09 25.49
CA ILE A 2015 -14.30 10.03 25.64
C ILE A 2015 -14.97 11.08 24.77
N LYS A 2016 -14.42 12.30 24.73
CA LYS A 2016 -15.04 13.37 23.96
C LYS A 2016 -15.07 13.03 22.48
N THR A 2017 -13.98 12.46 21.96
CA THR A 2017 -13.95 12.10 20.55
C THR A 2017 -15.03 11.09 20.22
N SER A 2018 -15.20 10.08 21.07
CA SER A 2018 -16.23 9.07 20.82
C SER A 2018 -17.62 9.67 20.91
N ALA A 2019 -17.84 10.58 21.85
CA ALA A 2019 -19.18 11.13 22.07
C ALA A 2019 -19.72 11.77 20.80
N THR A 2020 -18.90 12.56 20.12
CA THR A 2020 -19.37 13.22 18.91
C THR A 2020 -19.78 12.21 17.85
N GLY A 2021 -18.99 11.15 17.68
CA GLY A 2021 -19.30 10.17 16.64
C GLY A 2021 -20.65 9.50 16.85
N GLY A 2022 -20.90 9.05 18.07
CA GLY A 2022 -22.09 8.30 18.38
C GLY A 2022 -21.78 6.85 18.72
N LEU A 2023 -22.84 6.11 19.06
CA LEU A 2023 -22.66 4.75 19.56
C LEU A 2023 -22.00 3.85 18.53
N GLY A 2024 -22.56 3.81 17.32
CA GLY A 2024 -22.04 2.97 16.27
C GLY A 2024 -20.98 3.60 15.40
N SER A 2025 -20.53 4.80 15.73
CA SER A 2025 -19.61 5.52 14.87
C SER A 2025 -18.25 4.83 14.82
N ILE A 2026 -17.48 5.18 13.80
CA ILE A 2026 -16.13 4.63 13.67
C ILE A 2026 -15.22 5.21 14.75
N LYS A 2027 -15.29 6.51 14.97
CA LYS A 2027 -14.38 7.14 15.94
C LYS A 2027 -14.60 6.56 17.33
N ALA A 2028 -15.82 6.11 17.64
CA ALA A 2028 -16.06 5.51 18.95
C ALA A 2028 -15.53 4.09 19.01
N GLU A 2029 -15.61 3.35 17.89
CA GLU A 2029 -15.11 1.98 17.88
C GLU A 2029 -13.59 1.95 18.01
N VAL A 2030 -12.90 2.87 17.36
CA VAL A 2030 -11.45 2.89 17.42
C VAL A 2030 -10.98 3.28 18.82
N MET A 2031 -11.57 4.32 19.40
CA MET A 2031 -11.14 4.76 20.72
C MET A 2031 -11.46 3.74 21.80
N ALA A 2032 -12.46 2.89 21.59
CA ALA A 2032 -12.73 1.82 22.52
C ALA A 2032 -11.70 0.71 22.39
N ASP A 2033 -11.29 0.39 21.17
CA ASP A 2033 -10.30 -0.65 20.94
C ASP A 2033 -8.88 -0.14 21.17
N THR A 2034 -8.67 1.17 21.14
CA THR A 2034 -7.35 1.74 21.37
C THR A 2034 -6.99 1.77 22.85
N ALA A 2035 -7.96 1.88 23.75
CA ALA A 2035 -7.66 1.95 25.17
C ALA A 2035 -6.98 0.69 25.68
N VAL A 2036 -7.13 -0.44 24.98
CA VAL A 2036 -6.48 -1.66 25.43
C VAL A 2036 -4.97 -1.47 25.50
N ALA A 2037 -4.39 -0.82 24.48
CA ALA A 2037 -2.97 -0.50 24.54
C ALA A 2037 -2.65 0.47 25.66
N LEU A 2038 -3.53 1.44 25.88
CA LEU A 2038 -3.30 2.42 26.93
C LEU A 2038 -3.33 1.78 28.32
N ALA A 2039 -4.26 0.86 28.55
CA ALA A 2039 -4.44 0.28 29.86
C ALA A 2039 -3.38 -0.75 30.23
N SER A 2040 -2.56 -1.18 29.27
CA SER A 2040 -1.52 -2.18 29.58
C SER A 2040 -0.48 -1.62 30.55
N GLY A 2041 -0.09 -0.37 30.35
CA GLY A 2041 0.95 0.20 31.21
C GLY A 2041 0.50 0.33 32.66
N ASN A 2042 -0.72 0.83 32.88
CA ASN A 2042 -1.28 1.02 34.21
C ASN A 2042 -2.65 0.36 34.22
N VAL A 2043 -2.70 -0.93 34.57
CA VAL A 2043 -3.97 -1.64 34.60
C VAL A 2043 -4.86 -1.09 35.71
N LYS A 2044 -4.28 -0.76 36.86
CA LYS A 2044 -5.09 -0.37 38.00
C LYS A 2044 -5.66 1.04 37.84
N LEU A 2045 -4.86 1.97 37.31
CA LEU A 2045 -5.31 3.36 37.25
C LEU A 2045 -6.35 3.56 36.15
N VAL A 2046 -6.18 2.91 35.00
CA VAL A 2046 -7.13 3.10 33.91
C VAL A 2046 -8.46 2.46 34.24
N SER A 2047 -8.44 1.29 34.86
CA SER A 2047 -9.69 0.60 35.17
C SER A 2047 -10.51 1.39 36.18
N SER A 2048 -9.88 1.83 37.26
CA SER A 2048 -10.63 2.55 38.29
C SER A 2048 -11.24 3.83 37.75
N LYS A 2049 -10.60 4.44 36.75
CA LYS A 2049 -11.15 5.66 36.17
C LYS A 2049 -12.34 5.36 35.27
N VAL A 2050 -12.27 4.30 34.47
CA VAL A 2050 -13.37 3.98 33.58
C VAL A 2050 -14.58 3.50 34.38
N ILE A 2051 -14.35 2.73 35.44
CA ILE A 2051 -15.44 2.33 36.30
C ILE A 2051 -15.95 3.51 37.10
N GLY A 2052 -15.05 4.39 37.55
CA GLY A 2052 -15.48 5.56 38.29
C GLY A 2052 -16.46 6.42 37.51
N ARG A 2053 -16.21 6.58 36.21
CA ARG A 2053 -17.11 7.40 35.40
C ARG A 2053 -18.42 6.71 35.11
N MET A 2054 -18.41 5.38 34.98
CA MET A 2054 -19.66 4.68 34.70
C MET A 2054 -20.59 4.71 35.90
N CYS A 2055 -20.04 4.65 37.12
CA CYS A 2055 -20.88 4.68 38.31
C CYS A 2055 -21.51 6.04 38.51
N LYS A 2056 -20.82 7.11 38.14
CA LYS A 2056 -21.35 8.45 38.34
C LYS A 2056 -22.43 8.80 37.32
N ILE A 2057 -22.28 8.38 36.07
CA ILE A 2057 -23.28 8.73 35.06
C ILE A 2057 -24.62 8.08 35.41
N ILE A 2058 -24.60 6.82 35.83
CA ILE A 2058 -25.84 6.17 36.27
C ILE A 2058 -26.42 6.92 37.46
N ASP A 2059 -25.56 7.34 38.39
CA ASP A 2059 -26.03 8.03 39.58
C ASP A 2059 -26.66 9.38 39.26
N LYS A 2060 -26.38 9.94 38.10
CA LYS A 2060 -26.91 11.26 37.72
C LYS A 2060 -28.21 11.18 36.95
N THR A 2061 -28.73 9.97 36.69
CA THR A 2061 -30.02 9.83 36.05
C THR A 2061 -31.19 10.15 36.98
N CYS A 2062 -30.92 10.30 38.27
CA CYS A 2062 -32.00 10.58 39.23
C CYS A 2062 -32.52 12.00 39.12
N LEU A 2063 -31.75 12.92 38.55
CA LEU A 2063 -32.19 14.31 38.48
C LEU A 2063 -33.38 14.46 37.54
N SER A 2064 -33.37 13.77 36.41
CA SER A 2064 -34.43 13.88 35.40
C SER A 2064 -34.93 12.48 35.08
N PRO A 2065 -35.79 11.92 35.93
CA PRO A 2065 -36.24 10.55 35.71
C PRO A 2065 -36.97 10.40 34.39
N THR A 2066 -36.85 9.21 33.80
CA THR A 2066 -37.42 8.90 32.51
C THR A 2066 -38.07 7.52 32.58
N PRO A 2067 -39.11 7.26 31.78
CA PRO A 2067 -39.77 5.95 31.88
C PRO A 2067 -38.83 4.77 31.65
N THR A 2068 -37.83 4.93 30.80
CA THR A 2068 -36.86 3.86 30.55
C THR A 2068 -35.47 4.48 30.45
N LEU A 2069 -34.46 3.62 30.59
CA LEU A 2069 -33.08 4.11 30.58
C LEU A 2069 -32.67 4.59 29.21
N GLU A 2070 -33.13 3.94 28.14
CA GLU A 2070 -32.72 4.34 26.79
C GLU A 2070 -33.22 5.75 26.46
N GLN A 2071 -34.45 6.07 26.84
CA GLN A 2071 -35.01 7.38 26.51
C GLN A 2071 -34.32 8.52 27.24
N HIS A 2072 -33.52 8.22 28.26
CA HIS A 2072 -32.82 9.26 28.98
C HIS A 2072 -31.87 10.00 28.04
N LEU A 2073 -31.45 11.19 28.46
CA LEU A 2073 -30.55 11.99 27.66
C LEU A 2073 -29.10 11.55 27.79
N MET A 2074 -28.77 10.68 28.74
CA MET A 2074 -27.42 10.20 28.95
C MET A 2074 -27.21 8.78 28.45
N TRP A 2075 -28.11 8.28 27.60
CA TRP A 2075 -27.97 6.92 27.12
C TRP A 2075 -26.70 6.73 26.32
N ASP A 2076 -26.35 7.69 25.47
CA ASP A 2076 -25.14 7.57 24.67
C ASP A 2076 -23.90 7.51 25.56
N ASP A 2077 -23.84 8.33 26.60
CA ASP A 2077 -22.69 8.30 27.49
C ASP A 2077 -22.57 6.99 28.24
N ILE A 2078 -23.67 6.26 28.42
CA ILE A 2078 -23.62 4.96 29.08
C ILE A 2078 -23.42 3.83 28.08
N ALA A 2079 -23.70 4.06 26.80
CA ALA A 2079 -23.55 3.01 25.80
C ALA A 2079 -22.09 2.86 25.37
N ILE A 2080 -21.41 3.98 25.11
CA ILE A 2080 -20.03 3.89 24.67
C ILE A 2080 -19.13 3.42 25.81
N LEU A 2081 -19.36 3.94 27.01
CA LEU A 2081 -18.56 3.50 28.14
C LEU A 2081 -18.71 2.02 28.44
N ALA A 2082 -19.77 1.38 27.95
CA ALA A 2082 -19.90 -0.06 28.13
C ALA A 2082 -19.01 -0.82 27.16
N ARG A 2083 -18.78 -0.29 25.96
CA ARG A 2083 -17.83 -0.89 25.04
C ARG A 2083 -16.40 -0.77 25.55
N TYR A 2084 -16.09 0.27 26.32
CA TYR A 2084 -14.77 0.35 26.94
C TYR A 2084 -14.54 -0.77 27.94
N MET A 2085 -15.55 -1.09 28.76
CA MET A 2085 -15.43 -2.16 29.73
C MET A 2085 -15.39 -3.53 29.08
N LEU A 2086 -16.10 -3.72 27.97
CA LEU A 2086 -16.04 -4.99 27.26
C LEU A 2086 -14.61 -5.31 26.85
N MET A 2087 -13.91 -4.33 26.28
CA MET A 2087 -12.58 -4.58 25.75
C MET A 2087 -11.55 -4.77 26.86
N LEU A 2088 -11.71 -4.06 27.97
CA LEU A 2088 -10.77 -4.17 29.07
C LEU A 2088 -11.01 -5.40 29.94
N SER A 2089 -12.09 -6.13 29.70
CA SER A 2089 -12.36 -7.29 30.55
C SER A 2089 -11.42 -8.44 30.24
N PHE A 2090 -11.03 -8.59 28.97
CA PHE A 2090 -10.15 -9.70 28.61
C PHE A 2090 -8.80 -9.57 29.29
N ASN A 2091 -8.28 -10.69 29.77
CA ASN A 2091 -6.96 -10.77 30.39
C ASN A 2091 -6.88 -9.98 31.68
N ASN A 2092 -8.01 -9.81 32.38
CA ASN A 2092 -8.04 -9.19 33.70
C ASN A 2092 -7.42 -7.80 33.67
N SER A 2093 -7.76 -7.02 32.66
CA SER A 2093 -7.34 -5.62 32.60
C SER A 2093 -8.28 -4.69 33.37
N LEU A 2094 -9.37 -5.21 33.92
CA LEU A 2094 -10.24 -4.44 34.78
C LEU A 2094 -9.92 -4.61 36.26
N ASP A 2095 -8.93 -5.43 36.60
CA ASP A 2095 -8.48 -5.59 37.97
C ASP A 2095 -9.63 -6.02 38.88
N VAL A 2096 -10.18 -7.20 38.56
CA VAL A 2096 -11.33 -7.70 39.30
C VAL A 2096 -11.02 -7.85 40.78
N ALA A 2097 -9.75 -7.96 41.13
CA ALA A 2097 -9.37 -8.21 42.51
C ALA A 2097 -9.82 -7.10 43.45
N ALA A 2098 -10.12 -5.91 42.93
CA ALA A 2098 -10.51 -4.79 43.76
C ALA A 2098 -11.75 -4.06 43.27
N HIS A 2099 -12.40 -4.55 42.21
CA HIS A 2099 -13.56 -3.86 41.65
C HIS A 2099 -14.74 -4.79 41.44
N LEU A 2100 -14.69 -6.03 41.91
CA LEU A 2100 -15.78 -6.97 41.63
C LEU A 2100 -17.12 -6.46 42.11
N PRO A 2101 -17.26 -5.87 43.30
CA PRO A 2101 -18.59 -5.41 43.72
C PRO A 2101 -19.26 -4.50 42.73
N TYR A 2102 -18.50 -3.59 42.11
CA TYR A 2102 -19.09 -2.65 41.16
C TYR A 2102 -19.37 -3.28 39.82
N LEU A 2103 -18.55 -4.23 39.37
CA LEU A 2103 -18.78 -4.86 38.07
C LEU A 2103 -20.07 -5.65 38.07
N PHE A 2104 -20.36 -6.37 39.16
CA PHE A 2104 -21.67 -6.99 39.28
C PHE A 2104 -22.77 -5.95 39.35
N HIS A 2105 -22.49 -4.81 39.99
CA HIS A 2105 -23.51 -3.78 40.13
C HIS A 2105 -23.95 -3.24 38.77
N VAL A 2106 -23.00 -2.99 37.88
CA VAL A 2106 -23.37 -2.43 36.58
C VAL A 2106 -24.11 -3.48 35.75
N VAL A 2107 -23.70 -4.74 35.85
CA VAL A 2107 -24.30 -5.78 35.01
C VAL A 2107 -25.79 -5.87 35.26
N THR A 2108 -26.22 -5.78 36.52
CA THR A 2108 -27.63 -5.94 36.84
C THR A 2108 -28.47 -4.83 36.21
N PHE A 2109 -27.96 -3.60 36.16
CA PHE A 2109 -28.69 -2.51 35.56
C PHE A 2109 -28.64 -2.53 34.03
N LEU A 2110 -27.82 -3.39 33.43
CA LEU A 2110 -27.67 -3.41 31.98
C LEU A 2110 -28.11 -4.71 31.33
N VAL A 2111 -28.46 -5.74 32.11
CA VAL A 2111 -28.85 -7.01 31.51
C VAL A 2111 -30.06 -6.78 30.61
N ALA A 2112 -29.94 -7.22 29.35
CA ALA A 2112 -31.06 -7.24 28.41
C ALA A 2112 -31.67 -5.85 28.24
N THR A 2113 -30.84 -4.91 27.79
CA THR A 2113 -31.30 -3.58 27.41
C THR A 2113 -30.47 -3.09 26.25
N GLY A 2114 -31.14 -2.60 25.21
CA GLY A 2114 -30.47 -2.00 24.08
C GLY A 2114 -30.48 -2.87 22.85
N PRO A 2115 -29.78 -2.43 21.80
CA PRO A 2115 -29.73 -3.21 20.57
C PRO A 2115 -29.03 -4.54 20.78
N LEU A 2116 -29.36 -5.49 19.90
CA LEU A 2116 -28.84 -6.85 20.04
C LEU A 2116 -27.32 -6.87 20.13
N SER A 2117 -26.65 -5.90 19.50
CA SER A 2117 -25.19 -5.84 19.58
C SER A 2117 -24.73 -5.46 20.96
N LEU A 2118 -25.55 -4.72 21.71
CA LEU A 2118 -25.20 -4.34 23.07
C LEU A 2118 -25.55 -5.40 24.09
N ARG A 2119 -26.56 -6.21 23.82
CA ARG A 2119 -26.92 -7.29 24.73
C ARG A 2119 -25.97 -8.47 24.61
N ALA A 2120 -25.37 -8.67 23.43
CA ALA A 2120 -24.32 -9.67 23.30
C ALA A 2120 -23.04 -9.24 23.99
N SER A 2121 -22.87 -7.94 24.25
CA SER A 2121 -21.70 -7.45 24.95
C SER A 2121 -21.79 -7.70 26.45
N THR A 2122 -22.99 -7.62 27.03
CA THR A 2122 -23.14 -7.84 28.46
C THR A 2122 -22.95 -9.31 28.82
N HIS A 2123 -23.35 -10.22 27.95
CA HIS A 2123 -23.06 -11.63 28.17
C HIS A 2123 -21.56 -11.87 28.11
N GLY A 2124 -20.88 -11.32 27.10
CA GLY A 2124 -19.45 -11.52 26.98
C GLY A 2124 -18.68 -10.92 28.13
N LEU A 2125 -19.15 -9.79 28.65
CA LEU A 2125 -18.45 -9.16 29.77
C LEU A 2125 -18.45 -10.06 31.00
N VAL A 2126 -19.57 -10.73 31.29
CA VAL A 2126 -19.62 -11.61 32.44
C VAL A 2126 -18.68 -12.80 32.24
N ILE A 2127 -18.67 -13.39 31.05
CA ILE A 2127 -17.79 -14.51 30.78
C ILE A 2127 -16.34 -14.13 31.04
N ASN A 2128 -15.94 -12.91 30.63
CA ASN A 2128 -14.55 -12.50 30.80
C ASN A 2128 -14.21 -12.28 32.26
N ILE A 2129 -15.16 -11.79 33.05
CA ILE A 2129 -14.88 -11.51 34.46
C ILE A 2129 -14.68 -12.82 35.23
N ILE A 2130 -15.54 -13.80 35.00
CA ILE A 2130 -15.37 -15.09 35.66
C ILE A 2130 -14.07 -15.72 35.26
N HIS A 2131 -13.76 -15.70 33.95
CA HIS A 2131 -12.50 -16.26 33.48
C HIS A 2131 -11.31 -15.56 34.10
N SER A 2132 -11.47 -14.30 34.49
CA SER A 2132 -10.36 -13.57 35.10
C SER A 2132 -10.13 -14.00 36.54
N LEU A 2133 -11.21 -14.37 37.24
CA LEU A 2133 -11.04 -14.85 38.61
C LEU A 2133 -10.24 -16.13 38.66
N CYS A 2134 -10.52 -17.06 37.73
CA CYS A 2134 -9.81 -18.33 37.73
C CYS A 2134 -8.31 -18.13 37.52
N THR A 2135 -7.93 -17.25 36.61
CA THR A 2135 -6.54 -17.09 36.18
C THR A 2135 -5.89 -15.85 36.78
N CYS A 2136 -6.34 -15.39 37.93
CA CYS A 2136 -5.73 -14.28 38.63
C CYS A 2136 -4.78 -14.80 39.70
N SER A 2137 -3.59 -14.23 39.77
CA SER A 2137 -2.57 -14.69 40.69
C SER A 2137 -2.63 -13.98 42.04
N GLN A 2138 -3.13 -12.74 42.07
CA GLN A 2138 -3.17 -12.00 43.33
C GLN A 2138 -4.08 -12.67 44.35
N LEU A 2139 -4.95 -13.57 43.94
CA LEU A 2139 -5.85 -14.30 44.82
C LEU A 2139 -5.43 -15.75 44.89
N HIS A 2140 -5.58 -16.36 46.07
CA HIS A 2140 -5.17 -17.73 46.32
C HIS A 2140 -6.41 -18.55 46.64
N PHE A 2141 -7.04 -19.09 45.60
CA PHE A 2141 -8.22 -19.93 45.77
C PHE A 2141 -7.81 -21.37 45.95
N SER A 2142 -8.45 -22.04 46.91
CA SER A 2142 -8.19 -23.45 47.14
C SER A 2142 -8.59 -24.26 45.90
N GLU A 2143 -7.99 -25.44 45.78
CA GLU A 2143 -8.28 -26.27 44.62
C GLU A 2143 -9.76 -26.63 44.53
N GLU A 2144 -10.45 -26.66 45.68
CA GLU A 2144 -11.88 -26.95 45.66
C GLU A 2144 -12.66 -25.82 45.02
N THR A 2145 -12.38 -24.57 45.41
CA THR A 2145 -13.14 -23.44 44.90
C THR A 2145 -12.96 -23.29 43.39
N LYS A 2146 -11.74 -23.50 42.89
CA LYS A 2146 -11.50 -23.34 41.46
C LYS A 2146 -12.41 -24.25 40.65
N GLN A 2147 -12.77 -25.41 41.20
CA GLN A 2147 -13.72 -26.28 40.51
C GLN A 2147 -15.10 -25.67 40.46
N VAL A 2148 -15.48 -24.90 41.47
CA VAL A 2148 -16.78 -24.25 41.46
C VAL A 2148 -16.85 -23.21 40.36
N LEU A 2149 -15.80 -22.39 40.23
CA LEU A 2149 -15.79 -21.36 39.19
C LEU A 2149 -15.83 -22.00 37.80
N ARG A 2150 -15.04 -23.06 37.60
CA ARG A 2150 -14.95 -23.64 36.26
C ARG A 2150 -16.27 -24.24 35.81
N LEU A 2151 -17.09 -24.69 36.74
CA LEU A 2151 -18.40 -25.20 36.37
C LEU A 2151 -19.37 -24.07 36.04
N SER A 2152 -19.30 -22.97 36.79
CA SER A 2152 -20.11 -21.81 36.48
C SER A 2152 -19.74 -21.24 35.11
N LEU A 2153 -18.45 -21.24 34.79
CA LEU A 2153 -18.02 -20.73 33.49
C LEU A 2153 -18.68 -21.47 32.34
N THR A 2154 -19.11 -22.72 32.56
CA THR A 2154 -19.76 -23.49 31.51
C THR A 2154 -21.27 -23.29 31.48
N GLU A 2155 -21.89 -23.09 32.64
CA GLU A 2155 -23.34 -22.91 32.68
C GLU A 2155 -23.77 -21.68 31.88
N PHE A 2156 -23.05 -20.57 32.06
CA PHE A 2156 -23.46 -19.32 31.44
C PHE A 2156 -23.48 -19.40 29.93
N SER A 2157 -22.80 -20.37 29.33
CA SER A 2157 -22.79 -20.55 27.89
C SER A 2157 -23.86 -21.51 27.40
N LEU A 2158 -24.72 -22.00 28.29
CA LEU A 2158 -25.79 -22.90 27.90
C LEU A 2158 -26.92 -22.12 27.22
N PRO A 2159 -27.76 -22.79 26.43
CA PRO A 2159 -28.91 -22.11 25.83
C PRO A 2159 -29.90 -21.59 26.87
N LYS A 2160 -29.87 -22.10 28.10
CA LYS A 2160 -30.74 -21.59 29.15
C LYS A 2160 -30.42 -20.13 29.44
N PHE A 2161 -29.13 -19.78 29.50
CA PHE A 2161 -28.73 -18.44 29.89
C PHE A 2161 -28.74 -17.47 28.73
N TYR A 2162 -28.54 -17.95 27.50
CA TYR A 2162 -28.74 -17.07 26.35
C TYR A 2162 -30.15 -16.50 26.33
N LEU A 2163 -31.11 -17.25 26.88
CA LEU A 2163 -32.48 -16.76 26.95
C LEU A 2163 -32.65 -15.69 28.03
N LEU A 2164 -32.02 -15.90 29.19
CA LEU A 2164 -32.14 -14.92 30.27
C LEU A 2164 -31.56 -13.57 29.86
N PHE A 2165 -30.41 -13.58 29.19
CA PHE A 2165 -29.79 -12.33 28.75
C PHE A 2165 -30.47 -11.73 27.52
N GLY A 2166 -31.41 -12.44 26.91
CA GLY A 2166 -32.19 -11.88 25.83
C GLY A 2166 -31.56 -11.98 24.45
N ILE A 2167 -30.61 -12.89 24.25
CA ILE A 2167 -29.96 -13.03 22.95
C ILE A 2167 -30.22 -14.41 22.37
N SER A 2168 -31.36 -15.00 22.71
CA SER A 2168 -31.75 -16.24 22.05
C SER A 2168 -31.84 -16.00 20.54
N LYS A 2169 -31.74 -17.09 19.79
CA LYS A 2169 -31.67 -17.08 18.32
C LYS A 2169 -30.28 -16.67 17.85
N VAL A 2170 -29.29 -16.60 18.75
CA VAL A 2170 -27.94 -16.20 18.40
C VAL A 2170 -27.03 -17.41 18.61
N LYS A 2171 -26.33 -17.81 17.55
CA LYS A 2171 -25.46 -18.98 17.65
C LYS A 2171 -24.26 -18.70 18.55
N SER A 2172 -23.59 -17.58 18.32
CA SER A 2172 -22.41 -17.20 19.10
C SER A 2172 -22.49 -15.72 19.43
N ALA A 2173 -22.28 -15.38 20.69
CA ALA A 2173 -22.35 -13.98 21.09
C ALA A 2173 -21.13 -13.20 20.61
N ALA A 2174 -19.97 -13.85 20.52
CA ALA A 2174 -18.77 -13.15 20.12
C ALA A 2174 -18.91 -12.56 18.73
N VAL A 2175 -19.55 -13.28 17.81
CA VAL A 2175 -19.68 -12.79 16.45
C VAL A 2175 -20.54 -11.53 16.40
N ILE A 2176 -21.65 -11.53 17.14
CA ILE A 2176 -22.54 -10.38 17.11
C ILE A 2176 -21.90 -9.17 17.79
N ALA A 2177 -21.19 -9.39 18.89
CA ALA A 2177 -20.61 -8.26 19.63
C ALA A 2177 -19.64 -7.48 18.76
N PHE A 2178 -18.76 -8.18 18.05
CA PHE A 2178 -17.73 -7.55 17.23
C PHE A 2178 -18.15 -7.51 15.77
N ARG A 2179 -17.49 -6.64 15.02
CA ARG A 2179 -17.69 -6.54 13.58
C ARG A 2179 -16.35 -6.32 12.90
N SER A 2180 -16.13 -7.00 11.78
CA SER A 2180 -14.84 -6.95 11.10
C SER A 2180 -14.58 -5.60 10.46
N SER A 2181 -15.63 -4.91 10.01
CA SER A 2181 -15.49 -3.65 9.28
C SER A 2181 -15.72 -2.44 10.17
N TYR A 2182 -15.31 -2.51 11.44
CA TYR A 2182 -15.57 -1.40 12.35
C TYR A 2182 -14.77 -0.16 11.97
N ARG A 2183 -13.57 -0.34 11.42
CA ARG A 2183 -12.76 0.80 11.00
C ARG A 2183 -13.20 1.38 9.66
N ASP A 2184 -14.05 0.68 8.90
CA ASP A 2184 -14.43 1.12 7.56
C ASP A 2184 -15.71 1.95 7.59
N ARG A 2185 -16.79 1.39 8.11
CA ARG A 2185 -18.09 2.04 8.13
C ARG A 2185 -18.66 2.03 9.55
N SER A 2186 -19.81 2.67 9.70
CA SER A 2186 -20.53 2.70 10.97
C SER A 2186 -21.81 1.88 10.85
N PHE A 2187 -22.01 0.97 11.79
CA PHE A 2187 -23.15 0.07 11.71
C PHE A 2187 -24.46 0.83 11.90
N SER A 2188 -25.50 0.39 11.17
CA SER A 2188 -26.81 1.01 11.26
C SER A 2188 -27.72 0.13 12.10
N PRO A 2189 -28.21 0.60 13.24
CA PRO A 2189 -29.08 -0.26 14.07
C PRO A 2189 -30.34 -0.66 13.31
N GLY A 2190 -30.77 -1.90 13.54
CA GLY A 2190 -31.96 -2.42 12.91
C GLY A 2190 -32.79 -3.21 13.89
N SER A 2191 -33.99 -3.61 13.44
CA SER A 2191 -34.91 -4.41 14.24
C SER A 2191 -35.16 -3.74 15.59
N TYR A 2192 -35.76 -2.54 15.52
CA TYR A 2192 -36.02 -1.78 16.75
C TYR A 2192 -36.91 -2.55 17.70
N GLU A 2193 -37.66 -3.53 17.21
CA GLU A 2193 -38.41 -4.41 18.09
C GLU A 2193 -37.47 -5.09 19.08
N ARG A 2194 -37.81 -5.01 20.35
CA ARG A 2194 -36.96 -5.54 21.42
C ARG A 2194 -37.82 -6.28 22.43
N GLU A 2195 -37.35 -7.43 22.87
CA GLU A 2195 -38.13 -8.25 23.80
C GLU A 2195 -38.28 -7.56 25.14
N THR A 2196 -39.36 -7.91 25.84
CA THR A 2196 -39.58 -7.41 27.18
C THR A 2196 -38.76 -8.21 28.19
N PHE A 2197 -38.40 -7.54 29.29
CA PHE A 2197 -37.62 -8.16 30.35
C PHE A 2197 -38.53 -8.39 31.56
N ALA A 2198 -38.44 -9.58 32.14
CA ALA A 2198 -39.27 -9.97 33.27
C ALA A 2198 -38.41 -10.04 34.53
N LEU A 2199 -38.91 -9.47 35.62
CA LEU A 2199 -38.16 -9.43 36.87
C LEU A 2199 -37.91 -10.81 37.44
N THR A 2200 -38.61 -11.83 36.96
CA THR A 2200 -38.29 -13.19 37.40
C THR A 2200 -36.99 -13.67 36.79
N SER A 2201 -36.62 -13.15 35.62
CA SER A 2201 -35.32 -13.49 35.04
C SER A 2201 -34.19 -12.76 35.76
N LEU A 2202 -34.45 -11.57 36.28
CA LEU A 2202 -33.41 -10.85 37.01
C LEU A 2202 -33.04 -11.56 38.30
N GLU A 2203 -33.97 -12.33 38.88
CA GLU A 2203 -33.64 -13.09 40.08
C GLU A 2203 -32.67 -14.22 39.75
N THR A 2204 -32.94 -14.97 38.69
CA THR A 2204 -32.09 -16.12 38.37
C THR A 2204 -30.66 -15.67 38.08
N VAL A 2205 -30.48 -14.57 37.35
CA VAL A 2205 -29.15 -14.06 37.10
C VAL A 2205 -28.53 -13.52 38.39
N THR A 2206 -29.29 -12.74 39.16
CA THR A 2206 -28.77 -12.16 40.38
C THR A 2206 -28.44 -13.19 41.44
N GLU A 2207 -29.00 -14.40 41.35
CA GLU A 2207 -28.73 -15.44 42.32
C GLU A 2207 -27.62 -16.40 41.86
N ALA A 2208 -27.31 -16.42 40.57
CA ALA A 2208 -26.14 -17.16 40.12
C ALA A 2208 -24.86 -16.40 40.40
N LEU A 2209 -24.90 -15.08 40.28
CA LEU A 2209 -23.73 -14.27 40.61
C LEU A 2209 -23.44 -14.24 42.10
N LEU A 2210 -24.48 -14.25 42.93
CA LEU A 2210 -24.26 -14.24 44.36
C LEU A 2210 -23.53 -15.51 44.79
N GLU A 2211 -23.88 -16.65 44.21
CA GLU A 2211 -23.17 -17.88 44.52
C GLU A 2211 -21.70 -17.78 44.15
N ILE A 2212 -21.39 -17.16 43.00
CA ILE A 2212 -20.00 -17.01 42.60
C ILE A 2212 -19.23 -16.19 43.62
N MET A 2213 -19.80 -15.07 44.06
CA MET A 2213 -19.12 -14.20 45.00
C MET A 2213 -18.87 -14.91 46.33
N GLU A 2214 -19.87 -15.64 46.84
CA GLU A 2214 -19.72 -16.26 48.14
C GLU A 2214 -18.64 -17.34 48.14
N ALA A 2215 -18.53 -18.09 47.04
CA ALA A 2215 -17.48 -19.09 46.95
C ALA A 2215 -16.10 -18.45 47.09
N CYS A 2216 -15.92 -17.27 46.52
CA CYS A 2216 -14.63 -16.60 46.58
C CYS A 2216 -14.35 -16.02 47.96
N MET A 2217 -15.38 -15.60 48.68
CA MET A 2217 -15.17 -14.96 49.98
C MET A 2217 -14.65 -15.93 51.02
N ARG A 2218 -14.86 -17.24 50.85
CA ARG A 2218 -14.39 -18.19 51.85
C ARG A 2218 -12.87 -18.20 51.93
N ASP A 2219 -12.18 -18.11 50.80
CA ASP A 2219 -10.73 -18.15 50.77
C ASP A 2219 -10.08 -16.78 50.91
N ILE A 2220 -10.88 -15.72 51.07
CA ILE A 2220 -10.38 -14.37 51.24
C ILE A 2220 -10.79 -13.88 52.63
N PRO A 2221 -9.84 -13.83 53.58
CA PRO A 2221 -10.21 -13.38 54.93
C PRO A 2221 -10.69 -11.94 54.93
N THR A 2222 -11.64 -11.66 55.83
CA THR A 2222 -12.20 -10.33 56.03
C THR A 2222 -12.46 -9.62 54.71
N CYS A 2223 -13.22 -10.30 53.84
CA CYS A 2223 -13.61 -9.72 52.56
C CYS A 2223 -14.80 -8.78 52.75
N LYS A 2224 -14.83 -7.71 51.96
CA LYS A 2224 -15.88 -6.70 52.04
C LYS A 2224 -16.67 -6.59 50.74
N TRP A 2225 -16.58 -7.59 49.87
CA TRP A 2225 -17.26 -7.51 48.59
C TRP A 2225 -18.77 -7.43 48.75
N LEU A 2226 -19.33 -8.23 49.64
CA LEU A 2226 -20.78 -8.29 49.76
C LEU A 2226 -21.35 -7.06 50.46
N ASP A 2227 -20.63 -6.51 51.44
CA ASP A 2227 -21.13 -5.31 52.11
C ASP A 2227 -21.13 -4.12 51.16
N GLN A 2228 -20.08 -3.98 50.35
CA GLN A 2228 -20.03 -2.88 49.38
C GLN A 2228 -21.14 -3.00 48.35
N TRP A 2229 -21.39 -4.22 47.87
CA TRP A 2229 -22.46 -4.41 46.90
C TRP A 2229 -23.82 -4.07 47.50
N THR A 2230 -24.03 -4.41 48.78
CA THR A 2230 -25.32 -4.14 49.41
C THR A 2230 -25.58 -2.64 49.54
N GLU A 2231 -24.55 -1.87 49.86
CA GLU A 2231 -24.74 -0.43 50.03
C GLU A 2231 -25.20 0.22 48.74
N LEU A 2232 -24.63 -0.19 47.61
CA LEU A 2232 -25.06 0.37 46.33
C LEU A 2232 -26.53 0.06 46.06
N ALA A 2233 -26.96 -1.16 46.40
CA ALA A 2233 -28.34 -1.56 46.15
C ALA A 2233 -29.31 -0.72 47.00
N GLN A 2234 -28.96 -0.46 48.26
CA GLN A 2234 -29.85 0.34 49.10
C GLN A 2234 -30.05 1.74 48.52
N ARG A 2235 -28.95 2.37 48.09
CA ARG A 2235 -29.04 3.76 47.67
C ARG A 2235 -30.03 3.96 46.53
N PHE A 2236 -30.17 2.95 45.67
CA PHE A 2236 -31.08 3.06 44.53
C PHE A 2236 -32.45 2.45 44.81
N ALA A 2237 -32.56 1.58 45.81
CA ALA A 2237 -33.84 0.95 46.10
C ALA A 2237 -34.85 1.96 46.65
N PHE A 2238 -34.41 2.79 47.59
CA PHE A 2238 -35.30 3.71 48.30
C PHE A 2238 -35.23 5.14 47.76
N GLN A 2239 -35.05 5.28 46.46
CA GLN A 2239 -35.05 6.58 45.80
C GLN A 2239 -35.89 6.49 44.54
N TYR A 2240 -36.57 7.60 44.20
CA TYR A 2240 -37.56 7.57 43.13
C TYR A 2240 -36.87 7.68 41.78
N ASN A 2241 -36.87 6.60 41.02
CA ASN A 2241 -36.41 6.58 39.64
C ASN A 2241 -37.14 5.47 38.89
N PRO A 2242 -38.09 5.80 38.01
CA PRO A 2242 -38.91 4.75 37.39
C PRO A 2242 -38.12 3.73 36.59
N SER A 2243 -36.91 4.08 36.14
CA SER A 2243 -36.14 3.17 35.30
C SER A 2243 -35.18 2.29 36.07
N LEU A 2244 -34.81 2.67 37.28
CA LEU A 2244 -33.84 1.93 38.07
C LEU A 2244 -34.40 1.34 39.35
N GLN A 2245 -35.41 1.97 39.95
CA GLN A 2245 -35.88 1.50 41.25
C GLN A 2245 -36.40 0.07 41.21
N PRO A 2246 -37.24 -0.33 40.26
CA PRO A 2246 -37.72 -1.72 40.27
C PRO A 2246 -36.61 -2.74 40.29
N ARG A 2247 -35.54 -2.51 39.52
CA ARG A 2247 -34.45 -3.48 39.45
C ARG A 2247 -33.62 -3.49 40.73
N ALA A 2248 -33.49 -2.34 41.38
CA ALA A 2248 -32.73 -2.28 42.62
C ALA A 2248 -33.44 -3.02 43.75
N LEU A 2249 -34.77 -2.94 43.78
CA LEU A 2249 -35.53 -3.67 44.80
C LEU A 2249 -35.36 -5.18 44.65
N VAL A 2250 -35.44 -5.68 43.42
CA VAL A 2250 -35.30 -7.11 43.21
C VAL A 2250 -33.94 -7.60 43.69
N VAL A 2251 -32.89 -6.83 43.43
CA VAL A 2251 -31.56 -7.23 43.88
C VAL A 2251 -31.44 -7.10 45.38
N PHE A 2252 -31.99 -6.02 45.96
CA PHE A 2252 -31.74 -5.73 47.36
C PHE A 2252 -32.23 -6.86 48.26
N GLY A 2253 -33.38 -7.44 47.94
CA GLY A 2253 -33.88 -8.53 48.74
C GLY A 2253 -33.21 -9.87 48.49
N CYS A 2254 -32.37 -9.96 47.47
CA CYS A 2254 -31.70 -11.20 47.12
C CYS A 2254 -30.32 -11.34 47.76
N ILE A 2255 -29.61 -10.24 47.96
CA ILE A 2255 -28.25 -10.27 48.48
C ILE A 2255 -28.17 -9.77 49.91
N SER A 2256 -29.30 -9.34 50.47
CA SER A 2256 -29.32 -8.80 51.83
C SER A 2256 -29.35 -9.93 52.84
N LYS A 2257 -28.63 -9.73 53.95
CA LYS A 2257 -28.56 -10.72 55.02
C LYS A 2257 -29.29 -10.29 56.28
N ARG A 2258 -29.75 -9.04 56.35
CA ARG A 2258 -30.46 -8.56 57.52
C ARG A 2258 -31.52 -7.57 57.08
N VAL A 2259 -32.54 -7.39 57.92
CA VAL A 2259 -33.60 -6.42 57.64
C VAL A 2259 -34.22 -6.01 58.97
N SER A 2260 -34.57 -4.73 59.07
CA SER A 2260 -35.18 -4.17 60.27
C SER A 2260 -36.60 -3.71 59.96
N HIS A 2261 -37.31 -3.30 61.00
CA HIS A 2261 -38.69 -2.85 60.82
C HIS A 2261 -38.75 -1.64 59.89
N GLY A 2262 -37.86 -0.67 60.07
CA GLY A 2262 -37.92 0.53 59.28
C GLY A 2262 -37.82 0.25 57.79
N GLN A 2263 -36.92 -0.67 57.41
CA GLN A 2263 -36.79 -1.03 56.01
C GLN A 2263 -38.06 -1.69 55.49
N ILE A 2264 -38.65 -2.59 56.29
CA ILE A 2264 -39.91 -3.21 55.89
C ILE A 2264 -41.04 -2.18 55.85
N LYS A 2265 -40.92 -1.11 56.63
CA LYS A 2265 -41.93 -0.06 56.58
C LYS A 2265 -41.88 0.70 55.26
N GLN A 2266 -40.68 1.05 54.81
CA GLN A 2266 -40.55 1.81 53.57
C GLN A 2266 -40.99 1.01 52.36
N ILE A 2267 -40.73 -0.30 52.36
CA ILE A 2267 -41.11 -1.12 51.21
C ILE A 2267 -42.62 -1.13 51.04
N ILE A 2268 -43.36 -1.28 52.13
CA ILE A 2268 -44.82 -1.24 52.04
C ILE A 2268 -45.28 0.15 51.61
N ARG A 2269 -44.64 1.19 52.13
CA ARG A 2269 -45.02 2.54 51.74
C ARG A 2269 -44.86 2.77 50.25
N ILE A 2270 -43.84 2.17 49.64
CA ILE A 2270 -43.67 2.29 48.19
C ILE A 2270 -44.83 1.62 47.47
N LEU A 2271 -45.27 0.46 47.97
CA LEU A 2271 -46.41 -0.22 47.37
C LEU A 2271 -47.66 0.63 47.48
N SER A 2272 -47.82 1.33 48.61
CA SER A 2272 -49.00 2.16 48.80
C SER A 2272 -49.09 3.24 47.74
N LYS A 2273 -47.99 3.96 47.51
CA LYS A 2273 -48.00 5.04 46.52
C LYS A 2273 -48.09 4.50 45.11
N ALA A 2274 -47.54 3.31 44.85
CA ALA A 2274 -47.59 2.75 43.51
C ALA A 2274 -49.03 2.54 43.05
N LEU A 2275 -49.87 2.00 43.94
CA LEU A 2275 -51.28 1.84 43.60
C LEU A 2275 -51.95 3.19 43.40
N GLU A 2276 -51.68 4.14 44.27
CA GLU A 2276 -52.35 5.43 44.19
C GLU A 2276 -52.06 6.12 42.87
N SER A 2277 -50.80 6.10 42.44
CA SER A 2277 -50.44 6.75 41.18
C SER A 2277 -50.97 5.98 39.98
N CYS A 2278 -51.10 4.66 40.10
CA CYS A 2278 -51.49 3.84 38.96
C CYS A 2278 -52.89 4.20 38.48
N LEU A 2279 -53.83 4.40 39.40
CA LEU A 2279 -55.21 4.65 39.00
C LEU A 2279 -55.43 6.07 38.52
N LYS A 2280 -54.61 7.03 38.96
CA LYS A 2280 -54.84 8.42 38.60
C LYS A 2280 -54.72 8.63 37.10
N GLY A 2281 -53.68 8.07 36.47
CA GLY A 2281 -53.39 8.33 35.09
C GLY A 2281 -53.32 7.08 34.24
N PRO A 2282 -53.18 7.27 32.92
CA PRO A 2282 -53.12 6.12 32.01
C PRO A 2282 -51.75 5.46 31.90
N ASP A 2283 -50.70 6.08 32.46
CA ASP A 2283 -49.35 5.50 32.42
C ASP A 2283 -49.25 4.44 33.52
N THR A 2284 -50.01 3.37 33.34
CA THR A 2284 -50.10 2.32 34.34
C THR A 2284 -48.95 1.32 34.24
N TYR A 2285 -48.64 0.86 33.04
CA TYR A 2285 -47.60 -0.16 32.89
C TYR A 2285 -46.28 0.32 33.47
N ASN A 2286 -46.05 1.62 33.51
CA ASN A 2286 -44.86 2.15 34.15
C ASN A 2286 -44.85 1.81 35.63
N SER A 2287 -45.99 1.94 36.30
CA SER A 2287 -46.07 1.74 37.74
C SER A 2287 -46.49 0.33 38.13
N GLN A 2288 -47.08 -0.44 37.22
CA GLN A 2288 -47.44 -1.81 37.57
C GLN A 2288 -46.22 -2.66 37.87
N VAL A 2289 -45.04 -2.26 37.42
CA VAL A 2289 -43.84 -3.01 37.72
C VAL A 2289 -43.33 -2.69 39.13
N LEU A 2290 -43.46 -1.43 39.56
CA LEU A 2290 -43.05 -1.09 40.91
C LEU A 2290 -43.89 -1.81 41.96
N ILE A 2291 -45.06 -2.31 41.59
CA ILE A 2291 -45.81 -3.14 42.51
C ILE A 2291 -45.28 -4.56 42.51
N GLU A 2292 -44.99 -5.12 41.33
CA GLU A 2292 -44.48 -6.48 41.27
C GLU A 2292 -43.12 -6.60 41.94
N ALA A 2293 -42.26 -5.59 41.77
CA ALA A 2293 -40.94 -5.63 42.39
C ALA A 2293 -41.04 -5.44 43.90
N THR A 2294 -42.00 -4.66 44.37
CA THR A 2294 -42.18 -4.51 45.81
C THR A 2294 -42.63 -5.82 46.45
N VAL A 2295 -43.52 -6.55 45.76
CA VAL A 2295 -43.96 -7.84 46.28
C VAL A 2295 -42.83 -8.86 46.24
N ILE A 2296 -42.02 -8.83 45.18
CA ILE A 2296 -40.93 -9.80 45.06
C ILE A 2296 -39.91 -9.60 46.17
N ALA A 2297 -39.66 -8.34 46.55
CA ALA A 2297 -38.70 -8.09 47.62
C ALA A 2297 -39.19 -8.65 48.94
N LEU A 2298 -40.48 -8.46 49.25
CA LEU A 2298 -41.00 -8.93 50.52
C LEU A 2298 -40.92 -10.44 50.65
N THR A 2299 -41.02 -11.17 49.54
CA THR A 2299 -40.91 -12.62 49.60
C THR A 2299 -39.54 -13.04 50.10
N LYS A 2300 -38.48 -12.39 49.60
CA LYS A 2300 -37.12 -12.78 49.95
C LYS A 2300 -36.69 -12.27 51.31
N LEU A 2301 -37.35 -11.25 51.85
CA LEU A 2301 -36.90 -10.60 53.07
C LEU A 2301 -37.63 -11.08 54.33
N GLN A 2302 -38.84 -11.62 54.21
CA GLN A 2302 -39.57 -12.01 55.41
C GLN A 2302 -38.84 -13.06 56.23
N PRO A 2303 -38.28 -14.12 55.65
CA PRO A 2303 -37.59 -15.12 56.48
C PRO A 2303 -36.47 -14.56 57.33
N LEU A 2304 -35.97 -13.37 57.03
CA LEU A 2304 -34.91 -12.74 57.84
C LEU A 2304 -35.45 -11.83 58.92
N LEU A 2305 -36.77 -11.69 59.03
CA LEU A 2305 -37.34 -10.78 60.01
C LEU A 2305 -37.14 -11.31 61.43
N ASN A 2306 -37.40 -10.44 62.39
CA ASN A 2306 -37.32 -10.84 63.80
C ASN A 2306 -38.32 -11.96 64.08
N LYS A 2307 -37.91 -12.90 64.94
CA LYS A 2307 -38.69 -14.11 65.13
C LYS A 2307 -40.06 -13.84 65.73
N ASP A 2308 -40.24 -12.74 66.45
CA ASP A 2308 -41.49 -12.46 67.15
C ASP A 2308 -42.13 -11.15 66.71
N SER A 2309 -41.80 -10.65 65.52
CA SER A 2309 -42.39 -9.39 65.07
C SER A 2309 -43.86 -9.61 64.72
N PRO A 2310 -44.71 -8.58 64.85
CA PRO A 2310 -46.11 -8.74 64.44
C PRO A 2310 -46.29 -8.91 62.95
N LEU A 2311 -45.35 -8.44 62.13
CA LEU A 2311 -45.55 -8.42 60.68
C LEU A 2311 -45.54 -9.81 60.05
N HIS A 2312 -45.06 -10.83 60.76
CA HIS A 2312 -45.09 -12.18 60.19
C HIS A 2312 -46.52 -12.59 59.83
N LYS A 2313 -47.50 -12.15 60.62
CA LYS A 2313 -48.90 -12.47 60.37
C LYS A 2313 -49.58 -11.43 59.50
N ALA A 2314 -49.34 -10.15 59.77
CA ALA A 2314 -49.99 -9.09 59.01
C ALA A 2314 -49.66 -9.16 57.52
N LEU A 2315 -48.54 -9.78 57.16
CA LEU A 2315 -48.20 -9.92 55.75
C LEU A 2315 -49.10 -10.89 55.01
N PHE A 2316 -49.96 -11.63 55.72
CA PHE A 2316 -50.91 -12.48 55.03
C PHE A 2316 -51.95 -11.64 54.30
N TRP A 2317 -52.33 -10.50 54.87
CA TRP A 2317 -53.31 -9.63 54.23
C TRP A 2317 -52.72 -8.83 53.08
N VAL A 2318 -51.40 -8.69 53.00
CA VAL A 2318 -50.79 -8.03 51.86
C VAL A 2318 -50.91 -8.90 50.62
N ALA A 2319 -50.63 -10.19 50.76
CA ALA A 2319 -50.74 -11.09 49.61
C ALA A 2319 -52.18 -11.20 49.13
N VAL A 2320 -53.14 -11.29 50.05
CA VAL A 2320 -54.53 -11.42 49.65
C VAL A 2320 -54.98 -10.18 48.89
N ALA A 2321 -54.64 -9.00 49.39
CA ALA A 2321 -55.00 -7.77 48.70
C ALA A 2321 -54.37 -7.68 47.31
N VAL A 2322 -53.25 -8.38 47.10
CA VAL A 2322 -52.58 -8.35 45.80
C VAL A 2322 -53.17 -9.36 44.82
N LEU A 2323 -53.88 -10.38 45.31
CA LEU A 2323 -54.58 -11.29 44.41
C LEU A 2323 -55.87 -10.71 43.87
N GLN A 2324 -56.32 -9.56 44.38
CA GLN A 2324 -57.57 -8.95 43.97
C GLN A 2324 -57.40 -7.91 42.87
N LEU A 2325 -56.18 -7.68 42.38
CA LEU A 2325 -55.95 -6.65 41.39
C LEU A 2325 -56.10 -7.16 39.96
N ASP A 2326 -56.25 -8.46 39.76
CA ASP A 2326 -56.62 -9.03 38.46
C ASP A 2326 -55.60 -8.67 37.38
N GLU A 2327 -54.37 -9.13 37.59
CA GLU A 2327 -53.32 -9.03 36.59
C GLU A 2327 -52.44 -10.28 36.68
N VAL A 2328 -52.10 -10.84 35.54
CA VAL A 2328 -51.39 -12.12 35.53
C VAL A 2328 -50.08 -12.01 36.30
N ASN A 2329 -49.36 -10.91 36.13
CA ASN A 2329 -48.09 -10.76 36.83
C ASN A 2329 -48.30 -10.59 38.33
N LEU A 2330 -49.24 -9.73 38.72
CA LEU A 2330 -49.50 -9.54 40.13
C LEU A 2330 -50.04 -10.81 40.77
N TYR A 2331 -50.89 -11.55 40.06
CA TYR A 2331 -51.39 -12.81 40.61
C TYR A 2331 -50.26 -13.81 40.78
N SER A 2332 -49.35 -13.87 39.81
CA SER A 2332 -48.26 -14.84 39.90
C SER A 2332 -47.34 -14.53 41.08
N ALA A 2333 -47.03 -13.25 41.30
CA ALA A 2333 -46.18 -12.87 42.43
C ALA A 2333 -46.95 -12.88 43.74
N GLY A 2334 -48.28 -12.77 43.70
CA GLY A 2334 -49.06 -12.79 44.91
C GLY A 2334 -48.98 -14.12 45.63
N THR A 2335 -49.06 -15.22 44.88
CA THR A 2335 -48.97 -16.54 45.50
C THR A 2335 -47.58 -16.79 46.06
N ALA A 2336 -46.53 -16.31 45.36
CA ALA A 2336 -45.17 -16.57 45.81
C ALA A 2336 -44.90 -15.95 47.18
N LEU A 2337 -45.54 -14.83 47.49
CA LEU A 2337 -45.47 -14.25 48.83
C LEU A 2337 -46.32 -15.01 49.83
N LEU A 2338 -47.27 -15.81 49.37
CA LEU A 2338 -48.15 -16.57 50.24
C LEU A 2338 -47.66 -18.00 50.46
N GLU A 2339 -47.08 -18.63 49.44
CA GLU A 2339 -46.58 -19.99 49.62
C GLU A 2339 -45.53 -20.04 50.71
N GLN A 2340 -44.61 -19.08 50.73
CA GLN A 2340 -43.59 -19.04 51.76
C GLN A 2340 -44.12 -18.51 53.08
N ASN A 2341 -45.13 -17.64 53.05
CA ASN A 2341 -45.64 -17.07 54.29
C ASN A 2341 -46.21 -18.16 55.19
N LEU A 2342 -46.92 -19.12 54.61
CA LEU A 2342 -47.35 -20.28 55.38
C LEU A 2342 -46.15 -21.09 55.83
N HIS A 2343 -45.19 -21.32 54.93
CA HIS A 2343 -44.04 -22.14 55.26
C HIS A 2343 -43.21 -21.53 56.38
N THR A 2344 -43.06 -20.20 56.37
CA THR A 2344 -42.30 -19.55 57.42
C THR A 2344 -42.99 -19.63 58.77
N LEU A 2345 -44.31 -19.43 58.80
CA LEU A 2345 -45.04 -19.49 60.05
C LEU A 2345 -45.05 -20.90 60.65
N ASP A 2346 -44.88 -21.93 59.83
CA ASP A 2346 -44.85 -23.29 60.36
C ASP A 2346 -43.60 -23.52 61.20
N SER A 2347 -42.43 -23.12 60.69
CA SER A 2347 -41.19 -23.37 61.41
C SER A 2347 -41.19 -22.68 62.76
N LEU A 2348 -41.90 -21.57 62.90
CA LEU A 2348 -42.04 -20.91 64.19
C LEU A 2348 -43.10 -21.56 65.06
N ARG A 2349 -43.81 -22.57 64.55
CA ARG A 2349 -44.79 -23.31 65.32
C ARG A 2349 -45.84 -22.37 65.91
N ILE A 2350 -46.57 -21.71 65.02
CA ILE A 2350 -47.69 -20.88 65.42
C ILE A 2350 -49.04 -21.57 65.17
N PHE A 2351 -49.09 -22.53 64.25
CA PHE A 2351 -50.28 -23.31 64.00
C PHE A 2351 -50.33 -24.58 64.83
N ASN A 2352 -49.38 -24.78 65.75
CA ASN A 2352 -49.36 -26.01 66.53
C ASN A 2352 -50.62 -26.15 67.37
N ASP A 2353 -51.08 -25.07 68.01
CA ASP A 2353 -52.20 -25.13 68.93
C ASP A 2353 -53.31 -24.14 68.53
N LYS A 2354 -53.35 -23.73 67.27
CA LYS A 2354 -54.38 -22.82 66.78
C LYS A 2354 -54.72 -23.20 65.35
N SER A 2355 -55.64 -22.44 64.76
CA SER A 2355 -56.11 -22.70 63.41
C SER A 2355 -55.97 -21.44 62.58
N PRO A 2356 -55.81 -21.56 61.26
CA PRO A 2356 -55.62 -20.36 60.44
C PRO A 2356 -56.70 -19.33 60.63
N GLU A 2357 -57.96 -19.75 60.78
CA GLU A 2357 -59.05 -18.81 60.99
C GLU A 2357 -58.84 -18.02 62.28
N GLU A 2358 -58.04 -18.56 63.20
CA GLU A 2358 -57.82 -17.87 64.47
C GLU A 2358 -56.64 -16.91 64.40
N VAL A 2359 -55.51 -17.36 63.84
CA VAL A 2359 -54.31 -16.53 63.81
C VAL A 2359 -54.53 -15.31 62.93
N PHE A 2360 -55.02 -15.52 61.72
CA PHE A 2360 -55.09 -14.43 60.75
C PHE A 2360 -56.30 -13.53 60.98
N MET A 2361 -57.41 -14.07 61.46
CA MET A 2361 -58.58 -13.24 61.70
C MET A 2361 -58.50 -12.48 63.02
N ALA A 2362 -57.63 -12.91 63.93
CA ALA A 2362 -57.44 -12.18 65.17
C ALA A 2362 -56.66 -10.89 64.93
N ILE A 2363 -55.57 -10.98 64.15
CA ILE A 2363 -54.74 -9.81 63.91
C ILE A 2363 -55.42 -8.79 63.03
N ARG A 2364 -56.45 -9.19 62.28
CA ARG A 2364 -57.21 -8.27 61.45
C ARG A 2364 -58.24 -7.47 62.23
N ASN A 2365 -58.53 -7.88 63.47
CA ASN A 2365 -59.62 -7.26 64.22
C ASN A 2365 -59.40 -5.77 64.45
N PRO A 2366 -58.21 -5.30 64.85
CA PRO A 2366 -58.08 -3.88 65.21
C PRO A 2366 -58.50 -2.92 64.11
N LEU A 2367 -58.32 -3.31 62.84
CA LEU A 2367 -58.66 -2.47 61.70
C LEU A 2367 -59.75 -3.11 60.86
N GLU A 2368 -60.70 -3.78 61.53
CA GLU A 2368 -61.77 -4.45 60.81
C GLU A 2368 -62.66 -3.48 60.05
N TRP A 2369 -62.70 -2.21 60.47
CA TRP A 2369 -63.62 -1.27 59.83
C TRP A 2369 -63.29 -1.06 58.37
N HIS A 2370 -62.01 -0.89 58.04
CA HIS A 2370 -61.62 -0.74 56.65
C HIS A 2370 -61.83 -2.03 55.88
N CYS A 2371 -61.49 -3.17 56.50
CA CYS A 2371 -61.66 -4.46 55.82
C CYS A 2371 -63.12 -4.74 55.51
N LYS A 2372 -64.02 -4.38 56.44
CA LYS A 2372 -65.42 -4.73 56.27
C LYS A 2372 -66.02 -4.12 55.02
N GLN A 2373 -65.41 -3.07 54.46
CA GLN A 2373 -65.88 -2.49 53.22
C GLN A 2373 -65.30 -3.17 51.99
N MET A 2374 -64.07 -3.67 52.08
CA MET A 2374 -63.48 -4.37 50.94
C MET A 2374 -64.26 -5.65 50.61
N ASP A 2375 -64.67 -6.39 51.64
CA ASP A 2375 -65.42 -7.62 51.39
C ASP A 2375 -66.70 -7.33 50.63
N HIS A 2376 -67.35 -6.20 50.92
CA HIS A 2376 -68.62 -5.89 50.27
C HIS A 2376 -68.45 -5.73 48.76
N PHE A 2377 -67.40 -5.02 48.34
CA PHE A 2377 -67.22 -4.77 46.92
C PHE A 2377 -66.71 -5.99 46.18
N VAL A 2378 -65.74 -6.71 46.75
CA VAL A 2378 -65.23 -7.91 46.08
C VAL A 2378 -66.29 -9.00 46.07
N GLY A 2379 -67.05 -9.14 47.15
CA GLY A 2379 -68.11 -10.12 47.22
C GLY A 2379 -67.66 -11.45 47.80
N LEU A 2380 -66.92 -11.40 48.91
CA LEU A 2380 -66.49 -12.61 49.61
C LEU A 2380 -66.28 -12.22 51.07
N ASN A 2381 -67.23 -12.60 51.93
CA ASN A 2381 -67.17 -12.24 53.33
C ASN A 2381 -66.21 -13.16 54.08
N PHE A 2382 -65.31 -12.57 54.86
CA PHE A 2382 -64.40 -13.34 55.69
C PHE A 2382 -64.93 -13.57 57.10
N ASN A 2383 -65.82 -12.71 57.59
CA ASN A 2383 -66.39 -12.89 58.91
C ASN A 2383 -67.46 -13.97 58.94
N SER A 2384 -67.97 -14.39 57.79
CA SER A 2384 -68.99 -15.42 57.72
C SER A 2384 -68.37 -16.82 57.69
N ASN A 2385 -67.49 -17.06 56.74
CA ASN A 2385 -66.86 -18.38 56.58
C ASN A 2385 -65.47 -18.15 56.03
N PHE A 2386 -64.47 -18.19 56.92
CA PHE A 2386 -63.09 -17.93 56.50
C PHE A 2386 -62.66 -18.89 55.39
N ASN A 2387 -62.92 -20.19 55.58
CA ASN A 2387 -62.35 -21.18 54.69
C ASN A 2387 -62.89 -21.06 53.27
N PHE A 2388 -64.18 -20.82 53.10
CA PHE A 2388 -64.70 -20.65 51.75
C PHE A 2388 -64.31 -19.31 51.16
N ALA A 2389 -64.06 -18.31 52.00
CA ALA A 2389 -63.59 -17.02 51.49
C ALA A 2389 -62.19 -17.15 50.90
N LEU A 2390 -61.28 -17.81 51.62
CA LEU A 2390 -59.92 -17.94 51.12
C LEU A 2390 -59.87 -18.85 49.90
N VAL A 2391 -60.63 -19.94 49.89
CA VAL A 2391 -60.64 -20.80 48.73
C VAL A 2391 -61.20 -20.09 47.51
N GLY A 2392 -61.94 -18.99 47.71
CA GLY A 2392 -62.46 -18.24 46.60
C GLY A 2392 -61.41 -17.49 45.82
N HIS A 2393 -60.28 -17.18 46.44
CA HIS A 2393 -59.20 -16.47 45.76
C HIS A 2393 -58.21 -17.42 45.10
N LEU A 2394 -58.19 -18.68 45.50
CA LEU A 2394 -57.30 -19.67 44.91
C LEU A 2394 -57.92 -20.39 43.72
N LEU A 2395 -59.21 -20.19 43.46
CA LEU A 2395 -59.83 -20.79 42.30
C LEU A 2395 -59.42 -20.11 41.01
N LYS A 2396 -59.09 -18.83 41.07
CA LYS A 2396 -58.70 -18.11 39.86
C LYS A 2396 -57.38 -18.61 39.32
N GLY A 2397 -56.55 -19.25 40.14
CA GLY A 2397 -55.25 -19.71 39.69
C GLY A 2397 -55.30 -20.81 38.66
N TYR A 2398 -56.39 -21.59 38.61
CA TYR A 2398 -56.49 -22.62 37.58
C TYR A 2398 -56.54 -22.04 36.18
N ARG A 2399 -56.87 -20.76 36.05
CA ARG A 2399 -57.00 -20.11 34.75
C ARG A 2399 -55.71 -19.44 34.30
N HIS A 2400 -54.66 -19.46 35.12
CA HIS A 2400 -53.45 -18.72 34.79
C HIS A 2400 -52.79 -19.34 33.56
N PRO A 2401 -52.36 -18.54 32.58
CA PRO A 2401 -51.78 -19.13 31.37
C PRO A 2401 -50.55 -19.98 31.64
N SER A 2402 -49.72 -19.58 32.58
CA SER A 2402 -48.49 -20.32 32.86
C SER A 2402 -48.82 -21.64 33.53
N PRO A 2403 -48.37 -22.78 33.00
CA PRO A 2403 -48.61 -24.06 33.68
C PRO A 2403 -47.99 -24.14 35.06
N ALA A 2404 -46.89 -23.42 35.31
CA ALA A 2404 -46.20 -23.51 36.59
C ALA A 2404 -46.98 -22.91 37.73
N ILE A 2405 -47.81 -21.90 37.47
CA ILE A 2405 -48.56 -21.25 38.53
C ILE A 2405 -49.76 -22.10 38.94
N VAL A 2406 -50.29 -22.92 38.04
CA VAL A 2406 -51.41 -23.78 38.39
C VAL A 2406 -50.95 -24.83 39.39
N ALA A 2407 -49.72 -25.32 39.24
CA ALA A 2407 -49.21 -26.30 40.19
C ALA A 2407 -48.88 -25.67 41.53
N ARG A 2408 -48.51 -24.38 41.54
CA ARG A 2408 -48.20 -23.72 42.79
C ARG A 2408 -49.44 -23.56 43.65
N THR A 2409 -50.59 -23.28 43.03
CA THR A 2409 -51.81 -23.08 43.79
C THR A 2409 -52.36 -24.39 44.34
N VAL A 2410 -52.04 -25.52 43.71
CA VAL A 2410 -52.45 -26.80 44.26
C VAL A 2410 -51.66 -27.11 45.52
N ARG A 2411 -50.37 -26.77 45.53
CA ARG A 2411 -49.57 -27.01 46.74
C ARG A 2411 -50.10 -26.19 47.91
N ILE A 2412 -50.53 -24.96 47.65
CA ILE A 2412 -51.06 -24.13 48.72
C ILE A 2412 -52.33 -24.76 49.28
N LEU A 2413 -53.18 -25.31 48.41
CA LEU A 2413 -54.39 -25.97 48.89
C LEU A 2413 -54.05 -27.17 49.76
N HIS A 2414 -53.08 -27.98 49.35
CA HIS A 2414 -52.68 -29.11 50.17
C HIS A 2414 -52.17 -28.65 51.52
N THR A 2415 -51.35 -27.60 51.54
CA THR A 2415 -50.78 -27.14 52.80
C THR A 2415 -51.85 -26.64 53.76
N LEU A 2416 -52.84 -25.90 53.25
CA LEU A 2416 -53.89 -25.41 54.11
C LEU A 2416 -54.76 -26.54 54.63
N LEU A 2417 -54.99 -27.56 53.80
CA LEU A 2417 -55.82 -28.68 54.24
C LEU A 2417 -55.21 -29.38 55.44
N THR A 2418 -53.90 -29.60 55.41
CA THR A 2418 -53.24 -30.24 56.55
C THR A 2418 -53.35 -29.39 57.81
N LEU A 2419 -53.16 -28.08 57.68
CA LEU A 2419 -53.16 -27.22 58.86
C LEU A 2419 -54.50 -27.21 59.57
N VAL A 2420 -55.59 -27.43 58.84
CA VAL A 2420 -56.91 -27.32 59.45
C VAL A 2420 -57.31 -28.63 60.12
N ASN A 2421 -56.98 -29.76 59.52
CA ASN A 2421 -57.33 -31.04 60.14
C ASN A 2421 -56.45 -31.33 61.34
N LYS A 2422 -55.15 -31.06 61.24
CA LYS A 2422 -54.27 -31.30 62.38
C LYS A 2422 -54.79 -30.62 63.63
N HIS A 2423 -55.37 -29.42 63.49
CA HIS A 2423 -56.00 -28.78 64.63
C HIS A 2423 -57.11 -29.65 65.21
N ARG A 2424 -57.77 -30.45 64.37
CA ARG A 2424 -58.83 -31.35 64.81
C ARG A 2424 -58.34 -32.80 64.99
N ASN A 2425 -57.16 -33.13 64.49
CA ASN A 2425 -56.64 -34.49 64.55
C ASN A 2425 -57.58 -35.47 63.84
N CYS A 2426 -57.78 -35.21 62.54
CA CYS A 2426 -58.79 -35.93 61.77
C CYS A 2426 -58.23 -36.58 60.51
N ASP A 2427 -57.02 -37.11 60.57
CA ASP A 2427 -56.45 -38.01 59.57
C ASP A 2427 -56.03 -37.31 58.28
N LYS A 2428 -56.27 -36.01 58.14
CA LYS A 2428 -55.86 -35.20 56.99
C LYS A 2428 -56.77 -35.40 55.77
N PHE A 2429 -57.78 -36.26 55.85
CA PHE A 2429 -58.73 -36.40 54.75
C PHE A 2429 -60.17 -36.50 55.23
N GLU A 2430 -60.42 -36.32 56.53
CA GLU A 2430 -61.78 -36.36 57.02
C GLU A 2430 -62.59 -35.21 56.43
N VAL A 2431 -63.88 -35.48 56.20
CA VAL A 2431 -64.80 -34.49 55.65
C VAL A 2431 -65.59 -33.88 56.79
N ASN A 2432 -65.55 -32.56 56.90
CA ASN A 2432 -66.31 -31.84 57.92
C ASN A 2432 -66.46 -30.39 57.45
N THR A 2433 -67.07 -29.58 58.31
CA THR A 2433 -67.38 -28.22 57.92
C THR A 2433 -66.13 -27.45 57.51
N GLN A 2434 -65.03 -27.64 58.24
CA GLN A 2434 -63.81 -26.89 57.97
C GLN A 2434 -63.16 -27.37 56.67
N SER A 2435 -63.02 -28.68 56.51
CA SER A 2435 -62.22 -29.25 55.44
C SER A 2435 -63.01 -29.56 54.17
N VAL A 2436 -64.31 -29.28 54.14
CA VAL A 2436 -65.08 -29.61 52.95
C VAL A 2436 -64.68 -28.71 51.79
N ALA A 2437 -64.37 -27.45 52.07
CA ALA A 2437 -64.07 -26.50 51.01
C ALA A 2437 -62.79 -26.89 50.27
N TYR A 2438 -61.71 -27.17 51.01
CA TYR A 2438 -60.45 -27.47 50.36
C TYR A 2438 -60.52 -28.78 49.58
N LEU A 2439 -61.39 -29.70 49.99
CA LEU A 2439 -61.47 -30.98 49.29
C LEU A 2439 -62.15 -30.84 47.95
N ALA A 2440 -63.14 -29.96 47.83
CA ALA A 2440 -63.83 -29.78 46.55
C ALA A 2440 -62.85 -29.26 45.49
N ALA A 2441 -62.04 -28.26 45.86
CA ALA A 2441 -61.08 -27.73 44.90
C ALA A 2441 -60.07 -28.77 44.47
N LEU A 2442 -59.60 -29.58 45.42
CA LEU A 2442 -58.63 -30.63 45.12
C LEU A 2442 -59.25 -31.79 44.34
N LEU A 2443 -60.57 -31.80 44.18
CA LEU A 2443 -61.24 -32.97 43.64
C LEU A 2443 -60.72 -33.34 42.27
N THR A 2444 -60.64 -32.38 41.35
CA THR A 2444 -60.35 -32.68 39.95
C THR A 2444 -58.86 -32.83 39.66
N VAL A 2445 -57.98 -32.62 40.64
CA VAL A 2445 -56.55 -32.67 40.42
C VAL A 2445 -55.90 -33.85 41.13
N SER A 2446 -56.39 -34.20 42.31
CA SER A 2446 -55.73 -35.19 43.17
C SER A 2446 -56.44 -36.53 43.05
N GLU A 2447 -55.67 -37.58 42.69
CA GLU A 2447 -56.23 -38.91 42.64
C GLU A 2447 -56.59 -39.41 44.03
N GLU A 2448 -55.76 -39.11 45.03
CA GLU A 2448 -56.00 -39.62 46.37
C GLU A 2448 -57.32 -39.12 46.93
N VAL A 2449 -57.63 -37.85 46.72
CA VAL A 2449 -58.85 -37.29 47.30
C VAL A 2449 -60.08 -38.02 46.75
N ARG A 2450 -60.08 -38.31 45.46
CA ARG A 2450 -61.22 -39.01 44.87
C ARG A 2450 -61.40 -40.39 45.51
N SER A 2451 -60.31 -41.12 45.72
CA SER A 2451 -60.41 -42.43 46.36
C SER A 2451 -60.84 -42.30 47.81
N ARG A 2452 -60.19 -41.41 48.56
CA ARG A 2452 -60.52 -41.24 49.97
C ARG A 2452 -61.90 -40.62 50.17
N CYS A 2453 -62.37 -39.83 49.20
CA CYS A 2453 -63.70 -39.20 49.25
C CYS A 2453 -64.39 -39.50 47.92
N SER A 2454 -65.09 -40.63 47.86
CA SER A 2454 -65.72 -41.09 46.64
C SER A 2454 -67.24 -40.96 46.75
N LEU A 2455 -67.88 -40.77 45.60
CA LEU A 2455 -69.33 -40.66 45.58
C LEU A 2455 -69.97 -41.97 46.05
N LYS A 2456 -71.04 -41.82 46.83
CA LYS A 2456 -71.62 -42.99 47.50
C LYS A 2456 -72.17 -44.00 46.50
N HIS A 2457 -72.95 -43.54 45.51
CA HIS A 2457 -73.58 -44.43 44.55
C HIS A 2457 -72.58 -44.72 43.43
N ARG A 2458 -71.66 -45.63 43.74
CA ARG A 2458 -70.60 -45.98 42.80
C ARG A 2458 -71.13 -46.92 41.71
N SER A 2601 -63.02 -44.72 51.62
CA SER A 2601 -63.63 -45.03 52.90
C SER A 2601 -64.97 -44.32 53.05
N ASN A 2602 -64.91 -43.04 53.37
CA ASN A 2602 -66.12 -42.23 53.50
C ASN A 2602 -66.54 -41.75 52.11
N VAL A 2603 -67.52 -40.86 52.06
CA VAL A 2603 -68.03 -40.31 50.80
C VAL A 2603 -68.30 -38.82 50.99
N LEU A 2604 -67.97 -38.04 49.98
CA LEU A 2604 -68.31 -36.62 50.01
C LEU A 2604 -69.82 -36.45 50.00
N LEU A 2605 -70.28 -35.26 50.38
CA LEU A 2605 -71.70 -34.94 50.46
C LEU A 2605 -72.39 -35.82 51.50
N ASP A 2606 -71.85 -35.79 52.72
CA ASP A 2606 -72.43 -36.52 53.84
C ASP A 2606 -73.45 -35.63 54.54
N GLU A 2607 -74.70 -36.09 54.56
CA GLU A 2607 -75.78 -35.33 55.20
C GLU A 2607 -75.80 -35.50 56.71
N GLU A 2608 -74.98 -36.39 57.26
CA GLU A 2608 -74.91 -36.54 58.70
C GLU A 2608 -74.13 -35.41 59.35
N VAL A 2609 -73.16 -34.86 58.63
CA VAL A 2609 -72.30 -33.80 59.16
C VAL A 2609 -72.58 -32.47 58.48
N LEU A 2610 -72.80 -32.48 57.16
CA LEU A 2610 -73.12 -31.27 56.40
C LEU A 2610 -74.61 -31.00 56.56
N THR A 2611 -74.98 -30.49 57.72
CA THR A 2611 -76.38 -30.26 58.05
C THR A 2611 -76.82 -28.82 57.85
N ASP A 2612 -75.95 -27.84 58.08
CA ASP A 2612 -76.34 -26.45 57.96
C ASP A 2612 -76.69 -26.14 56.52
N PRO A 2613 -77.82 -25.46 56.26
CA PRO A 2613 -78.13 -25.11 54.87
C PRO A 2613 -77.07 -24.24 54.21
N LYS A 2614 -76.46 -23.33 54.97
CA LYS A 2614 -75.47 -22.42 54.40
C LYS A 2614 -74.26 -23.19 53.88
N ILE A 2615 -73.73 -24.12 54.68
CA ILE A 2615 -72.52 -24.83 54.29
C ILE A 2615 -72.76 -25.70 53.06
N GLN A 2616 -73.98 -26.17 52.84
CA GLN A 2616 -74.29 -26.99 51.69
C GLN A 2616 -74.72 -26.18 50.48
N ALA A 2617 -74.87 -24.86 50.64
CA ALA A 2617 -75.09 -23.97 49.51
C ALA A 2617 -73.80 -23.38 48.97
N LEU A 2618 -72.77 -23.29 49.81
CA LEU A 2618 -71.46 -22.84 49.37
C LEU A 2618 -70.64 -23.96 48.75
N LEU A 2619 -71.05 -25.22 48.92
CA LEU A 2619 -70.33 -26.33 48.34
C LEU A 2619 -70.75 -26.62 46.91
N LEU A 2620 -72.05 -26.50 46.62
CA LEU A 2620 -72.51 -26.69 45.26
C LEU A 2620 -72.07 -25.55 44.35
N THR A 2621 -71.98 -24.34 44.88
CA THR A 2621 -71.56 -23.20 44.07
C THR A 2621 -70.13 -23.36 43.59
N VAL A 2622 -69.23 -23.86 44.44
CA VAL A 2622 -67.87 -24.10 44.00
C VAL A 2622 -67.84 -25.18 42.93
N LEU A 2623 -68.59 -26.26 43.11
CA LEU A 2623 -68.61 -27.33 42.11
C LEU A 2623 -69.20 -26.86 40.80
N ALA A 2624 -70.24 -26.03 40.84
CA ALA A 2624 -70.79 -25.47 39.61
C ALA A 2624 -69.84 -24.46 38.99
N THR A 2625 -69.11 -23.72 39.80
CA THR A 2625 -68.19 -22.72 39.27
C THR A 2625 -67.07 -23.36 38.46
N LEU A 2626 -66.58 -24.52 38.90
CA LEU A 2626 -65.47 -25.15 38.20
C LEU A 2626 -65.86 -25.58 36.79
N VAL A 2627 -67.04 -26.19 36.64
CA VAL A 2627 -67.44 -26.69 35.33
C VAL A 2627 -67.70 -25.53 34.38
N LYS A 2628 -68.23 -24.40 34.88
CA LYS A 2628 -68.62 -23.32 33.99
C LYS A 2628 -67.45 -22.87 33.10
N TYR A 2629 -66.24 -22.88 33.65
CA TYR A 2629 -65.07 -22.42 32.91
C TYR A 2629 -64.17 -23.55 32.44
N THR A 2630 -64.31 -24.75 32.99
CA THR A 2630 -63.50 -25.87 32.57
C THR A 2630 -63.77 -26.21 31.12
N THR A 2631 -62.73 -26.62 30.40
CA THR A 2631 -62.84 -26.99 28.99
C THR A 2631 -62.04 -28.26 28.71
N ASP A 2632 -62.14 -29.24 29.60
CA ASP A 2632 -61.46 -30.51 29.45
C ASP A 2632 -62.49 -31.63 29.54
N GLU A 2633 -62.38 -32.60 28.63
CA GLU A 2633 -63.34 -33.70 28.60
C GLU A 2633 -63.30 -34.49 29.90
N PHE A 2634 -62.09 -34.84 30.36
CA PHE A 2634 -61.97 -35.62 31.58
C PHE A 2634 -62.51 -34.88 32.79
N ASP A 2635 -62.18 -33.59 32.90
CA ASP A 2635 -62.61 -32.82 34.06
C ASP A 2635 -64.12 -32.68 34.10
N GLN A 2636 -64.75 -32.43 32.95
CA GLN A 2636 -66.20 -32.28 32.92
C GLN A 2636 -66.89 -33.56 33.37
N ARG A 2637 -66.36 -34.71 32.97
CA ARG A 2637 -66.96 -35.99 33.37
C ARG A 2637 -66.99 -36.13 34.88
N ILE A 2638 -65.85 -35.90 35.53
CA ILE A 2638 -65.75 -36.19 36.96
C ILE A 2638 -66.64 -35.24 37.77
N LEU A 2639 -66.72 -33.98 37.36
CA LEU A 2639 -67.48 -33.00 38.14
C LEU A 2639 -68.98 -33.23 38.02
N TYR A 2640 -69.47 -33.51 36.81
CA TYR A 2640 -70.92 -33.68 36.63
C TYR A 2640 -71.47 -34.84 37.44
N GLU A 2641 -70.68 -35.87 37.69
CA GLU A 2641 -71.17 -36.99 38.49
C GLU A 2641 -71.53 -36.56 39.90
N TYR A 2642 -70.71 -35.70 40.52
CA TYR A 2642 -71.02 -35.24 41.86
C TYR A 2642 -72.22 -34.30 41.86
N LEU A 2643 -72.34 -33.46 40.83
CA LEU A 2643 -73.51 -32.59 40.75
C LEU A 2643 -74.79 -33.40 40.53
N ALA A 2644 -74.75 -34.36 39.61
CA ALA A 2644 -75.92 -35.21 39.40
C ALA A 2644 -76.25 -35.98 40.66
N GLU A 2645 -75.23 -36.53 41.32
CA GLU A 2645 -75.45 -37.24 42.58
C GLU A 2645 -75.96 -36.30 43.67
N ALA A 2646 -75.49 -35.06 43.68
CA ALA A 2646 -75.85 -34.13 44.74
C ALA A 2646 -77.28 -33.61 44.60
N SER A 2647 -77.88 -33.75 43.41
CA SER A 2647 -79.24 -33.26 43.23
C SER A 2647 -80.23 -34.02 44.10
N VAL A 2648 -80.05 -35.32 44.23
CA VAL A 2648 -80.97 -36.12 45.03
C VAL A 2648 -80.68 -35.99 46.51
N VAL A 2649 -79.44 -35.67 46.88
CA VAL A 2649 -79.06 -35.64 48.29
C VAL A 2649 -79.40 -34.30 48.93
N PHE A 2650 -79.46 -33.22 48.14
CA PHE A 2650 -79.81 -31.89 48.64
C PHE A 2650 -80.89 -31.28 47.76
N PRO A 2651 -82.09 -31.88 47.74
CA PRO A 2651 -83.14 -31.33 46.86
C PRO A 2651 -83.53 -29.91 47.19
N LYS A 2652 -83.54 -29.53 48.48
CA LYS A 2652 -84.08 -28.24 48.86
C LYS A 2652 -83.23 -27.10 48.31
N VAL A 2653 -81.90 -27.20 48.44
CA VAL A 2653 -81.01 -26.09 48.14
C VAL A 2653 -80.44 -26.15 46.74
N PHE A 2654 -80.70 -27.21 45.98
CA PHE A 2654 -80.13 -27.31 44.64
C PHE A 2654 -80.53 -26.15 43.73
N PRO A 2655 -81.77 -25.65 43.70
CA PRO A 2655 -82.14 -24.64 42.70
C PRO A 2655 -81.41 -23.32 42.84
N VAL A 2656 -80.47 -23.17 43.77
CA VAL A 2656 -79.69 -21.95 43.89
C VAL A 2656 -78.51 -22.00 42.93
N VAL A 2657 -78.48 -23.02 42.07
CA VAL A 2657 -77.35 -23.26 41.18
C VAL A 2657 -77.75 -23.34 39.72
N HIS A 2658 -79.03 -23.15 39.40
CA HIS A 2658 -79.49 -23.37 38.03
C HIS A 2658 -78.78 -22.45 37.05
N ASN A 2659 -78.70 -21.16 37.37
CA ASN A 2659 -78.14 -20.20 36.43
C ASN A 2659 -76.69 -20.55 36.08
N LEU A 2660 -75.90 -20.96 37.07
CA LEU A 2660 -74.53 -21.35 36.80
C LEU A 2660 -74.46 -22.56 35.87
N LEU A 2661 -75.51 -23.35 35.81
CA LEU A 2661 -75.56 -24.52 34.94
C LEU A 2661 -76.46 -24.34 33.73
N ASP A 2662 -77.25 -23.27 33.68
CA ASP A 2662 -78.28 -23.14 32.66
C ASP A 2662 -77.68 -23.20 31.25
N SER A 2663 -76.80 -22.25 30.94
CA SER A 2663 -76.36 -22.10 29.55
C SER A 2663 -75.61 -23.34 29.07
N LYS A 2664 -74.60 -23.77 29.82
CA LYS A 2664 -73.73 -24.83 29.31
C LYS A 2664 -74.49 -26.14 29.14
N ILE A 2665 -75.35 -26.49 30.10
CA ILE A 2665 -76.11 -27.73 29.97
C ILE A 2665 -76.98 -27.69 28.72
N ASN A 2666 -77.61 -26.54 28.48
CA ASN A 2666 -78.47 -26.40 27.30
C ASN A 2666 -77.71 -26.78 26.04
N THR A 2667 -76.48 -26.29 25.89
CA THR A 2667 -75.69 -26.61 24.71
C THR A 2667 -75.35 -28.10 24.67
N LEU A 2668 -74.99 -28.68 25.81
CA LEU A 2668 -74.55 -30.07 25.83
C LEU A 2668 -75.68 -31.01 25.41
N LEU A 2669 -76.91 -30.74 25.85
CA LEU A 2669 -78.02 -31.61 25.48
C LEU A 2669 -78.17 -31.71 23.97
N SER A 2670 -77.88 -30.63 23.26
CA SER A 2670 -78.10 -30.61 21.81
C SER A 2670 -76.99 -31.32 21.05
N LEU A 2671 -75.75 -30.84 21.21
CA LEU A 2671 -74.67 -31.23 20.31
C LEU A 2671 -73.79 -32.34 20.84
N CYS A 2672 -73.84 -32.64 22.14
CA CYS A 2672 -72.94 -33.64 22.69
C CYS A 2672 -73.23 -35.02 22.11
N GLN A 2673 -72.18 -35.85 22.04
CA GLN A 2673 -72.33 -37.19 21.50
C GLN A 2673 -71.53 -38.23 22.29
N ASP A 2674 -71.20 -37.95 23.54
CA ASP A 2674 -70.37 -38.86 24.33
C ASP A 2674 -71.20 -39.50 25.43
N PRO A 2675 -71.41 -40.83 25.41
CA PRO A 2675 -72.23 -41.44 26.47
C PRO A 2675 -71.68 -41.23 27.86
N ASN A 2676 -70.35 -41.21 28.02
CA ASN A 2676 -69.77 -41.01 29.34
C ASN A 2676 -70.14 -39.64 29.89
N LEU A 2677 -70.12 -38.62 29.04
CA LEU A 2677 -70.45 -37.26 29.44
C LEU A 2677 -71.93 -36.94 29.30
N LEU A 2678 -72.72 -37.89 28.80
CA LEU A 2678 -74.15 -37.65 28.59
C LEU A 2678 -75.03 -38.27 29.65
N ASN A 2679 -74.64 -39.41 30.21
CA ASN A 2679 -75.45 -40.02 31.27
C ASN A 2679 -75.58 -39.11 32.48
N PRO A 2680 -74.51 -38.55 33.04
CA PRO A 2680 -74.67 -37.69 34.22
C PRO A 2680 -75.58 -36.51 33.98
N ILE A 2681 -75.53 -35.91 32.78
CA ILE A 2681 -76.36 -34.75 32.50
C ILE A 2681 -77.83 -35.11 32.54
N HIS A 2682 -78.20 -36.24 31.91
CA HIS A 2682 -79.59 -36.65 31.93
C HIS A 2682 -80.07 -36.88 33.35
N GLY A 2683 -79.20 -37.37 34.23
CA GLY A 2683 -79.59 -37.53 35.62
C GLY A 2683 -80.01 -36.22 36.25
N ILE A 2684 -79.30 -35.13 35.93
CA ILE A 2684 -79.65 -33.84 36.48
C ILE A 2684 -81.02 -33.40 35.98
N VAL A 2685 -81.28 -33.57 34.69
CA VAL A 2685 -82.54 -33.10 34.11
C VAL A 2685 -83.71 -33.86 34.72
N GLN A 2686 -83.57 -35.18 34.83
CA GLN A 2686 -84.66 -35.98 35.40
C GLN A 2686 -84.96 -35.59 36.83
N SER A 2687 -83.96 -35.08 37.55
CA SER A 2687 -84.12 -34.80 38.97
C SER A 2687 -84.77 -33.44 39.24
N VAL A 2688 -84.57 -32.47 38.36
CA VAL A 2688 -85.14 -31.15 38.60
C VAL A 2688 -86.66 -31.19 38.43
N VAL A 2689 -87.14 -31.84 37.37
CA VAL A 2689 -88.58 -31.89 37.12
C VAL A 2689 -89.29 -32.63 38.25
N TYR A 2690 -88.71 -33.74 38.70
CA TYR A 2690 -89.35 -34.53 39.74
C TYR A 2690 -89.54 -33.72 41.02
N HIS A 2691 -88.54 -32.95 41.42
CA HIS A 2691 -88.62 -32.14 42.61
C HIS A 2691 -89.22 -30.77 42.36
N GLU A 2692 -89.60 -30.47 41.13
CA GLU A 2692 -90.31 -29.23 40.84
C GLU A 2692 -91.73 -29.31 41.40
N GLU A 2693 -92.52 -28.28 41.15
CA GLU A 2693 -93.91 -28.14 41.58
C GLU A 2693 -93.99 -27.78 43.06
N SER A 2694 -92.87 -27.73 43.78
CA SER A 2694 -92.87 -27.27 45.15
C SER A 2694 -92.46 -25.80 45.20
N PRO A 2695 -93.01 -25.00 46.10
CA PRO A 2695 -92.62 -23.59 46.18
C PRO A 2695 -91.13 -23.45 46.44
N PRO A 2696 -90.46 -22.50 45.79
CA PRO A 2696 -89.01 -22.36 45.98
C PRO A 2696 -88.70 -21.72 47.33
N GLN A 2697 -88.18 -22.53 48.25
CA GLN A 2697 -87.78 -22.00 49.55
C GLN A 2697 -86.54 -21.13 49.42
N TYR A 2698 -85.56 -21.58 48.65
CA TYR A 2698 -84.31 -20.86 48.43
C TYR A 2698 -84.27 -20.41 46.98
N GLN A 2699 -84.08 -19.11 46.78
CA GLN A 2699 -84.01 -18.53 45.44
C GLN A 2699 -82.56 -18.40 45.01
N THR A 2700 -82.37 -17.82 43.81
CA THR A 2700 -81.01 -17.64 43.30
C THR A 2700 -80.24 -16.58 44.06
N SER A 2701 -80.92 -15.72 44.81
CA SER A 2701 -80.28 -14.63 45.56
C SER A 2701 -80.00 -15.01 47.01
N TYR A 2702 -79.98 -16.31 47.31
CA TYR A 2702 -79.71 -16.73 48.69
C TYR A 2702 -78.30 -16.33 49.11
N LEU A 2703 -77.32 -16.53 48.23
CA LEU A 2703 -75.94 -16.24 48.59
C LEU A 2703 -75.72 -14.75 48.85
N GLN A 2704 -76.35 -13.89 48.06
CA GLN A 2704 -76.20 -12.46 48.28
C GLN A 2704 -76.71 -12.04 49.65
N SER A 2705 -77.53 -12.87 50.30
CA SER A 2705 -78.06 -12.51 51.60
C SER A 2705 -76.95 -12.30 52.62
N PHE A 2706 -75.93 -13.16 52.60
CA PHE A 2706 -74.85 -13.10 53.58
C PHE A 2706 -73.48 -12.95 52.95
N GLY A 2707 -73.40 -12.39 51.75
CA GLY A 2707 -72.14 -11.87 51.25
C GLY A 2707 -71.55 -12.52 50.01
N PHE A 2708 -71.63 -13.84 49.90
CA PHE A 2708 -70.88 -14.54 48.86
C PHE A 2708 -71.55 -14.46 47.50
N ASN A 2709 -71.86 -13.25 47.03
CA ASN A 2709 -72.46 -13.09 45.71
C ASN A 2709 -71.43 -12.97 44.60
N GLY A 2710 -70.16 -12.78 44.93
CA GLY A 2710 -69.10 -12.69 43.93
C GLY A 2710 -68.27 -13.94 43.78
N LEU A 2711 -68.68 -15.07 44.36
CA LEU A 2711 -67.86 -16.27 44.30
C LEU A 2711 -67.69 -16.75 42.86
N TRP A 2712 -68.79 -16.75 42.10
CA TRP A 2712 -68.73 -17.27 40.74
C TRP A 2712 -68.11 -16.29 39.75
N ARG A 2713 -68.05 -14.99 40.08
CA ARG A 2713 -67.44 -14.04 39.17
C ARG A 2713 -65.93 -13.96 39.37
N PHE A 2714 -65.47 -13.98 40.62
CA PHE A 2714 -64.06 -13.78 40.89
C PHE A 2714 -63.19 -14.85 40.26
N ALA A 2715 -63.73 -16.03 39.99
CA ALA A 2715 -62.95 -17.13 39.45
C ALA A 2715 -62.89 -17.15 37.94
N GLY A 2716 -63.45 -16.13 37.27
CA GLY A 2716 -63.49 -16.10 35.84
C GLY A 2716 -62.12 -15.90 35.23
N PRO A 2717 -62.05 -15.98 33.91
CA PRO A 2717 -60.76 -15.80 33.24
C PRO A 2717 -60.23 -14.38 33.42
N PHE A 2718 -58.90 -14.26 33.36
CA PHE A 2718 -58.29 -12.95 33.48
C PHE A 2718 -58.72 -12.05 32.34
N SER A 2719 -58.90 -10.77 32.65
CA SER A 2719 -59.34 -9.80 31.65
C SER A 2719 -58.18 -9.43 30.74
N LYS A 2720 -58.43 -9.47 29.43
CA LYS A 2720 -57.40 -9.05 28.48
C LYS A 2720 -57.04 -7.58 28.69
N GLN A 2721 -58.04 -6.73 28.89
CA GLN A 2721 -57.82 -5.31 29.10
C GLN A 2721 -57.39 -5.11 30.55
N THR A 2722 -56.10 -4.88 30.76
CA THR A 2722 -55.54 -4.78 32.10
C THR A 2722 -55.96 -3.44 32.69
N GLN A 2723 -57.03 -3.46 33.50
CA GLN A 2723 -57.55 -2.27 34.14
C GLN A 2723 -57.69 -2.52 35.63
N ILE A 2724 -57.18 -1.60 36.44
CA ILE A 2724 -57.34 -1.71 37.90
C ILE A 2724 -58.83 -1.75 38.22
N PRO A 2725 -59.30 -2.66 39.07
CA PRO A 2725 -60.75 -2.79 39.29
C PRO A 2725 -61.43 -1.52 39.78
N ASP A 2726 -60.67 -0.47 40.11
CA ASP A 2726 -61.16 0.84 40.51
C ASP A 2726 -61.69 0.86 41.94
N TYR A 2727 -61.73 -0.28 42.63
CA TYR A 2727 -61.89 -0.27 44.08
C TYR A 2727 -60.56 -0.37 44.79
N ALA A 2728 -59.45 -0.22 44.07
CA ALA A 2728 -58.14 -0.19 44.71
C ALA A 2728 -58.02 0.97 45.68
N GLU A 2729 -58.87 1.98 45.56
CA GLU A 2729 -58.83 3.09 46.51
C GLU A 2729 -59.01 2.60 47.94
N LEU A 2730 -59.74 1.50 48.13
CA LEU A 2730 -59.90 0.95 49.47
C LEU A 2730 -58.65 0.24 49.93
N ILE A 2731 -57.96 -0.46 49.03
CA ILE A 2731 -56.73 -1.15 49.40
C ILE A 2731 -55.67 -0.15 49.85
N VAL A 2732 -55.62 1.01 49.19
CA VAL A 2732 -54.64 2.01 49.57
C VAL A 2732 -54.85 2.46 51.01
N LYS A 2733 -56.10 2.73 51.38
CA LYS A 2733 -56.39 3.10 52.77
C LYS A 2733 -56.10 1.95 53.72
N PHE A 2734 -56.43 0.72 53.31
CA PHE A 2734 -56.21 -0.42 54.18
C PHE A 2734 -54.73 -0.58 54.53
N LEU A 2735 -53.86 -0.47 53.53
CA LEU A 2735 -52.42 -0.54 53.81
C LEU A 2735 -51.98 0.60 54.72
N ASP A 2736 -52.54 1.79 54.51
CA ASP A 2736 -52.18 2.92 55.34
C ASP A 2736 -52.52 2.67 56.81
N ALA A 2737 -53.68 2.07 57.06
CA ALA A 2737 -54.05 1.74 58.44
C ALA A 2737 -53.16 0.63 58.99
N LEU A 2738 -52.75 -0.31 58.14
CA LEU A 2738 -51.91 -1.40 58.61
C LEU A 2738 -50.58 -0.90 59.14
N ILE A 2739 -49.98 0.07 58.45
CA ILE A 2739 -48.67 0.59 58.88
C ILE A 2739 -48.78 1.22 60.26
N ASP A 2740 -49.81 2.03 60.47
CA ASP A 2740 -49.95 2.73 61.74
C ASP A 2740 -50.15 1.77 62.90
N THR A 2741 -50.97 0.73 62.70
CA THR A 2741 -51.31 -0.16 63.80
C THR A 2741 -50.09 -0.94 64.30
N TYR A 2742 -49.26 -1.44 63.38
CA TYR A 2742 -48.16 -2.33 63.75
C TYR A 2742 -46.78 -1.74 63.53
N LEU A 2743 -46.68 -0.58 62.89
CA LEU A 2743 -45.40 0.12 62.72
C LEU A 2743 -45.58 1.58 63.14
N PRO A 2744 -45.87 1.83 64.42
CA PRO A 2744 -46.08 3.21 64.85
C PRO A 2744 -44.88 4.12 64.63
N GLY A 2745 -43.67 3.58 64.77
CA GLY A 2745 -42.47 4.37 64.57
C GLY A 2745 -41.30 3.87 65.39
N HIS B 4 -89.41 -22.61 35.22
CA HIS B 4 -88.75 -21.42 34.71
C HIS B 4 -87.56 -21.80 33.84
N ARG B 5 -86.43 -22.11 34.47
CA ARG B 5 -85.25 -22.56 33.75
C ARG B 5 -85.38 -24.01 33.31
N PRO B 6 -85.67 -24.95 34.22
CA PRO B 6 -85.71 -26.36 33.80
C PRO B 6 -86.74 -26.65 32.72
N VAL B 7 -87.81 -25.86 32.65
CA VAL B 7 -88.76 -26.02 31.56
C VAL B 7 -88.05 -25.86 30.22
N GLU B 8 -87.12 -24.90 30.14
CA GLU B 8 -86.37 -24.73 28.91
C GLU B 8 -85.52 -25.95 28.59
N TRP B 9 -85.02 -26.64 29.62
CA TRP B 9 -84.28 -27.87 29.38
C TRP B 9 -85.13 -28.93 28.72
N VAL B 10 -86.39 -29.06 29.15
CA VAL B 10 -87.28 -30.07 28.59
C VAL B 10 -87.44 -29.85 27.09
N GLN B 11 -87.65 -28.60 26.67
CA GLN B 11 -87.84 -28.31 25.26
C GLN B 11 -86.65 -28.75 24.44
N ALA B 12 -85.43 -28.52 24.96
CA ALA B 12 -84.24 -28.91 24.22
C ALA B 12 -84.20 -30.42 24.02
N VAL B 13 -84.56 -31.19 25.03
CA VAL B 13 -84.59 -32.65 24.87
C VAL B 13 -85.63 -33.05 23.84
N VAL B 14 -86.80 -32.39 23.86
CA VAL B 14 -87.81 -32.66 22.85
C VAL B 14 -87.31 -32.22 21.48
N SER B 15 -86.69 -31.04 21.40
CA SER B 15 -86.29 -30.51 20.11
C SER B 15 -85.26 -31.41 19.43
N ARG B 16 -84.28 -31.91 20.18
CA ARG B 16 -83.29 -32.80 19.58
C ARG B 16 -83.93 -34.06 19.04
N PHE B 17 -85.12 -34.43 19.53
CA PHE B 17 -85.81 -35.60 18.99
C PHE B 17 -86.24 -35.36 17.55
N ASP B 18 -86.71 -34.15 17.24
CA ASP B 18 -87.21 -33.86 15.89
C ASP B 18 -86.10 -33.99 14.85
N GLU B 19 -84.95 -33.39 15.11
CA GLU B 19 -83.91 -33.24 14.11
C GLU B 19 -83.10 -34.51 13.91
N GLN B 20 -83.57 -35.65 14.40
CA GLN B 20 -82.94 -36.93 14.14
C GLN B 20 -83.85 -37.90 13.42
N LEU B 21 -85.07 -37.48 13.07
CA LEU B 21 -85.92 -38.32 12.26
C LEU B 21 -85.28 -38.50 10.87
N PRO B 22 -85.28 -39.71 10.32
CA PRO B 22 -84.64 -39.89 9.01
C PRO B 22 -85.17 -38.96 7.93
N ILE B 23 -86.47 -38.63 7.94
CA ILE B 23 -86.98 -37.69 6.95
C ILE B 23 -86.28 -36.34 7.11
N LYS B 24 -86.12 -35.89 8.35
CA LYS B 24 -85.22 -34.77 8.60
C LYS B 24 -83.81 -35.19 8.24
N THR B 25 -83.05 -34.26 7.67
CA THR B 25 -81.71 -34.57 7.20
C THR B 25 -80.92 -35.29 8.29
N GLY B 26 -80.51 -36.52 8.00
CA GLY B 26 -79.66 -37.25 8.90
C GLY B 26 -78.21 -36.81 8.80
N GLN B 27 -77.73 -36.10 9.81
CA GLN B 27 -76.39 -35.53 9.80
C GLN B 27 -75.40 -36.37 10.62
N GLN B 28 -75.64 -37.67 10.70
CA GLN B 28 -74.78 -38.61 11.43
C GLN B 28 -74.66 -38.26 12.91
N ASN B 29 -75.54 -37.40 13.43
CA ASN B 29 -75.51 -37.10 14.86
C ASN B 29 -75.80 -38.34 15.69
N THR B 30 -76.36 -39.38 15.08
CA THR B 30 -76.62 -40.62 15.80
C THR B 30 -75.36 -41.16 16.45
N HIS B 31 -74.20 -40.93 15.83
CA HIS B 31 -72.92 -41.41 16.36
C HIS B 31 -73.00 -42.90 16.68
N THR B 32 -73.43 -43.68 15.70
CA THR B 32 -73.72 -45.10 15.84
C THR B 32 -74.98 -45.36 16.64
N LYS B 33 -75.89 -44.38 16.67
CA LYS B 33 -77.19 -44.44 17.34
C LYS B 33 -77.06 -44.43 18.86
N VAL B 34 -75.86 -44.44 19.41
CA VAL B 34 -75.71 -44.41 20.87
C VAL B 34 -76.14 -43.06 21.42
N SER B 35 -75.81 -41.97 20.71
CA SER B 35 -76.19 -40.64 21.18
C SER B 35 -77.69 -40.44 21.09
N THR B 36 -78.29 -40.76 19.94
CA THR B 36 -79.72 -40.54 19.77
C THR B 36 -80.52 -41.53 20.60
N GLU B 37 -80.00 -42.75 20.80
CA GLU B 37 -80.72 -43.72 21.61
C GLU B 37 -80.90 -43.23 23.04
N HIS B 38 -79.85 -42.63 23.61
CA HIS B 38 -79.97 -42.11 24.98
C HIS B 38 -81.02 -41.02 25.07
N ASN B 39 -81.16 -40.22 24.01
CA ASN B 39 -82.11 -39.12 24.05
C ASN B 39 -83.54 -39.63 24.22
N LYS B 40 -83.90 -40.71 23.52
CA LYS B 40 -85.24 -41.28 23.68
C LYS B 40 -85.48 -41.70 25.11
N GLU B 41 -84.53 -42.42 25.71
CA GLU B 41 -84.73 -42.92 27.06
C GLU B 41 -84.93 -41.78 28.04
N CYS B 42 -84.17 -40.70 27.89
CA CYS B 42 -84.39 -39.53 28.73
C CYS B 42 -85.77 -38.93 28.51
N LEU B 43 -86.19 -38.84 27.25
CA LEU B 43 -87.50 -38.26 26.96
C LEU B 43 -88.62 -39.09 27.57
N ILE B 44 -88.49 -40.42 27.52
CA ILE B 44 -89.54 -41.28 28.05
C ILE B 44 -89.72 -41.04 29.53
N ASN B 45 -88.62 -40.95 30.28
CA ASN B 45 -88.71 -40.79 31.72
C ASN B 45 -89.39 -39.47 32.09
N ILE B 46 -89.09 -38.40 31.37
CA ILE B 46 -89.65 -37.10 31.71
C ILE B 46 -91.16 -37.12 31.63
N SER B 47 -91.73 -37.95 30.75
CA SER B 47 -93.18 -38.00 30.61
C SER B 47 -93.85 -38.41 31.91
N LYS B 48 -93.14 -39.16 32.76
CA LYS B 48 -93.74 -39.65 34.00
C LYS B 48 -94.15 -38.53 34.93
N TYR B 49 -93.51 -37.37 34.83
CA TYR B 49 -93.82 -36.24 35.70
C TYR B 49 -94.40 -35.04 34.98
N LYS B 50 -94.08 -34.86 33.70
CA LYS B 50 -94.73 -33.85 32.86
C LYS B 50 -95.39 -34.62 31.71
N PHE B 51 -96.61 -35.10 31.96
CA PHE B 51 -97.29 -35.95 31.00
C PHE B 51 -97.93 -35.13 29.89
N SER B 52 -98.65 -34.08 30.26
CA SER B 52 -99.34 -33.27 29.26
C SER B 52 -98.36 -32.62 28.30
N LEU B 53 -97.24 -32.10 28.82
CA LEU B 53 -96.31 -31.37 27.97
C LEU B 53 -95.66 -32.28 26.94
N VAL B 54 -95.11 -33.41 27.38
CA VAL B 54 -94.38 -34.28 26.46
C VAL B 54 -95.30 -34.81 25.39
N ILE B 55 -96.49 -35.29 25.78
CA ILE B 55 -97.42 -35.84 24.81
C ILE B 55 -97.85 -34.76 23.81
N SER B 56 -98.20 -33.58 24.32
CA SER B 56 -98.60 -32.50 23.43
C SER B 56 -97.48 -32.13 22.47
N GLY B 57 -96.24 -32.26 22.89
CA GLY B 57 -95.12 -31.99 21.99
C GLY B 57 -95.05 -32.99 20.86
N LEU B 58 -95.37 -34.26 21.14
CA LEU B 58 -95.20 -35.30 20.14
C LEU B 58 -96.30 -35.27 19.09
N THR B 59 -97.52 -34.87 19.45
CA THR B 59 -98.59 -34.78 18.46
C THR B 59 -98.21 -33.77 17.39
N THR B 60 -97.71 -32.61 17.80
CA THR B 60 -97.29 -31.61 16.83
C THR B 60 -96.17 -32.13 15.94
N ILE B 61 -95.22 -32.85 16.52
CA ILE B 61 -94.15 -33.44 15.73
C ILE B 61 -94.71 -34.41 14.71
N LEU B 62 -95.64 -35.27 15.14
CA LEU B 62 -96.27 -36.20 14.21
C LEU B 62 -97.15 -35.48 13.22
N LYS B 63 -97.92 -34.49 13.67
CA LYS B 63 -98.84 -33.79 12.78
C LYS B 63 -98.10 -33.13 11.63
N ASN B 64 -96.88 -32.66 11.86
CA ASN B 64 -96.11 -32.03 10.78
C ASN B 64 -95.57 -33.07 9.82
N VAL B 65 -95.07 -34.20 10.34
CA VAL B 65 -94.47 -35.21 9.48
C VAL B 65 -95.52 -35.75 8.49
N ASN B 66 -96.71 -36.04 8.99
CA ASN B 66 -97.77 -36.51 8.11
C ASN B 66 -98.12 -35.48 7.05
N ASN B 67 -98.23 -34.22 7.45
CA ASN B 67 -98.68 -33.15 6.56
C ASN B 67 -97.49 -32.49 5.88
N MET B 68 -96.80 -33.29 5.06
CA MET B 68 -95.75 -32.76 4.20
C MET B 68 -95.65 -33.64 2.96
N ARG B 69 -95.12 -33.06 1.89
CA ARG B 69 -95.07 -33.70 0.59
C ARG B 69 -93.63 -34.02 0.22
N ILE B 70 -93.40 -35.25 -0.26
CA ILE B 70 -92.08 -35.69 -0.68
C ILE B 70 -92.23 -36.53 -1.94
N PHE B 71 -91.21 -36.48 -2.79
CA PHE B 71 -91.18 -37.25 -4.03
C PHE B 71 -89.90 -38.05 -4.10
N GLY B 72 -90.00 -39.26 -4.65
CA GLY B 72 -88.84 -40.12 -4.80
C GLY B 72 -88.95 -41.38 -3.96
N GLU B 73 -88.46 -42.50 -4.51
CA GLU B 73 -88.52 -43.76 -3.77
C GLU B 73 -87.73 -43.68 -2.48
N ALA B 74 -86.52 -43.10 -2.53
CA ALA B 74 -85.69 -43.02 -1.34
C ALA B 74 -86.36 -42.19 -0.24
N ALA B 75 -86.98 -41.08 -0.63
CA ALA B 75 -87.60 -40.21 0.37
C ALA B 75 -88.74 -40.92 1.09
N GLU B 76 -89.56 -41.68 0.36
CA GLU B 76 -90.71 -42.34 0.98
C GLU B 76 -90.25 -43.35 2.02
N LYS B 77 -89.19 -44.11 1.72
CA LYS B 77 -88.72 -45.10 2.69
C LYS B 77 -88.38 -44.44 4.02
N ASN B 78 -87.81 -43.24 3.98
CA ASN B 78 -87.55 -42.51 5.23
C ASN B 78 -88.86 -42.17 5.94
N LEU B 79 -89.87 -41.73 5.18
CA LEU B 79 -91.14 -41.36 5.80
C LEU B 79 -91.76 -42.55 6.50
N TYR B 80 -91.69 -43.73 5.90
CA TYR B 80 -92.16 -44.94 6.57
C TYR B 80 -91.39 -45.18 7.86
N LEU B 81 -90.07 -45.00 7.82
CA LEU B 81 -89.24 -45.32 8.98
C LEU B 81 -89.39 -44.28 10.08
N SER B 82 -89.54 -43.00 9.71
CA SER B 82 -89.65 -41.96 10.73
C SER B 82 -90.95 -42.10 11.52
N GLN B 83 -92.07 -42.26 10.82
CA GLN B 83 -93.34 -42.40 11.51
C GLN B 83 -93.37 -43.65 12.39
N LEU B 84 -92.59 -44.67 12.02
CA LEU B 84 -92.50 -45.85 12.86
C LEU B 84 -91.91 -45.51 14.22
N ILE B 85 -90.88 -44.65 14.24
CA ILE B 85 -90.25 -44.29 15.50
C ILE B 85 -91.18 -43.45 16.35
N ILE B 86 -91.94 -42.54 15.73
CA ILE B 86 -92.80 -41.65 16.50
C ILE B 86 -93.85 -42.45 17.26
N LEU B 87 -94.48 -43.43 16.60
CA LEU B 87 -95.51 -44.20 17.27
C LEU B 87 -94.91 -45.12 18.34
N ASP B 88 -93.79 -45.76 18.05
CA ASP B 88 -93.17 -46.63 19.04
C ASP B 88 -92.89 -45.87 20.34
N THR B 89 -92.29 -44.69 20.21
CA THR B 89 -92.04 -43.87 21.40
C THR B 89 -93.35 -43.39 22.02
N LEU B 90 -94.31 -42.98 21.18
CA LEU B 90 -95.53 -42.38 21.71
C LEU B 90 -96.34 -43.38 22.53
N GLU B 91 -96.22 -44.67 22.26
CA GLU B 91 -96.95 -45.66 23.03
C GLU B 91 -96.35 -45.87 24.42
N LYS B 92 -95.02 -45.92 24.50
CA LYS B 92 -94.37 -46.21 25.78
C LYS B 92 -94.63 -45.12 26.80
N CYS B 93 -94.85 -43.89 26.33
CA CYS B 93 -95.22 -42.82 27.26
C CYS B 93 -96.53 -43.14 27.96
N LEU B 94 -97.51 -43.61 27.21
CA LEU B 94 -98.79 -43.98 27.81
C LEU B 94 -98.66 -45.23 28.67
N ALA B 95 -97.90 -46.22 28.21
CA ALA B 95 -97.80 -47.48 28.94
C ALA B 95 -97.16 -47.26 30.31
N GLY B 96 -96.10 -46.47 30.38
CA GLY B 96 -95.36 -46.27 31.60
C GLY B 96 -95.96 -45.27 32.57
N GLN B 97 -97.06 -44.62 32.21
CA GLN B 97 -97.66 -43.65 33.11
C GLN B 97 -98.14 -44.36 34.39
N PRO B 98 -97.92 -43.77 35.56
CA PRO B 98 -98.41 -44.41 36.79
C PRO B 98 -99.91 -44.63 36.72
N LYS B 99 -100.33 -45.82 37.14
CA LYS B 99 -101.75 -46.19 37.10
C LYS B 99 -102.43 -45.68 38.38
N ASP B 100 -102.51 -44.35 38.47
CA ASP B 100 -103.22 -43.67 39.54
C ASP B 100 -104.49 -43.02 39.04
N THR B 101 -105.09 -43.58 37.99
CA THR B 101 -106.26 -43.00 37.35
C THR B 101 -105.99 -41.56 36.94
N MET B 102 -104.78 -41.30 36.45
CA MET B 102 -104.36 -39.95 36.06
C MET B 102 -105.00 -39.62 34.70
N ARG B 103 -106.31 -39.42 34.75
CA ARG B 103 -107.10 -39.09 33.56
C ARG B 103 -107.26 -37.57 33.55
N LEU B 104 -106.29 -36.89 32.97
CA LEU B 104 -106.26 -35.43 32.94
C LEU B 104 -105.84 -34.93 31.56
N ASP B 105 -106.39 -35.53 30.51
CA ASP B 105 -106.00 -35.21 29.14
C ASP B 105 -107.20 -34.96 28.25
N GLU B 106 -108.27 -34.40 28.81
CA GLU B 106 -109.51 -34.27 28.04
C GLU B 106 -109.32 -33.35 26.83
N THR B 107 -108.62 -32.24 27.02
CA THR B 107 -108.55 -31.22 25.97
C THR B 107 -107.87 -31.75 24.71
N MET B 108 -106.76 -32.46 24.88
CA MET B 108 -105.94 -32.83 23.72
C MET B 108 -106.61 -33.88 22.85
N LEU B 109 -107.03 -34.99 23.46
CA LEU B 109 -107.47 -36.15 22.69
C LEU B 109 -108.62 -35.78 21.75
N VAL B 110 -109.51 -34.90 22.21
CA VAL B 110 -110.77 -34.68 21.50
C VAL B 110 -110.52 -34.22 20.06
N LYS B 111 -109.54 -33.33 19.87
CA LYS B 111 -109.35 -32.69 18.56
C LYS B 111 -107.89 -32.58 18.15
N GLN B 112 -106.96 -33.13 18.92
CA GLN B 112 -105.54 -33.01 18.61
C GLN B 112 -104.87 -34.34 18.30
N LEU B 113 -105.06 -35.34 19.14
CA LEU B 113 -104.34 -36.61 18.98
C LEU B 113 -105.11 -37.61 18.14
N LEU B 114 -106.38 -37.83 18.43
CA LEU B 114 -107.15 -38.84 17.71
C LEU B 114 -107.13 -38.61 16.20
N PRO B 115 -107.40 -37.41 15.69
CA PRO B 115 -107.42 -37.22 14.23
C PRO B 115 -106.13 -37.62 13.55
N GLU B 116 -105.02 -37.78 14.28
CA GLU B 116 -103.76 -38.21 13.70
C GLU B 116 -103.63 -39.72 13.66
N ILE B 117 -103.99 -40.42 14.73
CA ILE B 117 -103.87 -41.87 14.75
C ILE B 117 -104.90 -42.51 13.83
N CYS B 118 -106.13 -41.98 13.82
CA CYS B 118 -107.16 -42.56 12.97
C CYS B 118 -106.74 -42.60 11.51
N HIS B 119 -105.83 -41.70 11.11
CA HIS B 119 -105.42 -41.64 9.72
C HIS B 119 -104.75 -42.94 9.27
N PHE B 120 -103.90 -43.52 10.10
CA PHE B 120 -103.20 -44.74 9.71
C PHE B 120 -104.14 -45.93 9.61
N LEU B 121 -105.17 -45.97 10.46
CA LEU B 121 -106.03 -47.14 10.52
C LEU B 121 -106.90 -47.30 9.28
N HIS B 122 -107.24 -46.20 8.61
CA HIS B 122 -107.98 -46.28 7.36
C HIS B 122 -107.34 -47.33 6.45
N THR B 123 -108.18 -48.05 5.71
CA THR B 123 -107.65 -49.01 4.75
C THR B 123 -106.62 -48.33 3.85
N CYS B 124 -105.38 -48.76 3.96
CA CYS B 124 -104.25 -48.10 3.32
C CYS B 124 -103.74 -48.99 2.19
N ARG B 125 -103.82 -48.51 0.97
CA ARG B 125 -103.40 -49.25 -0.21
C ARG B 125 -102.12 -48.69 -0.82
N GLU B 126 -101.45 -47.76 -0.12
CA GLU B 126 -100.20 -47.21 -0.63
C GLU B 126 -99.13 -48.30 -0.71
N GLY B 127 -99.06 -49.15 0.30
CA GLY B 127 -98.07 -50.22 0.32
C GLY B 127 -98.61 -51.52 0.88
N ASN B 128 -98.16 -52.64 0.35
CA ASN B 128 -98.61 -53.94 0.84
C ASN B 128 -98.03 -54.23 2.23
N GLN B 129 -96.76 -53.90 2.44
CA GLN B 129 -96.08 -54.16 3.70
C GLN B 129 -96.00 -52.94 4.59
N HIS B 130 -95.77 -51.75 4.02
CA HIS B 130 -95.64 -50.56 4.84
C HIS B 130 -96.89 -50.33 5.69
N ALA B 131 -98.06 -50.31 5.05
CA ALA B 131 -99.29 -50.15 5.79
C ALA B 131 -99.51 -51.28 6.79
N ALA B 132 -98.93 -52.47 6.53
CA ALA B 132 -99.15 -53.61 7.43
C ALA B 132 -98.58 -53.34 8.81
N GLU B 133 -97.39 -52.76 8.89
CA GLU B 133 -96.74 -52.59 10.18
C GLU B 133 -97.27 -51.37 10.93
N LEU B 134 -97.59 -50.29 10.20
CA LEU B 134 -98.12 -49.11 10.87
C LEU B 134 -99.45 -49.41 11.54
N ARG B 135 -100.40 -49.98 10.78
CA ARG B 135 -101.68 -50.31 11.36
C ARG B 135 -101.53 -51.19 12.59
N ASN B 136 -100.57 -52.13 12.56
CA ASN B 136 -100.28 -52.91 13.75
C ASN B 136 -99.77 -52.01 14.86
N SER B 137 -98.94 -51.02 14.51
CA SER B 137 -98.39 -50.12 15.53
C SER B 137 -99.43 -49.10 15.97
N ALA B 138 -100.31 -48.65 15.07
CA ALA B 138 -101.31 -47.65 15.44
C ALA B 138 -102.40 -48.23 16.32
N SER B 139 -102.74 -49.51 16.16
CA SER B 139 -103.72 -50.13 17.04
C SER B 139 -103.21 -50.17 18.47
N GLY B 140 -101.93 -50.52 18.65
CA GLY B 140 -101.38 -50.58 19.99
C GLY B 140 -101.49 -49.26 20.73
N VAL B 141 -101.30 -48.15 20.01
CA VAL B 141 -101.42 -46.84 20.63
C VAL B 141 -102.87 -46.54 20.95
N LEU B 142 -103.78 -46.82 20.02
CA LEU B 142 -105.19 -46.51 20.25
C LEU B 142 -105.75 -47.32 21.40
N PHE B 143 -105.29 -48.56 21.58
CA PHE B 143 -105.72 -49.34 22.73
C PHE B 143 -105.24 -48.71 24.03
N SER B 144 -103.95 -48.38 24.11
CA SER B 144 -103.41 -47.81 25.33
C SER B 144 -104.04 -46.46 25.65
N LEU B 145 -104.57 -45.78 24.63
CA LEU B 145 -105.16 -44.47 24.80
C LEU B 145 -106.64 -44.52 25.15
N SER B 146 -107.20 -45.70 25.32
CA SER B 146 -108.62 -45.85 25.61
C SER B 146 -108.91 -46.48 26.96
N CYS B 147 -107.89 -46.93 27.68
CA CYS B 147 -108.11 -47.52 29.00
C CYS B 147 -108.73 -46.52 29.95
N ASN B 148 -108.25 -45.27 29.92
CA ASN B 148 -108.72 -44.23 30.82
C ASN B 148 -109.80 -43.35 30.18
N ASN B 149 -109.50 -42.78 29.02
CA ASN B 149 -110.37 -41.79 28.38
C ASN B 149 -111.36 -42.48 27.44
N PHE B 150 -112.08 -43.47 27.97
CA PHE B 150 -113.03 -44.19 27.16
C PHE B 150 -114.14 -43.27 26.65
N ASN B 151 -114.64 -42.40 27.52
CA ASN B 151 -115.73 -41.52 27.13
C ASN B 151 -115.35 -40.64 25.96
N ALA B 152 -114.12 -40.15 25.93
CA ALA B 152 -113.69 -39.30 24.83
C ALA B 152 -113.72 -40.06 23.51
N VAL B 153 -113.22 -41.30 23.50
CA VAL B 153 -113.20 -42.08 22.27
C VAL B 153 -114.62 -42.48 21.88
N PHE B 154 -115.40 -42.99 22.82
CA PHE B 154 -116.74 -43.46 22.52
C PHE B 154 -117.65 -42.33 22.05
N SER B 155 -117.30 -41.09 22.37
CA SER B 155 -118.11 -39.96 21.90
C SER B 155 -117.98 -39.77 20.40
N ARG B 156 -116.83 -40.13 19.83
CA ARG B 156 -116.65 -39.98 18.39
C ARG B 156 -117.50 -40.99 17.61
N ILE B 157 -117.57 -42.23 18.11
CA ILE B 157 -118.38 -43.23 17.44
C ILE B 157 -119.86 -42.94 17.61
N SER B 158 -120.27 -42.51 18.81
CA SER B 158 -121.69 -42.31 19.08
C SER B 158 -122.29 -41.29 18.13
N THR B 159 -121.59 -40.17 17.91
CA THR B 159 -122.11 -39.15 17.00
C THR B 159 -122.23 -39.68 15.59
N ARG B 160 -121.26 -40.50 15.16
CA ARG B 160 -121.26 -40.97 13.77
C ARG B 160 -122.54 -41.74 13.46
N LEU B 161 -122.97 -42.61 14.37
CA LEU B 161 -124.17 -43.39 14.12
C LEU B 161 -125.37 -42.49 13.88
N GLN B 162 -125.52 -41.46 14.69
CA GLN B 162 -126.60 -40.50 14.47
C GLN B 162 -126.47 -39.83 13.12
N GLU B 163 -125.24 -39.45 12.75
CA GLU B 163 -125.05 -38.79 11.46
C GLU B 163 -125.45 -39.70 10.30
N LEU B 164 -125.03 -40.97 10.36
CA LEU B 164 -125.38 -41.90 9.29
C LEU B 164 -126.89 -42.16 9.23
N THR B 165 -127.59 -42.00 10.36
CA THR B 165 -129.04 -42.17 10.35
C THR B 165 -129.72 -41.13 9.49
N VAL B 166 -129.21 -39.90 9.50
CA VAL B 166 -129.86 -38.80 8.78
C VAL B 166 -129.81 -39.06 7.28
N CYS B 167 -128.65 -39.44 6.77
CA CYS B 167 -128.48 -39.58 5.33
C CYS B 167 -129.47 -40.59 4.76
N SER B 168 -130.14 -40.21 3.68
CA SER B 168 -131.08 -41.10 3.01
C SER B 168 -130.44 -41.92 1.90
N GLU B 169 -129.18 -41.67 1.58
CA GLU B 169 -128.46 -42.41 0.55
C GLU B 169 -127.29 -43.13 1.21
N ASP B 170 -127.15 -44.42 0.91
CA ASP B 170 -126.10 -45.21 1.51
C ASP B 170 -124.74 -44.59 1.21
N ASN B 171 -123.93 -44.44 2.25
CA ASN B 171 -122.60 -43.85 2.14
C ASN B 171 -121.55 -44.89 2.48
N VAL B 172 -120.38 -44.77 1.85
CA VAL B 172 -119.32 -45.76 1.99
C VAL B 172 -118.18 -45.24 2.87
N ASP B 173 -118.46 -44.27 3.74
CA ASP B 173 -117.48 -43.77 4.70
C ASP B 173 -117.90 -44.24 6.08
N VAL B 174 -117.29 -45.32 6.55
CA VAL B 174 -117.66 -45.93 7.82
C VAL B 174 -116.40 -46.18 8.65
N HIS B 175 -115.29 -45.55 8.28
CA HIS B 175 -114.05 -45.78 9.00
C HIS B 175 -114.19 -45.46 10.47
N ASP B 176 -115.04 -44.49 10.81
CA ASP B 176 -115.24 -44.17 12.22
C ASP B 176 -115.95 -45.30 12.95
N ILE B 177 -116.81 -46.05 12.26
CA ILE B 177 -117.52 -47.14 12.90
C ILE B 177 -116.56 -48.25 13.31
N GLU B 178 -115.52 -48.47 12.52
CA GLU B 178 -114.63 -49.61 12.71
C GLU B 178 -113.59 -49.39 13.80
N LEU B 179 -113.77 -48.39 14.66
CA LEU B 179 -112.85 -48.23 15.77
C LEU B 179 -113.11 -49.22 16.89
N LEU B 180 -114.29 -49.84 16.93
CA LEU B 180 -114.61 -50.76 18.01
C LEU B 180 -113.65 -51.93 18.09
N GLN B 181 -113.03 -52.30 16.96
CA GLN B 181 -112.14 -53.46 16.95
C GLN B 181 -110.96 -53.30 17.90
N TYR B 182 -110.58 -52.07 18.23
CA TYR B 182 -109.34 -51.81 18.94
C TYR B 182 -109.52 -51.29 20.36
N ILE B 183 -110.55 -50.50 20.63
CA ILE B 183 -110.68 -49.87 21.92
C ILE B 183 -110.80 -50.92 23.01
N ASN B 184 -110.10 -50.71 24.12
CA ASN B 184 -110.27 -51.57 25.29
C ASN B 184 -111.73 -51.56 25.73
N VAL B 185 -112.23 -52.74 26.11
CA VAL B 185 -113.62 -52.89 26.50
C VAL B 185 -113.69 -53.67 27.81
N ASP B 186 -114.76 -53.44 28.55
CA ASP B 186 -115.04 -54.11 29.81
C ASP B 186 -116.50 -54.53 29.83
N CYS B 187 -116.83 -55.46 30.73
CA CYS B 187 -118.20 -55.98 30.78
C CYS B 187 -119.21 -54.84 30.93
N ALA B 188 -119.00 -53.97 31.91
CA ALA B 188 -119.91 -52.85 32.10
C ALA B 188 -119.94 -51.96 30.87
N LYS B 189 -118.77 -51.62 30.35
CA LYS B 189 -118.70 -50.79 29.15
C LYS B 189 -119.33 -51.50 27.96
N LEU B 190 -119.16 -52.82 27.87
CA LEU B 190 -119.69 -53.55 26.74
C LEU B 190 -121.21 -53.43 26.66
N LYS B 191 -121.89 -53.47 27.81
CA LYS B 191 -123.33 -53.28 27.82
C LYS B 191 -123.70 -51.96 27.14
N ARG B 192 -122.86 -50.95 27.29
CA ARG B 192 -123.15 -49.65 26.70
C ARG B 192 -123.22 -49.73 25.18
N LEU B 193 -122.29 -50.46 24.56
CA LEU B 193 -122.24 -50.51 23.10
C LEU B 193 -123.46 -51.25 22.54
N LEU B 194 -123.83 -52.38 23.14
CA LEU B 194 -124.98 -53.13 22.65
C LEU B 194 -126.25 -52.30 22.73
N LYS B 195 -126.45 -51.61 23.86
CA LYS B 195 -127.65 -50.80 24.02
C LYS B 195 -127.74 -49.72 22.96
N GLU B 196 -126.68 -48.93 22.81
CA GLU B 196 -126.72 -47.84 21.83
C GLU B 196 -126.88 -48.38 20.42
N THR B 197 -126.16 -49.45 20.09
CA THR B 197 -126.28 -50.02 18.75
C THR B 197 -127.70 -50.51 18.49
N ALA B 198 -128.35 -51.07 19.51
CA ALA B 198 -129.69 -51.60 19.33
C ALA B 198 -130.65 -50.52 18.86
N PHE B 199 -130.61 -49.34 19.47
CA PHE B 199 -131.53 -48.27 19.10
C PHE B 199 -131.35 -47.86 17.65
N LYS B 200 -130.11 -47.72 17.20
CA LYS B 200 -129.82 -47.12 15.91
C LYS B 200 -129.70 -48.13 14.78
N PHE B 201 -129.48 -49.41 15.07
CA PHE B 201 -129.28 -50.38 14.02
C PHE B 201 -130.49 -50.49 13.09
N LYS B 202 -131.68 -50.17 13.58
CA LYS B 202 -132.88 -50.34 12.77
C LYS B 202 -132.96 -49.37 11.61
N ALA B 203 -132.19 -48.28 11.64
CA ALA B 203 -132.31 -47.22 10.66
C ALA B 203 -131.04 -46.98 9.84
N LEU B 204 -129.96 -47.72 10.09
CA LEU B 204 -128.74 -47.51 9.33
C LEU B 204 -128.92 -48.03 7.91
N LYS B 205 -127.84 -47.95 7.14
CA LYS B 205 -127.83 -48.43 5.76
C LYS B 205 -127.12 -49.78 5.69
N LYS B 206 -127.12 -50.38 4.51
CA LYS B 206 -126.62 -51.74 4.37
C LYS B 206 -125.15 -51.83 4.75
N VAL B 207 -124.31 -50.98 4.15
CA VAL B 207 -122.88 -51.07 4.41
C VAL B 207 -122.60 -50.78 5.87
N ALA B 208 -123.28 -49.80 6.46
CA ALA B 208 -123.14 -49.55 7.88
C ALA B 208 -123.56 -50.77 8.69
N GLN B 209 -124.66 -51.40 8.30
CA GLN B 209 -125.14 -52.57 9.03
C GLN B 209 -124.12 -53.69 9.02
N LEU B 210 -123.49 -53.94 7.86
CA LEU B 210 -122.42 -54.94 7.82
C LEU B 210 -121.20 -54.47 8.59
N ALA B 211 -120.87 -53.18 8.50
CA ALA B 211 -119.69 -52.67 9.18
C ALA B 211 -119.83 -52.83 10.69
N VAL B 212 -121.02 -52.51 11.23
CA VAL B 212 -121.20 -52.58 12.67
C VAL B 212 -121.16 -54.03 13.14
N ILE B 213 -121.70 -54.95 12.36
CA ILE B 213 -121.77 -56.34 12.80
C ILE B 213 -120.38 -56.91 13.00
N ASN B 214 -119.52 -56.77 11.99
CA ASN B 214 -118.17 -57.33 12.09
C ASN B 214 -117.39 -56.66 13.21
N SER B 215 -117.42 -55.34 13.27
CA SER B 215 -116.71 -54.64 14.33
C SER B 215 -117.24 -55.04 15.70
N LEU B 216 -118.56 -55.12 15.83
CA LEU B 216 -119.14 -55.50 17.12
C LEU B 216 -118.77 -56.92 17.51
N GLU B 217 -118.53 -57.78 16.52
CA GLU B 217 -118.20 -59.17 16.83
C GLU B 217 -116.78 -59.29 17.37
N LYS B 218 -115.84 -58.54 16.80
CA LYS B 218 -114.45 -58.64 17.25
C LYS B 218 -114.26 -58.00 18.62
N ALA B 219 -115.09 -57.02 18.96
CA ALA B 219 -115.02 -56.43 20.30
C ALA B 219 -115.26 -57.47 21.37
N PHE B 220 -116.06 -58.49 21.07
CA PHE B 220 -116.38 -59.50 22.08
C PHE B 220 -115.12 -60.22 22.55
N TRP B 221 -114.22 -60.57 21.64
CA TRP B 221 -113.03 -61.32 22.02
C TRP B 221 -112.03 -60.49 22.80
N ASN B 222 -111.98 -59.18 22.57
CA ASN B 222 -111.11 -58.34 23.39
C ASN B 222 -111.54 -58.37 24.84
N TRP B 223 -112.84 -58.50 25.11
CA TRP B 223 -113.30 -58.64 26.48
C TRP B 223 -112.89 -59.98 27.06
N VAL B 224 -113.15 -61.07 26.32
CA VAL B 224 -112.84 -62.40 26.84
C VAL B 224 -111.35 -62.56 27.03
N GLU B 225 -110.54 -62.10 26.08
CA GLU B 225 -109.10 -62.23 26.19
C GLU B 225 -108.56 -61.42 27.37
N ASN B 226 -109.05 -60.20 27.56
CA ASN B 226 -108.50 -59.30 28.56
C ASN B 226 -109.12 -59.49 29.94
N TYR B 227 -110.35 -59.97 30.03
CA TYR B 227 -111.03 -60.16 31.31
C TYR B 227 -111.69 -61.53 31.34
N PRO B 228 -110.89 -62.60 31.36
CA PRO B 228 -111.49 -63.94 31.44
C PRO B 228 -112.38 -64.12 32.67
N ASP B 229 -111.98 -63.53 33.80
CA ASP B 229 -112.71 -63.77 35.04
C ASP B 229 -114.15 -63.29 34.94
N GLU B 230 -114.35 -62.10 34.40
CA GLU B 230 -115.71 -61.57 34.30
C GLU B 230 -116.59 -62.44 33.43
N PHE B 231 -116.00 -63.09 32.43
CA PHE B 231 -116.77 -64.01 31.60
C PHE B 231 -117.23 -65.21 32.42
N THR B 232 -116.37 -65.71 33.30
CA THR B 232 -116.75 -66.84 34.15
C THR B 232 -117.91 -66.47 35.06
N LYS B 233 -117.83 -65.30 35.71
CA LYS B 233 -118.89 -64.91 36.63
C LYS B 233 -120.24 -64.81 35.94
N LEU B 234 -120.25 -64.60 34.63
CA LEU B 234 -121.50 -64.44 33.91
C LEU B 234 -122.38 -65.67 34.04
N TYR B 235 -121.81 -66.83 34.38
CA TYR B 235 -122.57 -68.06 34.51
C TYR B 235 -122.76 -68.51 35.94
N GLN B 236 -121.89 -68.10 36.86
CA GLN B 236 -122.07 -68.45 38.27
C GLN B 236 -123.22 -67.66 38.88
N ILE B 237 -123.27 -66.36 38.60
CA ILE B 237 -124.30 -65.47 39.16
C ILE B 237 -125.08 -64.85 38.01
N PRO B 238 -126.31 -65.30 37.74
CA PRO B 238 -127.05 -64.77 36.59
C PRO B 238 -127.22 -63.26 36.67
N GLN B 239 -127.13 -62.60 35.52
CA GLN B 239 -127.35 -61.16 35.39
C GLN B 239 -128.38 -60.94 34.31
N THR B 240 -129.58 -60.52 34.70
CA THR B 240 -130.68 -60.38 33.76
C THR B 240 -130.50 -59.20 32.81
N ASP B 241 -129.76 -58.17 33.21
CA ASP B 241 -129.54 -57.03 32.33
C ASP B 241 -128.74 -57.43 31.10
N MET B 242 -127.69 -58.23 31.29
CA MET B 242 -126.87 -58.65 30.15
C MET B 242 -127.68 -59.47 29.17
N ALA B 243 -128.50 -60.39 29.68
CA ALA B 243 -129.29 -61.24 28.81
C ALA B 243 -130.24 -60.40 27.96
N GLU B 244 -130.88 -59.39 28.55
CA GLU B 244 -131.83 -58.59 27.82
C GLU B 244 -131.16 -57.85 26.67
N CYS B 245 -129.97 -57.29 26.90
CA CYS B 245 -129.29 -56.54 25.86
C CYS B 245 -129.02 -57.40 24.65
N ALA B 246 -128.45 -58.59 24.85
CA ALA B 246 -128.13 -59.45 23.72
C ALA B 246 -129.37 -59.92 23.01
N GLU B 247 -130.40 -60.32 23.76
CA GLU B 247 -131.60 -60.85 23.12
C GLU B 247 -132.25 -59.82 22.21
N LYS B 248 -132.35 -58.57 22.68
CA LYS B 248 -132.98 -57.53 21.86
C LYS B 248 -132.20 -57.34 20.56
N LEU B 249 -130.87 -57.29 20.65
CA LEU B 249 -130.06 -57.17 19.45
C LEU B 249 -130.12 -58.43 18.59
N PHE B 250 -130.33 -59.58 19.22
CA PHE B 250 -130.39 -60.82 18.45
C PHE B 250 -131.50 -60.78 17.42
N ASP B 251 -132.69 -60.36 17.83
CA ASP B 251 -133.82 -60.35 16.90
C ASP B 251 -133.60 -59.36 15.77
N LEU B 252 -133.06 -58.18 16.07
CA LEU B 252 -132.83 -57.19 15.04
C LEU B 252 -131.94 -57.73 13.93
N VAL B 253 -130.83 -58.37 14.32
CA VAL B 253 -129.93 -58.93 13.32
C VAL B 253 -130.63 -60.01 12.50
N ASP B 254 -131.40 -60.87 13.18
CA ASP B 254 -132.09 -61.93 12.46
C ASP B 254 -133.05 -61.36 11.42
N GLY B 255 -133.75 -60.28 11.76
CA GLY B 255 -134.62 -59.66 10.79
C GLY B 255 -133.86 -59.12 9.59
N PHE B 256 -132.64 -58.63 9.81
CA PHE B 256 -131.82 -58.13 8.71
C PHE B 256 -131.48 -59.25 7.73
N ALA B 257 -131.19 -60.45 8.24
CA ALA B 257 -130.77 -61.56 7.40
C ALA B 257 -132.00 -62.28 6.87
N GLU B 258 -132.21 -62.21 5.56
CA GLU B 258 -133.32 -62.90 4.91
C GLU B 258 -132.91 -63.73 3.69
N SER B 259 -131.74 -63.49 3.11
CA SER B 259 -131.25 -64.24 1.97
C SER B 259 -130.08 -65.12 2.40
N THR B 260 -129.82 -66.16 1.62
CA THR B 260 -128.78 -67.11 1.97
C THR B 260 -127.42 -66.42 2.11
N LYS B 261 -127.09 -65.57 1.14
CA LYS B 261 -125.79 -64.88 1.20
C LYS B 261 -125.70 -64.02 2.44
N ARG B 262 -126.77 -63.29 2.77
CA ARG B 262 -126.76 -62.49 3.99
C ARG B 262 -126.62 -63.36 5.23
N LYS B 263 -127.31 -64.50 5.26
CA LYS B 263 -127.20 -65.38 6.42
C LYS B 263 -125.76 -65.76 6.70
N ALA B 264 -124.98 -66.00 5.65
CA ALA B 264 -123.59 -66.40 5.84
C ALA B 264 -122.77 -65.31 6.53
N ALA B 265 -123.20 -64.04 6.43
CA ALA B 265 -122.42 -62.96 7.01
C ALA B 265 -122.71 -62.76 8.49
N VAL B 266 -123.88 -63.17 8.97
CA VAL B 266 -124.30 -62.85 10.33
C VAL B 266 -124.21 -64.03 11.29
N TRP B 267 -124.17 -65.26 10.79
CA TRP B 267 -124.17 -66.42 11.68
C TRP B 267 -123.07 -66.37 12.73
N PRO B 268 -121.83 -65.98 12.42
CA PRO B 268 -120.81 -65.92 13.47
C PRO B 268 -121.13 -64.97 14.61
N LEU B 269 -122.02 -64.00 14.39
CA LEU B 269 -122.32 -63.04 15.46
C LEU B 269 -123.46 -63.52 16.35
N GLN B 270 -124.54 -64.03 15.76
CA GLN B 270 -125.68 -64.46 16.57
C GLN B 270 -125.25 -65.49 17.61
N ILE B 271 -124.37 -66.43 17.23
CA ILE B 271 -123.90 -67.42 18.17
C ILE B 271 -123.27 -66.74 19.38
N ILE B 272 -122.43 -65.73 19.14
CA ILE B 272 -121.80 -65.03 20.25
C ILE B 272 -122.85 -64.44 21.17
N LEU B 273 -123.96 -63.96 20.61
CA LEU B 273 -125.04 -63.40 21.42
C LEU B 273 -125.83 -64.48 22.13
N LEU B 274 -126.13 -65.59 21.46
CA LEU B 274 -126.88 -66.65 22.09
C LEU B 274 -126.16 -67.18 23.33
N ILE B 275 -124.83 -67.12 23.33
CA ILE B 275 -124.08 -67.57 24.50
C ILE B 275 -124.34 -66.67 25.69
N LEU B 276 -124.52 -65.37 25.46
CA LEU B 276 -124.65 -64.43 26.56
C LEU B 276 -125.96 -64.57 27.31
N CYS B 277 -126.96 -65.24 26.73
CA CYS B 277 -128.24 -65.49 27.38
C CYS B 277 -128.36 -66.98 27.66
N PRO B 278 -127.78 -67.49 28.75
CA PRO B 278 -127.73 -68.95 28.94
C PRO B 278 -129.10 -69.61 28.98
N GLU B 279 -130.09 -68.95 29.59
CA GLU B 279 -131.35 -69.62 29.86
C GLU B 279 -132.06 -70.05 28.59
N ILE B 280 -131.92 -69.28 27.51
CA ILE B 280 -132.61 -69.62 26.27
C ILE B 280 -132.14 -71.00 25.78
N ILE B 281 -130.86 -71.30 25.96
CA ILE B 281 -130.35 -72.61 25.55
C ILE B 281 -131.09 -73.71 26.30
N GLN B 282 -131.26 -73.55 27.61
CA GLN B 282 -131.96 -74.56 28.38
C GLN B 282 -133.39 -74.72 27.89
N ASP B 283 -134.07 -73.62 27.60
CA ASP B 283 -135.46 -73.69 27.18
C ASP B 283 -135.60 -74.42 25.84
N ILE B 284 -134.59 -74.33 24.97
CA ILE B 284 -134.69 -74.99 23.68
C ILE B 284 -134.68 -76.51 23.85
N SER B 285 -133.99 -77.02 24.87
CA SER B 285 -133.95 -78.46 25.07
C SER B 285 -135.36 -79.01 25.33
N LYS B 286 -136.14 -78.32 26.16
CA LYS B 286 -137.51 -78.72 26.44
C LYS B 286 -138.42 -78.17 25.36
N ASP B 287 -139.73 -78.23 25.58
CA ASP B 287 -140.67 -77.60 24.67
C ASP B 287 -140.35 -76.12 24.53
N VAL B 288 -140.81 -75.53 23.43
CA VAL B 288 -140.42 -74.19 23.03
C VAL B 288 -141.58 -73.23 23.29
N VAL B 289 -141.27 -72.07 23.88
CA VAL B 289 -142.27 -71.03 24.03
C VAL B 289 -142.71 -70.57 22.65
N ASP B 290 -143.93 -70.03 22.58
CA ASP B 290 -144.52 -69.69 21.29
C ASP B 290 -143.64 -68.72 20.51
N GLU B 291 -143.20 -67.64 21.15
CA GLU B 291 -142.43 -66.62 20.46
C GLU B 291 -141.17 -66.24 21.22
N ASN B 292 -141.18 -66.44 22.55
CA ASN B 292 -140.04 -66.05 23.36
C ASN B 292 -138.76 -66.73 22.90
N ASN B 293 -138.85 -68.00 22.49
CA ASN B 293 -137.68 -68.77 22.10
C ASN B 293 -137.88 -69.53 20.80
N MET B 294 -139.05 -69.45 20.17
CA MET B 294 -139.26 -70.16 18.93
C MET B 294 -138.28 -69.72 17.85
N ASN B 295 -138.02 -68.42 17.78
CA ASN B 295 -137.08 -67.91 16.78
C ASN B 295 -135.68 -68.46 17.02
N LYS B 296 -135.25 -68.53 18.28
CA LYS B 296 -133.90 -69.00 18.57
C LYS B 296 -133.76 -70.49 18.29
N LYS B 297 -134.78 -71.28 18.65
CA LYS B 297 -134.67 -72.72 18.45
C LYS B 297 -134.49 -73.06 16.97
N LEU B 298 -135.20 -72.36 16.09
CA LEU B 298 -135.04 -72.59 14.67
C LEU B 298 -133.61 -72.34 14.21
N PHE B 299 -132.90 -71.43 14.89
CA PHE B 299 -131.54 -71.10 14.49
C PHE B 299 -130.62 -72.31 14.58
N LEU B 300 -130.67 -73.04 15.69
CA LEU B 300 -129.78 -74.18 15.87
C LEU B 300 -130.08 -75.26 14.83
N ASP B 301 -131.34 -75.62 14.67
CA ASP B 301 -131.69 -76.68 13.73
C ASP B 301 -131.16 -76.38 12.34
N SER B 302 -131.24 -75.12 11.92
CA SER B 302 -130.66 -74.74 10.64
C SER B 302 -129.14 -74.83 10.67
N LEU B 303 -128.52 -74.52 11.81
CA LEU B 303 -127.07 -74.55 11.89
C LEU B 303 -126.53 -75.96 11.75
N ARG B 304 -127.07 -76.90 12.51
CA ARG B 304 -126.58 -78.28 12.44
C ARG B 304 -126.80 -78.88 11.05
N LYS B 305 -127.96 -78.62 10.46
CA LYS B 305 -128.25 -79.19 9.15
C LYS B 305 -127.17 -78.80 8.14
N ALA B 306 -126.78 -77.52 8.12
CA ALA B 306 -125.73 -77.10 7.22
C ALA B 306 -124.37 -77.65 7.64
N LEU B 307 -124.14 -77.80 8.95
CA LEU B 307 -122.85 -78.30 9.42
C LEU B 307 -122.59 -79.71 8.91
N ALA B 308 -123.61 -80.57 8.96
CA ALA B 308 -123.43 -81.94 8.48
C ALA B 308 -123.17 -81.96 6.97
N GLY B 309 -123.82 -81.06 6.23
CA GLY B 309 -123.66 -80.99 4.79
C GLY B 309 -124.87 -81.45 4.01
N HIS B 310 -125.95 -81.84 4.68
CA HIS B 310 -127.15 -82.28 3.96
C HIS B 310 -127.72 -81.15 3.12
N GLY B 311 -127.77 -79.94 3.66
CA GLY B 311 -128.28 -78.82 2.90
C GLY B 311 -127.44 -78.57 1.66
N GLY B 312 -128.11 -78.21 0.57
CA GLY B 312 -127.43 -77.97 -0.69
C GLY B 312 -126.99 -76.53 -0.83
N SER B 313 -126.02 -76.11 -0.01
CA SER B 313 -125.51 -74.74 -0.07
C SER B 313 -124.08 -74.75 0.45
N ARG B 314 -123.12 -74.55 -0.46
CA ARG B 314 -121.72 -74.52 -0.05
C ARG B 314 -121.45 -73.34 0.87
N GLN B 315 -122.02 -72.17 0.56
CA GLN B 315 -121.73 -70.98 1.36
C GLN B 315 -122.06 -71.20 2.82
N LEU B 316 -123.29 -71.64 3.11
CA LEU B 316 -123.66 -71.88 4.49
C LEU B 316 -122.79 -72.95 5.12
N THR B 317 -122.44 -73.98 4.35
CA THR B 317 -121.59 -75.03 4.89
C THR B 317 -120.26 -74.47 5.37
N GLU B 318 -119.64 -73.61 4.57
CA GLU B 318 -118.40 -72.98 5.00
C GLU B 318 -118.65 -72.07 6.20
N SER B 319 -119.74 -71.30 6.17
CA SER B 319 -120.04 -70.42 7.28
C SER B 319 -120.28 -71.20 8.57
N ALA B 320 -121.00 -72.32 8.48
CA ALA B 320 -121.25 -73.13 9.66
C ALA B 320 -119.97 -73.55 10.34
N ALA B 321 -118.94 -73.86 9.56
CA ALA B 321 -117.65 -74.22 10.15
C ALA B 321 -117.05 -73.05 10.91
N ILE B 322 -117.13 -71.85 10.33
CA ILE B 322 -116.58 -70.67 11.02
C ILE B 322 -117.34 -70.41 12.30
N ALA B 323 -118.68 -70.51 12.25
CA ALA B 323 -119.49 -70.18 13.41
C ALA B 323 -119.31 -71.20 14.52
N CYS B 324 -119.27 -72.49 14.17
CA CYS B 324 -119.18 -73.54 15.18
C CYS B 324 -117.86 -73.55 15.91
N VAL B 325 -116.75 -73.23 15.23
CA VAL B 325 -115.47 -73.22 15.90
C VAL B 325 -115.43 -72.19 17.02
N LYS B 326 -115.97 -70.99 16.78
CA LYS B 326 -115.90 -69.94 17.79
C LYS B 326 -116.65 -70.34 19.05
N LEU B 327 -117.77 -71.04 18.90
CA LEU B 327 -118.49 -71.52 20.09
C LEU B 327 -117.60 -72.43 20.92
N CYS B 328 -116.87 -73.34 20.28
CA CYS B 328 -115.95 -74.20 21.01
C CYS B 328 -114.84 -73.38 21.66
N LYS B 329 -114.29 -72.43 20.92
CA LYS B 329 -113.21 -71.60 21.48
C LYS B 329 -113.67 -70.88 22.73
N ALA B 330 -114.92 -70.41 22.73
CA ALA B 330 -115.44 -69.71 23.91
C ALA B 330 -115.64 -70.66 25.08
N SER B 331 -115.99 -71.91 24.81
CA SER B 331 -116.29 -72.84 25.90
C SER B 331 -115.10 -73.03 26.83
N THR B 332 -113.89 -73.00 26.28
CA THR B 332 -112.71 -73.26 27.11
C THR B 332 -112.64 -72.32 28.30
N TYR B 333 -113.13 -71.09 28.16
CA TYR B 333 -113.02 -70.12 29.25
C TYR B 333 -114.00 -70.41 30.38
N ILE B 334 -115.14 -71.03 30.08
CA ILE B 334 -116.05 -71.44 31.14
C ILE B 334 -115.38 -72.49 32.01
N ASN B 335 -115.46 -72.30 33.33
CA ASN B 335 -114.78 -73.22 34.23
C ASN B 335 -115.31 -74.64 34.12
N TRP B 336 -116.57 -74.79 33.75
CA TRP B 336 -117.21 -76.10 33.59
C TRP B 336 -117.48 -76.76 34.93
N GLU B 337 -117.03 -76.14 36.03
CA GLU B 337 -117.47 -76.59 37.34
C GLU B 337 -118.99 -76.48 37.45
N ASP B 338 -119.55 -75.42 36.86
CA ASP B 338 -121.00 -75.34 36.70
C ASP B 338 -121.50 -76.47 35.82
N ASN B 339 -120.72 -76.85 34.81
CA ASN B 339 -121.10 -77.91 33.87
C ASN B 339 -122.43 -77.58 33.21
N SER B 340 -122.58 -76.32 32.80
CA SER B 340 -123.84 -75.85 32.24
C SER B 340 -124.13 -76.55 30.92
N VAL B 341 -125.29 -76.28 30.34
CA VAL B 341 -125.67 -76.88 29.08
C VAL B 341 -124.74 -76.49 27.94
N ILE B 342 -123.92 -75.47 28.13
CA ILE B 342 -122.97 -75.07 27.09
C ILE B 342 -122.09 -76.25 26.72
N PHE B 343 -121.52 -76.91 27.73
CA PHE B 343 -120.65 -78.05 27.46
C PHE B 343 -121.40 -79.13 26.71
N LEU B 344 -122.63 -79.43 27.13
CA LEU B 344 -123.42 -80.44 26.44
C LEU B 344 -123.71 -80.04 25.01
N LEU B 345 -123.76 -78.73 24.72
CA LEU B 345 -124.02 -78.31 23.36
C LEU B 345 -122.80 -78.52 22.46
N VAL B 346 -121.61 -78.26 22.99
CA VAL B 346 -120.39 -78.46 22.20
C VAL B 346 -120.24 -79.92 21.81
N GLN B 347 -120.49 -80.83 22.75
CA GLN B 347 -120.37 -82.25 22.45
C GLN B 347 -121.21 -82.65 21.26
N SER B 348 -122.34 -81.98 21.05
CA SER B 348 -123.24 -82.36 19.97
C SER B 348 -122.56 -82.20 18.61
N MET B 349 -121.81 -81.12 18.43
CA MET B 349 -121.26 -80.77 17.12
C MET B 349 -119.81 -81.17 16.95
N VAL B 350 -119.05 -81.31 18.03
CA VAL B 350 -117.61 -81.55 17.91
C VAL B 350 -117.35 -82.81 17.09
N VAL B 351 -118.13 -83.87 17.32
CA VAL B 351 -117.95 -85.10 16.57
C VAL B 351 -118.20 -84.86 15.09
N ASP B 352 -119.06 -83.90 14.76
CA ASP B 352 -119.39 -83.63 13.37
C ASP B 352 -118.44 -82.63 12.72
N LEU B 353 -117.83 -81.74 13.50
CA LEU B 353 -116.94 -80.74 12.91
C LEU B 353 -115.67 -81.38 12.37
N LYS B 354 -115.07 -82.29 13.13
CA LYS B 354 -113.81 -82.89 12.69
C LYS B 354 -113.99 -83.72 11.42
N ASN B 355 -115.11 -84.44 11.31
CA ASN B 355 -115.38 -85.17 10.07
C ASN B 355 -115.45 -84.23 8.88
N LEU B 356 -115.72 -82.94 9.10
CA LEU B 356 -115.73 -81.99 8.00
C LEU B 356 -114.36 -81.41 7.72
N LEU B 357 -113.53 -81.25 8.75
CA LEU B 357 -112.21 -80.65 8.60
C LEU B 357 -111.12 -81.68 8.42
N PHE B 358 -110.98 -82.62 9.36
CA PHE B 358 -109.89 -83.60 9.33
C PHE B 358 -110.32 -84.87 8.59
N ASN B 359 -110.61 -84.70 7.31
CA ASN B 359 -110.97 -85.82 6.43
C ASN B 359 -109.96 -85.87 5.29
N PRO B 360 -108.93 -86.74 5.38
CA PRO B 360 -107.89 -86.71 4.33
C PRO B 360 -108.44 -86.98 2.94
N SER B 361 -109.49 -87.80 2.83
CA SER B 361 -110.03 -88.11 1.51
C SER B 361 -110.54 -86.86 0.81
N LYS B 362 -111.26 -86.00 1.53
CA LYS B 362 -111.83 -84.78 0.98
C LYS B 362 -111.35 -83.59 1.82
N PRO B 363 -110.21 -83.00 1.48
CA PRO B 363 -109.75 -81.84 2.25
C PRO B 363 -110.71 -80.67 2.10
N PHE B 364 -110.82 -79.89 3.17
CA PHE B 364 -111.74 -78.76 3.21
C PHE B 364 -111.01 -77.53 2.69
N SER B 365 -111.47 -77.02 1.55
CA SER B 365 -110.89 -75.85 0.91
C SER B 365 -111.93 -74.74 0.82
N ARG B 366 -111.56 -73.55 1.29
CA ARG B 366 -112.47 -72.42 1.20
C ARG B 366 -112.88 -72.14 -0.24
N GLY B 367 -111.99 -72.40 -1.19
CA GLY B 367 -112.27 -72.15 -2.58
C GLY B 367 -111.07 -71.59 -3.32
N SER B 368 -110.14 -70.96 -2.58
CA SER B 368 -108.93 -70.40 -3.15
C SER B 368 -107.69 -71.13 -2.67
N GLN B 369 -107.50 -71.26 -1.36
CA GLN B 369 -106.35 -71.97 -0.83
C GLN B 369 -106.61 -73.47 -0.83
N PRO B 370 -105.56 -74.29 -0.79
CA PRO B 370 -105.77 -75.74 -0.68
C PRO B 370 -106.58 -76.12 0.55
N ALA B 371 -106.37 -75.43 1.66
CA ALA B 371 -107.13 -75.64 2.89
C ALA B 371 -106.83 -74.49 3.84
N ASP B 372 -107.87 -73.97 4.48
CA ASP B 372 -107.67 -72.82 5.36
C ASP B 372 -106.98 -73.29 6.63
N VAL B 373 -105.66 -73.20 6.65
CA VAL B 373 -104.89 -73.76 7.76
C VAL B 373 -105.22 -73.04 9.06
N ASP B 374 -105.32 -71.71 9.01
CA ASP B 374 -105.55 -70.96 10.25
C ASP B 374 -106.81 -71.43 10.95
N LEU B 375 -107.85 -71.78 10.19
CA LEU B 375 -109.07 -72.30 10.81
C LEU B 375 -108.80 -73.61 11.52
N MET B 376 -108.03 -74.51 10.89
CA MET B 376 -107.81 -75.84 11.45
C MET B 376 -106.97 -75.78 12.72
N ILE B 377 -106.07 -74.80 12.82
CA ILE B 377 -105.28 -74.65 14.04
C ILE B 377 -106.19 -74.39 15.23
N ASP B 378 -107.16 -73.48 15.05
CA ASP B 378 -108.05 -73.14 16.16
C ASP B 378 -108.88 -74.34 16.58
N CYS B 379 -109.38 -75.12 15.62
CA CYS B 379 -110.22 -76.27 15.95
C CYS B 379 -109.43 -77.28 16.78
N LEU B 380 -108.18 -77.54 16.39
CA LEU B 380 -107.39 -78.55 17.09
C LEU B 380 -106.96 -78.07 18.46
N VAL B 381 -106.51 -76.81 18.56
CA VAL B 381 -106.11 -76.29 19.86
C VAL B 381 -107.30 -76.27 20.80
N SER B 382 -108.50 -76.03 20.28
CA SER B 382 -109.67 -75.94 21.15
C SER B 382 -110.04 -77.31 21.71
N CYS B 383 -110.10 -78.34 20.87
CA CYS B 383 -110.49 -79.65 21.35
C CYS B 383 -109.47 -80.20 22.34
N PHE B 384 -108.19 -79.98 22.07
CA PHE B 384 -107.16 -80.45 22.99
C PHE B 384 -107.42 -79.96 24.41
N ARG B 385 -107.67 -78.66 24.56
CA ARG B 385 -107.89 -78.11 25.89
C ARG B 385 -109.16 -78.61 26.54
N ILE B 386 -110.08 -79.19 25.76
CA ILE B 386 -111.30 -79.75 26.34
C ILE B 386 -111.03 -81.15 26.90
N SER B 387 -110.58 -82.06 26.06
CA SER B 387 -110.34 -83.45 26.44
C SER B 387 -108.93 -83.83 25.99
N PRO B 388 -107.91 -83.50 26.78
CA PRO B 388 -106.53 -83.75 26.35
C PRO B 388 -106.22 -85.22 26.15
N HIS B 389 -106.47 -86.03 27.18
CA HIS B 389 -106.09 -87.45 27.11
C HIS B 389 -106.81 -88.17 25.99
N ASN B 390 -108.13 -87.98 25.88
CA ASN B 390 -108.93 -88.66 24.88
C ASN B 390 -108.90 -87.86 23.57
N ASN B 391 -107.72 -87.86 22.96
CA ASN B 391 -107.49 -87.18 21.68
C ASN B 391 -107.31 -88.23 20.60
N GLN B 392 -108.41 -88.54 19.92
CA GLN B 392 -108.38 -89.48 18.81
C GLN B 392 -108.07 -88.82 17.48
N HIS B 393 -108.02 -87.49 17.44
CA HIS B 393 -107.69 -86.76 16.22
C HIS B 393 -106.32 -86.10 16.26
N PHE B 394 -105.63 -86.14 17.40
CA PHE B 394 -104.20 -85.85 17.38
C PHE B 394 -103.46 -86.87 16.56
N LYS B 395 -103.86 -88.14 16.64
CA LYS B 395 -103.17 -89.20 15.92
C LYS B 395 -103.38 -89.09 14.42
N ILE B 396 -104.54 -88.62 13.97
CA ILE B 396 -104.80 -88.55 12.54
C ILE B 396 -103.77 -87.68 11.85
N CYS B 397 -103.51 -86.50 12.42
CA CYS B 397 -102.47 -85.64 11.88
C CYS B 397 -101.10 -86.26 12.05
N LEU B 398 -100.87 -86.93 13.18
CA LEU B 398 -99.56 -87.48 13.48
C LEU B 398 -99.23 -88.71 12.64
N ALA B 399 -100.18 -89.26 11.90
CA ALA B 399 -99.92 -90.41 11.06
C ALA B 399 -99.09 -90.01 9.84
N GLN B 400 -98.43 -91.00 9.24
CA GLN B 400 -97.55 -90.75 8.11
C GLN B 400 -98.28 -90.62 6.78
N ASN B 401 -99.41 -91.30 6.62
CA ASN B 401 -100.10 -91.31 5.34
C ASN B 401 -100.88 -90.02 5.08
N SER B 402 -101.09 -89.20 6.10
CA SER B 402 -101.90 -88.02 5.96
C SER B 402 -101.22 -87.00 5.05
N PRO B 403 -101.99 -86.10 4.44
CA PRO B 403 -101.39 -85.07 3.57
C PRO B 403 -100.39 -84.24 4.34
N SER B 404 -99.55 -83.53 3.58
CA SER B 404 -98.55 -82.66 4.20
C SER B 404 -99.17 -81.48 4.92
N THR B 405 -100.44 -81.15 4.65
CA THR B 405 -101.07 -80.05 5.35
C THR B 405 -101.37 -80.41 6.80
N PHE B 406 -101.87 -81.61 7.05
CA PHE B 406 -102.18 -82.00 8.41
C PHE B 406 -100.94 -82.03 9.27
N HIS B 407 -99.79 -82.34 8.67
CA HIS B 407 -98.54 -82.22 9.40
C HIS B 407 -98.23 -80.78 9.74
N TYR B 408 -98.51 -79.85 8.81
CA TYR B 408 -98.24 -78.45 9.07
C TYR B 408 -99.14 -77.91 10.17
N VAL B 409 -100.39 -78.38 10.22
CA VAL B 409 -101.31 -77.90 11.24
C VAL B 409 -100.89 -78.39 12.62
N LEU B 410 -100.42 -79.64 12.72
CA LEU B 410 -100.10 -80.20 14.04
C LEU B 410 -98.92 -79.49 14.68
N VAL B 411 -97.91 -79.11 13.90
CA VAL B 411 -96.69 -78.55 14.48
C VAL B 411 -96.88 -77.10 14.90
N ASN B 412 -97.83 -76.38 14.31
CA ASN B 412 -98.19 -75.05 14.82
C ASN B 412 -99.21 -75.12 15.93
N SER B 413 -100.02 -76.18 15.99
CA SER B 413 -100.94 -76.36 17.10
C SER B 413 -100.17 -76.51 18.40
N LEU B 414 -99.13 -77.34 18.41
CA LEU B 414 -98.29 -77.46 19.60
C LEU B 414 -97.60 -76.14 19.92
N HIS B 415 -97.37 -75.31 18.91
CA HIS B 415 -96.60 -74.10 19.10
C HIS B 415 -97.42 -72.97 19.72
N ARG B 416 -98.74 -73.12 19.86
CA ARG B 416 -99.55 -72.17 20.60
C ARG B 416 -99.71 -72.58 22.05
N ILE B 417 -99.87 -73.87 22.32
CA ILE B 417 -100.07 -74.35 23.68
C ILE B 417 -98.87 -74.01 24.54
N ILE B 418 -97.67 -74.05 23.97
CA ILE B 418 -96.46 -73.75 24.73
C ILE B 418 -96.44 -72.29 25.14
N THR B 419 -96.82 -71.39 24.23
CA THR B 419 -96.58 -69.97 24.42
C THR B 419 -97.82 -69.17 24.79
N ASN B 420 -99.02 -69.72 24.65
CA ASN B 420 -100.26 -69.03 24.99
C ASN B 420 -101.09 -69.95 25.89
N SER B 421 -100.94 -69.78 27.21
CA SER B 421 -101.73 -70.54 28.16
C SER B 421 -101.90 -69.66 29.40
N ALA B 422 -103.03 -68.96 29.48
CA ALA B 422 -103.30 -68.09 30.61
C ALA B 422 -104.02 -68.82 31.74
N LEU B 423 -105.18 -69.40 31.46
CA LEU B 423 -105.93 -70.10 32.49
C LEU B 423 -105.14 -71.29 33.01
N ASP B 424 -105.12 -71.43 34.33
CA ASP B 424 -104.29 -72.45 34.95
C ASP B 424 -104.86 -73.85 34.74
N TRP B 425 -106.17 -74.01 34.93
CA TRP B 425 -106.77 -75.34 34.87
C TRP B 425 -106.76 -75.94 33.47
N TRP B 426 -106.21 -75.24 32.48
CA TRP B 426 -106.06 -75.84 31.16
C TRP B 426 -104.95 -76.90 31.19
N PRO B 427 -105.06 -77.93 30.35
CA PRO B 427 -103.95 -78.88 30.24
C PRO B 427 -102.74 -78.24 29.58
N LYS B 428 -101.57 -78.76 29.92
CA LYS B 428 -100.30 -78.19 29.48
C LYS B 428 -99.58 -79.16 28.54
N ILE B 429 -98.43 -78.73 28.04
CA ILE B 429 -97.67 -79.52 27.08
C ILE B 429 -97.20 -80.84 27.68
N ASP B 430 -97.17 -80.94 29.02
CA ASP B 430 -96.68 -82.15 29.65
C ASP B 430 -97.47 -83.38 29.21
N ALA B 431 -98.73 -83.20 28.85
CA ALA B 431 -99.59 -84.32 28.49
C ALA B 431 -99.22 -84.93 27.15
N VAL B 432 -98.32 -84.32 26.39
CA VAL B 432 -97.99 -84.78 25.04
C VAL B 432 -96.65 -85.50 24.99
N TYR B 433 -95.87 -85.51 26.06
CA TYR B 433 -94.54 -86.10 26.00
C TYR B 433 -94.57 -87.57 25.64
N CYS B 434 -95.72 -88.22 25.77
CA CYS B 434 -95.82 -89.63 25.37
C CYS B 434 -95.69 -89.81 23.86
N HIS B 435 -95.74 -88.72 23.08
CA HIS B 435 -95.67 -88.81 21.63
C HIS B 435 -94.34 -88.35 21.06
N SER B 436 -93.35 -88.06 21.90
CA SER B 436 -92.11 -87.48 21.38
C SER B 436 -91.47 -88.38 20.34
N VAL B 437 -91.70 -89.69 20.41
CA VAL B 437 -91.03 -90.61 19.49
C VAL B 437 -91.47 -90.32 18.06
N GLU B 438 -92.76 -90.13 17.82
CA GLU B 438 -93.24 -89.95 16.46
C GLU B 438 -92.73 -88.64 15.87
N LEU B 439 -92.71 -87.58 16.67
CA LEU B 439 -92.26 -86.29 16.16
C LEU B 439 -90.81 -86.36 15.69
N ARG B 440 -89.98 -87.10 16.42
CA ARG B 440 -88.58 -87.22 16.01
C ARG B 440 -88.46 -87.85 14.63
N ASN B 441 -89.24 -88.90 14.35
CA ASN B 441 -89.21 -89.51 13.04
C ASN B 441 -89.69 -88.54 11.97
N MET B 442 -90.72 -87.75 12.27
CA MET B 442 -91.21 -86.79 11.31
C MET B 442 -90.15 -85.76 10.97
N PHE B 443 -89.41 -85.28 11.98
CA PHE B 443 -88.30 -84.37 11.71
C PHE B 443 -87.26 -85.04 10.84
N GLY B 444 -87.15 -86.36 10.90
CA GLY B 444 -86.21 -87.08 10.07
C GLY B 444 -86.59 -87.01 8.61
N GLU B 445 -87.77 -87.51 8.26
CA GLU B 445 -88.15 -87.58 6.86
C GLU B 445 -88.20 -86.19 6.22
N THR B 446 -88.80 -85.22 6.92
CA THR B 446 -88.91 -83.88 6.34
C THR B 446 -87.52 -83.29 6.09
N LEU B 447 -86.60 -83.47 7.03
CA LEU B 447 -85.24 -82.99 6.82
C LEU B 447 -84.60 -83.68 5.62
N HIS B 448 -84.79 -85.00 5.52
CA HIS B 448 -84.20 -85.73 4.40
C HIS B 448 -84.77 -85.26 3.08
N LYS B 449 -86.09 -85.04 3.00
CA LYS B 449 -86.74 -84.72 1.74
C LYS B 449 -86.62 -83.25 1.36
N ALA B 450 -86.05 -82.40 2.20
CA ALA B 450 -85.89 -80.99 1.88
C ALA B 450 -84.50 -80.68 1.34
N VAL B 451 -83.44 -81.13 2.03
CA VAL B 451 -82.09 -80.94 1.52
C VAL B 451 -81.90 -81.70 0.23
N GLN B 452 -82.39 -82.94 0.16
CA GLN B 452 -82.23 -83.75 -1.04
C GLN B 452 -82.89 -83.08 -2.23
N GLY B 453 -84.09 -82.54 -2.05
CA GLY B 453 -84.80 -81.95 -3.17
C GLY B 453 -84.07 -80.76 -3.76
N CYS B 454 -83.60 -79.86 -2.91
CA CYS B 454 -82.89 -78.68 -3.41
C CYS B 454 -81.58 -79.08 -4.08
N GLY B 455 -80.87 -80.06 -3.52
CA GLY B 455 -79.63 -80.52 -4.09
C GLY B 455 -78.42 -79.83 -3.49
N THR B 482 -92.82 -82.54 -7.24
CA THR B 482 -93.24 -81.34 -7.96
C THR B 482 -92.69 -80.09 -7.30
N ASP B 483 -92.64 -78.99 -8.05
CA ASP B 483 -92.13 -77.74 -7.50
C ASP B 483 -92.98 -77.26 -6.34
N LEU B 484 -94.31 -77.29 -6.50
CA LEU B 484 -95.18 -76.85 -5.42
C LEU B 484 -95.04 -77.75 -4.20
N GLU B 485 -94.99 -79.06 -4.42
CA GLU B 485 -94.86 -79.98 -3.29
C GLU B 485 -93.55 -79.78 -2.55
N THR B 486 -92.47 -79.55 -3.28
CA THR B 486 -91.18 -79.31 -2.63
C THR B 486 -91.22 -78.04 -1.80
N ARG B 487 -91.90 -77.00 -2.30
CA ARG B 487 -92.00 -75.76 -1.53
C ARG B 487 -92.64 -76.01 -0.17
N SER B 488 -93.61 -76.92 -0.10
CA SER B 488 -94.23 -77.22 1.18
C SER B 488 -93.22 -77.78 2.17
N TYR B 489 -92.34 -78.68 1.71
CA TYR B 489 -91.37 -79.29 2.61
C TYR B 489 -90.48 -78.24 3.26
N LYS B 490 -90.26 -77.10 2.60
CA LYS B 490 -89.46 -76.05 3.19
C LYS B 490 -90.23 -75.29 4.27
N TYR B 491 -91.55 -75.18 4.12
CA TYR B 491 -92.34 -74.51 5.15
C TYR B 491 -92.49 -75.39 6.39
N LEU B 492 -92.75 -76.68 6.20
CA LEU B 492 -92.91 -77.58 7.34
C LEU B 492 -91.62 -77.67 8.14
N LEU B 493 -90.49 -77.78 7.46
CA LEU B 493 -89.21 -77.93 8.15
C LEU B 493 -88.92 -76.71 9.01
N LEU B 494 -89.20 -75.52 8.50
CA LEU B 494 -88.95 -74.31 9.27
C LEU B 494 -89.73 -74.30 10.56
N SER B 495 -90.95 -74.85 10.56
CA SER B 495 -91.76 -74.85 11.77
C SER B 495 -91.21 -75.82 12.82
N MET B 496 -90.72 -76.98 12.39
CA MET B 496 -90.15 -77.92 13.34
C MET B 496 -88.93 -77.33 14.02
N VAL B 497 -88.11 -76.59 13.27
CA VAL B 497 -86.96 -75.94 13.88
C VAL B 497 -87.41 -74.89 14.89
N LYS B 498 -88.46 -74.13 14.57
CA LYS B 498 -88.99 -73.17 15.53
C LYS B 498 -89.56 -73.87 16.74
N LEU B 499 -90.03 -75.11 16.60
CA LEU B 499 -90.63 -75.81 17.73
C LEU B 499 -89.58 -76.19 18.77
N ILE B 500 -88.43 -76.70 18.33
CA ILE B 500 -87.38 -77.08 19.26
C ILE B 500 -86.87 -75.86 20.01
N HIS B 501 -86.86 -74.71 19.36
CA HIS B 501 -86.37 -73.49 20.00
C HIS B 501 -87.23 -73.06 21.17
N ALA B 502 -88.48 -73.54 21.25
CA ALA B 502 -89.41 -73.13 22.31
C ALA B 502 -89.41 -74.10 23.48
N ASP B 503 -89.45 -75.40 23.22
CA ASP B 503 -89.43 -76.41 24.27
C ASP B 503 -88.61 -77.60 23.78
N PRO B 504 -87.30 -77.59 24.00
CA PRO B 504 -86.48 -78.71 23.53
C PRO B 504 -86.85 -80.05 24.14
N LYS B 505 -87.36 -80.04 25.38
CA LYS B 505 -87.67 -81.31 26.05
C LYS B 505 -88.74 -82.11 25.31
N LEU B 506 -89.52 -81.46 24.44
CA LEU B 506 -90.55 -82.17 23.71
C LEU B 506 -89.99 -83.19 22.72
N LEU B 507 -88.75 -83.01 22.26
CA LEU B 507 -88.14 -83.92 21.32
C LEU B 507 -86.98 -84.73 21.89
N LEU B 508 -86.51 -84.39 23.08
CA LEU B 508 -85.42 -85.11 23.73
C LEU B 508 -85.93 -85.93 24.91
N CYS B 509 -87.12 -86.50 24.77
CA CYS B 509 -87.69 -87.41 25.75
C CYS B 509 -87.69 -88.83 25.21
N ASN B 510 -87.71 -89.79 26.13
CA ASN B 510 -87.64 -91.21 25.78
C ASN B 510 -86.43 -91.49 24.90
N PRO B 511 -85.22 -91.25 25.40
CA PRO B 511 -84.03 -91.44 24.56
C PRO B 511 -83.86 -92.89 24.13
N ARG B 512 -83.24 -93.07 22.96
CA ARG B 512 -82.95 -94.40 22.45
C ARG B 512 -81.65 -94.96 23.00
N LYS B 513 -80.76 -94.11 23.52
CA LYS B 513 -79.48 -94.55 24.07
C LYS B 513 -78.59 -95.08 22.96
N GLN B 514 -77.27 -94.93 23.13
CA GLN B 514 -76.32 -95.34 22.11
C GLN B 514 -76.45 -96.82 21.82
N GLY B 515 -76.49 -97.18 20.53
CA GLY B 515 -76.58 -98.56 20.12
C GLY B 515 -75.23 -99.12 19.72
N PRO B 516 -75.09 -100.45 19.78
CA PRO B 516 -73.81 -101.05 19.35
C PRO B 516 -73.44 -100.69 17.92
N GLU B 517 -74.43 -100.59 17.03
CA GLU B 517 -74.19 -100.25 15.64
C GLU B 517 -74.89 -98.97 15.19
N THR B 518 -75.79 -98.42 16.02
CA THR B 518 -76.53 -97.23 15.66
C THR B 518 -76.34 -96.17 16.73
N GLN B 519 -76.34 -94.91 16.29
CA GLN B 519 -76.20 -93.79 17.21
C GLN B 519 -77.51 -93.52 17.93
N GLY B 520 -77.42 -92.77 19.03
CA GLY B 520 -78.58 -92.50 19.85
C GLY B 520 -79.56 -91.55 19.18
N SER B 521 -80.61 -91.24 19.92
CA SER B 521 -81.63 -90.32 19.42
C SER B 521 -81.17 -88.87 19.46
N THR B 522 -80.44 -88.49 20.50
CA THR B 522 -80.00 -87.10 20.63
C THR B 522 -78.97 -86.75 19.56
N ALA B 523 -77.99 -87.62 19.36
CA ALA B 523 -76.97 -87.34 18.36
C ALA B 523 -77.58 -87.26 16.96
N GLU B 524 -78.50 -88.16 16.64
CA GLU B 524 -79.12 -88.12 15.32
C GLU B 524 -79.87 -86.81 15.10
N LEU B 525 -80.58 -86.34 16.12
CA LEU B 525 -81.25 -85.05 16.02
C LEU B 525 -80.26 -83.91 16.02
N ILE B 526 -79.22 -83.98 16.85
CA ILE B 526 -78.25 -82.90 16.94
C ILE B 526 -77.51 -82.74 15.62
N THR B 527 -77.06 -83.85 15.04
CA THR B 527 -76.35 -83.76 13.77
C THR B 527 -77.24 -83.23 12.66
N GLY B 528 -78.53 -83.54 12.70
CA GLY B 528 -79.43 -83.04 11.68
C GLY B 528 -79.46 -81.52 11.62
N LEU B 529 -79.54 -80.88 12.78
CA LEU B 529 -79.57 -79.41 12.81
C LEU B 529 -78.27 -78.83 12.26
N VAL B 530 -77.14 -79.45 12.60
CA VAL B 530 -75.84 -78.87 12.25
C VAL B 530 -75.70 -78.71 10.75
N GLN B 531 -76.10 -79.71 9.98
CA GLN B 531 -75.87 -79.70 8.54
C GLN B 531 -76.64 -78.57 7.86
N LEU B 532 -77.59 -77.97 8.56
CA LEU B 532 -78.33 -76.84 8.02
C LEU B 532 -77.64 -75.50 8.24
N VAL B 533 -76.68 -75.43 9.16
CA VAL B 533 -76.05 -74.14 9.47
C VAL B 533 -75.30 -73.56 8.28
N PRO B 534 -74.45 -74.31 7.58
CA PRO B 534 -73.69 -73.72 6.47
C PRO B 534 -74.44 -73.63 5.15
N GLN B 535 -75.76 -73.80 5.16
CA GLN B 535 -76.53 -73.76 3.92
C GLN B 535 -76.63 -72.33 3.39
N SER B 536 -76.66 -72.21 2.07
CA SER B 536 -76.91 -70.95 1.40
C SER B 536 -78.22 -70.93 0.64
N HIS B 537 -78.73 -72.09 0.22
CA HIS B 537 -80.00 -72.13 -0.49
C HIS B 537 -81.15 -71.65 0.39
N MET B 538 -81.16 -72.08 1.64
CA MET B 538 -82.24 -71.75 2.57
C MET B 538 -81.71 -70.80 3.64
N PRO B 539 -81.61 -69.51 3.34
CA PRO B 539 -80.97 -68.59 4.30
C PRO B 539 -81.72 -68.40 5.60
N GLU B 540 -83.04 -68.59 5.61
CA GLU B 540 -83.81 -68.34 6.82
C GLU B 540 -83.81 -69.52 7.78
N ILE B 541 -83.85 -70.75 7.26
CA ILE B 541 -83.73 -71.90 8.13
C ILE B 541 -82.36 -71.94 8.79
N ALA B 542 -81.31 -71.69 8.01
CA ALA B 542 -79.96 -71.70 8.56
C ALA B 542 -79.83 -70.71 9.71
N GLN B 543 -80.56 -69.60 9.66
CA GLN B 543 -80.54 -68.67 10.78
C GLN B 543 -81.32 -69.23 11.97
N GLU B 544 -82.39 -69.97 11.72
CA GLU B 544 -83.15 -70.54 12.83
C GLU B 544 -82.43 -71.73 13.44
N ALA B 545 -81.83 -72.58 12.61
CA ALA B 545 -81.13 -73.76 13.14
C ALA B 545 -80.05 -73.36 14.12
N MET B 546 -79.42 -72.21 13.92
CA MET B 546 -78.37 -71.76 14.83
C MET B 546 -78.95 -71.43 16.20
N GLU B 547 -80.13 -70.78 16.24
CA GLU B 547 -80.71 -70.43 17.52
C GLU B 547 -81.09 -71.66 18.33
N ALA B 548 -81.62 -72.69 17.68
CA ALA B 548 -81.95 -73.92 18.40
C ALA B 548 -80.70 -74.54 19.01
N LEU B 549 -79.64 -74.70 18.21
CA LEU B 549 -78.41 -75.27 18.73
C LEU B 549 -77.76 -74.39 19.78
N LEU B 550 -78.16 -73.14 19.89
CA LEU B 550 -77.67 -72.28 20.95
C LEU B 550 -78.50 -72.39 22.22
N VAL B 551 -79.72 -72.92 22.12
CA VAL B 551 -80.55 -73.13 23.30
C VAL B 551 -80.35 -74.51 23.90
N LEU B 552 -79.86 -75.48 23.13
CA LEU B 552 -79.59 -76.80 23.65
C LEU B 552 -78.32 -76.86 24.49
N HIS B 553 -77.49 -75.82 24.46
CA HIS B 553 -76.27 -75.75 25.26
C HIS B 553 -76.47 -75.02 26.57
N GLN B 554 -77.65 -74.49 26.84
CA GLN B 554 -77.91 -73.86 28.12
C GLN B 554 -77.81 -74.90 29.24
N LEU B 555 -77.33 -74.45 30.40
CA LEU B 555 -77.10 -75.37 31.50
C LEU B 555 -78.34 -76.17 31.85
N ASP B 556 -79.53 -75.60 31.67
CA ASP B 556 -80.75 -76.31 32.02
C ASP B 556 -81.01 -77.48 31.08
N SER B 557 -80.75 -77.29 29.79
CA SER B 557 -81.12 -78.28 28.78
C SER B 557 -80.07 -79.35 28.58
N ILE B 558 -78.86 -79.19 29.14
CA ILE B 558 -77.81 -80.16 28.91
C ILE B 558 -78.10 -81.50 29.58
N ASP B 559 -78.81 -81.50 30.71
CA ASP B 559 -79.10 -82.76 31.38
C ASP B 559 -80.00 -83.66 30.54
N LEU B 560 -80.74 -83.08 29.59
CA LEU B 560 -81.70 -83.86 28.83
C LEU B 560 -81.05 -84.72 27.75
N TRP B 561 -79.80 -84.43 27.38
CA TRP B 561 -79.19 -85.14 26.26
C TRP B 561 -79.09 -86.63 26.55
N ASN B 562 -78.60 -86.98 27.73
CA ASN B 562 -78.55 -88.37 28.16
C ASN B 562 -78.49 -88.40 29.68
N PRO B 563 -79.64 -88.48 30.37
CA PRO B 563 -79.63 -88.32 31.84
C PRO B 563 -78.84 -89.41 32.56
N ASP B 564 -78.60 -90.55 31.93
CA ASP B 564 -77.84 -91.61 32.60
C ASP B 564 -76.41 -91.17 32.89
N ALA B 565 -75.76 -90.52 31.93
CA ALA B 565 -74.38 -90.06 32.08
C ALA B 565 -74.19 -88.81 31.26
N PRO B 566 -74.63 -87.65 31.77
CA PRO B 566 -74.60 -86.44 30.94
C PRO B 566 -73.21 -86.00 30.52
N VAL B 567 -72.26 -85.96 31.46
CA VAL B 567 -70.96 -85.35 31.17
C VAL B 567 -70.26 -86.09 30.03
N GLU B 568 -70.27 -87.42 30.07
CA GLU B 568 -69.54 -88.18 29.07
C GLU B 568 -70.09 -87.94 27.66
N THR B 569 -71.42 -87.88 27.53
CA THR B 569 -72.01 -87.74 26.20
C THR B 569 -71.91 -86.31 25.68
N PHE B 570 -72.01 -85.31 26.56
CA PHE B 570 -71.98 -83.94 26.11
C PHE B 570 -70.67 -83.61 25.40
N TRP B 571 -69.54 -84.01 25.99
CA TRP B 571 -68.26 -83.67 25.40
C TRP B 571 -68.05 -84.36 24.06
N GLU B 572 -68.57 -85.58 23.91
CA GLU B 572 -68.39 -86.27 22.63
C GLU B 572 -69.24 -85.63 21.54
N ILE B 573 -70.50 -85.35 21.83
CA ILE B 573 -71.39 -84.76 20.82
C ILE B 573 -70.98 -83.32 20.55
N SER B 574 -70.75 -82.54 21.60
CA SER B 574 -70.42 -81.13 21.41
C SER B 574 -69.12 -80.96 20.64
N SER B 575 -68.12 -81.77 20.95
CA SER B 575 -66.83 -81.65 20.27
C SER B 575 -66.96 -81.99 18.78
N GLN B 576 -67.73 -83.03 18.46
CA GLN B 576 -67.86 -83.42 17.05
C GLN B 576 -68.50 -82.30 16.22
N MET B 577 -69.53 -81.66 16.75
CA MET B 577 -70.13 -80.54 16.04
C MET B 577 -69.09 -79.45 15.80
N LEU B 578 -68.31 -79.13 16.84
CA LEU B 578 -67.29 -78.10 16.71
C LEU B 578 -66.29 -78.47 15.62
N PHE B 579 -65.86 -79.72 15.57
CA PHE B 579 -64.94 -80.15 14.53
C PHE B 579 -65.58 -79.98 13.15
N TYR B 580 -66.83 -80.39 13.01
CA TYR B 580 -67.49 -80.36 11.72
C TYR B 580 -67.61 -78.93 11.20
N ILE B 581 -68.03 -78.00 12.06
CA ILE B 581 -68.23 -76.62 11.61
C ILE B 581 -66.90 -75.94 11.34
N CYS B 582 -65.92 -76.14 12.22
CA CYS B 582 -64.63 -75.49 12.04
C CYS B 582 -63.92 -75.94 10.77
N LYS B 583 -64.22 -77.13 10.28
CA LYS B 583 -63.61 -77.59 9.04
C LYS B 583 -64.23 -76.92 7.82
N LYS B 584 -65.51 -76.54 7.90
CA LYS B 584 -66.14 -75.87 6.77
C LYS B 584 -65.69 -74.42 6.64
N LEU B 585 -65.41 -73.76 7.77
CA LEU B 585 -64.99 -72.36 7.71
C LEU B 585 -63.70 -72.22 6.91
N THR B 586 -62.74 -73.11 7.15
CA THR B 586 -61.47 -73.03 6.43
C THR B 586 -61.55 -73.63 5.02
N SER B 587 -62.65 -74.29 4.68
CA SER B 587 -62.75 -74.91 3.36
C SER B 587 -62.76 -73.86 2.26
N HIS B 588 -63.61 -72.85 2.38
CA HIS B 588 -63.72 -71.82 1.35
C HIS B 588 -64.61 -70.70 1.88
N GLN B 589 -64.57 -69.58 1.18
CA GLN B 589 -65.34 -68.41 1.58
C GLN B 589 -66.83 -68.64 1.36
N MET B 590 -67.63 -68.00 2.21
CA MET B 590 -69.09 -68.07 2.10
C MET B 590 -69.66 -66.68 2.37
N LEU B 591 -70.91 -66.49 1.94
CA LEU B 591 -71.57 -65.21 2.16
C LEU B 591 -71.77 -64.93 3.64
N SER B 592 -72.13 -65.96 4.41
CA SER B 592 -72.50 -65.80 5.81
C SER B 592 -71.37 -66.16 6.77
N SER B 593 -70.13 -66.22 6.29
CA SER B 593 -69.02 -66.60 7.16
C SER B 593 -68.96 -65.71 8.39
N THR B 594 -69.24 -64.42 8.24
CA THR B 594 -69.19 -63.51 9.38
C THR B 594 -70.21 -63.89 10.44
N GLU B 595 -71.41 -64.28 10.02
CA GLU B 595 -72.46 -64.58 10.98
C GLU B 595 -72.16 -65.86 11.75
N ILE B 596 -71.69 -66.91 11.06
CA ILE B 596 -71.35 -68.15 11.75
C ILE B 596 -70.25 -67.91 12.77
N LEU B 597 -69.37 -66.95 12.51
CA LEU B 597 -68.31 -66.65 13.46
C LEU B 597 -68.88 -66.06 14.75
N LYS B 598 -69.87 -65.18 14.62
CA LYS B 598 -70.50 -64.60 15.81
C LYS B 598 -71.20 -65.68 16.64
N TRP B 599 -71.92 -66.58 15.97
CA TRP B 599 -72.59 -67.65 16.69
C TRP B 599 -71.58 -68.56 17.37
N LEU B 600 -70.47 -68.86 16.71
CA LEU B 600 -69.48 -69.76 17.27
C LEU B 600 -68.91 -69.22 18.57
N ARG B 601 -68.80 -67.90 18.71
CA ARG B 601 -68.25 -67.34 19.94
C ARG B 601 -69.09 -67.71 21.13
N GLU B 602 -70.42 -67.63 21.00
CA GLU B 602 -71.30 -67.88 22.13
C GLU B 602 -71.30 -69.35 22.51
N ILE B 603 -71.16 -70.25 21.55
CA ILE B 603 -71.07 -71.67 21.86
C ILE B 603 -69.89 -71.93 22.76
N LEU B 604 -68.76 -71.26 22.51
CA LEU B 604 -67.60 -71.43 23.38
C LEU B 604 -67.88 -70.98 24.79
N ILE B 605 -68.64 -69.88 24.95
CA ILE B 605 -68.94 -69.39 26.30
C ILE B 605 -69.72 -70.45 27.07
N CYS B 606 -70.70 -71.08 26.42
CA CYS B 606 -71.47 -72.12 27.09
C CYS B 606 -70.58 -73.29 27.48
N ARG B 607 -69.65 -73.67 26.60
CA ARG B 607 -68.76 -74.80 26.92
C ARG B 607 -67.90 -74.48 28.15
N ASN B 608 -67.47 -73.23 28.29
CA ASN B 608 -66.70 -72.86 29.46
C ASN B 608 -67.54 -72.95 30.72
N LYS B 609 -68.79 -72.46 30.67
CA LYS B 609 -69.63 -72.47 31.86
C LYS B 609 -69.88 -73.88 32.36
N PHE B 610 -70.18 -74.81 31.45
CA PHE B 610 -70.43 -76.18 31.86
C PHE B 610 -69.20 -76.78 32.52
N LEU B 611 -68.02 -76.51 31.97
CA LEU B 611 -66.79 -77.02 32.56
C LEU B 611 -66.63 -76.51 34.00
N LEU B 612 -66.92 -75.23 34.22
CA LEU B 612 -66.81 -74.66 35.56
C LEU B 612 -67.74 -75.37 36.53
N LYS B 613 -69.00 -75.57 36.11
CA LYS B 613 -69.95 -76.27 36.97
C LYS B 613 -69.50 -77.70 37.24
N ASN B 614 -69.13 -78.43 36.19
CA ASN B 614 -68.70 -79.80 36.36
C ASN B 614 -67.44 -79.89 37.20
N LYS B 615 -66.49 -78.97 36.99
CA LYS B 615 -65.24 -79.02 37.74
C LYS B 615 -65.49 -78.83 39.23
N GLN B 616 -66.36 -77.90 39.59
CA GLN B 616 -66.66 -77.69 41.01
C GLN B 616 -67.27 -78.94 41.63
N ALA B 617 -68.23 -79.56 40.93
CA ALA B 617 -68.87 -80.76 41.46
C ALA B 617 -67.89 -81.92 41.50
N ASP B 618 -67.15 -82.13 40.41
CA ASP B 618 -66.21 -83.25 40.33
C ASP B 618 -65.13 -82.90 39.32
N ARG B 619 -63.87 -82.99 39.76
CA ARG B 619 -62.76 -82.68 38.85
C ARG B 619 -62.69 -83.70 37.73
N SER B 620 -62.88 -84.97 38.04
CA SER B 620 -62.84 -86.03 37.03
C SER B 620 -61.51 -86.01 36.28
N SER B 674 -64.41 -84.01 33.22
CA SER B 674 -63.36 -83.33 32.48
C SER B 674 -62.68 -84.29 31.51
N GLY B 675 -63.47 -85.18 30.92
CA GLY B 675 -62.91 -86.14 29.99
C GLY B 675 -62.31 -85.43 28.78
N THR B 676 -61.20 -85.97 28.28
CA THR B 676 -60.49 -85.44 27.12
C THR B 676 -60.21 -86.58 26.15
N PRO B 677 -61.22 -87.02 25.41
CA PRO B 677 -60.99 -88.07 24.40
C PRO B 677 -60.15 -87.54 23.26
N PRO B 678 -59.72 -88.40 22.33
CA PRO B 678 -58.93 -87.91 21.19
C PRO B 678 -59.67 -86.88 20.36
N ILE B 679 -61.00 -86.99 20.25
CA ILE B 679 -61.77 -86.00 19.51
C ILE B 679 -61.67 -84.65 20.19
N CYS B 680 -61.59 -84.63 21.51
CA CYS B 680 -61.46 -83.35 22.21
C CYS B 680 -60.18 -82.65 21.82
N ARG B 681 -59.08 -83.39 21.70
CA ARG B 681 -57.84 -82.79 21.24
C ARG B 681 -57.85 -82.54 19.73
N GLN B 682 -58.38 -83.48 18.96
CA GLN B 682 -58.40 -83.34 17.51
C GLN B 682 -59.30 -82.22 17.05
N ALA B 683 -60.22 -81.75 17.89
CA ALA B 683 -61.08 -80.62 17.58
C ALA B 683 -60.66 -79.34 18.28
N GLN B 684 -59.92 -79.43 19.38
CA GLN B 684 -59.34 -78.25 19.99
C GLN B 684 -58.24 -77.66 19.13
N THR B 685 -57.69 -78.42 18.19
CA THR B 685 -56.67 -77.95 17.28
C THR B 685 -57.28 -77.31 16.04
N LYS B 686 -58.26 -77.97 15.43
CA LYS B 686 -58.90 -77.41 14.25
C LYS B 686 -59.55 -76.07 14.54
N LEU B 687 -59.90 -75.79 15.79
CA LEU B 687 -60.46 -74.48 16.13
C LEU B 687 -59.43 -73.38 15.92
N GLU B 688 -58.18 -73.63 16.32
CA GLU B 688 -57.15 -72.62 16.18
C GLU B 688 -56.70 -72.45 14.73
N VAL B 689 -56.76 -73.51 13.92
CA VAL B 689 -56.46 -73.38 12.51
C VAL B 689 -57.47 -72.50 11.80
N ALA B 690 -58.63 -72.27 12.40
CA ALA B 690 -59.63 -71.38 11.83
C ALA B 690 -59.66 -70.00 12.44
N LEU B 691 -59.28 -69.86 13.72
CA LEU B 691 -59.18 -68.54 14.31
C LEU B 691 -57.97 -67.77 13.80
N TYR B 692 -56.98 -68.46 13.23
CA TYR B 692 -55.85 -67.76 12.63
C TYR B 692 -56.17 -67.31 11.22
N MET B 693 -56.86 -68.15 10.45
CA MET B 693 -57.11 -67.83 9.04
C MET B 693 -58.11 -66.70 8.84
N PHE B 694 -58.82 -66.27 9.89
CA PHE B 694 -59.70 -65.12 9.78
C PHE B 694 -58.99 -63.79 10.00
N LEU B 695 -57.73 -63.81 10.46
CA LEU B 695 -57.03 -62.57 10.74
C LEU B 695 -56.66 -61.81 9.48
N TRP B 696 -56.70 -62.44 8.31
CA TRP B 696 -56.47 -61.75 7.05
C TRP B 696 -57.75 -61.65 6.22
N ASN B 697 -58.89 -61.88 6.84
CA ASN B 697 -60.15 -61.77 6.12
C ASN B 697 -60.37 -60.31 5.70
N PRO B 698 -60.81 -60.05 4.47
CA PRO B 698 -61.01 -58.65 4.06
C PRO B 698 -62.03 -57.91 4.92
N ASP B 699 -63.05 -58.60 5.41
CA ASP B 699 -64.06 -57.94 6.23
C ASP B 699 -63.46 -57.49 7.56
N THR B 700 -63.66 -56.22 7.89
CA THR B 700 -63.14 -55.71 9.15
C THR B 700 -63.94 -56.24 10.33
N GLU B 701 -65.20 -56.63 10.10
CA GLU B 701 -66.03 -57.12 11.20
C GLU B 701 -65.59 -58.51 11.65
N ALA B 702 -65.33 -59.41 10.72
CA ALA B 702 -64.94 -60.77 11.08
C ALA B 702 -63.62 -60.77 11.85
N VAL B 703 -62.65 -59.98 11.39
CA VAL B 703 -61.34 -60.00 12.02
C VAL B 703 -61.42 -59.55 13.48
N LEU B 704 -62.17 -58.48 13.75
CA LEU B 704 -62.28 -58.00 15.13
C LEU B 704 -62.93 -59.04 16.03
N VAL B 705 -63.95 -59.73 15.53
CA VAL B 705 -64.60 -60.77 16.31
C VAL B 705 -63.63 -61.91 16.58
N ALA B 706 -62.89 -62.33 15.56
CA ALA B 706 -61.99 -63.48 15.72
C ALA B 706 -60.95 -63.24 16.80
N MET B 707 -60.48 -62.00 16.95
CA MET B 707 -59.51 -61.73 18.00
C MET B 707 -60.14 -61.85 19.38
N SER B 708 -61.42 -61.52 19.50
CA SER B 708 -62.10 -61.66 20.79
C SER B 708 -62.14 -63.12 21.23
N CYS B 709 -62.50 -64.02 20.31
CA CYS B 709 -62.63 -65.44 20.68
C CYS B 709 -61.33 -65.99 21.25
N PHE B 710 -60.19 -65.42 20.87
CA PHE B 710 -58.92 -65.90 21.41
C PHE B 710 -58.90 -65.79 22.93
N ARG B 711 -59.60 -64.81 23.49
CA ARG B 711 -59.63 -64.67 24.94
C ARG B 711 -60.21 -65.91 25.60
N HIS B 712 -61.25 -66.49 24.99
CA HIS B 712 -61.92 -67.63 25.60
C HIS B 712 -61.00 -68.85 25.68
N LEU B 713 -60.09 -69.01 24.73
CA LEU B 713 -59.12 -70.10 24.82
C LEU B 713 -58.24 -69.93 26.04
N CYS B 714 -57.82 -68.70 26.33
CA CYS B 714 -57.01 -68.46 27.52
C CYS B 714 -57.79 -68.79 28.79
N GLU B 715 -59.04 -68.36 28.86
CA GLU B 715 -59.84 -68.61 30.07
C GLU B 715 -60.05 -70.10 30.28
N GLU B 716 -60.33 -70.84 29.21
CA GLU B 716 -60.58 -72.27 29.35
C GLU B 716 -59.36 -73.00 29.90
N ALA B 717 -58.17 -72.48 29.65
CA ALA B 717 -56.96 -73.10 30.22
C ALA B 717 -56.84 -72.77 31.70
N ASP B 718 -57.21 -71.56 32.10
CA ASP B 718 -57.17 -71.22 33.52
C ASP B 718 -58.07 -72.15 34.32
N ILE B 719 -59.28 -72.41 33.82
CA ILE B 719 -60.22 -73.25 34.53
C ILE B 719 -59.68 -74.67 34.64
N ARG B 720 -59.15 -75.21 33.54
CA ARG B 720 -58.69 -76.59 33.55
C ARG B 720 -57.49 -76.80 34.46
N CYS B 721 -56.72 -75.75 34.70
CA CYS B 721 -55.55 -75.84 35.58
C CYS B 721 -55.32 -74.48 36.23
N GLY B 722 -55.37 -74.45 37.55
CA GLY B 722 -55.14 -73.21 38.28
C GLY B 722 -53.70 -72.86 38.53
N VAL B 723 -52.77 -73.76 38.20
CA VAL B 723 -51.35 -73.53 38.45
C VAL B 723 -50.75 -72.75 37.29
N ASP B 724 -50.75 -71.42 37.39
CA ASP B 724 -50.26 -70.58 36.30
C ASP B 724 -48.75 -70.72 36.09
N GLU B 725 -48.05 -71.34 37.04
CA GLU B 725 -46.59 -71.38 36.96
C GLU B 725 -46.13 -72.10 35.68
N VAL B 726 -46.49 -73.37 35.53
CA VAL B 726 -46.03 -74.16 34.41
C VAL B 726 -47.20 -74.85 33.71
N SER B 727 -48.30 -75.05 34.43
CA SER B 727 -49.42 -75.78 33.84
C SER B 727 -50.08 -74.95 32.74
N VAL B 728 -50.36 -73.68 33.01
CA VAL B 728 -51.03 -72.84 32.02
C VAL B 728 -50.15 -72.67 30.79
N HIS B 729 -48.87 -72.36 31.00
CA HIS B 729 -47.94 -72.16 29.90
C HIS B 729 -47.48 -73.47 29.28
N ASN B 730 -48.02 -74.60 29.73
CA ASN B 730 -47.75 -75.90 29.13
C ASN B 730 -48.91 -76.41 28.28
N LEU B 731 -50.15 -76.14 28.70
CA LEU B 731 -51.29 -76.47 27.85
C LEU B 731 -51.40 -75.50 26.67
N LEU B 732 -51.12 -74.22 26.91
CA LEU B 732 -51.28 -73.17 25.91
C LEU B 732 -49.98 -72.39 25.84
N PRO B 733 -49.01 -72.87 25.07
CA PRO B 733 -47.67 -72.26 25.11
C PRO B 733 -47.66 -70.76 24.89
N ASN B 734 -48.57 -70.24 24.07
CA ASN B 734 -48.61 -68.82 23.74
C ASN B 734 -49.65 -68.08 24.56
N TYR B 735 -49.84 -68.47 25.81
CA TYR B 735 -50.84 -67.83 26.65
C TYR B 735 -50.67 -66.31 26.67
N ASN B 736 -49.44 -65.85 26.85
CA ASN B 736 -49.21 -64.43 27.09
C ASN B 736 -49.67 -63.58 25.91
N THR B 737 -49.24 -63.94 24.70
CA THR B 737 -49.57 -63.12 23.54
C THR B 737 -51.06 -63.14 23.24
N PHE B 738 -51.73 -64.26 23.44
CA PHE B 738 -53.16 -64.31 23.20
C PHE B 738 -53.91 -63.30 24.06
N MET B 739 -53.42 -63.03 25.26
CA MET B 739 -54.04 -62.00 26.08
C MET B 739 -53.95 -60.64 25.42
N GLU B 740 -52.87 -60.39 24.69
CA GLU B 740 -52.72 -59.10 24.01
C GLU B 740 -53.64 -59.00 22.80
N PHE B 741 -53.99 -60.13 22.19
CA PHE B 741 -54.94 -60.09 21.08
C PHE B 741 -56.26 -59.49 21.52
N ALA B 742 -56.77 -59.91 22.68
CA ALA B 742 -58.08 -59.45 23.13
C ALA B 742 -58.08 -57.94 23.40
N SER B 743 -57.00 -57.43 24.00
CA SER B 743 -56.97 -56.03 24.36
C SER B 743 -57.07 -55.13 23.13
N VAL B 744 -56.38 -55.48 22.05
CA VAL B 744 -56.37 -54.64 20.86
C VAL B 744 -57.77 -54.49 20.29
N SER B 745 -58.56 -55.57 20.34
CA SER B 745 -59.92 -55.49 19.82
C SER B 745 -60.76 -54.43 20.54
N ASN B 746 -60.37 -54.07 21.77
CA ASN B 746 -61.04 -53.00 22.50
C ASN B 746 -60.44 -51.64 22.13
N MET B 747 -60.56 -51.32 20.84
CA MET B 747 -60.04 -50.06 20.31
C MET B 747 -60.97 -49.57 19.22
N MET B 748 -60.91 -48.26 18.97
CA MET B 748 -61.77 -47.66 17.96
C MET B 748 -61.53 -48.28 16.60
N SER B 749 -62.62 -48.61 15.91
CA SER B 749 -62.52 -49.20 14.59
C SER B 749 -61.94 -48.19 13.61
N THR B 750 -61.04 -48.65 12.75
CA THR B 750 -60.40 -47.80 11.75
C THR B 750 -60.35 -48.56 10.44
N GLY B 751 -59.61 -48.02 9.48
CA GLY B 751 -59.55 -48.61 8.16
C GLY B 751 -58.82 -49.94 8.17
N ARG B 752 -58.94 -50.65 7.04
CA ARG B 752 -58.31 -51.96 6.90
C ARG B 752 -56.80 -51.85 7.09
N ALA B 753 -56.18 -50.88 6.42
CA ALA B 753 -54.73 -50.77 6.48
C ALA B 753 -54.25 -50.50 7.90
N ALA B 754 -54.93 -49.61 8.60
CA ALA B 754 -54.51 -49.28 9.96
C ALA B 754 -54.58 -50.50 10.87
N LEU B 755 -55.63 -51.31 10.73
CA LEU B 755 -55.76 -52.50 11.57
C LEU B 755 -54.74 -53.56 11.19
N GLN B 756 -54.52 -53.78 9.89
CA GLN B 756 -53.61 -54.82 9.46
C GLN B 756 -52.20 -54.61 10.01
N LYS B 757 -51.80 -53.36 10.22
CA LYS B 757 -50.51 -53.09 10.82
C LYS B 757 -50.47 -53.40 12.30
N ARG B 758 -51.61 -53.71 12.91
CA ARG B 758 -51.67 -54.17 14.29
C ARG B 758 -51.73 -55.68 14.41
N VAL B 759 -52.46 -56.35 13.52
CA VAL B 759 -52.46 -57.80 13.53
C VAL B 759 -51.08 -58.35 13.24
N MET B 760 -50.40 -57.79 12.24
CA MET B 760 -49.07 -58.26 11.91
C MET B 760 -48.12 -58.13 13.10
N ALA B 761 -48.10 -56.95 13.72
CA ALA B 761 -47.17 -56.72 14.83
C ALA B 761 -47.35 -57.77 15.91
N LEU B 762 -48.58 -58.22 16.14
CA LEU B 762 -48.82 -59.26 17.14
C LEU B 762 -48.34 -60.61 16.64
N LEU B 763 -48.64 -60.94 15.38
CA LEU B 763 -48.18 -62.21 14.81
C LEU B 763 -46.66 -62.33 14.89
N ARG B 764 -45.95 -61.22 14.75
CA ARG B 764 -44.49 -61.26 14.80
C ARG B 764 -43.95 -61.65 16.17
N ARG B 765 -44.79 -61.66 17.19
CA ARG B 765 -44.39 -62.00 18.55
C ARG B 765 -44.69 -63.44 18.92
N ILE B 766 -45.27 -64.22 18.01
CA ILE B 766 -45.48 -65.64 18.27
C ILE B 766 -44.12 -66.33 18.29
N GLU B 767 -43.86 -67.10 19.35
CA GLU B 767 -42.56 -67.72 19.57
C GLU B 767 -42.56 -69.21 19.31
N HIS B 768 -43.46 -69.95 19.93
CA HIS B 768 -43.33 -71.40 19.97
C HIS B 768 -44.14 -72.05 18.85
N PRO B 769 -43.53 -72.89 18.02
CA PRO B 769 -44.32 -73.67 17.07
C PRO B 769 -45.29 -74.59 17.76
N THR B 770 -46.40 -74.87 17.10
CA THR B 770 -47.45 -75.72 17.65
C THR B 770 -48.11 -76.45 16.48
N ALA B 771 -49.25 -77.07 16.74
CA ALA B 771 -50.01 -77.72 15.67
C ALA B 771 -51.00 -76.78 15.01
N GLY B 772 -51.43 -75.72 15.70
CA GLY B 772 -52.28 -74.72 15.10
C GLY B 772 -51.49 -73.73 14.28
N ASN B 773 -50.36 -73.26 14.81
CA ASN B 773 -49.49 -72.37 14.06
C ASN B 773 -49.01 -73.03 12.78
N THR B 774 -48.38 -74.20 12.90
CA THR B 774 -47.72 -74.79 11.75
C THR B 774 -48.71 -75.19 10.67
N GLU B 775 -49.87 -75.71 11.05
CA GLU B 775 -50.86 -76.11 10.06
C GLU B 775 -51.56 -74.92 9.42
N ALA B 776 -51.76 -73.84 10.16
CA ALA B 776 -52.34 -72.64 9.58
C ALA B 776 -51.43 -72.04 8.52
N TRP B 777 -50.14 -71.92 8.82
CA TRP B 777 -49.22 -71.27 7.90
C TRP B 777 -49.16 -72.01 6.57
N GLU B 778 -48.97 -73.33 6.62
CA GLU B 778 -48.88 -74.10 5.39
C GLU B 778 -50.22 -74.17 4.67
N ASP B 779 -51.32 -74.05 5.41
CA ASP B 779 -52.64 -74.14 4.79
C ASP B 779 -52.95 -72.90 3.98
N THR B 780 -52.69 -71.72 4.52
CA THR B 780 -52.93 -70.49 3.77
C THR B 780 -51.91 -70.29 2.66
N HIS B 781 -50.72 -70.90 2.77
CA HIS B 781 -49.76 -70.82 1.68
C HIS B 781 -50.30 -71.47 0.42
N ALA B 782 -50.97 -72.61 0.56
CA ALA B 782 -51.52 -73.29 -0.61
C ALA B 782 -52.53 -72.40 -1.33
N LYS B 783 -53.39 -71.72 -0.56
CA LYS B 783 -54.30 -70.75 -1.18
C LYS B 783 -53.53 -69.59 -1.79
N TRP B 784 -52.49 -69.11 -1.10
CA TRP B 784 -51.73 -67.98 -1.62
C TRP B 784 -51.13 -68.29 -2.98
N GLU B 785 -50.73 -69.54 -3.19
CA GLU B 785 -50.09 -69.91 -4.45
C GLU B 785 -51.07 -70.05 -5.60
N GLN B 786 -52.36 -70.23 -5.31
CA GLN B 786 -53.35 -70.33 -6.38
C GLN B 786 -53.90 -68.98 -6.80
N ALA B 787 -54.08 -68.06 -5.85
CA ALA B 787 -54.51 -66.72 -6.21
C ALA B 787 -53.51 -66.07 -7.15
N THR B 788 -52.22 -66.28 -6.91
CA THR B 788 -51.20 -65.66 -7.74
C THR B 788 -51.31 -66.09 -9.19
N LYS B 789 -51.55 -67.39 -9.42
CA LYS B 789 -51.67 -67.87 -10.79
C LYS B 789 -52.87 -67.22 -11.49
N LEU B 790 -54.00 -67.12 -10.80
CA LEU B 790 -55.17 -66.51 -11.41
C LEU B 790 -54.91 -65.05 -11.74
N ILE B 791 -54.22 -64.33 -10.86
CA ILE B 791 -53.92 -62.93 -11.12
C ILE B 791 -52.97 -62.79 -12.30
N LEU B 792 -51.91 -63.60 -12.34
CA LEU B 792 -50.83 -63.42 -13.30
C LEU B 792 -51.04 -64.25 -14.57
N ASN B 793 -51.16 -65.58 -14.43
CA ASN B 793 -51.19 -66.43 -15.61
C ASN B 793 -52.32 -66.04 -16.54
N TYR B 794 -53.50 -65.77 -15.99
CA TYR B 794 -54.58 -65.23 -16.80
C TYR B 794 -54.30 -63.76 -17.09
N PRO B 795 -54.25 -63.34 -18.36
CA PRO B 795 -53.97 -61.92 -18.64
C PRO B 795 -55.15 -61.02 -18.30
N THR B 831 -60.28 -55.70 -8.54
CA THR B 831 -59.56 -55.04 -7.46
C THR B 831 -59.87 -55.68 -6.12
N ASP B 832 -61.04 -56.31 -6.02
CA ASP B 832 -61.42 -56.96 -4.77
C ASP B 832 -60.43 -58.07 -4.43
N SER B 833 -60.04 -58.87 -5.41
CA SER B 833 -59.07 -59.93 -5.15
C SER B 833 -57.72 -59.37 -4.76
N LEU B 834 -57.30 -58.26 -5.38
CA LEU B 834 -55.98 -57.72 -5.12
C LEU B 834 -55.83 -57.26 -3.67
N GLN B 835 -56.92 -56.87 -3.03
CA GLN B 835 -56.85 -56.52 -1.62
C GLN B 835 -56.78 -57.75 -0.74
N GLU B 836 -57.40 -58.86 -1.17
CA GLU B 836 -57.25 -60.10 -0.43
C GLU B 836 -55.84 -60.65 -0.56
N TRP B 837 -55.26 -60.54 -1.77
CA TRP B 837 -53.91 -61.01 -1.99
C TRP B 837 -52.91 -60.28 -1.10
N ILE B 838 -53.06 -58.96 -0.99
CA ILE B 838 -52.15 -58.18 -0.15
C ILE B 838 -52.27 -58.60 1.30
N ASN B 839 -53.42 -59.11 1.72
CA ASN B 839 -53.58 -59.51 3.10
C ASN B 839 -52.86 -60.81 3.38
N MET B 840 -52.98 -61.80 2.49
CA MET B 840 -52.32 -63.07 2.71
C MET B 840 -50.80 -62.90 2.72
N THR B 841 -50.26 -62.12 1.78
CA THR B 841 -48.81 -61.98 1.70
C THR B 841 -48.24 -61.40 2.98
N GLY B 842 -48.86 -60.35 3.51
CA GLY B 842 -48.42 -59.82 4.79
C GLY B 842 -48.58 -60.83 5.92
N PHE B 843 -49.64 -61.64 5.86
CA PHE B 843 -49.85 -62.66 6.88
C PHE B 843 -48.71 -63.67 6.88
N LEU B 844 -48.30 -64.13 5.71
CA LEU B 844 -47.26 -65.14 5.63
C LEU B 844 -45.90 -64.59 6.04
N CYS B 845 -45.62 -63.32 5.74
CA CYS B 845 -44.34 -62.73 6.15
C CYS B 845 -44.25 -62.60 7.66
N ALA B 846 -45.32 -62.15 8.31
CA ALA B 846 -45.25 -61.84 9.73
C ALA B 846 -45.26 -63.09 10.61
N LEU B 847 -45.92 -64.16 10.16
CA LEU B 847 -46.07 -65.38 10.95
C LEU B 847 -45.27 -66.52 10.33
N GLY B 848 -44.13 -66.22 9.75
CA GLY B 848 -43.30 -67.25 9.17
C GLY B 848 -42.24 -67.82 10.07
N GLY B 849 -41.89 -67.10 11.15
CA GLY B 849 -40.82 -67.57 12.01
C GLY B 849 -41.09 -68.94 12.59
N VAL B 850 -42.36 -69.22 12.89
CA VAL B 850 -42.72 -70.49 13.51
C VAL B 850 -42.38 -71.65 12.58
N CYS B 851 -42.71 -71.53 11.29
CA CYS B 851 -42.53 -72.61 10.35
C CYS B 851 -41.08 -72.78 9.91
N LEU B 852 -40.15 -72.10 10.56
CA LEU B 852 -38.74 -72.14 10.16
C LEU B 852 -38.10 -73.42 10.66
N GLN B 853 -37.69 -74.28 9.74
CA GLN B 853 -37.06 -75.55 10.09
C GLN B 853 -37.96 -76.38 11.01
N ALA B 887 -33.54 -76.49 3.54
CA ALA B 887 -33.14 -76.81 2.17
C ALA B 887 -34.28 -76.52 1.20
N ASP B 888 -35.22 -77.47 1.10
CA ASP B 888 -36.38 -77.33 0.22
C ASP B 888 -37.68 -77.23 1.03
N THR B 889 -37.59 -76.77 2.27
CA THR B 889 -38.76 -76.61 3.09
C THR B 889 -39.70 -75.58 2.49
N PRO B 890 -40.99 -75.64 2.81
CA PRO B 890 -41.94 -74.71 2.18
C PRO B 890 -41.64 -73.26 2.47
N VAL B 891 -40.94 -72.95 3.57
CA VAL B 891 -40.63 -71.56 3.86
C VAL B 891 -39.76 -70.97 2.76
N SER B 892 -38.75 -71.72 2.30
CA SER B 892 -37.87 -71.21 1.27
C SER B 892 -38.55 -71.06 -0.08
N LYS B 893 -39.53 -71.91 -0.39
CA LYS B 893 -40.26 -71.76 -1.64
C LYS B 893 -41.15 -70.53 -1.64
N PHE B 894 -41.45 -69.98 -0.46
CA PHE B 894 -42.09 -68.67 -0.40
C PHE B 894 -41.08 -67.58 -0.75
N MET B 895 -39.88 -67.67 -0.18
CA MET B 895 -38.84 -66.68 -0.48
C MET B 895 -38.49 -66.66 -1.96
N ASP B 896 -38.33 -67.85 -2.57
CA ASP B 896 -38.02 -67.90 -3.98
C ASP B 896 -39.08 -67.20 -4.81
N ARG B 897 -40.35 -67.45 -4.48
CA ARG B 897 -41.43 -66.81 -5.23
C ARG B 897 -41.51 -65.32 -4.93
N LEU B 898 -41.14 -64.91 -3.72
CA LEU B 898 -41.21 -63.51 -3.35
C LEU B 898 -40.10 -62.69 -3.97
N LEU B 899 -38.98 -63.31 -4.34
CA LEU B 899 -37.92 -62.64 -5.08
C LEU B 899 -38.06 -62.81 -6.58
N SER B 900 -39.13 -63.45 -7.05
CA SER B 900 -39.49 -63.44 -8.45
C SER B 900 -40.55 -62.40 -8.77
N LEU B 901 -41.43 -62.11 -7.81
CA LEU B 901 -42.43 -61.05 -8.00
C LEU B 901 -41.81 -59.66 -7.90
N MET B 902 -40.64 -59.54 -7.27
CA MET B 902 -40.02 -58.23 -7.11
C MET B 902 -39.74 -57.56 -8.45
N VAL B 903 -39.63 -58.32 -9.53
CA VAL B 903 -39.32 -57.77 -10.84
C VAL B 903 -40.43 -58.13 -11.81
N CYS B 904 -41.66 -58.27 -11.31
CA CYS B 904 -42.78 -58.65 -12.16
C CYS B 904 -43.01 -57.60 -13.23
N ASN B 905 -43.18 -58.04 -14.47
CA ASN B 905 -43.51 -57.18 -15.60
C ASN B 905 -44.81 -57.68 -16.19
N HIS B 906 -45.92 -57.19 -15.64
CA HIS B 906 -47.26 -57.53 -16.11
C HIS B 906 -47.96 -56.25 -16.55
N GLU B 907 -48.56 -56.29 -17.74
CA GLU B 907 -49.06 -55.07 -18.35
C GLU B 907 -50.08 -54.37 -17.47
N LYS B 908 -50.97 -55.12 -16.84
CA LYS B 908 -52.09 -54.54 -16.11
C LYS B 908 -51.79 -54.31 -14.63
N VAL B 909 -51.37 -55.35 -13.92
CA VAL B 909 -51.21 -55.29 -12.47
C VAL B 909 -49.76 -55.25 -12.02
N GLY B 910 -48.81 -55.30 -12.96
CA GLY B 910 -47.40 -55.37 -12.61
C GLY B 910 -46.92 -54.28 -11.67
N LEU B 911 -47.36 -53.05 -11.90
CA LEU B 911 -46.85 -51.94 -11.10
C LEU B 911 -47.21 -52.10 -9.62
N GLN B 912 -48.44 -52.47 -9.33
CA GLN B 912 -48.86 -52.57 -7.93
C GLN B 912 -48.13 -53.70 -7.22
N ILE B 913 -47.91 -54.83 -7.89
CA ILE B 913 -47.27 -55.96 -7.23
C ILE B 913 -45.86 -55.60 -6.79
N ARG B 914 -45.09 -54.93 -7.66
CA ARG B 914 -43.75 -54.52 -7.27
C ARG B 914 -43.77 -53.64 -6.04
N THR B 915 -44.73 -52.72 -5.95
CA THR B 915 -44.76 -51.77 -4.85
C THR B 915 -45.12 -52.46 -3.53
N ASN B 916 -46.11 -53.34 -3.55
CA ASN B 916 -46.55 -53.97 -2.31
C ASN B 916 -45.51 -54.95 -1.78
N VAL B 917 -44.88 -55.71 -2.67
CA VAL B 917 -43.84 -56.64 -2.23
C VAL B 917 -42.69 -55.90 -1.59
N LYS B 918 -42.28 -54.79 -2.18
CA LYS B 918 -41.21 -53.99 -1.59
C LYS B 918 -41.62 -53.48 -0.22
N ASP B 919 -42.86 -53.02 -0.08
CA ASP B 919 -43.31 -52.47 1.20
C ASP B 919 -43.42 -53.56 2.25
N LEU B 920 -43.97 -54.72 1.90
CA LEU B 920 -44.18 -55.78 2.89
C LEU B 920 -42.85 -56.41 3.30
N VAL B 921 -42.01 -56.75 2.33
CA VAL B 921 -40.76 -57.43 2.63
C VAL B 921 -39.81 -56.54 3.42
N GLY B 922 -40.02 -55.24 3.42
CA GLY B 922 -39.14 -54.34 4.14
C GLY B 922 -39.60 -54.07 5.56
N LEU B 923 -40.89 -53.82 5.74
CA LEU B 923 -41.40 -53.34 7.01
C LEU B 923 -42.11 -54.39 7.84
N GLU B 924 -42.61 -55.47 7.23
CA GLU B 924 -43.44 -56.44 7.93
C GLU B 924 -42.81 -57.83 8.03
N LEU B 925 -41.67 -58.07 7.41
CA LEU B 925 -41.04 -59.38 7.51
C LEU B 925 -40.67 -59.68 8.95
N SER B 926 -40.74 -60.95 9.31
CA SER B 926 -40.37 -61.39 10.66
C SER B 926 -38.85 -61.43 10.78
N PRO B 927 -38.27 -60.85 11.84
CA PRO B 927 -36.80 -60.79 11.90
C PRO B 927 -36.13 -62.14 11.86
N ALA B 928 -36.78 -63.20 12.30
CA ALA B 928 -36.15 -64.52 12.28
C ALA B 928 -35.87 -65.02 10.88
N LEU B 929 -36.46 -64.40 9.86
CA LEU B 929 -36.23 -64.80 8.47
C LEU B 929 -35.15 -63.98 7.78
N TYR B 930 -34.49 -63.07 8.50
CA TYR B 930 -33.45 -62.26 7.86
C TYR B 930 -32.31 -63.11 7.31
N PRO B 931 -31.70 -64.01 8.08
CA PRO B 931 -30.57 -64.77 7.53
C PRO B 931 -30.93 -65.52 6.26
N MET B 932 -32.17 -65.99 6.15
CA MET B 932 -32.60 -66.65 4.92
C MET B 932 -32.81 -65.66 3.79
N LEU B 933 -32.94 -64.37 4.10
CA LEU B 933 -33.11 -63.36 3.06
C LEU B 933 -31.78 -62.87 2.52
N PHE B 934 -30.90 -62.39 3.40
CA PHE B 934 -29.58 -61.95 2.95
C PHE B 934 -28.86 -63.05 2.19
N ASN B 935 -29.12 -64.31 2.54
CA ASN B 935 -28.43 -65.42 1.91
C ASN B 935 -29.02 -65.78 0.55
N LYS B 936 -30.13 -65.15 0.15
CA LYS B 936 -30.70 -65.37 -1.17
C LYS B 936 -30.50 -64.21 -2.13
N LEU B 937 -30.55 -62.98 -1.63
CA LEU B 937 -30.17 -61.83 -2.44
C LEU B 937 -28.71 -61.92 -2.85
N LYS B 938 -27.85 -62.36 -1.92
CA LYS B 938 -26.43 -62.46 -2.23
C LYS B 938 -26.19 -63.42 -3.38
N ASN B 939 -26.77 -64.62 -3.32
CA ASN B 939 -26.60 -65.58 -4.41
C ASN B 939 -27.31 -65.16 -5.68
N THR B 940 -28.22 -64.19 -5.62
CA THR B 940 -28.94 -63.75 -6.81
C THR B 940 -28.20 -62.66 -7.56
N ILE B 941 -27.42 -61.83 -6.86
CA ILE B 941 -26.66 -60.78 -7.52
C ILE B 941 -25.31 -61.25 -8.01
N SER B 942 -24.78 -62.34 -7.45
CA SER B 942 -23.50 -62.87 -7.91
C SER B 942 -23.59 -63.45 -9.31
N LYS B 943 -24.80 -63.64 -9.84
CA LYS B 943 -24.96 -64.13 -11.20
C LYS B 943 -25.01 -63.02 -12.23
N PHE B 944 -24.90 -61.76 -11.81
CA PHE B 944 -24.84 -60.66 -12.76
C PHE B 944 -23.44 -60.40 -13.28
N PHE B 945 -22.43 -61.06 -12.72
CA PHE B 945 -21.04 -60.92 -13.18
C PHE B 945 -20.60 -62.23 -13.80
N ASP B 946 -20.19 -62.19 -15.05
CA ASP B 946 -19.65 -63.37 -15.70
C ASP B 946 -18.23 -63.63 -15.19
N SER B 947 -17.60 -64.64 -15.76
CA SER B 947 -16.21 -64.91 -15.43
C SER B 947 -15.35 -63.68 -15.76
N GLN B 948 -14.36 -63.43 -14.93
CA GLN B 948 -13.48 -62.27 -14.99
C GLN B 948 -14.18 -61.01 -14.50
N GLY B 949 -15.37 -61.14 -13.92
CA GLY B 949 -16.02 -60.01 -13.27
C GLY B 949 -16.42 -58.88 -14.17
N GLN B 950 -17.04 -59.18 -15.31
CA GLN B 950 -17.57 -58.16 -16.22
C GLN B 950 -19.07 -58.10 -16.05
N VAL B 951 -19.58 -56.94 -15.63
CA VAL B 951 -21.01 -56.84 -15.35
C VAL B 951 -21.80 -57.13 -16.63
N LEU B 952 -23.05 -57.53 -16.43
CA LEU B 952 -23.93 -57.95 -17.53
C LEU B 952 -25.22 -57.15 -17.43
N LEU B 953 -25.25 -55.98 -18.07
CA LEU B 953 -26.44 -55.15 -18.05
C LEU B 953 -27.55 -55.80 -18.88
N THR B 954 -28.75 -55.86 -18.32
CA THR B 954 -29.87 -56.49 -19.00
C THR B 954 -31.16 -55.68 -18.96
N ASP B 955 -31.21 -54.57 -18.23
CA ASP B 955 -32.39 -53.73 -18.13
C ASP B 955 -33.45 -54.35 -17.22
N THR B 956 -33.22 -55.57 -16.77
CA THR B 956 -34.02 -56.19 -15.72
C THR B 956 -33.20 -56.52 -14.50
N ASN B 957 -31.94 -56.91 -14.66
CA ASN B 957 -31.03 -56.97 -13.54
C ASN B 957 -30.88 -55.61 -12.89
N THR B 958 -30.91 -54.54 -13.71
CA THR B 958 -30.96 -53.19 -13.17
C THR B 958 -32.23 -52.96 -12.37
N GLN B 959 -33.35 -53.51 -12.82
CA GLN B 959 -34.59 -53.37 -12.06
C GLN B 959 -34.53 -54.16 -10.76
N PHE B 960 -33.75 -55.23 -10.72
CA PHE B 960 -33.60 -55.99 -9.49
C PHE B 960 -32.70 -55.27 -8.49
N VAL B 961 -31.60 -54.69 -8.97
CA VAL B 961 -30.66 -54.02 -8.08
C VAL B 961 -31.22 -52.67 -7.68
N GLU B 962 -32.37 -52.30 -8.21
CA GLU B 962 -33.02 -51.06 -7.79
C GLU B 962 -34.05 -51.30 -6.69
N GLN B 963 -34.65 -52.49 -6.63
CA GLN B 963 -35.51 -52.85 -5.51
C GLN B 963 -34.69 -53.29 -4.31
N THR B 964 -33.61 -54.05 -4.56
CA THR B 964 -32.77 -54.54 -3.47
C THR B 964 -32.27 -53.39 -2.61
N ILE B 965 -31.92 -52.27 -3.24
CA ILE B 965 -31.48 -51.10 -2.48
C ILE B 965 -32.64 -50.55 -1.66
N ALA B 966 -33.85 -50.58 -2.22
CA ALA B 966 -35.00 -50.04 -1.52
C ALA B 966 -35.42 -50.94 -0.36
N ILE B 967 -35.29 -52.25 -0.53
CA ILE B 967 -35.65 -53.18 0.54
C ILE B 967 -34.66 -53.05 1.70
N MET B 968 -33.37 -53.02 1.40
CA MET B 968 -32.38 -52.93 2.47
C MET B 968 -32.46 -51.61 3.22
N LYS B 969 -32.93 -50.55 2.58
CA LYS B 969 -32.97 -49.27 3.25
C LYS B 969 -34.07 -49.22 4.32
N ASN B 970 -35.27 -49.70 4.00
CA ASN B 970 -36.33 -49.72 5.00
C ASN B 970 -35.99 -50.68 6.12
N LEU B 971 -35.45 -51.84 5.79
CA LEU B 971 -35.17 -52.86 6.80
C LEU B 971 -34.15 -52.38 7.81
N LEU B 972 -33.11 -51.69 7.35
CA LEU B 972 -32.05 -51.22 8.24
C LEU B 972 -32.41 -49.92 8.96
N ASP B 973 -33.42 -49.20 8.49
CA ASP B 973 -33.70 -47.86 8.99
C ASP B 973 -34.72 -47.85 10.12
N ASN B 974 -35.25 -49.01 10.51
CA ASN B 974 -36.24 -49.10 11.58
C ASN B 974 -35.76 -50.12 12.61
N HIS B 975 -36.04 -49.82 13.88
CA HIS B 975 -35.63 -50.66 14.99
C HIS B 975 -36.80 -51.51 15.43
N THR B 976 -36.75 -52.79 15.12
CA THR B 976 -37.79 -53.74 15.49
C THR B 976 -37.29 -54.62 16.62
N GLU B 977 -38.11 -54.74 17.67
CA GLU B 977 -37.71 -55.56 18.81
C GLU B 977 -37.55 -57.01 18.40
N GLY B 978 -36.54 -57.68 18.95
CA GLY B 978 -36.28 -59.07 18.66
C GLY B 978 -35.37 -59.32 17.48
N SER B 979 -34.88 -58.27 16.81
CA SER B 979 -34.01 -58.44 15.67
C SER B 979 -32.52 -58.46 16.04
N SER B 980 -32.18 -58.18 17.29
CA SER B 980 -30.77 -58.07 17.65
C SER B 980 -30.03 -59.39 17.43
N GLU B 981 -30.62 -60.49 17.86
CA GLU B 981 -29.95 -61.78 17.74
C GLU B 981 -29.96 -62.35 16.34
N HIS B 982 -30.76 -61.76 15.43
CA HIS B 982 -30.87 -62.26 14.07
C HIS B 982 -30.19 -61.37 13.04
N LEU B 983 -30.24 -60.05 13.21
CA LEU B 983 -29.64 -59.16 12.22
C LEU B 983 -28.14 -59.35 12.16
N GLY B 984 -27.50 -59.60 13.30
CA GLY B 984 -26.06 -59.75 13.38
C GLY B 984 -25.54 -61.14 13.11
N GLN B 985 -26.40 -62.06 12.69
CA GLN B 985 -25.97 -63.44 12.46
C GLN B 985 -25.28 -63.62 11.12
N ALA B 986 -25.66 -62.84 10.11
CA ALA B 986 -25.13 -63.00 8.76
C ALA B 986 -24.45 -61.72 8.31
N SER B 987 -23.51 -61.87 7.37
CA SER B 987 -22.74 -60.77 6.84
C SER B 987 -23.28 -60.35 5.48
N ILE B 988 -23.19 -59.06 5.19
CA ILE B 988 -23.67 -58.49 3.94
C ILE B 988 -22.57 -57.73 3.21
N GLU B 989 -21.31 -57.96 3.58
CA GLU B 989 -20.21 -57.25 2.94
C GLU B 989 -20.16 -57.54 1.44
N THR B 990 -20.15 -58.82 1.08
CA THR B 990 -19.97 -59.18 -0.32
C THR B 990 -21.14 -58.73 -1.18
N MET B 991 -22.32 -58.53 -0.61
CA MET B 991 -23.43 -58.03 -1.40
C MET B 991 -23.35 -56.51 -1.57
N MET B 992 -22.92 -55.80 -0.53
CA MET B 992 -22.78 -54.35 -0.66
C MET B 992 -21.69 -53.98 -1.65
N LEU B 993 -20.58 -54.73 -1.65
CA LEU B 993 -19.54 -54.48 -2.62
C LEU B 993 -20.01 -54.77 -4.04
N ASN B 994 -20.79 -55.85 -4.22
CA ASN B 994 -21.31 -56.15 -5.55
C ASN B 994 -22.31 -55.11 -6.03
N LEU B 995 -23.07 -54.50 -5.12
CA LEU B 995 -24.03 -53.48 -5.55
C LEU B 995 -23.32 -52.26 -6.10
N VAL B 996 -22.32 -51.75 -5.38
CA VAL B 996 -21.60 -50.58 -5.87
C VAL B 996 -20.84 -50.91 -7.14
N ARG B 997 -20.34 -52.14 -7.24
CA ARG B 997 -19.60 -52.56 -8.41
C ARG B 997 -20.48 -52.71 -9.65
N TYR B 998 -21.80 -52.71 -9.48
CA TYR B 998 -22.72 -52.83 -10.60
C TYR B 998 -23.18 -51.46 -11.09
N VAL B 999 -23.70 -50.63 -10.19
CA VAL B 999 -24.15 -49.29 -10.55
C VAL B 999 -23.00 -48.44 -11.05
N ARG B 1000 -21.76 -48.81 -10.71
CA ARG B 1000 -20.60 -48.05 -11.15
C ARG B 1000 -20.48 -48.01 -12.67
N VAL B 1001 -21.15 -48.92 -13.38
CA VAL B 1001 -21.05 -49.02 -14.83
C VAL B 1001 -22.31 -48.54 -15.53
N LEU B 1002 -23.33 -48.09 -14.79
CA LEU B 1002 -24.57 -47.67 -15.42
C LEU B 1002 -24.33 -46.51 -16.37
N GLY B 1003 -23.52 -45.54 -15.97
CA GLY B 1003 -23.23 -44.38 -16.78
C GLY B 1003 -23.87 -43.12 -16.22
N ASN B 1004 -23.96 -42.11 -17.08
CA ASN B 1004 -24.52 -40.82 -16.73
C ASN B 1004 -25.85 -40.62 -17.46
N MET B 1005 -26.89 -40.27 -16.72
CA MET B 1005 -28.22 -40.06 -17.27
C MET B 1005 -29.10 -39.57 -16.13
N VAL B 1006 -30.32 -39.16 -16.46
CA VAL B 1006 -31.25 -38.75 -15.42
C VAL B 1006 -31.63 -39.93 -14.54
N HIS B 1007 -31.73 -41.12 -15.11
CA HIS B 1007 -32.13 -42.29 -14.34
C HIS B 1007 -30.97 -42.83 -13.50
N ALA B 1008 -29.81 -43.05 -14.12
CA ALA B 1008 -28.69 -43.64 -13.41
C ALA B 1008 -28.28 -42.80 -12.21
N ILE B 1009 -28.25 -41.46 -12.38
CA ILE B 1009 -27.84 -40.61 -11.27
C ILE B 1009 -28.82 -40.70 -10.12
N GLN B 1010 -30.08 -41.07 -10.39
CA GLN B 1010 -31.02 -41.26 -9.29
C GLN B 1010 -30.72 -42.54 -8.52
N ILE B 1011 -30.38 -43.63 -9.22
CA ILE B 1011 -29.98 -44.84 -8.54
C ILE B 1011 -28.72 -44.61 -7.72
N LYS B 1012 -27.75 -43.89 -8.29
CA LYS B 1012 -26.52 -43.63 -7.57
C LYS B 1012 -26.77 -42.84 -6.29
N THR B 1013 -27.65 -41.84 -6.34
CA THR B 1013 -27.93 -41.07 -5.15
C THR B 1013 -28.53 -41.93 -4.05
N LYS B 1014 -29.39 -42.88 -4.42
CA LYS B 1014 -30.02 -43.72 -3.42
C LYS B 1014 -29.04 -44.73 -2.84
N LEU B 1015 -28.08 -45.19 -3.63
CA LEU B 1015 -27.07 -46.12 -3.10
C LEU B 1015 -26.21 -45.45 -2.04
N CYS B 1016 -25.91 -44.17 -2.21
CA CYS B 1016 -25.10 -43.46 -1.24
C CYS B 1016 -25.85 -43.25 0.07
N GLN B 1017 -27.17 -43.11 0.01
CA GLN B 1017 -27.96 -42.97 1.24
C GLN B 1017 -28.10 -44.28 1.99
N LEU B 1018 -28.00 -45.41 1.29
CA LEU B 1018 -27.98 -46.70 1.96
C LEU B 1018 -26.70 -46.87 2.77
N VAL B 1019 -25.56 -46.48 2.20
CA VAL B 1019 -24.28 -46.66 2.89
C VAL B 1019 -24.24 -45.81 4.16
N GLU B 1020 -24.86 -44.64 4.13
CA GLU B 1020 -24.88 -43.80 5.32
C GLU B 1020 -25.64 -44.48 6.45
N VAL B 1021 -26.79 -45.08 6.14
CA VAL B 1021 -27.56 -45.79 7.16
C VAL B 1021 -26.83 -47.05 7.60
N MET B 1022 -26.17 -47.74 6.68
CA MET B 1022 -25.45 -48.96 7.03
C MET B 1022 -24.41 -48.70 8.10
N MET B 1023 -23.85 -47.50 8.14
CA MET B 1023 -22.82 -47.16 9.12
C MET B 1023 -23.39 -46.70 10.46
N ALA B 1024 -24.69 -46.45 10.54
CA ALA B 1024 -25.31 -46.18 11.83
C ALA B 1024 -25.59 -47.45 12.60
N ARG B 1025 -25.82 -48.56 11.89
CA ARG B 1025 -26.06 -49.86 12.50
C ARG B 1025 -24.80 -50.73 12.49
N ARG B 1026 -23.62 -50.12 12.37
CA ARG B 1026 -22.40 -50.91 12.22
C ARG B 1026 -22.09 -51.73 13.46
N ASP B 1027 -22.69 -51.42 14.60
CA ASP B 1027 -22.44 -52.16 15.82
C ASP B 1027 -23.47 -53.26 16.06
N ASP B 1028 -24.45 -53.41 15.18
CA ASP B 1028 -25.39 -54.53 15.21
C ASP B 1028 -25.18 -55.49 14.04
N LEU B 1029 -24.24 -55.20 13.15
CA LEU B 1029 -23.95 -56.06 12.01
C LEU B 1029 -22.69 -56.88 12.28
N SER B 1030 -22.43 -57.83 11.41
CA SER B 1030 -21.30 -58.74 11.55
C SER B 1030 -20.37 -58.58 10.37
N PHE B 1031 -19.08 -58.38 10.65
CA PHE B 1031 -18.06 -58.18 9.63
C PHE B 1031 -16.95 -59.22 9.79
N CYS B 1032 -16.52 -59.79 8.67
CA CYS B 1032 -15.34 -60.64 8.68
C CYS B 1032 -14.07 -59.83 8.49
N GLN B 1033 -14.14 -58.70 7.81
CA GLN B 1033 -13.01 -57.79 7.61
C GLN B 1033 -13.60 -56.38 7.49
N GLU B 1034 -13.58 -55.64 8.59
CA GLU B 1034 -14.20 -54.32 8.59
C GLU B 1034 -13.24 -53.26 8.09
N MET B 1035 -11.96 -53.33 8.49
CA MET B 1035 -11.00 -52.33 8.06
C MET B 1035 -10.84 -52.33 6.54
N LYS B 1036 -10.74 -53.52 5.94
CA LYS B 1036 -10.58 -53.58 4.49
C LYS B 1036 -11.87 -53.22 3.76
N PHE B 1037 -13.01 -53.53 4.36
CA PHE B 1037 -14.28 -53.20 3.72
C PHE B 1037 -14.47 -51.69 3.59
N ARG B 1038 -14.21 -50.96 4.68
CA ARG B 1038 -14.43 -49.52 4.66
C ARG B 1038 -13.39 -48.81 3.79
N ASN B 1039 -12.19 -49.35 3.68
CA ASN B 1039 -11.18 -48.72 2.83
C ASN B 1039 -11.53 -48.89 1.35
N LYS B 1040 -12.05 -50.05 0.96
CA LYS B 1040 -12.31 -50.35 -0.43
C LYS B 1040 -13.59 -49.69 -0.94
N MET B 1041 -14.38 -49.06 -0.07
CA MET B 1041 -15.55 -48.33 -0.49
C MET B 1041 -15.34 -46.82 -0.48
N VAL B 1042 -14.38 -46.33 0.30
CA VAL B 1042 -13.96 -44.95 0.13
C VAL B 1042 -13.32 -44.76 -1.23
N GLU B 1043 -12.55 -45.76 -1.69
CA GLU B 1043 -11.94 -45.69 -3.01
C GLU B 1043 -12.99 -45.64 -4.09
N TYR B 1044 -14.06 -46.44 -3.96
CA TYR B 1044 -15.10 -46.45 -4.98
C TYR B 1044 -15.90 -45.15 -4.98
N LEU B 1045 -16.30 -44.68 -3.80
CA LEU B 1045 -17.24 -43.56 -3.72
C LEU B 1045 -16.58 -42.21 -3.90
N THR B 1046 -15.25 -42.15 -3.98
CA THR B 1046 -14.57 -40.87 -4.21
C THR B 1046 -14.43 -40.53 -5.68
N ASP B 1047 -14.93 -41.36 -6.59
CA ASP B 1047 -14.90 -41.07 -8.01
C ASP B 1047 -16.19 -40.46 -8.51
N TRP B 1048 -17.25 -40.48 -7.71
CA TRP B 1048 -18.50 -39.82 -8.06
C TRP B 1048 -18.56 -38.38 -7.56
N VAL B 1049 -17.49 -37.89 -6.95
CA VAL B 1049 -17.49 -36.59 -6.32
C VAL B 1049 -16.98 -35.55 -7.31
N MET B 1050 -16.93 -35.92 -8.59
CA MET B 1050 -16.51 -34.99 -9.63
C MET B 1050 -17.24 -33.66 -9.49
N GLY B 1051 -16.47 -32.58 -9.38
CA GLY B 1051 -17.01 -31.25 -9.22
C GLY B 1051 -17.03 -30.48 -10.53
N THR B 1052 -17.94 -29.52 -10.61
CA THR B 1052 -18.14 -28.69 -11.81
C THR B 1052 -18.75 -29.47 -12.96
N SER B 1053 -19.25 -30.68 -12.69
CA SER B 1053 -19.83 -31.50 -13.75
C SER B 1053 -21.05 -30.82 -14.38
N ASN B 1054 -21.92 -30.24 -13.53
CA ASN B 1054 -23.12 -29.60 -14.06
C ASN B 1054 -22.77 -28.44 -14.98
N GLN B 1055 -21.77 -27.64 -14.61
CA GLN B 1055 -21.28 -26.59 -15.50
C GLN B 1055 -20.76 -27.18 -16.80
N ALA B 1056 -19.99 -28.28 -16.71
CA ALA B 1056 -19.52 -28.95 -17.91
C ALA B 1056 -20.65 -29.70 -18.60
N ALA B 1057 -21.68 -30.10 -17.86
CA ALA B 1057 -22.82 -30.80 -18.45
C ALA B 1057 -23.54 -29.91 -19.46
N ASP B 1058 -23.65 -28.62 -19.16
CA ASP B 1058 -24.33 -27.67 -20.03
C ASP B 1058 -25.81 -27.99 -20.16
N ASP B 1059 -26.40 -28.55 -19.10
CA ASP B 1059 -27.82 -28.89 -19.08
C ASP B 1059 -28.44 -28.39 -17.78
N ASP B 1060 -29.71 -27.99 -17.88
CA ASP B 1060 -30.42 -27.51 -16.70
C ASP B 1060 -30.99 -28.66 -15.87
N VAL B 1061 -31.29 -29.79 -16.50
CA VAL B 1061 -31.82 -30.93 -15.77
C VAL B 1061 -30.73 -31.65 -14.99
N LYS B 1062 -29.46 -31.36 -15.26
CA LYS B 1062 -28.34 -31.98 -14.56
C LYS B 1062 -28.03 -31.29 -13.23
N CYS B 1063 -28.97 -30.53 -12.68
CA CYS B 1063 -28.81 -30.05 -11.32
C CYS B 1063 -28.76 -31.19 -10.33
N LEU B 1064 -29.17 -32.40 -10.73
CA LEU B 1064 -29.05 -33.55 -9.86
C LEU B 1064 -27.60 -33.82 -9.49
N THR B 1065 -26.69 -33.72 -10.45
CA THR B 1065 -25.29 -34.02 -10.18
C THR B 1065 -24.73 -33.13 -9.08
N ARG B 1066 -25.34 -31.98 -8.83
CA ARG B 1066 -25.03 -31.22 -7.61
C ARG B 1066 -25.47 -32.00 -6.37
N ASP B 1067 -26.64 -32.62 -6.42
CA ASP B 1067 -27.12 -33.39 -5.28
C ASP B 1067 -26.31 -34.65 -5.07
N LEU B 1068 -25.80 -35.25 -6.14
CA LEU B 1068 -24.99 -36.45 -6.00
C LEU B 1068 -23.75 -36.18 -5.17
N ASP B 1069 -23.08 -35.06 -5.40
CA ASP B 1069 -21.90 -34.72 -4.61
C ASP B 1069 -22.25 -34.57 -3.14
N GLN B 1070 -23.45 -34.07 -2.85
CA GLN B 1070 -23.88 -33.97 -1.46
C GLN B 1070 -24.01 -35.35 -0.84
N ALA B 1071 -24.63 -36.30 -1.55
CA ALA B 1071 -24.76 -37.65 -1.03
C ALA B 1071 -23.40 -38.34 -0.92
N SER B 1072 -22.55 -38.19 -1.94
CA SER B 1072 -21.27 -38.89 -1.94
C SER B 1072 -20.40 -38.43 -0.77
N MET B 1073 -20.37 -37.13 -0.49
CA MET B 1073 -19.57 -36.66 0.63
C MET B 1073 -20.14 -37.12 1.96
N GLU B 1074 -21.46 -37.13 2.10
CA GLU B 1074 -22.07 -37.55 3.34
C GLU B 1074 -21.74 -39.01 3.64
N ALA B 1075 -21.71 -39.85 2.61
CA ALA B 1075 -21.32 -41.24 2.83
C ALA B 1075 -19.89 -41.34 3.33
N VAL B 1076 -18.97 -40.61 2.70
CA VAL B 1076 -17.55 -40.71 3.06
C VAL B 1076 -17.30 -40.19 4.47
N VAL B 1077 -18.05 -39.18 4.90
CA VAL B 1077 -17.84 -38.64 6.24
C VAL B 1077 -18.10 -39.71 7.28
N SER B 1078 -19.09 -40.58 7.04
CA SER B 1078 -19.39 -41.64 7.98
C SER B 1078 -18.39 -42.80 7.90
N LEU B 1079 -17.83 -43.05 6.73
CA LEU B 1079 -16.89 -44.16 6.56
C LEU B 1079 -15.55 -43.91 7.22
N LEU B 1080 -15.10 -42.65 7.28
CA LEU B 1080 -13.75 -42.33 7.74
C LEU B 1080 -13.64 -42.20 9.25
N ALA B 1081 -14.75 -42.18 9.98
CA ALA B 1081 -14.69 -41.92 11.41
C ALA B 1081 -13.91 -43.03 12.09
N GLY B 1082 -12.69 -42.71 12.52
CA GLY B 1082 -11.84 -43.69 13.16
C GLY B 1082 -11.42 -44.84 12.27
N LEU B 1083 -11.00 -44.53 11.04
CA LEU B 1083 -10.62 -45.56 10.07
C LEU B 1083 -9.14 -45.43 9.73
N PRO B 1084 -8.26 -46.26 10.30
CA PRO B 1084 -6.87 -46.26 9.83
C PRO B 1084 -6.80 -46.64 8.37
N LEU B 1085 -5.85 -46.03 7.65
CA LEU B 1085 -5.68 -46.31 6.24
C LEU B 1085 -4.85 -47.56 6.05
N GLN B 1086 -5.32 -48.45 5.18
CA GLN B 1086 -4.61 -49.69 4.85
C GLN B 1086 -4.35 -49.70 3.36
N PRO B 1087 -3.10 -49.70 2.91
CA PRO B 1087 -2.83 -49.80 1.47
C PRO B 1087 -3.05 -51.23 1.01
N GLU B 1088 -3.85 -51.39 -0.04
CA GLU B 1088 -4.11 -52.72 -0.59
C GLU B 1088 -2.78 -53.34 -1.00
N GLU B 1089 -2.37 -54.40 -0.31
CA GLU B 1089 -1.04 -54.94 -0.48
C GLU B 1089 -0.87 -55.52 -1.88
N GLY B 1090 0.35 -55.97 -2.18
CA GLY B 1090 0.71 -56.47 -3.48
C GLY B 1090 1.69 -55.63 -4.26
N ASP B 1091 2.33 -54.65 -3.62
CA ASP B 1091 3.29 -53.78 -4.28
C ASP B 1091 4.57 -53.72 -3.46
N GLY B 1092 5.67 -53.39 -4.14
CA GLY B 1092 6.96 -53.34 -3.48
C GLY B 1092 7.06 -52.26 -2.43
N VAL B 1093 6.34 -51.16 -2.60
CA VAL B 1093 6.45 -50.03 -1.68
C VAL B 1093 6.26 -50.51 -0.25
N GLU B 1094 7.11 -50.00 0.64
CA GLU B 1094 7.04 -50.38 2.03
C GLU B 1094 5.76 -49.81 2.66
N LEU B 1095 5.34 -50.43 3.77
CA LEU B 1095 4.06 -50.08 4.38
C LEU B 1095 4.02 -48.60 4.79
N MET B 1096 5.03 -48.17 5.55
CA MET B 1096 5.02 -46.80 6.06
C MET B 1096 4.95 -45.78 4.93
N GLU B 1097 5.74 -45.99 3.88
CA GLU B 1097 5.71 -45.07 2.75
C GLU B 1097 4.45 -45.22 1.93
N ALA B 1098 3.83 -46.41 1.95
CA ALA B 1098 2.62 -46.62 1.19
C ALA B 1098 1.44 -45.85 1.78
N LYS B 1099 1.36 -45.78 3.11
CA LYS B 1099 0.25 -45.06 3.73
C LYS B 1099 0.33 -43.58 3.45
N SER B 1100 1.54 -43.01 3.46
CA SER B 1100 1.68 -41.58 3.19
C SER B 1100 1.26 -41.25 1.77
N GLN B 1101 1.64 -42.10 0.81
CA GLN B 1101 1.20 -41.86 -0.56
C GLN B 1101 -0.32 -41.94 -0.67
N LEU B 1102 -0.96 -42.67 0.24
CA LEU B 1102 -2.41 -42.81 0.19
C LEU B 1102 -3.11 -41.66 0.89
N PHE B 1103 -2.54 -41.16 1.99
CA PHE B 1103 -3.11 -39.98 2.63
C PHE B 1103 -3.09 -38.78 1.70
N LEU B 1104 -1.97 -38.57 1.01
CA LEU B 1104 -1.86 -37.43 0.11
C LEU B 1104 -2.93 -37.49 -0.98
N LYS B 1105 -3.27 -38.69 -1.44
CA LYS B 1105 -4.22 -38.81 -2.54
C LYS B 1105 -5.57 -38.22 -2.17
N TYR B 1106 -6.10 -38.58 -1.00
CA TYR B 1106 -7.39 -38.06 -0.58
C TYR B 1106 -7.31 -36.61 -0.15
N PHE B 1107 -6.23 -36.22 0.55
CA PHE B 1107 -6.14 -34.86 1.05
C PHE B 1107 -6.21 -33.85 -0.09
N THR B 1108 -5.42 -34.06 -1.14
CA THR B 1108 -5.46 -33.12 -2.26
C THR B 1108 -6.82 -33.10 -2.93
N LEU B 1109 -7.51 -34.24 -2.96
CA LEU B 1109 -8.83 -34.29 -3.57
C LEU B 1109 -9.80 -33.38 -2.85
N PHE B 1110 -9.80 -33.42 -1.51
CA PHE B 1110 -10.70 -32.57 -0.75
C PHE B 1110 -10.31 -31.10 -0.87
N MET B 1111 -9.00 -30.81 -0.94
CA MET B 1111 -8.57 -29.43 -1.13
C MET B 1111 -9.09 -28.87 -2.45
N ASN B 1112 -8.98 -29.66 -3.53
CA ASN B 1112 -9.49 -29.21 -4.82
C ASN B 1112 -10.98 -28.94 -4.73
N LEU B 1113 -11.74 -29.83 -4.09
CA LEU B 1113 -13.17 -29.60 -3.91
C LEU B 1113 -13.42 -28.38 -3.04
N LEU B 1114 -12.55 -28.13 -2.06
CA LEU B 1114 -12.78 -27.01 -1.15
C LEU B 1114 -12.62 -25.67 -1.86
N ASN B 1115 -11.65 -25.56 -2.77
CA ASN B 1115 -11.44 -24.30 -3.47
C ASN B 1115 -12.65 -23.93 -4.32
N ASP B 1116 -13.26 -24.92 -4.97
CA ASP B 1116 -14.39 -24.66 -5.86
C ASP B 1116 -15.63 -24.21 -5.11
N CYS B 1117 -15.66 -24.33 -3.79
CA CYS B 1117 -16.82 -23.92 -2.99
C CYS B 1117 -16.66 -22.53 -2.41
N SER B 1118 -15.65 -21.78 -2.83
CA SER B 1118 -15.48 -20.42 -2.35
C SER B 1118 -16.64 -19.55 -2.81
N GLU B 1119 -16.95 -18.53 -2.01
CA GLU B 1119 -18.10 -17.67 -2.32
C GLU B 1119 -17.92 -16.99 -3.67
N VAL B 1120 -16.71 -16.53 -3.98
CA VAL B 1120 -16.47 -15.89 -5.27
C VAL B 1120 -16.76 -16.87 -6.41
N GLU B 1121 -16.35 -18.12 -6.25
CA GLU B 1121 -16.59 -19.14 -7.27
C GLU B 1121 -17.97 -19.75 -7.10
N MET B 1134 -27.65 -20.95 -5.09
CA MET B 1134 -26.65 -21.94 -4.73
C MET B 1134 -25.88 -21.53 -3.49
N SER B 1135 -26.24 -20.38 -2.92
CA SER B 1135 -25.58 -19.93 -1.69
C SER B 1135 -25.78 -20.89 -0.55
N ARG B 1136 -26.82 -21.74 -0.61
CA ARG B 1136 -27.04 -22.76 0.40
C ARG B 1136 -26.33 -24.07 0.06
N ARG B 1137 -26.37 -24.47 -1.21
CA ARG B 1137 -25.70 -25.71 -1.60
C ARG B 1137 -24.21 -25.64 -1.33
N LEU B 1138 -23.57 -24.52 -1.69
CA LEU B 1138 -22.14 -24.39 -1.46
C LEU B 1138 -21.81 -24.34 0.02
N ALA B 1139 -22.67 -23.72 0.83
CA ALA B 1139 -22.41 -23.66 2.26
C ALA B 1139 -22.41 -25.05 2.87
N SER B 1140 -23.39 -25.88 2.50
CA SER B 1140 -23.46 -27.23 3.04
C SER B 1140 -22.32 -28.08 2.53
N LEU B 1141 -22.11 -28.10 1.21
CA LEU B 1141 -21.09 -28.96 0.64
C LEU B 1141 -19.70 -28.60 1.15
N ARG B 1142 -19.44 -27.31 1.36
CA ARG B 1142 -18.17 -26.90 1.94
C ARG B 1142 -18.05 -27.32 3.40
N HIS B 1143 -19.18 -27.39 4.11
CA HIS B 1143 -19.14 -27.84 5.49
C HIS B 1143 -18.74 -29.31 5.59
N CYS B 1144 -19.29 -30.15 4.72
CA CYS B 1144 -18.98 -31.58 4.78
C CYS B 1144 -17.51 -31.84 4.49
N THR B 1145 -16.95 -31.17 3.49
CA THR B 1145 -15.56 -31.44 3.14
C THR B 1145 -14.63 -31.14 4.31
N VAL B 1146 -14.89 -30.05 5.03
CA VAL B 1146 -14.06 -29.73 6.18
C VAL B 1146 -14.23 -30.75 7.28
N LEU B 1147 -15.44 -31.26 7.49
CA LEU B 1147 -15.68 -32.29 8.49
C LEU B 1147 -15.20 -33.67 8.06
N ALA B 1148 -14.84 -33.84 6.79
CA ALA B 1148 -14.24 -35.09 6.32
C ALA B 1148 -12.73 -35.08 6.41
N MET B 1149 -12.10 -33.90 6.35
CA MET B 1149 -10.66 -33.84 6.54
C MET B 1149 -10.29 -34.00 8.01
N SER B 1150 -11.18 -33.60 8.92
CA SER B 1150 -10.92 -33.80 10.34
C SER B 1150 -10.89 -35.29 10.68
N ASN B 1151 -11.81 -36.07 10.09
CA ASN B 1151 -11.83 -37.49 10.38
C ASN B 1151 -10.61 -38.20 9.81
N LEU B 1152 -10.20 -37.83 8.59
CA LEU B 1152 -9.03 -38.44 7.99
C LEU B 1152 -7.78 -38.13 8.81
N LEU B 1153 -7.65 -36.91 9.30
CA LEU B 1153 -6.46 -36.51 10.05
C LEU B 1153 -6.49 -37.07 11.47
N ASN B 1154 -7.66 -37.17 12.09
CA ASN B 1154 -7.73 -37.65 13.46
C ASN B 1154 -7.18 -39.05 13.60
N ALA B 1155 -7.47 -39.92 12.64
CA ALA B 1155 -7.09 -41.33 12.73
C ALA B 1155 -5.75 -41.63 12.09
N ASN B 1156 -5.08 -40.63 11.51
CA ASN B 1156 -3.82 -40.84 10.79
C ASN B 1156 -2.81 -39.76 11.18
N VAL B 1157 -2.67 -39.49 12.47
CA VAL B 1157 -1.83 -38.38 12.90
C VAL B 1157 -0.40 -38.59 12.44
N ASP B 1158 0.17 -39.77 12.70
CA ASP B 1158 1.55 -40.03 12.30
C ASP B 1158 1.70 -40.02 10.78
N SER B 1159 0.73 -40.60 10.08
CA SER B 1159 0.90 -40.81 8.65
C SER B 1159 0.86 -39.52 7.85
N GLY B 1160 0.02 -38.57 8.24
CA GLY B 1160 -0.23 -37.41 7.39
C GLY B 1160 -0.27 -36.07 8.09
N LEU B 1161 0.44 -35.93 9.20
CA LEU B 1161 0.52 -34.62 9.84
C LEU B 1161 1.36 -33.64 9.03
N MET B 1162 2.39 -34.13 8.34
CA MET B 1162 3.24 -33.26 7.55
C MET B 1162 2.46 -32.61 6.42
N HIS B 1163 1.58 -33.36 5.77
CA HIS B 1163 0.84 -32.83 4.63
C HIS B 1163 -0.19 -31.79 5.01
N SER B 1164 -0.59 -31.73 6.29
CA SER B 1164 -1.66 -30.84 6.70
C SER B 1164 -1.20 -29.56 7.36
N ILE B 1165 0.07 -29.46 7.77
CA ILE B 1165 0.54 -28.28 8.48
C ILE B 1165 0.29 -27.02 7.68
N GLY B 1166 0.17 -27.12 6.36
CA GLY B 1166 -0.09 -25.96 5.54
C GLY B 1166 -1.51 -25.47 5.56
N LEU B 1167 -2.40 -26.14 6.28
CA LEU B 1167 -3.79 -25.70 6.35
C LEU B 1167 -3.99 -24.54 7.31
N GLY B 1168 -3.01 -24.23 8.14
CA GLY B 1168 -3.12 -23.12 9.05
C GLY B 1168 -2.89 -21.76 8.43
N TYR B 1169 -2.53 -21.72 7.14
CA TYR B 1169 -2.37 -20.48 6.40
C TYR B 1169 -3.35 -20.40 5.23
N HIS B 1170 -4.44 -21.15 5.32
CA HIS B 1170 -5.40 -21.20 4.22
C HIS B 1170 -5.99 -19.81 3.99
N LYS B 1171 -6.60 -19.64 2.82
CA LYS B 1171 -7.20 -18.36 2.47
C LYS B 1171 -8.58 -18.16 3.07
N ASP B 1172 -9.21 -19.22 3.56
CA ASP B 1172 -10.54 -19.14 4.16
C ASP B 1172 -10.40 -19.20 5.67
N LEU B 1173 -10.81 -18.12 6.35
CA LEU B 1173 -10.60 -18.04 7.78
C LEU B 1173 -11.41 -19.09 8.54
N GLN B 1174 -12.55 -19.51 7.98
CA GLN B 1174 -13.38 -20.50 8.66
C GLN B 1174 -12.80 -21.90 8.58
N THR B 1175 -11.92 -22.17 7.63
CA THR B 1175 -11.22 -23.45 7.61
C THR B 1175 -10.02 -23.45 8.52
N ARG B 1176 -9.37 -22.29 8.70
CA ARG B 1176 -8.28 -22.20 9.66
C ARG B 1176 -8.78 -22.43 11.08
N ALA B 1177 -9.94 -21.90 11.42
CA ALA B 1177 -10.47 -22.09 12.76
C ALA B 1177 -10.72 -23.55 13.05
N THR B 1178 -11.33 -24.27 12.11
CA THR B 1178 -11.59 -25.69 12.32
C THR B 1178 -10.29 -26.47 12.47
N PHE B 1179 -9.30 -26.17 11.63
CA PHE B 1179 -8.06 -26.93 11.67
C PHE B 1179 -7.33 -26.77 13.00
N MET B 1180 -7.38 -25.58 13.59
CA MET B 1180 -6.72 -25.35 14.86
C MET B 1180 -7.42 -26.02 16.02
N GLU B 1181 -8.65 -26.49 15.83
CA GLU B 1181 -9.34 -27.22 16.88
C GLU B 1181 -9.05 -28.71 16.83
N VAL B 1182 -8.67 -29.24 15.67
CA VAL B 1182 -8.26 -30.64 15.58
C VAL B 1182 -6.94 -30.84 16.30
N LEU B 1183 -5.96 -29.96 16.05
CA LEU B 1183 -4.68 -30.06 16.73
C LEU B 1183 -4.84 -29.92 18.24
N THR B 1184 -5.84 -29.15 18.68
CA THR B 1184 -6.04 -28.98 20.12
C THR B 1184 -6.41 -30.30 20.78
N LYS B 1185 -7.29 -31.08 20.14
CA LYS B 1185 -7.65 -32.38 20.69
C LYS B 1185 -6.46 -33.32 20.67
N ILE B 1186 -5.73 -33.36 19.55
CA ILE B 1186 -4.63 -34.31 19.41
C ILE B 1186 -3.58 -34.08 20.48
N LEU B 1187 -3.23 -32.82 20.73
CA LEU B 1187 -2.22 -32.53 21.74
C LEU B 1187 -2.65 -33.04 23.10
N GLN B 1188 -3.95 -32.94 23.43
CA GLN B 1188 -4.43 -33.36 24.73
C GLN B 1188 -4.51 -34.87 24.86
N GLN B 1189 -4.65 -35.60 23.75
CA GLN B 1189 -4.64 -37.06 23.80
C GLN B 1189 -3.22 -37.58 23.74
N GLY B 1190 -2.84 -38.39 24.71
CA GLY B 1190 -1.52 -38.97 24.72
C GLY B 1190 -1.27 -39.81 23.48
N THR B 1191 -0.01 -39.82 23.04
CA THR B 1191 0.34 -40.57 21.83
C THR B 1191 0.01 -42.05 21.99
N GLU B 1192 0.38 -42.63 23.12
CA GLU B 1192 0.03 -44.01 23.43
C GLU B 1192 -0.54 -44.08 24.84
N PHE B 1193 -0.73 -45.30 25.36
CA PHE B 1193 -1.30 -45.47 26.69
C PHE B 1193 -0.53 -44.64 27.72
N ASP B 1194 0.80 -44.82 27.77
CA ASP B 1194 1.66 -44.06 28.67
C ASP B 1194 1.25 -44.21 30.13
N THR B 1195 0.43 -45.21 30.45
CA THR B 1195 -0.09 -45.39 31.81
C THR B 1195 -0.75 -44.11 32.32
N LEU B 1196 -1.42 -43.38 31.43
CA LEU B 1196 -2.08 -42.14 31.76
C LEU B 1196 -3.59 -42.26 31.86
N ALA B 1197 -4.16 -43.42 31.52
CA ALA B 1197 -5.59 -43.61 31.66
C ALA B 1197 -6.01 -43.57 33.11
N GLU B 1198 -5.17 -44.10 34.00
CA GLU B 1198 -5.46 -44.12 35.43
C GLU B 1198 -5.25 -42.77 36.10
N THR B 1199 -4.61 -41.82 35.43
CA THR B 1199 -4.33 -40.51 36.00
C THR B 1199 -5.03 -39.39 35.24
N VAL B 1200 -4.84 -39.32 33.92
CA VAL B 1200 -5.40 -38.21 33.15
C VAL B 1200 -6.93 -38.28 33.15
N LEU B 1201 -7.48 -39.47 32.92
CA LEU B 1201 -8.91 -39.66 32.73
C LEU B 1201 -9.63 -40.20 33.96
N ALA B 1202 -8.89 -40.64 34.99
CA ALA B 1202 -9.54 -41.27 36.14
C ALA B 1202 -10.51 -40.30 36.81
N ASP B 1203 -10.09 -39.05 37.00
CA ASP B 1203 -10.93 -38.05 37.65
C ASP B 1203 -11.76 -37.25 36.66
N ARG B 1204 -11.57 -37.44 35.36
CA ARG B 1204 -12.34 -36.67 34.39
C ARG B 1204 -13.81 -37.07 34.41
N PHE B 1205 -14.09 -38.36 34.52
CA PHE B 1205 -15.45 -38.88 34.53
C PHE B 1205 -15.92 -39.26 35.93
N GLU B 1206 -15.16 -38.92 36.97
CA GLU B 1206 -15.56 -39.29 38.32
C GLU B 1206 -16.89 -38.67 38.69
N ARG B 1207 -17.14 -37.43 38.26
CA ARG B 1207 -18.41 -36.78 38.57
C ARG B 1207 -19.57 -37.40 37.81
N LEU B 1208 -19.31 -38.03 36.66
CA LEU B 1208 -20.40 -38.60 35.88
C LEU B 1208 -21.11 -39.71 36.65
N VAL B 1209 -20.34 -40.63 37.22
CA VAL B 1209 -20.95 -41.77 37.91
C VAL B 1209 -21.68 -41.30 39.17
N GLU B 1210 -21.10 -40.33 39.89
CA GLU B 1210 -21.77 -39.82 41.07
C GLU B 1210 -23.12 -39.20 40.72
N LEU B 1211 -23.28 -38.72 39.49
CA LEU B 1211 -24.57 -38.20 39.07
C LEU B 1211 -25.60 -39.31 38.95
N VAL B 1212 -25.25 -40.41 38.27
CA VAL B 1212 -26.21 -41.47 38.03
C VAL B 1212 -26.52 -42.20 39.34
N THR B 1213 -25.50 -42.49 40.14
CA THR B 1213 -25.71 -43.15 41.42
C THR B 1213 -26.26 -42.20 42.49
N MET B 1214 -26.68 -41.00 42.10
CA MET B 1214 -27.29 -40.07 43.04
C MET B 1214 -28.40 -40.76 43.82
N MET B 1215 -28.22 -40.85 45.14
CA MET B 1215 -29.19 -41.52 46.01
C MET B 1215 -30.39 -40.59 46.18
N GLY B 1216 -31.22 -40.57 45.16
CA GLY B 1216 -32.42 -39.75 45.18
C GLY B 1216 -33.22 -40.01 46.44
N ASP B 1217 -33.74 -38.95 47.07
CA ASP B 1217 -34.43 -39.10 48.34
C ASP B 1217 -35.44 -40.23 48.27
N GLN B 1218 -35.51 -41.02 49.33
CA GLN B 1218 -36.29 -42.25 49.41
C GLN B 1218 -35.74 -43.35 48.51
N GLY B 1219 -34.53 -43.17 47.97
CA GLY B 1219 -33.94 -44.16 47.10
C GLY B 1219 -34.74 -44.34 45.82
N GLU B 1220 -34.79 -43.28 45.00
CA GLU B 1220 -35.58 -43.30 43.78
C GLU B 1220 -34.74 -43.28 42.51
N LEU B 1221 -33.47 -42.89 42.58
CA LEU B 1221 -32.58 -42.90 41.43
C LEU B 1221 -33.25 -42.23 40.23
N PRO B 1222 -33.44 -40.90 40.28
CA PRO B 1222 -34.14 -40.25 39.16
C PRO B 1222 -33.47 -40.44 37.82
N ILE B 1223 -32.14 -40.40 37.78
CA ILE B 1223 -31.44 -40.52 36.52
C ILE B 1223 -31.59 -41.91 35.93
N ALA B 1224 -31.34 -42.93 36.76
CA ALA B 1224 -31.43 -44.31 36.28
C ALA B 1224 -32.85 -44.63 35.82
N MET B 1225 -33.84 -44.35 36.66
CA MET B 1225 -35.22 -44.64 36.29
C MET B 1225 -35.62 -43.86 35.05
N ALA B 1226 -35.26 -42.59 34.98
CA ALA B 1226 -35.52 -41.81 33.77
C ALA B 1226 -34.82 -42.42 32.57
N LEU B 1227 -33.60 -42.90 32.75
CA LEU B 1227 -32.85 -43.48 31.64
C LEU B 1227 -33.56 -44.72 31.10
N ALA B 1228 -34.17 -45.51 31.98
CA ALA B 1228 -34.85 -46.72 31.55
C ALA B 1228 -35.99 -46.43 30.60
N ASN B 1229 -36.79 -45.41 30.90
CA ASN B 1229 -38.04 -45.20 30.18
C ASN B 1229 -37.80 -44.77 28.74
N VAL B 1230 -36.92 -43.79 28.53
CA VAL B 1230 -36.82 -43.13 27.23
C VAL B 1230 -35.91 -43.83 26.24
N VAL B 1231 -35.05 -44.72 26.70
CA VAL B 1231 -34.12 -45.39 25.78
C VAL B 1231 -34.92 -46.30 24.84
N PRO B 1232 -34.55 -46.41 23.57
CA PRO B 1232 -35.29 -47.31 22.67
C PRO B 1232 -35.21 -48.75 23.14
N CYS B 1233 -36.24 -49.52 22.79
CA CYS B 1233 -36.29 -50.93 23.20
C CYS B 1233 -35.12 -51.71 22.61
N SER B 1234 -34.76 -51.42 21.37
CA SER B 1234 -33.66 -52.16 20.74
C SER B 1234 -32.36 -52.00 21.51
N GLN B 1235 -32.22 -50.92 22.28
CA GLN B 1235 -31.00 -50.66 23.03
C GLN B 1235 -31.08 -51.18 24.46
N TRP B 1236 -32.16 -51.87 24.82
CA TRP B 1236 -32.33 -52.31 26.20
C TRP B 1236 -31.26 -53.31 26.64
N ASP B 1237 -30.75 -54.13 25.72
CA ASP B 1237 -29.72 -55.09 26.09
C ASP B 1237 -28.47 -54.38 26.59
N GLU B 1238 -28.08 -53.29 25.93
CA GLU B 1238 -26.92 -52.53 26.35
C GLU B 1238 -27.15 -51.89 27.72
N LEU B 1239 -28.35 -51.37 27.96
CA LEU B 1239 -28.60 -50.63 29.19
C LEU B 1239 -28.44 -51.51 30.42
N ALA B 1240 -28.91 -52.75 30.35
CA ALA B 1240 -28.81 -53.63 31.51
C ALA B 1240 -27.36 -53.91 31.87
N ARG B 1241 -26.51 -54.13 30.86
CA ARG B 1241 -25.10 -54.38 31.13
C ARG B 1241 -24.45 -53.18 31.80
N VAL B 1242 -24.76 -51.98 31.33
CA VAL B 1242 -24.11 -50.78 31.84
C VAL B 1242 -24.55 -50.50 33.28
N LEU B 1243 -25.85 -50.53 33.53
CA LEU B 1243 -26.36 -50.20 34.86
C LEU B 1243 -25.88 -51.22 35.90
N VAL B 1244 -26.01 -52.50 35.61
CA VAL B 1244 -25.67 -53.52 36.59
C VAL B 1244 -24.20 -53.44 36.95
N THR B 1245 -23.33 -53.30 35.96
CA THR B 1245 -21.91 -53.22 36.25
C THR B 1245 -21.59 -51.98 37.08
N LEU B 1246 -22.19 -50.85 36.73
CA LEU B 1246 -21.85 -49.60 37.40
C LEU B 1246 -22.22 -49.64 38.87
N PHE B 1247 -23.48 -49.98 39.18
CA PHE B 1247 -23.92 -49.95 40.57
C PHE B 1247 -23.17 -50.96 41.41
N ASP B 1248 -22.95 -52.16 40.88
CA ASP B 1248 -22.23 -53.18 41.64
C ASP B 1248 -20.83 -52.70 41.99
N SER B 1249 -20.14 -52.07 41.04
CA SER B 1249 -18.81 -51.53 41.32
C SER B 1249 -18.85 -50.51 42.45
N ARG B 1250 -20.00 -49.84 42.63
CA ARG B 1250 -20.17 -48.87 43.71
C ARG B 1250 -20.78 -49.49 44.97
N HIS B 1251 -21.06 -50.79 44.96
CA HIS B 1251 -21.65 -51.47 46.12
C HIS B 1251 -23.03 -50.93 46.44
N LEU B 1252 -23.87 -50.83 45.40
CA LEU B 1252 -25.25 -50.39 45.56
C LEU B 1252 -26.19 -51.22 44.71
N LEU B 1253 -25.85 -52.48 44.46
CA LEU B 1253 -26.65 -53.30 43.55
C LEU B 1253 -28.07 -53.48 44.06
N TYR B 1254 -28.22 -53.70 45.36
CA TYR B 1254 -29.56 -53.89 45.92
C TYR B 1254 -30.47 -52.73 45.58
N GLN B 1255 -29.93 -51.50 45.62
CA GLN B 1255 -30.76 -50.33 45.37
C GLN B 1255 -31.35 -50.37 43.97
N LEU B 1256 -30.54 -50.70 42.98
CA LEU B 1256 -31.03 -50.74 41.60
C LEU B 1256 -32.15 -51.77 41.46
N LEU B 1257 -31.91 -52.98 41.95
CA LEU B 1257 -32.91 -54.03 41.82
C LEU B 1257 -34.18 -53.68 42.59
N TRP B 1258 -34.03 -53.10 43.77
CA TRP B 1258 -35.20 -52.78 44.58
C TRP B 1258 -36.12 -51.82 43.85
N ASN B 1259 -35.57 -50.82 43.17
CA ASN B 1259 -36.38 -49.87 42.42
C ASN B 1259 -36.84 -50.40 41.09
N MET B 1260 -36.28 -51.51 40.61
CA MET B 1260 -36.56 -52.00 39.27
C MET B 1260 -37.66 -53.07 39.26
N PHE B 1261 -37.53 -54.09 40.10
CA PHE B 1261 -38.55 -55.14 40.14
C PHE B 1261 -39.79 -54.69 40.90
N SER B 1262 -39.62 -53.88 41.94
CA SER B 1262 -40.75 -53.50 42.79
C SER B 1262 -41.91 -52.97 41.97
N LYS B 1263 -41.62 -52.17 40.94
CA LYS B 1263 -42.68 -51.61 40.11
C LYS B 1263 -43.48 -52.72 39.42
N GLU B 1264 -42.77 -53.65 38.78
CA GLU B 1264 -43.47 -54.68 38.01
C GLU B 1264 -44.19 -55.67 38.93
N VAL B 1265 -43.56 -56.07 40.03
CA VAL B 1265 -44.18 -57.02 40.94
C VAL B 1265 -45.50 -56.47 41.45
N GLU B 1266 -45.49 -55.23 41.93
CA GLU B 1266 -46.73 -54.62 42.41
C GLU B 1266 -47.65 -54.24 41.26
N LEU B 1267 -47.08 -53.81 40.12
CA LEU B 1267 -47.91 -53.40 38.99
C LEU B 1267 -48.74 -54.57 38.46
N ALA B 1268 -48.12 -55.75 38.35
CA ALA B 1268 -48.78 -56.92 37.78
C ALA B 1268 -48.80 -58.04 38.79
N ASP B 1269 -49.94 -58.74 38.87
CA ASP B 1269 -50.05 -59.89 39.77
C ASP B 1269 -49.21 -61.06 39.30
N SER B 1270 -48.72 -61.03 38.05
CA SER B 1270 -47.85 -62.10 37.57
C SER B 1270 -46.57 -62.18 38.38
N MET B 1271 -46.15 -61.07 38.98
CA MET B 1271 -44.94 -60.99 39.79
C MET B 1271 -43.81 -61.79 39.15
N GLN B 1272 -43.33 -62.84 39.82
CA GLN B 1272 -42.19 -63.59 39.30
C GLN B 1272 -42.44 -64.11 37.89
N THR B 1273 -43.70 -64.41 37.57
CA THR B 1273 -43.99 -64.93 36.23
C THR B 1273 -43.68 -63.91 35.15
N LEU B 1274 -43.85 -62.62 35.45
CA LEU B 1274 -43.63 -61.59 34.44
C LEU B 1274 -42.15 -61.43 34.09
N PHE B 1275 -41.25 -61.91 34.93
CA PHE B 1275 -39.82 -61.72 34.70
C PHE B 1275 -39.25 -62.66 33.65
N ARG B 1276 -40.08 -63.46 32.99
CA ARG B 1276 -39.64 -64.35 31.92
C ARG B 1276 -40.17 -63.95 30.56
N GLY B 1277 -40.70 -62.74 30.43
CA GLY B 1277 -41.08 -62.18 29.15
C GLY B 1277 -39.97 -61.33 28.57
N ASN B 1278 -40.36 -60.30 27.83
CA ASN B 1278 -39.42 -59.33 27.27
C ASN B 1278 -39.69 -57.98 27.92
N SER B 1279 -38.76 -57.53 28.75
CA SER B 1279 -38.88 -56.26 29.44
C SER B 1279 -37.56 -56.00 30.15
N LEU B 1280 -37.29 -54.73 30.42
CA LEU B 1280 -35.99 -54.35 30.96
C LEU B 1280 -35.74 -55.06 32.29
N ALA B 1281 -36.75 -55.17 33.14
CA ALA B 1281 -36.58 -55.87 34.41
C ALA B 1281 -36.23 -57.33 34.20
N SER B 1282 -36.68 -57.92 33.10
CA SER B 1282 -36.37 -59.32 32.82
C SER B 1282 -34.95 -59.49 32.28
N LYS B 1283 -34.45 -58.51 31.53
CA LYS B 1283 -33.11 -58.64 30.96
C LYS B 1283 -32.03 -58.43 32.01
N ILE B 1284 -32.31 -57.62 33.03
CA ILE B 1284 -31.35 -57.48 34.12
C ILE B 1284 -31.21 -58.79 34.87
N MET B 1285 -32.30 -59.55 35.01
CA MET B 1285 -32.22 -60.85 35.65
C MET B 1285 -31.34 -61.81 34.87
N THR B 1286 -31.63 -61.94 33.57
CA THR B 1286 -30.84 -62.85 32.74
C THR B 1286 -29.36 -62.51 32.79
N PHE B 1287 -29.03 -61.22 32.77
CA PHE B 1287 -27.63 -60.81 32.81
C PHE B 1287 -26.98 -61.29 34.10
N CYS B 1288 -27.64 -61.11 35.25
CA CYS B 1288 -27.05 -61.52 36.52
C CYS B 1288 -26.83 -63.03 36.56
N PHE B 1289 -27.80 -63.80 36.09
CA PHE B 1289 -27.64 -65.26 36.09
C PHE B 1289 -26.53 -65.69 35.15
N LYS B 1290 -26.43 -65.05 33.98
CA LYS B 1290 -25.53 -65.55 32.95
C LYS B 1290 -24.09 -65.12 33.16
N VAL B 1291 -23.84 -64.16 34.05
CA VAL B 1291 -22.49 -63.66 34.30
C VAL B 1291 -21.97 -64.04 35.67
N TYR B 1292 -22.81 -63.93 36.70
CA TYR B 1292 -22.37 -64.21 38.06
C TYR B 1292 -22.64 -65.63 38.51
N GLY B 1293 -23.47 -66.38 37.78
CA GLY B 1293 -23.84 -67.71 38.20
C GLY B 1293 -23.26 -68.81 37.34
N ALA B 1294 -22.65 -68.45 36.21
CA ALA B 1294 -22.11 -69.46 35.31
C ALA B 1294 -21.02 -70.28 35.99
N THR B 1295 -20.13 -69.62 36.72
CA THR B 1295 -19.04 -70.33 37.39
C THR B 1295 -19.54 -71.17 38.56
N TYR B 1296 -20.64 -70.76 39.19
CA TYR B 1296 -21.16 -71.53 40.30
C TYR B 1296 -21.63 -72.91 39.86
N LEU B 1297 -22.32 -72.98 38.71
CA LEU B 1297 -22.81 -74.26 38.23
C LEU B 1297 -21.66 -75.17 37.79
N GLN B 1298 -20.66 -74.60 37.13
CA GLN B 1298 -19.58 -75.43 36.59
C GLN B 1298 -18.85 -76.16 37.71
N LYS B 1299 -18.52 -75.46 38.79
CA LYS B 1299 -17.79 -76.08 39.87
C LYS B 1299 -18.65 -77.06 40.67
N LEU B 1300 -19.96 -77.09 40.43
CA LEU B 1300 -20.87 -77.95 41.17
C LEU B 1300 -21.22 -79.21 40.38
N LEU B 1301 -21.73 -79.04 39.17
CA LEU B 1301 -22.23 -80.17 38.39
C LEU B 1301 -21.13 -80.91 37.63
N ASP B 1302 -19.95 -80.34 37.47
CA ASP B 1302 -18.92 -80.98 36.65
C ASP B 1302 -18.48 -82.32 37.22
N PRO B 1303 -18.04 -82.43 38.47
CA PRO B 1303 -17.59 -83.74 38.96
C PRO B 1303 -18.69 -84.80 38.95
N LEU B 1304 -19.94 -84.41 39.22
CA LEU B 1304 -21.02 -85.38 39.26
C LEU B 1304 -21.28 -85.97 37.88
N LEU B 1305 -21.37 -85.12 36.85
CA LEU B 1305 -21.62 -85.61 35.50
C LEU B 1305 -20.51 -86.55 35.05
N ARG B 1306 -19.28 -86.31 35.51
CA ARG B 1306 -18.18 -87.19 35.14
C ARG B 1306 -18.42 -88.61 35.63
N ILE B 1307 -18.96 -88.76 36.84
CA ILE B 1307 -19.15 -90.08 37.42
C ILE B 1307 -20.11 -90.90 36.57
N VAL B 1308 -21.28 -90.33 36.26
CA VAL B 1308 -22.28 -91.09 35.52
C VAL B 1308 -21.82 -91.33 34.08
N ILE B 1309 -21.16 -90.34 33.48
CA ILE B 1309 -20.85 -90.43 32.06
C ILE B 1309 -19.77 -91.48 31.80
N THR B 1310 -18.75 -91.54 32.64
CA THR B 1310 -17.56 -92.33 32.35
C THR B 1310 -17.28 -93.46 33.33
N SER B 1311 -17.68 -93.32 34.59
CA SER B 1311 -17.32 -94.32 35.59
C SER B 1311 -17.83 -95.70 35.19
N SER B 1312 -17.04 -96.72 35.50
CA SER B 1312 -17.38 -98.08 35.10
C SER B 1312 -18.68 -98.53 35.76
N ASP B 1313 -18.90 -98.16 37.02
CA ASP B 1313 -20.09 -98.62 37.73
C ASP B 1313 -21.37 -98.29 36.98
N TRP B 1314 -21.37 -97.17 36.24
CA TRP B 1314 -22.55 -96.73 35.51
C TRP B 1314 -22.44 -96.99 34.01
N GLN B 1315 -21.52 -97.87 33.60
CA GLN B 1315 -21.32 -98.12 32.17
C GLN B 1315 -22.58 -98.69 31.53
N HIS B 1316 -23.23 -99.65 32.19
CA HIS B 1316 -24.41 -100.32 31.66
C HIS B 1316 -25.57 -100.09 32.63
N VAL B 1317 -26.30 -99.00 32.42
CA VAL B 1317 -27.42 -98.62 33.27
C VAL B 1317 -28.47 -97.94 32.40
N SER B 1318 -29.73 -98.03 32.85
CA SER B 1318 -30.84 -97.35 32.20
C SER B 1318 -31.71 -96.69 33.25
N PHE B 1319 -32.39 -95.62 32.85
CA PHE B 1319 -33.25 -94.85 33.73
C PHE B 1319 -34.66 -94.79 33.15
N GLU B 1320 -35.10 -95.88 32.54
CA GLU B 1320 -36.40 -95.93 31.87
C GLU B 1320 -37.40 -96.59 32.81
N VAL B 1321 -38.33 -95.78 33.32
CA VAL B 1321 -39.38 -96.27 34.21
C VAL B 1321 -40.76 -96.10 33.58
N ASP B 1322 -40.85 -96.07 32.25
CA ASP B 1322 -42.12 -96.00 31.56
C ASP B 1322 -42.48 -97.38 31.04
N PRO B 1323 -43.46 -98.07 31.63
CA PRO B 1323 -43.79 -99.42 31.12
C PRO B 1323 -44.14 -99.43 29.65
N THR B 1324 -44.84 -98.40 29.17
CA THR B 1324 -45.19 -98.33 27.75
C THR B 1324 -43.93 -98.30 26.89
N ARG B 1325 -42.93 -97.52 27.30
CA ARG B 1325 -41.68 -97.43 26.56
C ARG B 1325 -40.65 -98.45 27.01
N LEU B 1326 -40.84 -99.08 28.16
CA LEU B 1326 -39.87 -100.04 28.66
C LEU B 1326 -39.67 -101.18 27.67
N GLU B 1327 -38.42 -101.58 27.49
CA GLU B 1327 -38.11 -102.70 26.61
C GLU B 1327 -38.34 -104.03 27.33
N PRO B 1328 -38.55 -105.11 26.58
CA PRO B 1328 -38.80 -106.40 27.24
C PRO B 1328 -37.69 -106.83 28.18
N SER B 1329 -36.43 -106.59 27.81
CA SER B 1329 -35.32 -107.02 28.65
C SER B 1329 -35.15 -106.14 29.88
N GLU B 1330 -35.56 -104.87 29.80
CA GLU B 1330 -35.40 -103.97 30.92
C GLU B 1330 -36.25 -104.41 32.10
N SER B 1331 -35.71 -104.23 33.31
CA SER B 1331 -36.40 -104.58 34.54
C SER B 1331 -36.84 -103.30 35.24
N LEU B 1332 -38.14 -103.19 35.49
CA LEU B 1332 -38.67 -101.98 36.10
C LEU B 1332 -38.07 -101.75 37.48
N GLU B 1333 -37.94 -102.80 38.28
CA GLU B 1333 -37.34 -102.66 39.60
C GLU B 1333 -35.90 -102.17 39.48
N GLU B 1334 -35.14 -102.73 38.54
CA GLU B 1334 -33.75 -102.31 38.37
C GLU B 1334 -33.67 -100.84 37.95
N ASN B 1335 -34.55 -100.42 37.04
CA ASN B 1335 -34.50 -99.04 36.57
C ASN B 1335 -34.86 -98.06 37.68
N GLN B 1336 -35.93 -98.35 38.44
CA GLN B 1336 -36.37 -97.39 39.45
C GLN B 1336 -35.32 -97.19 40.53
N ARG B 1337 -34.69 -98.26 40.99
CA ARG B 1337 -33.70 -98.13 42.07
C ARG B 1337 -32.49 -97.33 41.59
N ASN B 1338 -32.03 -97.56 40.36
CA ASN B 1338 -30.87 -96.85 39.86
C ASN B 1338 -31.15 -95.35 39.78
N LEU B 1339 -32.32 -94.98 39.26
CA LEU B 1339 -32.65 -93.56 39.14
C LEU B 1339 -32.66 -92.90 40.52
N LEU B 1340 -33.21 -93.58 41.52
CA LEU B 1340 -33.32 -92.98 42.85
C LEU B 1340 -31.95 -92.65 43.42
N GLN B 1341 -30.96 -93.53 43.21
CA GLN B 1341 -29.63 -93.27 43.74
C GLN B 1341 -29.02 -92.02 43.13
N MET B 1342 -29.19 -91.83 41.83
CA MET B 1342 -28.62 -90.65 41.19
C MET B 1342 -29.18 -89.37 41.78
N THR B 1343 -30.49 -89.30 41.96
CA THR B 1343 -31.09 -88.10 42.53
C THR B 1343 -30.54 -87.82 43.92
N GLU B 1344 -30.13 -88.86 44.64
CA GLU B 1344 -29.49 -88.64 45.93
C GLU B 1344 -28.16 -87.92 45.78
N LYS B 1345 -27.39 -88.28 44.75
CA LYS B 1345 -26.10 -87.60 44.54
C LYS B 1345 -26.31 -86.13 44.23
N PHE B 1346 -27.15 -85.83 43.24
CA PHE B 1346 -27.31 -84.44 42.80
C PHE B 1346 -27.96 -83.59 43.89
N PHE B 1347 -29.07 -84.06 44.45
CA PHE B 1347 -29.78 -83.24 45.43
C PHE B 1347 -28.90 -82.96 46.65
N HIS B 1348 -28.18 -83.98 47.12
CA HIS B 1348 -27.34 -83.78 48.29
C HIS B 1348 -26.25 -82.75 48.00
N ALA B 1349 -25.68 -82.79 46.80
CA ALA B 1349 -24.59 -81.87 46.47
C ALA B 1349 -25.06 -80.42 46.51
N ILE B 1350 -26.26 -80.16 45.99
CA ILE B 1350 -26.76 -78.79 45.94
C ILE B 1350 -26.90 -78.23 47.36
N ILE B 1351 -27.44 -79.04 48.28
CA ILE B 1351 -27.76 -78.53 49.61
C ILE B 1351 -26.49 -78.06 50.33
N SER B 1352 -25.40 -78.80 50.18
CA SER B 1352 -24.17 -78.46 50.88
C SER B 1352 -23.44 -77.27 50.27
N SER B 1353 -23.87 -76.78 49.11
CA SER B 1353 -23.16 -75.73 48.39
C SER B 1353 -23.73 -74.35 48.64
N SER B 1354 -24.31 -74.12 49.83
CA SER B 1354 -24.82 -72.79 50.14
C SER B 1354 -23.69 -71.79 50.31
N SER B 1355 -22.59 -72.22 50.92
CA SER B 1355 -21.49 -71.31 51.21
C SER B 1355 -20.91 -70.70 49.94
N GLU B 1356 -20.92 -71.45 48.84
CA GLU B 1356 -20.32 -71.00 47.59
C GLU B 1356 -21.30 -70.22 46.71
N PHE B 1357 -22.50 -69.95 47.20
CA PHE B 1357 -23.45 -69.21 46.40
C PHE B 1357 -22.90 -67.81 46.14
N PRO B 1358 -22.88 -67.34 44.88
CA PRO B 1358 -22.24 -66.06 44.58
C PRO B 1358 -22.88 -64.92 45.37
N PRO B 1359 -22.08 -63.99 45.92
CA PRO B 1359 -22.68 -62.85 46.61
C PRO B 1359 -23.59 -62.02 45.73
N GLN B 1360 -23.30 -61.95 44.43
CA GLN B 1360 -24.13 -61.14 43.54
C GLN B 1360 -25.54 -61.68 43.46
N LEU B 1361 -25.71 -63.00 43.43
CA LEU B 1361 -27.02 -63.61 43.29
C LEU B 1361 -27.82 -63.63 44.58
N ARG B 1362 -27.16 -63.54 45.74
CA ARG B 1362 -27.92 -63.50 46.98
C ARG B 1362 -28.79 -62.26 47.06
N SER B 1363 -28.29 -61.12 46.55
CA SER B 1363 -29.09 -59.91 46.54
C SER B 1363 -30.32 -60.07 45.65
N VAL B 1364 -30.17 -60.72 44.50
CA VAL B 1364 -31.30 -60.93 43.61
C VAL B 1364 -32.37 -61.76 44.32
N CYS B 1365 -31.95 -62.83 45.00
CA CYS B 1365 -32.92 -63.67 45.71
C CYS B 1365 -33.62 -62.89 46.82
N HIS B 1366 -32.87 -62.09 47.57
CA HIS B 1366 -33.48 -61.37 48.68
C HIS B 1366 -34.54 -60.40 48.18
N CYS B 1367 -34.28 -59.69 47.09
CA CYS B 1367 -35.25 -58.71 46.60
C CYS B 1367 -36.57 -59.37 46.26
N LEU B 1368 -36.52 -60.53 45.60
CA LEU B 1368 -37.75 -61.26 45.33
C LEU B 1368 -38.45 -61.67 46.62
N TYR B 1369 -37.67 -62.07 47.63
CA TYR B 1369 -38.25 -62.44 48.91
C TYR B 1369 -38.94 -61.25 49.56
N GLN B 1370 -38.29 -60.09 49.55
CA GLN B 1370 -38.91 -58.88 50.10
C GLN B 1370 -40.10 -58.45 49.26
N ALA B 1371 -39.91 -58.37 47.94
CA ALA B 1371 -41.00 -57.91 47.08
C ALA B 1371 -42.22 -58.81 47.21
N THR B 1372 -42.02 -60.12 47.20
CA THR B 1372 -43.13 -61.04 47.42
C THR B 1372 -43.67 -60.92 48.84
N CYS B 1373 -42.79 -60.77 49.82
CA CYS B 1373 -43.23 -60.62 51.20
C CYS B 1373 -44.09 -59.38 51.36
N HIS B 1374 -43.67 -58.25 50.78
CA HIS B 1374 -44.50 -57.06 50.80
C HIS B 1374 -45.73 -57.22 49.92
N SER B 1375 -45.63 -58.02 48.84
CA SER B 1375 -46.78 -58.23 47.98
C SER B 1375 -47.92 -58.88 48.76
N LEU B 1376 -47.61 -59.87 49.59
CA LEU B 1376 -48.63 -60.48 50.45
C LEU B 1376 -49.13 -59.48 51.48
N LEU B 1377 -48.24 -58.63 51.99
CA LEU B 1377 -48.63 -57.70 53.04
C LEU B 1377 -49.74 -56.76 52.56
N ASN B 1378 -49.61 -56.22 51.36
CA ASN B 1378 -50.63 -55.32 50.82
C ASN B 1378 -51.80 -56.07 50.21
N LYS B 1379 -51.73 -57.40 50.11
CA LYS B 1379 -52.85 -58.20 49.61
C LYS B 1379 -53.42 -59.06 50.72
N PRO B 1398 -52.15 -68.68 53.03
CA PRO B 1398 -50.94 -69.21 53.67
C PRO B 1398 -49.75 -69.26 52.71
N GLN B 1399 -49.84 -68.53 51.61
CA GLN B 1399 -48.75 -68.50 50.64
C GLN B 1399 -47.46 -68.02 51.31
N ASN B 1400 -46.35 -68.68 50.99
CA ASN B 1400 -45.05 -68.36 51.57
C ASN B 1400 -44.18 -67.67 50.53
N SER B 1401 -43.47 -66.62 50.98
CA SER B 1401 -42.55 -65.93 50.08
C SER B 1401 -41.44 -66.85 49.62
N ILE B 1402 -40.85 -67.62 50.53
CA ILE B 1402 -39.78 -68.54 50.16
C ILE B 1402 -40.25 -69.57 49.16
N GLY B 1403 -41.55 -69.91 49.18
CA GLY B 1403 -42.04 -70.91 48.26
C GLY B 1403 -41.82 -70.53 46.81
N ALA B 1404 -42.11 -69.27 46.47
CA ALA B 1404 -41.96 -68.83 45.09
C ALA B 1404 -40.49 -68.60 44.74
N VAL B 1405 -39.70 -68.09 45.68
CA VAL B 1405 -38.29 -67.84 45.42
C VAL B 1405 -37.58 -69.13 45.06
N GLY B 1406 -37.75 -70.17 45.89
CA GLY B 1406 -37.09 -71.43 45.62
C GLY B 1406 -37.52 -72.05 44.31
N SER B 1407 -38.82 -72.01 44.01
CA SER B 1407 -39.31 -72.56 42.76
C SER B 1407 -38.77 -71.78 41.56
N ALA B 1408 -38.77 -70.45 41.65
CA ALA B 1408 -38.27 -69.66 40.54
C ALA B 1408 -36.80 -69.91 40.29
N MET B 1409 -36.00 -69.99 41.36
CA MET B 1409 -34.57 -70.22 41.20
C MET B 1409 -34.30 -71.54 40.50
N PHE B 1410 -34.93 -72.62 40.97
CA PHE B 1410 -34.71 -73.92 40.36
C PHE B 1410 -35.18 -73.94 38.90
N LEU B 1411 -36.36 -73.37 38.64
CA LEU B 1411 -36.95 -73.50 37.31
C LEU B 1411 -36.27 -72.60 36.29
N ARG B 1412 -35.53 -71.59 36.74
CA ARG B 1412 -34.93 -70.62 35.83
C ARG B 1412 -33.42 -70.60 35.83
N PHE B 1413 -32.77 -71.14 36.86
CA PHE B 1413 -31.31 -71.10 36.98
C PHE B 1413 -30.67 -72.48 36.88
N ILE B 1414 -31.09 -73.42 37.72
CA ILE B 1414 -30.39 -74.70 37.83
C ILE B 1414 -30.93 -75.74 36.87
N ASN B 1415 -32.26 -75.84 36.76
CA ASN B 1415 -32.83 -76.92 35.95
C ASN B 1415 -32.31 -76.91 34.52
N PRO B 1416 -32.27 -75.78 33.81
CA PRO B 1416 -31.76 -75.83 32.43
C PRO B 1416 -30.34 -76.34 32.32
N ALA B 1417 -29.50 -76.06 33.32
CA ALA B 1417 -28.13 -76.57 33.28
C ALA B 1417 -28.09 -78.08 33.36
N ILE B 1418 -28.92 -78.68 34.22
CA ILE B 1418 -28.89 -80.13 34.39
C ILE B 1418 -29.43 -80.81 33.13
N VAL B 1419 -30.56 -80.33 32.63
CA VAL B 1419 -31.24 -81.03 31.53
C VAL B 1419 -30.33 -81.09 30.31
N SER B 1420 -29.68 -79.97 29.97
CA SER B 1420 -28.83 -79.87 28.79
C SER B 1420 -27.50 -79.27 29.21
N PRO B 1421 -26.58 -80.09 29.73
CA PRO B 1421 -25.28 -79.55 30.13
C PRO B 1421 -24.37 -79.22 28.97
N TYR B 1422 -24.49 -79.93 27.85
CA TYR B 1422 -23.64 -79.67 26.70
C TYR B 1422 -23.89 -78.27 26.14
N GLU B 1423 -25.15 -77.91 25.98
CA GLU B 1423 -25.50 -76.62 25.42
C GLU B 1423 -25.29 -75.48 26.40
N ALA B 1424 -24.73 -75.75 27.57
CA ALA B 1424 -24.39 -74.73 28.54
C ALA B 1424 -22.88 -74.58 28.72
N GLY B 1425 -22.08 -75.33 27.97
CA GLY B 1425 -20.65 -75.23 28.07
C GLY B 1425 -20.03 -76.04 29.19
N ILE B 1426 -20.82 -76.83 29.92
CA ILE B 1426 -20.27 -77.66 30.99
C ILE B 1426 -19.60 -78.91 30.44
N LEU B 1427 -19.95 -79.33 29.23
CA LEU B 1427 -19.47 -80.59 28.67
C LEU B 1427 -18.97 -80.35 27.26
N ASP B 1428 -18.06 -81.22 26.82
CA ASP B 1428 -17.43 -81.05 25.52
C ASP B 1428 -18.17 -81.75 24.39
N LYS B 1429 -18.84 -82.86 24.67
CA LYS B 1429 -19.58 -83.60 23.65
C LYS B 1429 -20.93 -84.01 24.21
N LYS B 1430 -21.90 -84.16 23.32
CA LYS B 1430 -23.26 -84.43 23.74
C LYS B 1430 -23.32 -85.76 24.50
N PRO B 1431 -24.09 -85.84 25.58
CA PRO B 1431 -24.11 -87.08 26.37
C PRO B 1431 -24.77 -88.21 25.60
N PRO B 1432 -24.52 -89.46 25.96
CA PRO B 1432 -25.19 -90.56 25.30
C PRO B 1432 -26.69 -90.48 25.53
N PRO B 1433 -27.49 -91.02 24.61
CA PRO B 1433 -28.95 -90.94 24.80
C PRO B 1433 -29.43 -91.57 26.10
N ARG B 1434 -28.79 -92.65 26.55
CA ARG B 1434 -29.21 -93.29 27.80
C ARG B 1434 -29.16 -92.31 28.96
N ILE B 1435 -28.04 -91.60 29.10
CA ILE B 1435 -27.91 -90.68 30.21
C ILE B 1435 -28.84 -89.49 30.04
N GLU B 1436 -29.15 -89.13 28.79
CA GLU B 1436 -30.03 -87.98 28.57
C GLU B 1436 -31.40 -88.20 29.19
N ARG B 1437 -31.97 -89.39 29.02
CA ARG B 1437 -33.26 -89.67 29.64
C ARG B 1437 -33.17 -89.61 31.15
N GLY B 1438 -32.11 -90.18 31.72
CA GLY B 1438 -31.95 -90.12 33.17
C GLY B 1438 -31.93 -88.70 33.70
N LEU B 1439 -31.23 -87.80 33.00
CA LEU B 1439 -31.17 -86.41 33.43
C LEU B 1439 -32.53 -85.74 33.35
N LYS B 1440 -33.26 -85.98 32.26
CA LYS B 1440 -34.55 -85.31 32.09
C LYS B 1440 -35.53 -85.72 33.17
N LEU B 1441 -35.62 -87.01 33.47
CA LEU B 1441 -36.53 -87.46 34.52
C LEU B 1441 -36.13 -86.87 35.87
N MET B 1442 -34.84 -86.87 36.18
CA MET B 1442 -34.39 -86.35 37.46
C MET B 1442 -34.80 -84.89 37.64
N SER B 1443 -34.91 -84.14 36.54
CA SER B 1443 -35.33 -82.75 36.64
C SER B 1443 -36.75 -82.65 37.20
N LYS B 1444 -37.65 -83.53 36.73
CA LYS B 1444 -39.03 -83.49 37.22
C LYS B 1444 -39.09 -83.83 38.70
N ILE B 1445 -38.28 -84.80 39.14
CA ILE B 1445 -38.27 -85.16 40.56
C ILE B 1445 -37.74 -84.00 41.40
N LEU B 1446 -36.66 -83.36 40.97
CA LEU B 1446 -36.13 -82.24 41.72
C LEU B 1446 -37.07 -81.06 41.72
N GLN B 1447 -37.76 -80.81 40.60
CA GLN B 1447 -38.69 -79.70 40.53
C GLN B 1447 -39.83 -79.88 41.52
N SER B 1448 -40.35 -81.11 41.64
CA SER B 1448 -41.49 -81.34 42.52
C SER B 1448 -41.11 -81.04 43.97
N ILE B 1449 -39.90 -81.41 44.38
CA ILE B 1449 -39.47 -81.12 45.75
C ILE B 1449 -39.51 -79.62 46.01
N ALA B 1450 -39.02 -78.83 45.06
CA ALA B 1450 -39.02 -77.39 45.24
C ALA B 1450 -40.43 -76.84 45.38
N ASN B 1451 -41.36 -77.31 44.55
CA ASN B 1451 -42.73 -76.81 44.60
C ASN B 1451 -43.49 -77.29 45.83
N HIS B 1452 -42.94 -78.25 46.57
CA HIS B 1452 -43.63 -78.82 47.73
C HIS B 1452 -44.94 -79.48 47.30
N VAL B 1453 -44.84 -80.36 46.30
CA VAL B 1453 -45.99 -81.03 45.72
C VAL B 1453 -45.65 -82.51 45.56
N LEU B 1454 -46.67 -83.32 45.38
CA LEU B 1454 -46.54 -84.75 45.16
C LEU B 1454 -47.02 -85.13 43.77
N PHE B 1455 -46.75 -86.36 43.38
CA PHE B 1455 -47.07 -86.84 42.05
C PHE B 1455 -48.50 -87.38 41.99
N THR B 1456 -49.27 -86.87 41.03
CA THR B 1456 -50.63 -87.35 40.79
C THR B 1456 -50.91 -87.27 39.30
N LYS B 1457 -51.68 -88.23 38.80
CA LYS B 1457 -52.07 -88.37 37.40
C LYS B 1457 -50.95 -88.96 36.56
N GLU B 1458 -49.77 -89.23 37.13
CA GLU B 1458 -48.64 -89.81 36.41
C GLU B 1458 -48.14 -91.02 37.18
N GLU B 1459 -48.74 -92.18 36.90
CA GLU B 1459 -48.38 -93.39 37.63
C GLU B 1459 -46.91 -93.76 37.46
N HIS B 1460 -46.27 -93.29 36.38
CA HIS B 1460 -44.85 -93.59 36.18
C HIS B 1460 -44.03 -93.10 37.35
N MET B 1461 -44.26 -91.86 37.78
CA MET B 1461 -43.46 -91.23 38.82
C MET B 1461 -44.07 -91.39 40.22
N ARG B 1462 -45.26 -91.97 40.33
CA ARG B 1462 -45.87 -92.13 41.65
C ARG B 1462 -44.98 -92.87 42.63
N PRO B 1463 -44.27 -93.93 42.25
CA PRO B 1463 -43.47 -94.66 43.25
C PRO B 1463 -42.49 -93.79 44.00
N PHE B 1464 -42.09 -92.65 43.46
CA PHE B 1464 -41.12 -91.78 44.09
C PHE B 1464 -41.75 -90.76 45.03
N ASN B 1465 -43.08 -90.70 45.12
CA ASN B 1465 -43.72 -89.68 45.93
C ASN B 1465 -43.34 -89.77 47.39
N ASP B 1466 -42.82 -90.92 47.84
CA ASP B 1466 -42.33 -91.02 49.21
C ASP B 1466 -41.01 -90.30 49.38
N PHE B 1467 -40.12 -90.42 48.39
CA PHE B 1467 -38.81 -89.79 48.49
C PHE B 1467 -38.93 -88.27 48.52
N VAL B 1468 -39.80 -87.72 47.66
CA VAL B 1468 -39.92 -86.26 47.59
C VAL B 1468 -40.46 -85.71 48.91
N LYS B 1469 -41.45 -86.39 49.50
CA LYS B 1469 -42.05 -85.87 50.72
C LYS B 1469 -41.02 -85.77 51.84
N SER B 1470 -40.14 -86.76 51.96
CA SER B 1470 -39.15 -86.74 53.02
C SER B 1470 -38.16 -85.59 52.86
N ASN B 1471 -38.08 -84.99 51.68
CA ASN B 1471 -37.10 -83.95 51.39
C ASN B 1471 -37.69 -82.54 51.39
N PHE B 1472 -38.97 -82.38 51.73
CA PHE B 1472 -39.55 -81.04 51.78
C PHE B 1472 -38.89 -80.18 52.84
N ASP B 1473 -38.26 -80.79 53.84
CA ASP B 1473 -37.67 -80.03 54.93
C ASP B 1473 -36.34 -79.41 54.54
N ALA B 1474 -35.37 -80.25 54.15
CA ALA B 1474 -34.04 -79.76 53.83
C ALA B 1474 -34.08 -78.72 52.71
N ALA B 1475 -35.01 -78.87 51.76
CA ALA B 1475 -35.11 -77.88 50.69
C ALA B 1475 -35.40 -76.50 51.23
N ARG B 1476 -36.35 -76.39 52.15
CA ARG B 1476 -36.68 -75.08 52.70
C ARG B 1476 -35.49 -74.46 53.42
N ARG B 1477 -34.77 -75.26 54.21
CA ARG B 1477 -33.62 -74.73 54.94
C ARG B 1477 -32.59 -74.17 53.98
N PHE B 1478 -32.39 -74.81 52.83
CA PHE B 1478 -31.42 -74.30 51.86
C PHE B 1478 -31.85 -72.95 51.31
N PHE B 1479 -33.09 -72.85 50.84
CA PHE B 1479 -33.60 -71.57 50.35
C PHE B 1479 -33.48 -70.49 51.41
N LEU B 1480 -33.56 -70.87 52.68
CA LEU B 1480 -33.44 -69.89 53.75
C LEU B 1480 -32.06 -69.25 53.77
N ASP B 1481 -31.01 -70.05 53.60
CA ASP B 1481 -29.65 -69.51 53.71
C ASP B 1481 -29.40 -68.45 52.65
N ILE B 1482 -29.79 -68.72 51.40
CA ILE B 1482 -29.52 -67.78 50.32
C ILE B 1482 -30.36 -66.53 50.49
N ALA B 1483 -31.62 -66.68 50.89
CA ALA B 1483 -32.57 -65.58 50.92
C ALA B 1483 -32.67 -64.90 52.28
N SER B 1484 -31.87 -65.31 53.26
CA SER B 1484 -31.93 -64.73 54.61
C SER B 1484 -30.93 -63.60 54.79
N ASP B 1485 -30.23 -63.21 53.74
CA ASP B 1485 -29.31 -62.08 53.84
C ASP B 1485 -30.10 -60.82 54.13
N CYS B 1486 -29.44 -59.87 54.80
CA CYS B 1486 -30.10 -58.64 55.18
C CYS B 1486 -30.49 -57.84 53.94
N PRO B 1487 -31.54 -57.03 54.02
CA PRO B 1487 -31.88 -56.17 52.87
C PRO B 1487 -30.74 -55.27 52.47
N THR B 1488 -29.93 -54.83 53.43
CA THR B 1488 -28.70 -54.10 53.16
C THR B 1488 -27.55 -54.87 53.79
N SER B 1489 -26.45 -55.01 53.04
CA SER B 1489 -25.34 -55.84 53.50
C SER B 1489 -24.56 -55.14 54.61
N ASP B 1490 -25.20 -54.97 55.77
CA ASP B 1490 -24.50 -54.36 56.90
C ASP B 1490 -23.45 -55.29 57.47
N ALA B 1491 -23.78 -56.58 57.61
CA ALA B 1491 -22.83 -57.53 58.17
C ALA B 1491 -21.61 -57.69 57.27
N VAL B 1492 -21.84 -57.82 55.96
CA VAL B 1492 -20.77 -58.02 54.99
C VAL B 1492 -20.58 -56.73 54.21
N ASN B 1493 -19.38 -56.17 54.27
CA ASN B 1493 -19.09 -54.92 53.59
C ASN B 1493 -17.65 -54.91 53.13
N HIS B 1494 -17.40 -54.24 52.01
CA HIS B 1494 -16.05 -54.03 51.50
C HIS B 1494 -16.07 -52.85 50.56
N SER B 1495 -14.91 -52.25 50.34
CA SER B 1495 -14.76 -51.06 49.50
C SER B 1495 -13.57 -51.26 48.56
N LEU B 1496 -13.85 -51.82 47.38
CA LEU B 1496 -12.83 -51.95 46.34
C LEU B 1496 -12.86 -50.77 45.36
N SER B 1497 -14.05 -50.34 44.96
CA SER B 1497 -14.21 -49.14 44.13
C SER B 1497 -13.45 -49.28 42.81
N PHE B 1498 -13.85 -50.27 42.02
CA PHE B 1498 -13.24 -50.47 40.71
C PHE B 1498 -13.45 -49.24 39.84
N ILE B 1499 -12.39 -48.84 39.12
CA ILE B 1499 -12.49 -47.69 38.25
C ILE B 1499 -13.40 -48.01 37.06
N SER B 1500 -13.19 -49.17 36.44
CA SER B 1500 -14.01 -49.62 35.31
C SER B 1500 -14.05 -48.58 34.21
N ASP B 1501 -12.87 -48.16 33.76
CA ASP B 1501 -12.78 -47.09 32.78
C ASP B 1501 -13.46 -47.46 31.48
N GLY B 1502 -13.24 -48.68 30.99
CA GLY B 1502 -13.80 -49.06 29.70
C GLY B 1502 -15.31 -49.05 29.68
N ASN B 1503 -15.94 -49.27 30.83
CA ASN B 1503 -17.40 -49.28 30.90
C ASN B 1503 -17.98 -47.87 30.86
N VAL B 1504 -17.34 -46.92 31.52
CA VAL B 1504 -17.90 -45.58 31.65
C VAL B 1504 -18.11 -44.96 30.28
N LEU B 1505 -17.20 -45.20 29.35
CA LEU B 1505 -17.36 -44.65 28.01
C LEU B 1505 -18.69 -45.06 27.40
N ALA B 1506 -19.14 -46.28 27.65
CA ALA B 1506 -20.43 -46.72 27.12
C ALA B 1506 -21.57 -45.92 27.73
N LEU B 1507 -21.51 -45.67 29.04
CA LEU B 1507 -22.53 -44.87 29.69
C LEU B 1507 -22.55 -43.45 29.13
N HIS B 1508 -21.39 -42.79 29.13
CA HIS B 1508 -21.31 -41.42 28.62
C HIS B 1508 -21.79 -41.34 27.18
N ARG B 1509 -21.62 -42.41 26.43
CA ARG B 1509 -22.12 -42.45 25.06
C ARG B 1509 -23.64 -42.61 25.02
N LEU B 1510 -24.20 -43.30 26.00
CA LEU B 1510 -25.64 -43.50 26.05
C LEU B 1510 -26.38 -42.23 26.49
N LEU B 1511 -25.83 -41.52 27.48
CA LEU B 1511 -26.46 -40.30 27.96
C LEU B 1511 -26.51 -39.22 26.88
N TRP B 1512 -25.44 -39.10 26.11
CA TRP B 1512 -25.35 -38.00 25.14
C TRP B 1512 -26.46 -38.07 24.11
N ASN B 1513 -26.75 -39.27 23.60
CA ASN B 1513 -27.69 -39.39 22.48
C ASN B 1513 -29.14 -39.15 22.88
N ASN B 1514 -29.44 -39.12 24.18
CA ASN B 1514 -30.81 -38.98 24.66
C ASN B 1514 -30.98 -37.78 25.58
N GLN B 1515 -30.25 -36.69 25.29
CA GLN B 1515 -30.34 -35.51 26.14
C GLN B 1515 -31.74 -34.94 26.17
N GLU B 1516 -32.36 -34.80 25.00
CA GLU B 1516 -33.65 -34.13 24.91
C GLU B 1516 -34.73 -34.88 25.67
N LYS B 1517 -34.86 -36.18 25.42
CA LYS B 1517 -35.92 -36.96 26.03
C LYS B 1517 -35.75 -37.07 27.54
N ILE B 1518 -34.52 -37.30 28.00
CA ILE B 1518 -34.29 -37.45 29.43
C ILE B 1518 -34.69 -36.18 30.17
N GLY B 1519 -34.43 -35.02 29.56
CA GLY B 1519 -34.79 -33.77 30.21
C GLY B 1519 -36.29 -33.64 30.41
N GLN B 1520 -37.07 -34.02 29.40
CA GLN B 1520 -38.53 -33.90 29.52
C GLN B 1520 -39.05 -34.75 30.66
N TYR B 1521 -38.59 -36.00 30.77
CA TYR B 1521 -39.07 -36.87 31.83
C TYR B 1521 -38.76 -36.30 33.21
N LEU B 1522 -37.53 -35.82 33.40
CA LEU B 1522 -37.16 -35.28 34.70
C LEU B 1522 -37.92 -34.00 35.02
N SER B 1523 -38.25 -33.20 34.01
CA SER B 1523 -38.95 -31.95 34.25
C SER B 1523 -40.32 -32.18 34.90
N SER B 1524 -41.04 -33.20 34.43
CA SER B 1524 -42.39 -33.45 34.94
C SER B 1524 -42.37 -33.73 36.43
N ASN B 1525 -41.44 -34.57 36.88
CA ASN B 1525 -41.35 -34.93 38.29
C ASN B 1525 -40.59 -33.85 39.07
N ARG B 1526 -40.47 -34.06 40.37
CA ARG B 1526 -39.85 -33.08 41.26
C ARG B 1526 -40.49 -31.71 41.09
N ASP B 1527 -41.82 -31.68 41.22
CA ASP B 1527 -42.55 -30.43 41.02
C ASP B 1527 -42.39 -29.49 42.20
N HIS B 1528 -42.44 -30.03 43.43
CA HIS B 1528 -42.39 -29.17 44.61
C HIS B 1528 -41.06 -28.42 44.68
N LYS B 1529 -39.96 -29.10 44.39
CA LYS B 1529 -38.65 -28.47 44.26
C LYS B 1529 -38.32 -28.38 42.78
N ALA B 1530 -38.31 -27.15 42.27
CA ALA B 1530 -38.13 -26.95 40.83
C ALA B 1530 -36.81 -27.58 40.38
N VAL B 1531 -36.66 -27.67 39.05
CA VAL B 1531 -35.51 -28.34 38.47
C VAL B 1531 -34.34 -27.36 38.27
N GLY B 1532 -34.43 -26.16 38.83
CA GLY B 1532 -33.35 -25.20 38.68
C GLY B 1532 -32.01 -25.75 39.14
N ARG B 1533 -32.03 -26.67 40.12
CA ARG B 1533 -30.80 -27.36 40.51
C ARG B 1533 -31.04 -28.84 40.77
N ARG B 1534 -32.09 -29.42 40.21
CA ARG B 1534 -32.30 -30.85 40.30
C ARG B 1534 -31.34 -31.57 39.36
N PRO B 1535 -31.16 -32.88 39.55
CA PRO B 1535 -30.26 -33.64 38.68
C PRO B 1535 -30.31 -33.24 37.22
N PHE B 1536 -31.50 -32.91 36.71
CA PHE B 1536 -31.60 -32.53 35.30
C PHE B 1536 -30.75 -31.30 35.00
N ASP B 1537 -30.75 -30.33 35.91
CA ASP B 1537 -29.89 -29.17 35.72
C ASP B 1537 -28.42 -29.55 35.82
N LYS B 1538 -28.07 -30.46 36.71
CA LYS B 1538 -26.70 -30.94 36.80
C LYS B 1538 -26.30 -31.68 35.53
N MET B 1539 -27.22 -32.41 34.92
CA MET B 1539 -26.87 -33.22 33.76
C MET B 1539 -26.48 -32.35 32.58
N ALA B 1540 -27.24 -31.30 32.31
CA ALA B 1540 -26.95 -30.46 31.16
C ALA B 1540 -25.59 -29.78 31.29
N THR B 1541 -25.25 -29.34 32.51
CA THR B 1541 -23.98 -28.67 32.72
C THR B 1541 -22.81 -29.64 32.56
N LEU B 1542 -22.94 -30.84 33.11
CA LEU B 1542 -21.83 -31.79 33.08
C LEU B 1542 -21.61 -32.36 31.69
N LEU B 1543 -22.69 -32.64 30.96
CA LEU B 1543 -22.54 -33.13 29.59
C LEU B 1543 -21.83 -32.12 28.71
N ALA B 1544 -22.18 -30.84 28.86
CA ALA B 1544 -21.53 -29.81 28.06
C ALA B 1544 -20.05 -29.71 28.39
N TYR B 1545 -19.71 -29.89 29.67
CA TYR B 1545 -18.30 -29.84 30.07
C TYR B 1545 -17.50 -30.99 29.45
N LEU B 1546 -18.07 -32.19 29.43
CA LEU B 1546 -17.33 -33.34 28.92
C LEU B 1546 -17.19 -33.29 27.41
N GLY B 1547 -18.23 -32.87 26.71
CA GLY B 1547 -18.17 -32.75 25.26
C GLY B 1547 -18.70 -33.98 24.56
N PRO B 1548 -18.59 -34.00 23.22
CA PRO B 1548 -19.11 -35.14 22.47
C PRO B 1548 -18.32 -36.40 22.76
N PRO B 1549 -18.92 -37.58 22.64
CA PRO B 1549 -18.19 -38.82 22.89
C PRO B 1549 -17.25 -39.16 21.74
N GLU B 1550 -16.37 -40.11 22.02
CA GLU B 1550 -15.41 -40.56 21.03
C GLU B 1550 -16.08 -41.44 19.97
N HIS B 1551 -15.31 -41.82 18.96
CA HIS B 1551 -15.77 -42.74 17.93
C HIS B 1551 -15.27 -44.15 18.25
N LYS B 1552 -16.17 -45.12 18.18
CA LYS B 1552 -15.79 -46.49 18.46
C LYS B 1552 -14.81 -46.99 17.40
N PRO B 1553 -13.82 -47.78 17.78
CA PRO B 1553 -12.85 -48.29 16.80
C PRO B 1553 -13.45 -49.41 15.97
N VAL B 1554 -12.73 -49.79 14.91
CA VAL B 1554 -13.18 -50.87 14.06
C VAL B 1554 -13.21 -52.17 14.87
N ALA B 1555 -14.11 -53.07 14.49
CA ALA B 1555 -14.26 -54.35 15.17
C ALA B 1555 -13.28 -55.37 14.62
N ASP B 1556 -12.63 -56.11 15.51
CA ASP B 1556 -11.62 -57.09 15.14
C ASP B 1556 -12.13 -58.53 15.13
N THR B 1557 -13.42 -58.74 15.34
CA THR B 1557 -13.98 -60.09 15.36
C THR B 1557 -15.38 -60.05 14.76
N HIS B 1558 -16.01 -61.23 14.68
CA HIS B 1558 -17.38 -61.30 14.25
C HIS B 1558 -18.30 -60.80 15.37
N TRP B 1559 -19.58 -60.63 15.05
CA TRP B 1559 -20.54 -60.18 16.04
C TRP B 1559 -20.76 -61.26 17.09
N SER B 1560 -20.85 -60.84 18.35
CA SER B 1560 -21.08 -61.78 19.45
C SER B 1560 -21.94 -61.10 20.49
N SER B 1561 -22.58 -61.92 21.32
CA SER B 1561 -23.47 -61.43 22.37
C SER B 1561 -23.24 -62.17 23.68
N LEU B 1562 -24.10 -61.91 24.67
CA LEU B 1562 -23.94 -62.54 25.97
C LEU B 1562 -24.19 -64.04 25.90
N ASN B 1563 -25.00 -64.50 24.96
CA ASN B 1563 -25.36 -65.91 24.84
C ASN B 1563 -24.29 -66.69 24.08
N LEU B 1564 -23.07 -66.60 24.57
CA LEU B 1564 -21.91 -67.25 23.95
C LEU B 1564 -21.34 -68.27 24.91
N THR B 1565 -21.07 -69.48 24.40
CA THR B 1565 -20.50 -70.55 25.19
C THR B 1565 -19.47 -71.28 24.33
N SER B 1566 -18.83 -72.30 24.92
CA SER B 1566 -17.82 -73.05 24.18
C SER B 1566 -18.44 -73.82 23.02
N SER B 1567 -19.68 -74.28 23.16
CA SER B 1567 -20.29 -75.07 22.10
C SER B 1567 -20.70 -74.20 20.92
N LYS B 1568 -21.30 -73.04 21.19
CA LYS B 1568 -21.78 -72.20 20.10
C LYS B 1568 -20.61 -71.69 19.25
N PHE B 1569 -19.54 -71.24 19.90
CA PHE B 1569 -18.39 -70.74 19.14
C PHE B 1569 -17.77 -71.83 18.29
N GLU B 1570 -17.60 -73.02 18.86
CA GLU B 1570 -17.03 -74.13 18.11
C GLU B 1570 -17.91 -74.50 16.93
N GLU B 1571 -19.22 -74.57 17.15
CA GLU B 1571 -20.14 -74.91 16.07
C GLU B 1571 -20.13 -73.84 14.98
N PHE B 1572 -20.05 -72.57 15.38
CA PHE B 1572 -20.08 -71.49 14.40
C PHE B 1572 -18.90 -71.56 13.44
N MET B 1573 -17.68 -71.68 13.97
CA MET B 1573 -16.51 -71.69 13.11
C MET B 1573 -16.53 -72.89 12.18
N THR B 1574 -17.03 -74.03 12.65
CA THR B 1574 -17.04 -75.22 11.83
C THR B 1574 -17.88 -75.04 10.57
N ARG B 1575 -19.13 -74.59 10.73
CA ARG B 1575 -19.96 -74.36 9.55
C ARG B 1575 -19.47 -73.15 8.76
N HIS B 1576 -18.99 -72.12 9.46
CA HIS B 1576 -18.31 -70.99 8.82
C HIS B 1576 -16.89 -71.45 8.46
N GLN B 1577 -16.82 -72.29 7.43
CA GLN B 1577 -15.60 -73.00 7.10
C GLN B 1577 -14.43 -72.05 6.92
N VAL B 1578 -13.30 -72.39 7.54
CA VAL B 1578 -12.11 -71.55 7.53
C VAL B 1578 -10.86 -72.30 7.11
N HIS B 1579 -10.97 -73.57 6.72
CA HIS B 1579 -9.78 -74.33 6.36
C HIS B 1579 -9.23 -73.94 5.00
N GLU B 1580 -9.99 -73.18 4.20
CA GLU B 1580 -9.57 -72.76 2.88
C GLU B 1580 -9.39 -71.25 2.77
N LYS B 1581 -9.36 -70.53 3.90
CA LYS B 1581 -9.30 -69.07 3.84
C LYS B 1581 -7.97 -68.58 3.29
N GLU B 1582 -6.92 -69.37 3.42
CA GLU B 1582 -5.57 -68.97 2.98
C GLU B 1582 -4.96 -67.95 3.94
N GLU B 1583 -5.74 -67.48 4.90
CA GLU B 1583 -5.21 -66.76 6.06
C GLU B 1583 -5.17 -67.63 7.30
N PHE B 1584 -5.97 -68.69 7.35
CA PHE B 1584 -5.87 -69.68 8.42
C PHE B 1584 -4.69 -70.60 8.21
N LYS B 1585 -4.37 -70.93 6.96
CA LYS B 1585 -3.22 -71.79 6.68
C LYS B 1585 -1.91 -71.14 7.09
N ALA B 1586 -1.77 -69.84 6.80
CA ALA B 1586 -0.53 -69.15 7.13
C ALA B 1586 -0.24 -69.16 8.62
N LEU B 1587 -1.26 -69.25 9.47
CA LEU B 1587 -1.04 -69.27 10.90
C LEU B 1587 -0.19 -70.45 11.32
N LYS B 1588 -0.34 -71.59 10.64
CA LYS B 1588 0.46 -72.76 10.99
C LYS B 1588 1.93 -72.54 10.68
N THR B 1589 2.23 -72.04 9.48
CA THR B 1589 3.62 -71.80 9.10
C THR B 1589 4.25 -70.75 9.99
N LEU B 1590 3.51 -69.69 10.31
CA LEU B 1590 4.04 -68.64 11.17
C LEU B 1590 4.49 -69.19 12.51
N SER B 1591 3.88 -70.29 12.96
CA SER B 1591 4.27 -70.97 14.20
C SER B 1591 4.04 -70.07 15.42
N ILE B 1592 2.82 -69.53 15.51
CA ILE B 1592 2.44 -68.81 16.73
C ILE B 1592 2.26 -69.78 17.88
N PHE B 1593 1.58 -70.89 17.62
CA PHE B 1593 1.25 -71.89 18.63
C PHE B 1593 1.61 -73.26 18.09
N TYR B 1594 2.36 -74.03 18.87
CA TYR B 1594 2.75 -75.37 18.46
C TYR B 1594 3.07 -76.21 19.70
N GLN B 1595 3.08 -77.52 19.50
CA GLN B 1595 3.33 -78.49 20.58
C GLN B 1595 4.70 -79.12 20.39
N ALA B 1596 5.43 -79.28 21.50
CA ALA B 1596 6.77 -79.84 21.43
C ALA B 1596 7.22 -80.25 22.83
N GLY B 1597 7.66 -81.51 22.96
CA GLY B 1597 8.31 -81.95 24.17
C GLY B 1597 7.35 -82.32 25.28
N THR B 1598 7.93 -82.80 26.38
CA THR B 1598 7.18 -83.18 27.56
C THR B 1598 7.99 -82.81 28.80
N SER B 1599 7.30 -82.51 29.89
CA SER B 1599 7.96 -82.10 31.11
C SER B 1599 8.37 -83.32 31.93
N LYS B 1600 8.89 -83.07 33.13
CA LYS B 1600 9.27 -84.17 34.01
C LYS B 1600 8.04 -84.99 34.41
N ALA B 1601 6.93 -84.32 34.72
CA ALA B 1601 5.72 -85.04 35.11
C ALA B 1601 5.16 -85.89 33.98
N GLY B 1602 5.58 -85.64 32.74
CA GLY B 1602 5.10 -86.39 31.60
C GLY B 1602 4.00 -85.74 30.81
N ASN B 1603 3.66 -84.49 31.11
CA ASN B 1603 2.59 -83.82 30.39
C ASN B 1603 3.13 -83.18 29.10
N PRO B 1604 2.31 -83.08 28.06
CA PRO B 1604 2.74 -82.37 26.86
C PRO B 1604 2.87 -80.87 27.13
N ILE B 1605 3.72 -80.22 26.33
CA ILE B 1605 4.01 -78.80 26.49
C ILE B 1605 3.72 -78.09 25.18
N PHE B 1606 3.09 -76.92 25.27
CA PHE B 1606 2.75 -76.10 24.12
C PHE B 1606 3.42 -74.74 24.28
N TYR B 1607 3.84 -74.15 23.16
CA TYR B 1607 4.56 -72.89 23.15
C TYR B 1607 3.72 -71.82 22.50
N TYR B 1608 3.84 -70.59 22.99
CA TYR B 1608 3.15 -69.43 22.44
C TYR B 1608 4.16 -68.31 22.24
N VAL B 1609 4.51 -68.04 20.98
CA VAL B 1609 5.46 -66.99 20.64
C VAL B 1609 4.69 -65.68 20.59
N ALA B 1610 4.90 -64.83 21.60
CA ALA B 1610 4.02 -63.68 21.79
C ALA B 1610 4.20 -62.61 20.72
N ARG B 1611 5.42 -62.46 20.18
CA ARG B 1611 5.73 -61.34 19.31
C ARG B 1611 5.52 -61.66 17.82
N ARG B 1612 4.68 -62.63 17.50
CA ARG B 1612 4.31 -62.92 16.12
C ARG B 1612 2.87 -62.57 15.82
N PHE B 1613 2.19 -61.87 16.72
CA PHE B 1613 0.79 -61.50 16.55
C PHE B 1613 0.69 -59.99 16.40
N LYS B 1614 0.08 -59.54 15.31
CA LYS B 1614 -0.11 -58.11 15.06
C LYS B 1614 -1.54 -57.75 15.44
N THR B 1615 -1.68 -56.72 16.27
CA THR B 1615 -2.92 -56.53 17.01
C THR B 1615 -4.13 -56.22 16.14
N GLY B 1616 -3.95 -55.89 14.88
CA GLY B 1616 -5.09 -55.57 14.04
C GLY B 1616 -5.01 -56.04 12.60
N GLN B 1617 -4.05 -56.91 12.30
CA GLN B 1617 -3.81 -57.30 10.92
C GLN B 1617 -4.61 -58.51 10.46
N ILE B 1618 -5.06 -59.35 11.39
CA ILE B 1618 -5.87 -60.51 11.04
C ILE B 1618 -7.07 -60.57 11.98
N ASN B 1619 -8.07 -61.35 11.58
CA ASN B 1619 -9.26 -61.51 12.39
C ASN B 1619 -8.91 -62.21 13.70
N GLY B 1620 -9.44 -61.69 14.80
CA GLY B 1620 -9.10 -62.26 16.10
C GLY B 1620 -9.59 -63.69 16.27
N ASP B 1621 -10.72 -64.01 15.66
CA ASP B 1621 -11.32 -65.33 15.86
C ASP B 1621 -10.46 -66.44 15.30
N LEU B 1622 -9.71 -66.19 14.22
CA LEU B 1622 -8.92 -67.24 13.63
C LEU B 1622 -7.85 -67.73 14.60
N LEU B 1623 -7.27 -66.83 15.39
CA LEU B 1623 -6.26 -67.25 16.35
C LEU B 1623 -6.84 -68.19 17.40
N ILE B 1624 -8.03 -67.87 17.92
CA ILE B 1624 -8.64 -68.73 18.93
C ILE B 1624 -8.93 -70.10 18.33
N TYR B 1625 -9.49 -70.13 17.13
CA TYR B 1625 -9.83 -71.41 16.52
C TYR B 1625 -8.58 -72.25 16.28
N HIS B 1626 -7.49 -71.62 15.83
CA HIS B 1626 -6.25 -72.36 15.65
C HIS B 1626 -5.74 -72.89 16.99
N VAL B 1627 -5.81 -72.08 18.03
CA VAL B 1627 -5.39 -72.54 19.36
C VAL B 1627 -6.26 -73.71 19.78
N LEU B 1628 -7.57 -73.60 19.60
CA LEU B 1628 -8.48 -74.67 20.02
C LEU B 1628 -8.21 -75.95 19.24
N LEU B 1629 -8.01 -75.84 17.93
CA LEU B 1629 -7.91 -77.02 17.08
C LEU B 1629 -6.69 -77.87 17.42
N THR B 1630 -5.64 -77.28 17.99
CA THR B 1630 -4.45 -78.02 18.36
C THR B 1630 -4.48 -78.49 19.80
N LEU B 1631 -5.57 -78.26 20.53
CA LEU B 1631 -5.71 -78.71 21.90
C LEU B 1631 -6.79 -79.76 22.12
N LYS B 1632 -7.66 -79.99 21.13
CA LYS B 1632 -8.73 -80.97 21.31
C LYS B 1632 -8.19 -82.34 21.68
N PRO B 1633 -7.21 -82.90 20.99
CA PRO B 1633 -6.72 -84.23 21.36
C PRO B 1633 -6.08 -84.28 22.74
N TYR B 1634 -5.68 -83.15 23.32
CA TYR B 1634 -4.92 -83.16 24.56
C TYR B 1634 -5.64 -82.52 25.74
N TYR B 1635 -6.58 -81.62 25.52
CA TYR B 1635 -7.10 -80.85 26.65
C TYR B 1635 -8.04 -81.66 27.53
N ALA B 1636 -8.17 -82.96 27.33
CA ALA B 1636 -8.89 -83.82 28.26
C ALA B 1636 -8.00 -84.35 29.37
N LYS B 1637 -6.70 -84.09 29.31
CA LYS B 1637 -5.73 -84.53 30.29
C LYS B 1637 -4.79 -83.39 30.63
N PRO B 1638 -4.04 -83.50 31.72
CA PRO B 1638 -3.16 -82.39 32.10
C PRO B 1638 -2.14 -82.06 31.02
N TYR B 1639 -1.82 -80.78 30.91
CA TYR B 1639 -0.81 -80.28 29.97
C TYR B 1639 -0.15 -79.06 30.58
N GLU B 1640 0.85 -78.53 29.87
CA GLU B 1640 1.59 -77.36 30.30
C GLU B 1640 1.81 -76.41 29.13
N ILE B 1641 1.93 -75.12 29.43
CA ILE B 1641 2.06 -74.09 28.43
C ILE B 1641 3.26 -73.21 28.75
N VAL B 1642 4.02 -72.84 27.73
CA VAL B 1642 5.16 -71.94 27.86
C VAL B 1642 4.86 -70.70 27.04
N VAL B 1643 4.84 -69.54 27.68
CA VAL B 1643 4.56 -68.27 27.03
C VAL B 1643 5.88 -67.53 26.87
N ASP B 1644 6.24 -67.22 25.63
CA ASP B 1644 7.49 -66.55 25.30
C ASP B 1644 7.20 -65.07 25.04
N LEU B 1645 7.64 -64.21 25.96
CA LEU B 1645 7.37 -62.78 25.89
C LEU B 1645 8.59 -61.99 25.40
N THR B 1646 9.45 -62.60 24.60
CA THR B 1646 10.62 -61.89 24.09
C THR B 1646 10.18 -60.79 23.14
N HIS B 1647 10.64 -59.56 23.41
CA HIS B 1647 10.44 -58.43 22.50
C HIS B 1647 8.95 -58.18 22.27
N THR B 1648 8.16 -58.26 23.34
CA THR B 1648 6.73 -57.99 23.27
C THR B 1648 6.46 -56.53 23.64
N GLY B 1649 5.57 -55.90 22.89
CA GLY B 1649 5.30 -54.49 23.07
C GLY B 1649 3.86 -54.12 22.82
N PRO B 1650 3.57 -52.83 22.77
CA PRO B 1650 2.18 -52.39 22.57
C PRO B 1650 1.62 -52.73 21.20
N SER B 1651 2.45 -53.00 20.21
CA SER B 1651 1.96 -53.24 18.86
C SER B 1651 1.45 -54.66 18.66
N ASN B 1652 1.60 -55.54 19.64
CA ASN B 1652 1.14 -56.92 19.56
C ASN B 1652 0.40 -57.32 20.82
N ARG B 1653 -0.52 -56.45 21.25
CA ARG B 1653 -1.32 -56.68 22.44
C ARG B 1653 -2.71 -57.17 22.06
N PHE B 1654 -3.44 -57.60 23.08
CA PHE B 1654 -4.87 -57.84 22.96
C PHE B 1654 -5.64 -56.64 23.50
N LYS B 1655 -6.93 -56.58 23.17
CA LYS B 1655 -7.81 -55.52 23.65
C LYS B 1655 -8.84 -56.12 24.60
N THR B 1656 -9.53 -55.24 25.33
CA THR B 1656 -10.46 -55.70 26.35
C THR B 1656 -11.58 -56.53 25.74
N ASP B 1657 -12.11 -56.10 24.60
CA ASP B 1657 -13.18 -56.86 23.96
C ASP B 1657 -12.69 -58.25 23.55
N PHE B 1658 -11.46 -58.34 23.04
CA PHE B 1658 -10.90 -59.60 22.58
C PHE B 1658 -10.12 -60.34 23.64
N LEU B 1659 -9.73 -59.66 24.72
CA LEU B 1659 -9.03 -60.34 25.81
C LEU B 1659 -9.99 -61.16 26.66
N SER B 1660 -11.21 -60.68 26.86
CA SER B 1660 -12.17 -61.40 27.69
C SER B 1660 -12.75 -62.62 26.96
N LYS B 1661 -12.65 -62.67 25.64
CA LYS B 1661 -13.17 -63.83 24.90
C LYS B 1661 -12.39 -65.09 25.27
N TRP B 1662 -11.10 -64.95 25.55
CA TRP B 1662 -10.28 -66.11 25.87
C TRP B 1662 -10.77 -66.84 27.12
N PHE B 1663 -11.57 -66.19 27.95
CA PHE B 1663 -12.07 -66.79 29.17
C PHE B 1663 -13.34 -67.61 28.99
N VAL B 1664 -14.11 -67.36 27.94
CA VAL B 1664 -15.45 -67.91 27.81
C VAL B 1664 -15.61 -68.68 26.50
N VAL B 1665 -14.53 -69.25 25.98
CA VAL B 1665 -14.58 -69.94 24.71
C VAL B 1665 -14.18 -71.41 24.81
N PHE B 1666 -13.52 -71.82 25.88
CA PHE B 1666 -13.12 -73.21 26.01
C PHE B 1666 -14.01 -73.94 27.00
N PRO B 1667 -14.13 -75.27 26.88
CA PRO B 1667 -14.94 -76.01 27.86
C PRO B 1667 -14.39 -75.85 29.26
N GLY B 1668 -15.30 -75.90 30.24
CA GLY B 1668 -14.93 -75.54 31.60
C GLY B 1668 -13.75 -76.32 32.15
N PHE B 1669 -13.63 -77.59 31.78
CA PHE B 1669 -12.55 -78.42 32.32
C PHE B 1669 -11.20 -78.12 31.68
N ALA B 1670 -11.18 -77.49 30.51
CA ALA B 1670 -9.91 -77.18 29.86
C ALA B 1670 -9.07 -76.25 30.73
N TYR B 1671 -9.70 -75.28 31.37
CA TYR B 1671 -8.96 -74.35 32.22
C TYR B 1671 -8.38 -75.05 33.44
N ASP B 1672 -9.04 -76.08 33.95
CA ASP B 1672 -8.55 -76.76 35.14
C ASP B 1672 -7.38 -77.68 34.85
N ASN B 1673 -7.36 -78.31 33.67
CA ASN B 1673 -6.30 -79.25 33.36
C ASN B 1673 -4.94 -78.59 33.17
N VAL B 1674 -4.88 -77.27 33.12
CA VAL B 1674 -3.62 -76.57 32.89
C VAL B 1674 -2.72 -76.81 34.10
N SER B 1675 -1.66 -77.59 33.91
CA SER B 1675 -0.81 -77.98 35.02
C SER B 1675 -0.02 -76.79 35.55
N ALA B 1676 0.81 -76.18 34.71
CA ALA B 1676 1.64 -75.06 35.12
C ALA B 1676 1.95 -74.20 33.91
N VAL B 1677 2.39 -72.97 34.18
CA VAL B 1677 2.69 -71.99 33.15
C VAL B 1677 4.11 -71.50 33.35
N TYR B 1678 4.89 -71.49 32.26
CA TYR B 1678 6.27 -71.02 32.27
C TYR B 1678 6.35 -69.77 31.38
N ILE B 1679 6.44 -68.61 32.00
CA ILE B 1679 6.55 -67.35 31.28
C ILE B 1679 8.02 -67.01 31.12
N TYR B 1680 8.43 -66.66 29.90
CA TYR B 1680 9.84 -66.52 29.55
C TYR B 1680 10.10 -65.13 28.99
N ASN B 1681 11.13 -64.47 29.52
CA ASN B 1681 11.56 -63.15 29.05
C ASN B 1681 10.44 -62.11 29.18
N CYS B 1682 10.03 -61.87 30.43
CA CYS B 1682 9.16 -60.75 30.70
C CYS B 1682 9.91 -59.44 30.47
N ASN B 1683 9.15 -58.39 30.17
CA ASN B 1683 9.74 -57.07 29.95
C ASN B 1683 8.83 -56.01 30.54
N SER B 1684 9.32 -54.78 30.57
CA SER B 1684 8.66 -53.72 31.32
C SER B 1684 7.26 -53.45 30.80
N TRP B 1685 7.09 -53.41 29.48
CA TRP B 1685 5.77 -53.09 28.93
C TRP B 1685 4.71 -54.06 29.43
N VAL B 1686 5.05 -55.35 29.51
CA VAL B 1686 4.07 -56.35 29.93
C VAL B 1686 3.57 -56.06 31.33
N ARG B 1687 4.48 -55.73 32.25
CA ARG B 1687 4.08 -55.47 33.62
C ARG B 1687 3.07 -54.33 33.68
N GLU B 1688 3.31 -53.25 32.93
CA GLU B 1688 2.35 -52.16 32.89
C GLU B 1688 1.04 -52.62 32.28
N TYR B 1689 1.11 -53.45 31.23
CA TYR B 1689 -0.10 -53.99 30.63
C TYR B 1689 -0.90 -54.80 31.64
N THR B 1690 -0.21 -55.63 32.42
CA THR B 1690 -0.89 -56.44 33.43
C THR B 1690 -1.56 -55.58 34.48
N LYS B 1691 -0.88 -54.51 34.93
CA LYS B 1691 -1.45 -53.66 35.96
C LYS B 1691 -2.75 -53.02 35.50
N TYR B 1692 -2.81 -52.60 34.23
CA TYR B 1692 -4.00 -51.94 33.73
C TYR B 1692 -5.21 -52.88 33.76
N HIS B 1693 -5.02 -54.13 33.35
CA HIS B 1693 -6.10 -55.11 33.28
C HIS B 1693 -6.14 -56.02 34.50
N GLU B 1694 -5.76 -55.50 35.68
CA GLU B 1694 -5.74 -56.32 36.88
C GLU B 1694 -7.13 -56.80 37.28
N ARG B 1695 -8.18 -56.10 36.86
CA ARG B 1695 -9.53 -56.53 37.20
C ARG B 1695 -9.85 -57.90 36.61
N LEU B 1696 -9.62 -58.05 35.30
CA LEU B 1696 -9.93 -59.32 34.65
C LEU B 1696 -9.02 -60.44 35.13
N LEU B 1697 -7.73 -60.15 35.26
CA LEU B 1697 -6.74 -61.18 35.57
C LEU B 1697 -6.66 -61.52 37.05
N THR B 1698 -7.66 -61.11 37.84
CA THR B 1698 -7.64 -61.45 39.26
C THR B 1698 -7.62 -62.96 39.47
N GLY B 1699 -8.17 -63.72 38.53
CA GLY B 1699 -8.15 -65.17 38.67
C GLY B 1699 -6.74 -65.72 38.71
N LEU B 1700 -5.82 -65.09 37.97
CA LEU B 1700 -4.43 -65.49 37.99
C LEU B 1700 -3.66 -64.88 39.15
N LYS B 1701 -4.24 -63.91 39.85
CA LYS B 1701 -3.53 -63.25 40.94
C LYS B 1701 -3.16 -64.26 42.01
N GLY B 1702 -1.88 -64.28 42.36
CA GLY B 1702 -1.40 -65.13 43.44
C GLY B 1702 -1.50 -66.62 43.19
N SER B 1703 -1.85 -67.03 41.97
CA SER B 1703 -1.96 -68.44 41.68
C SER B 1703 -0.59 -69.12 41.75
N LYS B 1704 -0.58 -70.38 42.14
CA LYS B 1704 0.63 -71.16 42.21
C LYS B 1704 0.95 -71.87 40.90
N ARG B 1705 0.07 -71.80 39.91
CA ARG B 1705 0.34 -72.41 38.62
C ARG B 1705 1.21 -71.54 37.72
N LEU B 1706 1.46 -70.29 38.09
CA LEU B 1706 2.34 -69.41 37.34
C LEU B 1706 3.76 -69.57 37.83
N VAL B 1707 4.68 -69.88 36.91
CA VAL B 1707 6.09 -70.07 37.21
C VAL B 1707 6.89 -69.14 36.30
N PHE B 1708 7.76 -68.33 36.89
CA PHE B 1708 8.57 -67.39 36.15
C PHE B 1708 9.99 -67.91 36.03
N ILE B 1709 10.54 -67.88 34.82
CA ILE B 1709 11.90 -68.32 34.55
C ILE B 1709 12.81 -67.10 34.52
N ASP B 1710 13.95 -67.20 35.19
CA ASP B 1710 14.94 -66.12 35.25
C ASP B 1710 16.07 -66.29 34.25
N CYS B 1711 16.59 -67.50 34.09
CA CYS B 1711 17.65 -67.78 33.14
C CYS B 1711 17.35 -69.10 32.45
N PRO B 1712 17.91 -69.33 31.27
CA PRO B 1712 17.63 -70.59 30.56
C PRO B 1712 18.02 -71.82 31.36
N GLY B 1713 19.01 -71.70 32.25
CA GLY B 1713 19.41 -72.85 33.04
C GLY B 1713 18.30 -73.37 33.94
N LYS B 1714 17.56 -72.46 34.56
CA LYS B 1714 16.47 -72.88 35.45
C LYS B 1714 15.44 -73.72 34.71
N LEU B 1715 15.22 -73.44 33.42
CA LEU B 1715 14.23 -74.20 32.66
C LEU B 1715 14.56 -75.69 32.63
N ALA B 1716 15.84 -76.04 32.76
CA ALA B 1716 16.22 -77.45 32.74
C ALA B 1716 15.50 -78.23 33.83
N GLU B 1717 15.23 -77.58 34.96
CA GLU B 1717 14.58 -78.28 36.08
C GLU B 1717 13.22 -78.83 35.68
N HIS B 1718 12.37 -77.96 35.10
CA HIS B 1718 11.01 -78.38 34.77
C HIS B 1718 10.97 -79.10 33.43
N ILE B 1719 11.52 -78.47 32.38
CA ILE B 1719 11.62 -79.09 31.06
C ILE B 1719 13.05 -79.54 30.87
N GLU B 1720 13.24 -80.86 30.76
CA GLU B 1720 14.59 -81.39 30.63
C GLU B 1720 15.20 -80.97 29.29
N HIS B 1721 16.52 -80.81 29.30
CA HIS B 1721 17.23 -80.44 28.09
C HIS B 1721 17.08 -81.54 27.03
N GLU B 1722 17.34 -81.16 25.77
CA GLU B 1722 17.16 -81.98 24.58
C GLU B 1722 15.70 -82.15 24.21
N GLN B 1723 14.77 -81.63 25.00
CA GLN B 1723 13.36 -81.60 24.66
C GLN B 1723 12.83 -80.19 24.49
N GLN B 1724 13.50 -79.19 25.07
CA GLN B 1724 13.09 -77.81 24.92
C GLN B 1724 13.21 -77.39 23.47
N LYS B 1725 12.15 -76.80 22.93
CA LYS B 1725 12.15 -76.26 21.57
C LYS B 1725 11.60 -74.84 21.62
N LEU B 1726 12.48 -73.88 21.87
CA LEU B 1726 12.11 -72.48 21.77
C LEU B 1726 12.38 -71.97 20.37
N PRO B 1727 11.81 -70.83 19.99
CA PRO B 1727 12.06 -70.30 18.65
C PRO B 1727 13.54 -70.07 18.41
N ALA B 1728 13.97 -70.32 17.17
CA ALA B 1728 15.39 -70.18 16.83
C ALA B 1728 15.89 -68.78 17.14
N ALA B 1729 15.06 -67.77 16.90
CA ALA B 1729 15.46 -66.39 17.18
C ALA B 1729 15.72 -66.18 18.66
N THR B 1730 14.88 -66.77 19.52
CA THR B 1730 15.02 -66.54 20.95
C THR B 1730 16.35 -67.07 21.46
N LEU B 1731 16.77 -68.25 21.01
CA LEU B 1731 18.02 -68.81 21.47
C LEU B 1731 19.20 -67.94 21.04
N ALA B 1732 19.18 -67.44 19.82
CA ALA B 1732 20.33 -66.70 19.28
C ALA B 1732 20.66 -65.46 20.10
N LEU B 1733 19.71 -64.94 20.88
CA LEU B 1733 19.92 -63.72 21.63
C LEU B 1733 20.61 -63.96 22.97
N GLU B 1734 21.27 -65.11 23.15
CA GLU B 1734 21.97 -65.41 24.40
C GLU B 1734 23.34 -65.99 24.11
N GLU B 1735 24.08 -65.34 23.21
CA GLU B 1735 25.43 -65.77 22.87
C GLU B 1735 26.28 -64.56 22.51
N ASP B 1736 27.59 -64.72 22.69
CA ASP B 1736 28.55 -63.67 22.35
C ASP B 1736 28.24 -62.37 23.06
N LEU B 1737 27.81 -62.48 24.32
CA LEU B 1737 27.42 -61.30 25.08
C LEU B 1737 28.65 -60.59 25.64
N LYS B 1738 28.49 -59.28 25.87
CA LYS B 1738 29.51 -58.43 26.47
C LYS B 1738 28.87 -57.77 27.68
N VAL B 1739 28.94 -58.42 28.82
CA VAL B 1739 28.21 -58.00 30.01
C VAL B 1739 28.90 -56.81 30.66
N PHE B 1740 28.11 -55.90 31.21
CA PHE B 1740 28.60 -54.73 31.95
C PHE B 1740 27.83 -54.68 33.26
N HIS B 1741 28.37 -55.32 34.30
CA HIS B 1741 27.65 -55.45 35.56
C HIS B 1741 27.66 -54.13 36.34
N ASN B 1742 26.79 -54.06 37.33
CA ASN B 1742 26.76 -53.02 38.35
C ASN B 1742 26.34 -51.66 37.82
N ALA B 1743 25.94 -51.57 36.54
CA ALA B 1743 25.48 -50.29 36.01
C ALA B 1743 24.22 -49.84 36.75
N LEU B 1744 23.84 -48.60 36.50
CA LEU B 1744 22.65 -48.01 37.12
C LEU B 1744 21.81 -47.31 36.06
N LYS B 1745 20.51 -47.34 36.25
CA LYS B 1745 19.57 -46.71 35.33
C LYS B 1745 19.05 -45.42 35.94
N LEU B 1746 19.09 -44.34 35.16
CA LEU B 1746 18.69 -43.02 35.62
C LEU B 1746 17.26 -42.75 35.14
N ALA B 1747 16.34 -42.63 36.09
CA ALA B 1747 14.95 -42.32 35.80
C ALA B 1747 14.37 -41.57 36.99
N HIS B 1748 13.05 -41.46 37.04
CA HIS B 1748 12.41 -40.87 38.21
C HIS B 1748 12.78 -41.61 39.48
N LYS B 1749 13.04 -42.92 39.37
CA LYS B 1749 13.50 -43.73 40.50
C LYS B 1749 14.52 -44.73 39.95
N ASP B 1750 15.79 -44.53 40.27
CA ASP B 1750 16.84 -45.37 39.72
C ASP B 1750 16.81 -46.76 40.35
N THR B 1751 17.35 -47.72 39.62
CA THR B 1751 17.43 -49.09 40.10
C THR B 1751 18.56 -49.81 39.35
N LYS B 1752 19.18 -50.77 40.04
CA LYS B 1752 20.31 -51.47 39.45
C LYS B 1752 19.90 -52.19 38.18
N VAL B 1753 20.80 -52.17 37.19
CA VAL B 1753 20.63 -52.85 35.92
C VAL B 1753 21.97 -53.42 35.50
N SER B 1754 21.97 -54.16 34.40
CA SER B 1754 23.20 -54.74 33.87
C SER B 1754 23.08 -54.81 32.35
N ILE B 1755 23.62 -53.80 31.66
CA ILE B 1755 23.51 -53.74 30.21
C ILE B 1755 24.34 -54.85 29.60
N LYS B 1756 23.74 -55.57 28.64
CA LYS B 1756 24.44 -56.55 27.83
C LYS B 1756 24.28 -56.18 26.37
N VAL B 1757 25.37 -56.26 25.62
CA VAL B 1757 25.40 -55.83 24.22
C VAL B 1757 25.86 -57.02 23.39
N GLY B 1758 24.91 -57.72 22.77
CA GLY B 1758 25.24 -58.78 21.86
C GLY B 1758 25.55 -58.27 20.47
N SER B 1759 25.74 -59.22 19.54
CA SER B 1759 26.04 -58.85 18.17
C SER B 1759 24.85 -58.19 17.50
N THR B 1760 23.63 -58.67 17.78
CA THR B 1760 22.43 -58.25 17.06
C THR B 1760 21.67 -57.13 17.77
N ALA B 1761 21.54 -57.19 19.10
CA ALA B 1761 20.70 -56.25 19.82
C ALA B 1761 21.31 -55.97 21.20
N VAL B 1762 20.66 -55.07 21.92
CA VAL B 1762 21.08 -54.65 23.25
C VAL B 1762 20.03 -55.11 24.24
N GLN B 1763 20.47 -55.75 25.32
CA GLN B 1763 19.59 -56.30 26.35
C GLN B 1763 19.86 -55.57 27.66
N VAL B 1764 18.81 -55.05 28.27
CA VAL B 1764 18.92 -54.36 29.56
C VAL B 1764 18.28 -55.27 30.60
N THR B 1765 19.10 -56.10 31.24
CA THR B 1765 18.63 -57.06 32.23
C THR B 1765 18.65 -56.42 33.60
N SER B 1766 17.48 -56.20 34.19
CA SER B 1766 17.40 -55.62 35.51
C SER B 1766 18.03 -56.55 36.55
N ALA B 1767 18.68 -55.96 37.54
CA ALA B 1767 19.34 -56.70 38.60
C ALA B 1767 18.51 -56.76 39.88
N GLU B 1768 17.28 -56.27 39.86
CA GLU B 1768 16.40 -56.29 41.01
C GLU B 1768 15.06 -56.90 40.63
N ARG B 1769 14.51 -57.72 41.51
CA ARG B 1769 13.22 -58.34 41.27
C ARG B 1769 12.09 -57.36 41.56
N THR B 1770 10.99 -57.50 40.83
CA THR B 1770 9.81 -56.66 40.99
C THR B 1770 8.56 -57.53 41.00
N LYS B 1771 7.52 -57.00 41.63
CA LYS B 1771 6.26 -57.73 41.78
C LYS B 1771 5.50 -57.72 40.47
N VAL B 1772 5.19 -58.91 39.94
CA VAL B 1772 4.36 -59.07 38.76
C VAL B 1772 3.30 -60.11 39.08
N LEU B 1773 2.03 -59.69 39.05
CA LEU B 1773 0.93 -60.57 39.45
C LEU B 1773 1.20 -61.18 40.82
N GLY B 1774 1.73 -60.37 41.73
CA GLY B 1774 1.96 -60.82 43.09
C GLY B 1774 3.18 -61.71 43.26
N GLN B 1775 4.14 -61.65 42.35
CA GLN B 1775 5.34 -62.45 42.46
C GLN B 1775 6.56 -61.63 42.04
N SER B 1776 7.66 -61.80 42.77
CA SER B 1776 8.90 -61.13 42.42
C SER B 1776 9.54 -61.79 41.20
N VAL B 1777 10.04 -60.96 40.29
CA VAL B 1777 10.61 -61.46 39.04
C VAL B 1777 11.48 -60.36 38.43
N PHE B 1778 12.41 -60.77 37.56
CA PHE B 1778 13.24 -59.83 36.83
C PHE B 1778 12.58 -59.45 35.51
N LEU B 1779 12.85 -58.23 35.05
CA LEU B 1779 12.23 -57.66 33.86
C LEU B 1779 13.31 -57.40 32.82
N ASN B 1780 13.56 -58.39 31.97
CA ASN B 1780 14.53 -58.24 30.89
C ASN B 1780 13.89 -57.48 29.73
N ASP B 1781 14.59 -56.47 29.22
CA ASP B 1781 14.15 -55.68 28.10
C ASP B 1781 15.16 -55.77 26.96
N ILE B 1782 14.67 -55.83 25.74
CA ILE B 1782 15.49 -55.99 24.55
C ILE B 1782 15.20 -54.84 23.60
N TYR B 1783 16.26 -54.17 23.14
CA TYR B 1783 16.18 -53.15 22.12
C TYR B 1783 16.98 -53.62 20.92
N TYR B 1784 16.32 -53.74 19.77
CA TYR B 1784 16.98 -54.21 18.57
C TYR B 1784 17.78 -53.08 17.92
N ALA B 1785 18.71 -53.48 17.05
CA ALA B 1785 19.62 -52.50 16.45
C ALA B 1785 18.86 -51.48 15.61
N SER B 1786 17.89 -51.94 14.81
CA SER B 1786 17.18 -51.01 13.93
C SER B 1786 16.45 -49.93 14.72
N GLU B 1787 16.00 -50.24 15.94
CA GLU B 1787 15.30 -49.27 16.75
C GLU B 1787 16.22 -48.23 17.36
N ILE B 1788 17.53 -48.42 17.30
CA ILE B 1788 18.48 -47.50 17.92
C ILE B 1788 18.69 -46.32 16.99
N GLU B 1789 18.48 -45.10 17.52
CA GLU B 1789 18.58 -43.88 16.75
C GLU B 1789 19.73 -42.99 17.20
N GLU B 1790 19.79 -42.63 18.48
CA GLU B 1790 20.76 -41.68 18.99
C GLU B 1790 21.67 -42.36 20.00
N ILE B 1791 22.98 -42.18 19.82
CA ILE B 1791 23.98 -42.66 20.75
C ILE B 1791 24.89 -41.48 21.10
N CYS B 1792 24.88 -41.07 22.36
CA CYS B 1792 25.66 -39.92 22.79
C CYS B 1792 26.24 -40.19 24.18
N LEU B 1793 27.28 -39.42 24.51
CA LEU B 1793 27.96 -39.53 25.80
C LEU B 1793 28.01 -38.13 26.42
N VAL B 1794 27.06 -37.84 27.31
CA VAL B 1794 27.07 -36.54 27.98
C VAL B 1794 28.26 -36.44 28.93
N ASP B 1795 28.60 -37.54 29.59
CA ASP B 1795 29.74 -37.58 30.50
C ASP B 1795 30.19 -39.02 30.64
N GLU B 1796 31.43 -39.19 31.10
CA GLU B 1796 31.90 -40.54 31.38
C GLU B 1796 31.03 -41.24 32.41
N ASN B 1797 30.34 -40.46 33.26
CA ASN B 1797 29.46 -41.05 34.25
C ASN B 1797 28.16 -41.54 33.61
N GLN B 1798 27.64 -40.82 32.63
CA GLN B 1798 26.30 -41.07 32.10
C GLN B 1798 26.30 -41.05 30.58
N PHE B 1799 25.42 -41.88 30.01
CA PHE B 1799 25.17 -41.88 28.57
C PHE B 1799 23.67 -42.01 28.35
N THR B 1800 23.21 -41.51 27.20
CA THR B 1800 21.79 -41.47 26.88
C THR B 1800 21.53 -42.21 25.57
N LEU B 1801 20.42 -42.94 25.53
CA LEU B 1801 19.98 -43.66 24.34
C LEU B 1801 18.56 -43.26 23.99
N THR B 1802 18.30 -43.11 22.69
CA THR B 1802 16.97 -42.76 22.18
C THR B 1802 16.45 -43.93 21.36
N ILE B 1803 15.22 -44.33 21.64
CA ILE B 1803 14.58 -45.47 20.99
C ILE B 1803 13.37 -44.98 20.21
N ALA B 1804 13.21 -45.52 19.00
CA ALA B 1804 12.14 -45.07 18.12
C ALA B 1804 10.77 -45.36 18.75
N ASN B 1805 9.90 -44.35 18.72
CA ASN B 1805 8.50 -44.43 19.13
C ASN B 1805 8.32 -44.55 20.64
N GLN B 1806 9.39 -44.60 21.43
CA GLN B 1806 9.27 -44.77 22.87
C GLN B 1806 9.21 -43.45 23.62
N GLY B 1807 9.34 -42.32 22.92
CA GLY B 1807 9.27 -41.03 23.57
C GLY B 1807 10.59 -40.58 24.18
N THR B 1808 10.60 -40.39 25.49
CA THR B 1808 11.80 -39.88 26.15
C THR B 1808 12.94 -40.88 25.99
N PRO B 1809 14.17 -40.42 25.74
CA PRO B 1809 15.30 -41.34 25.68
C PRO B 1809 15.69 -41.85 27.05
N LEU B 1810 16.38 -42.99 27.06
CA LEU B 1810 16.80 -43.65 28.29
C LEU B 1810 18.25 -43.30 28.60
N THR B 1811 18.50 -42.92 29.84
CA THR B 1811 19.84 -42.54 30.29
C THR B 1811 20.29 -43.47 31.42
N PHE B 1812 21.55 -43.89 31.36
CA PHE B 1812 22.13 -44.79 32.35
C PHE B 1812 23.46 -44.23 32.81
N MET B 1813 23.86 -44.62 34.02
CA MET B 1813 25.11 -44.20 34.63
C MET B 1813 26.03 -45.39 34.78
N HIS B 1814 27.27 -45.25 34.31
CA HIS B 1814 28.27 -46.30 34.45
C HIS B 1814 29.64 -45.66 34.53
N GLN B 1815 30.60 -46.41 35.09
CA GLN B 1815 31.94 -45.88 35.28
C GLN B 1815 32.70 -45.74 33.97
N GLU B 1816 32.35 -46.52 32.94
CA GLU B 1816 33.03 -46.50 31.66
C GLU B 1816 32.02 -46.36 30.53
N CYS B 1817 31.12 -45.38 30.68
CA CYS B 1817 30.06 -45.20 29.70
C CYS B 1817 30.61 -45.06 28.28
N GLU B 1818 31.78 -44.44 28.14
CA GLU B 1818 32.38 -44.30 26.82
C GLU B 1818 32.66 -45.66 26.21
N ALA B 1819 33.18 -46.60 27.01
CA ALA B 1819 33.44 -47.93 26.49
C ALA B 1819 32.16 -48.61 26.04
N ILE B 1820 31.10 -48.50 26.84
CA ILE B 1820 29.81 -49.07 26.46
C ILE B 1820 29.26 -48.35 25.23
N VAL B 1821 29.32 -47.02 25.23
CA VAL B 1821 28.78 -46.25 24.10
C VAL B 1821 29.48 -46.66 22.81
N GLN B 1822 30.79 -46.84 22.86
CA GLN B 1822 31.52 -47.26 21.67
C GLN B 1822 31.02 -48.59 21.15
N SER B 1823 30.78 -49.55 22.06
CA SER B 1823 30.35 -50.87 21.65
C SER B 1823 29.01 -50.81 20.91
N ILE B 1824 28.08 -50.01 21.42
CA ILE B 1824 26.76 -49.91 20.79
C ILE B 1824 26.89 -49.39 19.37
N ILE B 1825 27.74 -48.38 19.17
CA ILE B 1825 27.89 -47.78 17.86
C ILE B 1825 28.33 -48.81 16.83
N HIS B 1826 29.23 -49.72 17.23
CA HIS B 1826 29.71 -50.73 16.30
C HIS B 1826 28.56 -51.55 15.75
N ILE B 1827 27.67 -52.03 16.63
CA ILE B 1827 26.54 -52.83 16.18
C ILE B 1827 25.63 -52.00 15.28
N ARG B 1828 25.34 -50.77 15.70
CA ARG B 1828 24.48 -49.90 14.89
C ARG B 1828 25.11 -49.66 13.53
N THR B 1829 26.42 -49.38 13.51
CA THR B 1829 27.09 -49.11 12.24
C THR B 1829 27.02 -50.31 11.31
N ARG B 1830 27.24 -51.51 11.84
CA ARG B 1830 27.21 -52.69 10.98
C ARG B 1830 25.84 -52.88 10.35
N TRP B 1831 24.77 -52.65 11.12
CA TRP B 1831 23.43 -52.79 10.58
C TRP B 1831 23.19 -51.78 9.46
N GLU B 1832 23.70 -50.56 9.62
CA GLU B 1832 23.57 -49.56 8.56
C GLU B 1832 24.11 -50.08 7.24
N LEU B 1833 25.26 -50.75 7.28
CA LEU B 1833 25.78 -51.36 6.07
C LEU B 1833 24.94 -52.56 5.64
N SER B 1834 24.35 -53.28 6.59
CA SER B 1834 23.62 -54.49 6.26
C SER B 1834 22.40 -54.18 5.39
N GLN B 1835 21.64 -53.15 5.74
CA GLN B 1835 20.43 -52.83 4.98
C GLN B 1835 20.80 -52.41 3.57
N PRO B 1836 20.15 -52.94 2.53
CA PRO B 1836 20.54 -52.60 1.15
C PRO B 1836 19.98 -51.27 0.67
N ASP B 1837 18.85 -50.84 1.25
CA ASP B 1837 18.19 -49.63 0.78
C ASP B 1837 19.15 -48.44 0.85
N SER B 1838 19.16 -47.65 -0.22
CA SER B 1838 20.04 -46.48 -0.27
C SER B 1838 19.70 -45.49 0.84
N ILE B 1839 18.48 -44.96 0.83
CA ILE B 1839 18.06 -43.95 1.81
C ILE B 1839 16.55 -43.85 1.80
N PRO B 1840 15.89 -43.72 2.96
CA PRO B 1840 14.44 -43.53 2.97
C PRO B 1840 14.07 -42.14 2.44
N GLN B 1841 12.84 -42.04 1.95
CA GLN B 1841 12.33 -40.81 1.36
C GLN B 1841 11.34 -40.15 2.31
N HIS B 1842 11.48 -38.83 2.47
CA HIS B 1842 10.64 -38.06 3.38
C HIS B 1842 10.95 -38.42 4.82
N THR B 1843 10.29 -37.73 5.76
CA THR B 1843 10.52 -37.95 7.18
C THR B 1843 9.19 -37.93 7.91
N LYS B 1844 9.00 -38.91 8.80
CA LYS B 1844 7.79 -38.98 9.60
C LYS B 1844 7.92 -38.09 10.82
N ILE B 1845 6.96 -37.18 11.00
CA ILE B 1845 6.95 -36.25 12.12
C ILE B 1845 5.69 -36.48 12.94
N ARG B 1846 5.82 -36.41 14.25
CA ARG B 1846 4.72 -36.48 15.18
C ARG B 1846 4.59 -35.14 15.91
N PRO B 1847 3.44 -34.86 16.52
CA PRO B 1847 3.23 -33.52 17.09
C PRO B 1847 4.28 -33.12 18.10
N LYS B 1848 4.87 -34.07 18.82
CA LYS B 1848 5.88 -33.76 19.82
C LYS B 1848 7.22 -33.37 19.22
N ASP B 1849 7.37 -33.46 17.90
CA ASP B 1849 8.62 -33.11 17.24
C ASP B 1849 8.62 -31.72 16.63
N VAL B 1850 7.52 -30.98 16.73
CA VAL B 1850 7.43 -29.66 16.12
C VAL B 1850 6.71 -28.69 17.05
N PRO B 1851 7.16 -28.51 18.29
CA PRO B 1851 6.55 -27.47 19.14
C PRO B 1851 6.73 -26.08 18.58
N GLY B 1852 7.83 -25.80 17.89
CA GLY B 1852 8.06 -24.47 17.36
C GLY B 1852 7.22 -24.14 16.15
N THR B 1853 6.75 -25.16 15.43
CA THR B 1853 5.93 -24.91 14.25
C THR B 1853 4.51 -24.52 14.62
N LEU B 1854 3.96 -25.16 15.65
CA LEU B 1854 2.60 -24.82 16.07
C LEU B 1854 2.56 -23.51 16.83
N LEU B 1855 3.64 -23.15 17.51
CA LEU B 1855 3.65 -21.91 18.27
C LEU B 1855 3.47 -20.70 17.37
N ASN B 1856 3.99 -20.75 16.15
CA ASN B 1856 3.82 -19.62 15.23
C ASN B 1856 2.41 -19.54 14.70
N ILE B 1857 1.73 -20.68 14.52
CA ILE B 1857 0.34 -20.65 14.07
C ILE B 1857 -0.55 -20.06 15.15
N ALA B 1858 -0.24 -20.32 16.42
CA ALA B 1858 -1.04 -19.77 17.50
C ALA B 1858 -0.90 -18.26 17.59
N LEU B 1859 0.33 -17.76 17.56
CA LEU B 1859 0.55 -16.31 17.69
C LEU B 1859 0.06 -15.56 16.47
N LEU B 1860 0.30 -16.09 15.28
CA LEU B 1860 -0.10 -15.38 14.07
C LEU B 1860 -1.60 -15.18 14.02
N ASN B 1861 -2.37 -16.19 14.42
CA ASN B 1861 -3.82 -16.11 14.31
C ASN B 1861 -4.48 -15.47 15.53
N LEU B 1862 -3.73 -15.18 16.58
CA LEU B 1862 -4.26 -14.36 17.67
C LEU B 1862 -4.46 -12.91 17.23
N GLY B 1863 -3.76 -12.47 16.19
CA GLY B 1863 -3.87 -11.09 15.75
C GLY B 1863 -4.77 -10.96 14.54
N SER B 1864 -5.58 -11.97 14.28
CA SER B 1864 -6.47 -11.96 13.12
C SER B 1864 -7.56 -10.92 13.32
N SER B 1865 -8.41 -10.78 12.30
CA SER B 1865 -9.54 -9.87 12.32
C SER B 1865 -10.88 -10.58 12.40
N ASP B 1866 -10.89 -11.88 12.65
CA ASP B 1866 -12.11 -12.67 12.72
C ASP B 1866 -12.36 -13.10 14.15
N PRO B 1867 -13.43 -12.64 14.81
CA PRO B 1867 -13.55 -12.89 16.26
C PRO B 1867 -13.55 -14.36 16.63
N SER B 1868 -14.14 -15.23 15.80
CA SER B 1868 -14.12 -16.65 16.09
C SER B 1868 -12.71 -17.23 15.95
N LEU B 1869 -11.94 -16.72 14.98
CA LEU B 1869 -10.61 -17.26 14.75
C LEU B 1869 -9.67 -16.95 15.92
N ARG B 1870 -9.86 -15.83 16.59
CA ARG B 1870 -9.05 -15.52 17.76
C ARG B 1870 -9.28 -16.50 18.90
N SER B 1871 -10.54 -16.84 19.17
CA SER B 1871 -10.84 -17.71 20.30
C SER B 1871 -10.20 -19.08 20.13
N ALA B 1872 -10.35 -19.69 18.95
CA ALA B 1872 -9.73 -20.99 18.72
C ALA B 1872 -8.21 -20.91 18.80
N ALA B 1873 -7.63 -19.79 18.39
CA ALA B 1873 -6.19 -19.62 18.50
C ALA B 1873 -5.76 -19.56 19.96
N TYR B 1874 -6.55 -18.89 20.81
CA TYR B 1874 -6.22 -18.84 22.22
C TYR B 1874 -6.25 -20.24 22.83
N ASN B 1875 -7.23 -21.04 22.46
CA ASN B 1875 -7.31 -22.40 22.98
C ASN B 1875 -6.10 -23.23 22.58
N LEU B 1876 -5.63 -23.07 21.34
CA LEU B 1876 -4.46 -23.82 20.90
C LEU B 1876 -3.24 -23.48 21.74
N LEU B 1877 -3.05 -22.20 22.05
CA LEU B 1877 -1.90 -21.81 22.86
C LEU B 1877 -1.97 -22.39 24.26
N CYS B 1878 -3.17 -22.63 24.78
CA CYS B 1878 -3.29 -23.20 26.12
C CYS B 1878 -2.85 -24.66 26.14
N ALA B 1879 -3.11 -25.40 25.06
CA ALA B 1879 -2.72 -26.81 25.02
C ALA B 1879 -1.22 -26.97 25.08
N LEU B 1880 -0.47 -26.14 24.33
CA LEU B 1880 0.98 -26.28 24.30
C LEU B 1880 1.59 -26.03 25.68
N THR B 1881 1.14 -24.97 26.36
CA THR B 1881 1.74 -24.64 27.65
C THR B 1881 1.56 -25.75 28.66
N CYS B 1882 0.50 -26.56 28.51
CA CYS B 1882 0.32 -27.70 29.39
C CYS B 1882 1.09 -28.91 28.89
N THR B 1883 0.88 -29.29 27.62
CA THR B 1883 1.51 -30.50 27.09
C THR B 1883 3.03 -30.40 27.14
N PHE B 1884 3.58 -29.26 26.74
CA PHE B 1884 5.03 -29.11 26.63
C PHE B 1884 5.65 -28.39 27.83
N ASN B 1885 4.87 -28.05 28.85
CA ASN B 1885 5.41 -27.45 30.06
C ASN B 1885 6.17 -26.16 29.75
N LEU B 1886 5.69 -25.41 28.76
CA LEU B 1886 6.30 -24.13 28.44
C LEU B 1886 6.06 -23.14 29.57
N LYS B 1887 7.08 -22.36 29.90
CA LYS B 1887 7.03 -21.45 31.03
C LYS B 1887 6.68 -20.05 30.54
N ILE B 1888 5.44 -19.64 30.76
CA ILE B 1888 4.98 -18.30 30.43
C ILE B 1888 4.81 -17.52 31.73
N GLU B 1889 4.54 -16.23 31.59
CA GLU B 1889 4.43 -15.36 32.77
C GLU B 1889 3.17 -15.66 33.56
N GLY B 1890 2.00 -15.47 32.94
CA GLY B 1890 0.73 -15.61 33.61
C GLY B 1890 0.17 -17.02 33.51
N GLN B 1891 -1.12 -17.13 33.79
CA GLN B 1891 -1.83 -18.40 33.71
C GLN B 1891 -2.91 -18.32 32.64
N LEU B 1892 -3.15 -19.45 31.99
CA LEU B 1892 -4.14 -19.55 30.92
C LEU B 1892 -5.14 -20.65 31.26
N LEU B 1893 -6.33 -20.54 30.66
CA LEU B 1893 -7.39 -21.51 30.90
C LEU B 1893 -8.24 -21.63 29.65
N GLU B 1894 -8.39 -22.85 29.15
CA GLU B 1894 -9.22 -23.08 27.98
C GLU B 1894 -10.67 -22.75 28.29
N THR B 1895 -11.37 -22.22 27.29
CA THR B 1895 -12.73 -21.77 27.50
C THR B 1895 -13.44 -21.68 26.16
N SER B 1896 -14.77 -21.69 26.21
CA SER B 1896 -15.61 -21.43 25.06
C SER B 1896 -16.45 -20.19 25.35
N GLY B 1897 -16.53 -19.30 24.36
CA GLY B 1897 -17.33 -18.10 24.49
C GLY B 1897 -16.56 -16.85 24.86
N LEU B 1898 -15.23 -16.88 24.85
CA LEU B 1898 -14.45 -15.70 25.19
C LEU B 1898 -14.60 -14.63 24.12
N CYS B 1899 -14.59 -13.38 24.55
CA CYS B 1899 -14.58 -12.22 23.67
C CYS B 1899 -13.19 -11.61 23.75
N ILE B 1900 -12.42 -11.76 22.67
CA ILE B 1900 -11.02 -11.37 22.63
C ILE B 1900 -10.90 -10.14 21.75
N PRO B 1901 -10.40 -9.01 22.26
CA PRO B 1901 -10.40 -7.78 21.47
C PRO B 1901 -9.58 -7.93 20.20
N ALA B 1902 -9.96 -7.14 19.19
CA ALA B 1902 -9.22 -7.14 17.94
C ALA B 1902 -7.82 -6.56 18.10
N ASN B 1903 -7.65 -5.58 18.99
CA ASN B 1903 -6.35 -4.98 19.25
C ASN B 1903 -5.59 -5.88 20.21
N ASN B 1904 -4.60 -6.60 19.69
CA ASN B 1904 -3.92 -7.63 20.47
C ASN B 1904 -2.40 -7.55 20.33
N THR B 1905 -1.86 -6.44 19.84
CA THR B 1905 -0.44 -6.38 19.51
C THR B 1905 0.43 -6.58 20.76
N LEU B 1906 0.13 -5.85 21.83
CA LEU B 1906 1.01 -5.87 22.98
C LEU B 1906 0.90 -7.18 23.76
N PHE B 1907 -0.27 -7.79 23.79
CA PHE B 1907 -0.42 -9.07 24.49
C PHE B 1907 0.41 -10.16 23.81
N ILE B 1908 0.41 -10.18 22.47
CA ILE B 1908 1.16 -11.21 21.75
C ILE B 1908 2.64 -11.07 22.02
N VAL B 1909 3.15 -9.83 22.00
CA VAL B 1909 4.59 -9.63 22.17
C VAL B 1909 5.05 -10.07 23.55
N SER B 1910 4.22 -9.88 24.58
CA SER B 1910 4.62 -10.28 25.92
C SER B 1910 4.84 -11.78 26.00
N ILE B 1911 3.96 -12.57 25.38
CA ILE B 1911 4.15 -14.01 25.37
C ILE B 1911 5.37 -14.39 24.55
N SER B 1912 5.48 -13.82 23.35
CA SER B 1912 6.64 -14.11 22.52
C SER B 1912 7.93 -13.67 23.21
N LYS B 1913 7.89 -12.49 23.84
CA LYS B 1913 9.09 -11.97 24.47
C LYS B 1913 9.51 -12.77 25.70
N THR B 1914 8.58 -13.50 26.31
CA THR B 1914 8.90 -14.30 27.49
C THR B 1914 9.43 -15.68 27.11
N LEU B 1915 8.73 -16.39 26.22
CA LEU B 1915 9.21 -17.69 25.79
C LEU B 1915 10.60 -17.61 25.20
N ALA B 1916 10.91 -16.53 24.47
CA ALA B 1916 12.24 -16.41 23.88
C ALA B 1916 13.31 -16.33 24.96
N ALA B 1917 13.03 -15.60 26.05
CA ALA B 1917 14.03 -15.44 27.10
C ALA B 1917 14.35 -16.77 27.77
N ASN B 1918 13.32 -17.56 28.08
CA ASN B 1918 13.49 -18.79 28.85
C ASN B 1918 12.95 -20.01 28.12
N GLU B 1919 13.13 -20.07 26.80
CA GLU B 1919 12.85 -21.29 26.06
C GLU B 1919 13.64 -21.28 24.75
N PRO B 1920 14.98 -21.17 24.82
CA PRO B 1920 15.75 -20.94 23.59
C PRO B 1920 15.68 -22.07 22.58
N HIS B 1921 15.40 -23.30 23.00
CA HIS B 1921 15.56 -24.45 22.12
C HIS B 1921 14.47 -24.55 21.05
N LEU B 1922 13.57 -23.57 20.96
CA LEU B 1922 12.60 -23.50 19.88
C LEU B 1922 13.01 -22.54 18.78
N THR B 1923 14.19 -21.92 18.88
CA THR B 1923 14.51 -20.80 18.01
C THR B 1923 14.51 -21.20 16.54
N LEU B 1924 15.24 -22.26 16.19
CA LEU B 1924 15.39 -22.61 14.79
C LEU B 1924 14.07 -22.99 14.15
N GLU B 1925 13.24 -23.78 14.84
CA GLU B 1925 11.95 -24.15 14.29
C GLU B 1925 11.03 -22.93 14.17
N PHE B 1926 11.09 -22.03 15.15
CA PHE B 1926 10.21 -20.88 15.16
C PHE B 1926 10.53 -19.93 14.01
N LEU B 1927 11.80 -19.56 13.86
CA LEU B 1927 12.17 -18.56 12.85
C LEU B 1927 11.94 -19.09 11.44
N GLU B 1928 12.30 -20.35 11.18
CA GLU B 1928 12.07 -20.91 9.85
C GLU B 1928 10.59 -20.83 9.49
N GLU B 1929 9.71 -21.04 10.46
CA GLU B 1929 8.28 -20.97 10.23
C GLU B 1929 7.74 -19.55 10.32
N CYS B 1930 8.31 -18.72 11.19
CA CYS B 1930 7.85 -17.34 11.30
C CYS B 1930 8.11 -16.57 10.01
N ILE B 1931 9.28 -16.78 9.40
CA ILE B 1931 9.59 -16.09 8.15
C ILE B 1931 8.72 -16.61 7.03
N SER B 1932 8.47 -17.92 7.00
CA SER B 1932 7.66 -18.49 5.92
C SER B 1932 6.25 -17.92 5.94
N GLY B 1933 5.65 -17.79 7.12
CA GLY B 1933 4.34 -17.19 7.23
C GLY B 1933 4.32 -15.72 6.90
N PHE B 1934 5.48 -15.06 6.92
CA PHE B 1934 5.54 -13.64 6.60
C PHE B 1934 5.11 -13.39 5.16
N SER B 1935 5.52 -14.25 4.23
CA SER B 1935 5.26 -14.05 2.83
C SER B 1935 3.84 -14.42 2.41
N LYS B 1936 3.12 -15.16 3.24
CA LYS B 1936 1.76 -15.61 2.92
C LYS B 1936 0.67 -14.72 3.49
N SER B 1937 1.03 -13.63 4.17
CA SER B 1937 0.08 -12.82 4.90
C SER B 1937 -0.10 -11.47 4.22
N SER B 1938 -1.12 -10.73 4.70
CA SER B 1938 -1.44 -9.42 4.16
C SER B 1938 -0.52 -8.36 4.75
N ILE B 1939 -0.65 -7.14 4.21
CA ILE B 1939 0.24 -6.05 4.63
C ILE B 1939 0.09 -5.77 6.12
N GLU B 1940 -1.16 -5.73 6.60
CA GLU B 1940 -1.38 -5.40 8.00
C GLU B 1940 -0.76 -6.45 8.92
N LEU B 1941 -0.90 -7.73 8.56
CA LEU B 1941 -0.31 -8.79 9.37
C LEU B 1941 1.21 -8.82 9.22
N LYS B 1942 1.73 -8.36 8.07
CA LYS B 1942 3.18 -8.26 7.93
C LYS B 1942 3.77 -7.36 9.01
N HIS B 1943 3.05 -6.31 9.39
CA HIS B 1943 3.54 -5.44 10.45
C HIS B 1943 3.56 -6.14 11.80
N LEU B 1944 2.66 -7.09 12.03
CA LEU B 1944 2.64 -7.78 13.31
C LEU B 1944 3.82 -8.73 13.45
N CYS B 1945 4.10 -9.51 12.40
CA CYS B 1945 5.17 -10.49 12.48
C CYS B 1945 6.50 -9.84 12.83
N LEU B 1946 6.74 -8.62 12.35
CA LEU B 1946 7.96 -7.92 12.73
C LEU B 1946 8.01 -7.64 14.23
N GLU B 1947 6.86 -7.38 14.85
CA GLU B 1947 6.85 -6.97 16.25
C GLU B 1947 7.33 -8.11 17.14
N TYR B 1948 6.78 -9.31 16.97
CA TYR B 1948 7.14 -10.43 17.84
C TYR B 1948 8.23 -11.31 17.27
N MET B 1949 8.71 -11.04 16.06
CA MET B 1949 9.83 -11.79 15.51
C MET B 1949 11.16 -11.36 16.12
N THR B 1950 11.32 -10.06 16.38
CA THR B 1950 12.63 -9.55 16.78
C THR B 1950 13.17 -10.17 18.05
N PRO B 1951 12.38 -10.43 19.10
CA PRO B 1951 12.98 -10.96 20.33
C PRO B 1951 13.71 -12.27 20.14
N TRP B 1952 13.45 -13.00 19.05
CA TRP B 1952 14.08 -14.29 18.84
C TRP B 1952 15.40 -14.20 18.10
N LEU B 1953 15.62 -13.11 17.35
CA LEU B 1953 16.87 -13.00 16.60
C LEU B 1953 18.08 -13.05 17.50
N SER B 1954 17.96 -12.58 18.75
CA SER B 1954 19.10 -12.54 19.65
C SER B 1954 19.60 -13.94 20.01
N ASN B 1955 18.80 -14.98 19.77
CA ASN B 1955 19.18 -16.33 20.17
C ASN B 1955 20.02 -17.06 19.13
N LEU B 1956 20.26 -16.46 17.97
CA LEU B 1956 21.06 -17.14 16.95
C LEU B 1956 22.53 -17.29 17.36
N VAL B 1957 22.96 -16.60 18.41
CA VAL B 1957 24.34 -16.73 18.86
C VAL B 1957 24.63 -18.17 19.29
N ARG B 1958 23.70 -18.77 20.03
CA ARG B 1958 23.94 -20.09 20.59
C ARG B 1958 24.11 -21.13 19.49
N PHE B 1959 23.63 -20.85 18.29
CA PHE B 1959 23.66 -21.81 17.19
C PHE B 1959 24.63 -21.45 16.09
N CYS B 1960 25.37 -20.34 16.23
CA CYS B 1960 26.25 -19.90 15.14
C CYS B 1960 27.46 -20.82 15.01
N LYS B 1961 27.98 -21.34 16.12
CA LYS B 1961 29.19 -22.15 16.15
C LYS B 1961 28.95 -23.45 16.89
N HIS B 1962 27.84 -24.12 16.56
CA HIS B 1962 27.41 -25.32 17.28
C HIS B 1962 28.09 -26.56 16.71
N ASN B 1963 29.42 -26.51 16.68
CA ASN B 1963 30.25 -27.67 16.30
C ASN B 1963 29.89 -28.21 14.92
N ASP B 1964 29.56 -27.31 13.99
CA ASP B 1964 29.29 -27.68 12.59
C ASP B 1964 28.43 -28.94 12.50
N ASP B 1965 27.38 -28.99 13.32
CA ASP B 1965 26.50 -30.15 13.39
C ASP B 1965 25.38 -30.09 12.36
N ALA B 1966 25.55 -29.34 11.28
CA ALA B 1966 24.54 -29.03 10.27
C ALA B 1966 23.56 -28.00 10.81
N LYS B 1967 23.68 -27.59 12.07
CA LYS B 1967 22.90 -26.46 12.56
C LYS B 1967 23.47 -25.15 12.04
N ARG B 1968 24.80 -25.03 11.97
CA ARG B 1968 25.41 -23.84 11.40
C ARG B 1968 25.00 -23.66 9.95
N GLN B 1969 24.68 -24.75 9.26
CA GLN B 1969 24.22 -24.64 7.88
C GLN B 1969 22.80 -24.12 7.80
N ARG B 1970 22.05 -24.14 8.90
CA ARG B 1970 20.67 -23.67 8.90
C ARG B 1970 20.56 -22.18 9.20
N VAL B 1971 21.39 -21.64 10.10
CA VAL B 1971 21.36 -20.21 10.35
C VAL B 1971 21.68 -19.46 9.06
N THR B 1972 22.63 -19.96 8.28
CA THR B 1972 22.90 -19.35 6.98
C THR B 1972 21.67 -19.40 6.08
N ALA B 1973 20.84 -20.43 6.23
CA ALA B 1973 19.60 -20.48 5.47
C ALA B 1973 18.61 -19.44 5.98
N ILE B 1974 18.53 -19.27 7.30
CA ILE B 1974 17.63 -18.26 7.86
C ILE B 1974 18.06 -16.87 7.40
N LEU B 1975 19.36 -16.58 7.46
CA LEU B 1975 19.84 -15.27 7.04
C LEU B 1975 19.48 -14.99 5.59
N ASP B 1976 19.57 -16.01 4.74
CA ASP B 1976 19.23 -15.80 3.33
C ASP B 1976 17.78 -15.37 3.17
N LYS B 1977 16.88 -15.91 4.01
CA LYS B 1977 15.48 -15.52 3.91
C LYS B 1977 15.27 -14.05 4.24
N LEU B 1978 15.92 -13.57 5.30
CA LEU B 1978 15.78 -12.17 5.67
C LEU B 1978 16.27 -11.25 4.56
N ILE B 1979 17.31 -11.66 3.84
CA ILE B 1979 17.81 -10.85 2.75
C ILE B 1979 16.77 -10.73 1.65
N THR B 1980 16.03 -11.80 1.39
CA THR B 1980 15.01 -11.76 0.35
C THR B 1980 13.90 -10.78 0.69
N MET B 1981 13.46 -10.76 1.95
CA MET B 1981 12.39 -9.84 2.35
C MET B 1981 12.80 -8.40 2.13
N THR B 1982 14.04 -8.06 2.51
CA THR B 1982 14.49 -6.67 2.41
C THR B 1982 14.41 -6.17 0.98
N ILE B 1983 14.71 -7.03 0.00
CA ILE B 1983 14.73 -6.60 -1.38
C ILE B 1983 13.32 -6.30 -1.90
N ASN B 1984 12.34 -7.12 -1.50
CA ASN B 1984 11.02 -7.06 -2.10
C ASN B 1984 10.14 -5.96 -1.51
N GLU B 1985 10.15 -5.79 -0.20
CA GLU B 1985 9.24 -4.85 0.47
C GLU B 1985 9.89 -3.49 0.56
N LYS B 1986 9.52 -2.60 -0.35
CA LYS B 1986 10.12 -1.27 -0.43
C LYS B 1986 9.39 -0.24 0.41
N GLN B 1987 8.13 -0.49 0.77
CA GLN B 1987 7.38 0.46 1.57
C GLN B 1987 7.77 0.40 3.05
N MET B 1988 8.07 -0.77 3.56
CA MET B 1988 8.44 -0.95 4.96
C MET B 1988 9.93 -0.84 5.19
N TYR B 1989 10.69 -0.43 4.17
CA TYR B 1989 12.14 -0.44 4.27
C TYR B 1989 12.67 0.33 5.47
N PRO B 1990 12.18 1.53 5.79
CA PRO B 1990 12.74 2.26 6.94
C PRO B 1990 12.53 1.56 8.28
N SER B 1991 11.55 0.66 8.38
CA SER B 1991 11.31 -0.04 9.63
C SER B 1991 12.11 -1.33 9.76
N ILE B 1992 12.36 -2.02 8.64
CA ILE B 1992 13.16 -3.23 8.70
C ILE B 1992 14.59 -2.92 9.07
N GLN B 1993 15.10 -1.77 8.63
CA GLN B 1993 16.49 -1.40 8.93
C GLN B 1993 16.69 -1.16 10.41
N ALA B 1994 15.71 -0.60 11.10
CA ALA B 1994 15.85 -0.30 12.52
C ALA B 1994 15.51 -1.47 13.43
N LYS B 1995 14.89 -2.52 12.92
CA LYS B 1995 14.43 -3.64 13.72
C LYS B 1995 15.23 -4.91 13.50
N ILE B 1996 15.53 -5.27 12.26
CA ILE B 1996 16.22 -6.52 11.99
C ILE B 1996 17.73 -6.27 11.93
N TRP B 1997 18.15 -5.44 10.99
CA TRP B 1997 19.58 -5.26 10.75
C TRP B 1997 20.23 -4.41 11.84
N GLY B 1998 19.54 -3.40 12.33
CA GLY B 1998 20.08 -2.61 13.43
C GLY B 1998 20.37 -3.47 14.65
N SER B 1999 19.48 -4.41 14.95
CA SER B 1999 19.66 -5.24 16.14
C SER B 1999 20.75 -6.28 15.93
N LEU B 2000 20.76 -6.96 14.78
CA LEU B 2000 21.77 -7.98 14.53
C LEU B 2000 23.18 -7.39 14.54
N GLY B 2001 23.32 -6.11 14.21
CA GLY B 2001 24.63 -5.50 14.21
C GLY B 2001 25.27 -5.48 15.58
N GLN B 2002 24.46 -5.39 16.64
CA GLN B 2002 24.98 -5.29 17.99
C GLN B 2002 25.44 -6.61 18.57
N ILE B 2003 25.21 -7.72 17.87
CA ILE B 2003 25.65 -9.03 18.33
C ILE B 2003 27.05 -9.27 17.78
N THR B 2004 28.05 -9.19 18.65
CA THR B 2004 29.43 -9.21 18.19
C THR B 2004 29.79 -10.55 17.53
N ASP B 2005 29.35 -11.65 18.12
CA ASP B 2005 29.77 -12.97 17.65
C ASP B 2005 29.18 -13.34 16.30
N LEU B 2006 28.20 -12.59 15.81
CA LEU B 2006 27.46 -12.96 14.61
C LEU B 2006 27.85 -12.14 13.39
N LEU B 2007 28.70 -11.12 13.54
CA LEU B 2007 29.04 -10.26 12.42
C LEU B 2007 29.75 -11.05 11.32
N ASP B 2008 30.66 -11.94 11.69
CA ASP B 2008 31.45 -12.65 10.69
C ASP B 2008 30.54 -13.49 9.77
N VAL B 2009 29.65 -14.28 10.36
CA VAL B 2009 28.78 -15.12 9.55
C VAL B 2009 27.83 -14.26 8.72
N VAL B 2010 27.26 -13.21 9.32
CA VAL B 2010 26.33 -12.36 8.60
C VAL B 2010 27.04 -11.65 7.45
N LEU B 2011 28.22 -11.11 7.72
CA LEU B 2011 28.92 -10.32 6.70
C LEU B 2011 29.27 -11.16 5.49
N ASP B 2012 29.71 -12.40 5.72
CA ASP B 2012 30.05 -13.28 4.60
C ASP B 2012 28.83 -13.54 3.73
N SER B 2013 27.65 -13.69 4.33
CA SER B 2013 26.44 -13.93 3.56
C SER B 2013 26.10 -12.72 2.68
N PHE B 2014 26.35 -11.51 3.18
CA PHE B 2014 26.06 -10.32 2.39
C PHE B 2014 26.84 -10.31 1.09
N ILE B 2015 28.13 -10.66 1.15
CA ILE B 2015 28.99 -10.52 -0.02
C ILE B 2015 28.60 -11.54 -1.09
N LYS B 2016 28.22 -12.75 -0.69
CA LYS B 2016 27.85 -13.76 -1.66
C LYS B 2016 26.62 -13.35 -2.46
N THR B 2017 25.62 -12.78 -1.79
CA THR B 2017 24.41 -12.38 -2.48
C THR B 2017 24.72 -11.33 -3.54
N SER B 2018 25.54 -10.35 -3.21
CA SER B 2018 25.93 -9.33 -4.20
C SER B 2018 26.73 -9.95 -5.32
N ALA B 2019 27.62 -10.88 -5.01
CA ALA B 2019 28.48 -11.47 -6.03
C ALA B 2019 27.67 -12.09 -7.16
N THR B 2020 26.64 -12.86 -6.80
CA THR B 2020 25.83 -13.51 -7.83
C THR B 2020 25.14 -12.47 -8.71
N GLY B 2021 24.60 -11.41 -8.11
CA GLY B 2021 23.89 -10.41 -8.90
C GLY B 2021 24.79 -9.71 -9.89
N GLY B 2022 25.97 -9.30 -9.44
CA GLY B 2022 26.87 -8.50 -10.25
C GLY B 2022 26.92 -7.06 -9.77
N LEU B 2023 27.80 -6.29 -10.43
CA LEU B 2023 28.09 -4.93 -9.96
C LEU B 2023 26.85 -4.04 -9.99
N GLY B 2024 26.17 -4.00 -11.12
CA GLY B 2024 25.01 -3.14 -11.25
C GLY B 2024 23.70 -3.75 -10.79
N SER B 2025 23.74 -4.97 -10.26
CA SER B 2025 22.51 -5.67 -9.93
C SER B 2025 21.74 -4.93 -8.84
N ILE B 2026 20.47 -5.32 -8.68
CA ILE B 2026 19.67 -4.77 -7.59
C ILE B 2026 20.14 -5.31 -6.25
N LYS B 2027 20.41 -6.61 -6.18
CA LYS B 2027 20.76 -7.21 -4.90
C LYS B 2027 22.07 -6.64 -4.36
N ALA B 2028 22.98 -6.25 -5.25
CA ALA B 2028 24.24 -5.67 -4.80
C ALA B 2028 24.05 -4.26 -4.25
N GLU B 2029 23.11 -3.51 -4.80
CA GLU B 2029 22.86 -2.16 -4.29
C GLU B 2029 22.15 -2.21 -2.94
N VAL B 2030 21.22 -3.13 -2.77
CA VAL B 2030 20.48 -3.22 -1.51
C VAL B 2030 21.38 -3.77 -0.40
N MET B 2031 22.24 -4.74 -0.74
CA MET B 2031 23.12 -5.32 0.27
C MET B 2031 24.29 -4.41 0.62
N ALA B 2032 24.71 -3.54 -0.30
CA ALA B 2032 25.71 -2.53 0.04
C ALA B 2032 25.12 -1.41 0.87
N ASP B 2033 23.82 -1.16 0.70
CA ASP B 2033 23.15 -0.10 1.45
C ASP B 2033 22.66 -0.60 2.81
N THR B 2034 22.47 -1.91 2.96
CA THR B 2034 22.07 -2.50 4.23
C THR B 2034 23.24 -2.69 5.20
N ALA B 2035 24.48 -2.60 4.72
CA ALA B 2035 25.62 -2.69 5.61
C ALA B 2035 25.76 -1.47 6.49
N VAL B 2036 25.21 -0.33 6.08
CA VAL B 2036 25.30 0.88 6.89
C VAL B 2036 24.64 0.66 8.24
N ALA B 2037 23.45 0.05 8.24
CA ALA B 2037 22.79 -0.26 9.50
C ALA B 2037 23.60 -1.27 10.30
N LEU B 2038 24.19 -2.26 9.63
CA LEU B 2038 24.97 -3.27 10.31
C LEU B 2038 26.15 -2.65 11.05
N ALA B 2039 26.86 -1.72 10.41
CA ALA B 2039 28.06 -1.14 10.99
C ALA B 2039 27.76 -0.14 12.09
N SER B 2040 26.51 0.25 12.29
CA SER B 2040 26.19 1.21 13.35
C SER B 2040 26.51 0.64 14.73
N GLY B 2041 26.15 -0.63 14.96
CA GLY B 2041 26.40 -1.23 16.26
C GLY B 2041 27.87 -1.39 16.56
N ASN B 2042 28.65 -1.87 15.59
CA ASN B 2042 30.09 -2.10 15.74
C ASN B 2042 30.79 -1.47 14.55
N VAL B 2043 31.17 -0.20 14.69
CA VAL B 2043 31.85 0.48 13.60
C VAL B 2043 33.24 -0.09 13.38
N LYS B 2044 33.93 -0.46 14.46
CA LYS B 2044 35.31 -0.89 14.33
C LYS B 2044 35.43 -2.28 13.73
N LEU B 2045 34.58 -3.22 14.14
CA LEU B 2045 34.69 -4.59 13.65
C LEU B 2045 34.20 -4.72 12.22
N VAL B 2046 33.14 -4.02 11.86
CA VAL B 2046 32.62 -4.13 10.51
C VAL B 2046 33.58 -3.49 9.51
N SER B 2047 34.14 -2.32 9.87
CA SER B 2047 35.03 -1.63 8.96
C SER B 2047 36.31 -2.43 8.71
N SER B 2048 36.89 -2.99 9.77
CA SER B 2048 38.15 -3.72 9.61
C SER B 2048 37.98 -4.95 8.73
N LYS B 2049 36.85 -5.65 8.85
CA LYS B 2049 36.64 -6.85 8.05
C LYS B 2049 36.34 -6.50 6.60
N VAL B 2050 35.68 -5.37 6.36
CA VAL B 2050 35.46 -4.93 4.98
C VAL B 2050 36.76 -4.47 4.35
N ILE B 2051 37.59 -3.75 5.11
CA ILE B 2051 38.88 -3.32 4.59
C ILE B 2051 39.82 -4.51 4.46
N GLY B 2052 39.78 -5.42 5.42
CA GLY B 2052 40.67 -6.57 5.37
C GLY B 2052 40.51 -7.38 4.10
N ARG B 2053 39.27 -7.54 3.64
CA ARG B 2053 39.03 -8.29 2.42
C ARG B 2053 39.42 -7.51 1.18
N MET B 2054 39.32 -6.18 1.22
CA MET B 2054 39.69 -5.40 0.05
C MET B 2054 41.19 -5.50 -0.22
N CYS B 2055 42.00 -5.58 0.84
CA CYS B 2055 43.44 -5.71 0.65
C CYS B 2055 43.85 -7.12 0.26
N LYS B 2056 43.15 -8.14 0.77
CA LYS B 2056 43.53 -9.51 0.43
C LYS B 2056 43.20 -9.86 -1.01
N ILE B 2057 42.11 -9.30 -1.55
CA ILE B 2057 41.77 -9.56 -2.93
C ILE B 2057 42.80 -8.93 -3.87
N ILE B 2058 43.20 -7.69 -3.59
CA ILE B 2058 44.19 -7.02 -4.43
C ILE B 2058 45.49 -7.79 -4.43
N ASP B 2059 45.92 -8.25 -3.25
CA ASP B 2059 47.18 -8.97 -3.15
C ASP B 2059 47.17 -10.27 -3.93
N LYS B 2060 45.99 -10.78 -4.30
CA LYS B 2060 45.88 -12.03 -5.03
C LYS B 2060 45.81 -11.84 -6.54
N THR B 2061 45.89 -10.61 -7.02
CA THR B 2061 45.95 -10.38 -8.46
C THR B 2061 47.32 -10.70 -9.05
N CYS B 2062 48.32 -10.97 -8.20
CA CYS B 2062 49.66 -11.29 -8.68
C CYS B 2062 49.75 -12.71 -9.24
N LEU B 2063 48.83 -13.59 -8.86
CA LEU B 2063 48.92 -14.99 -9.30
C LEU B 2063 48.74 -15.11 -10.81
N SER B 2064 47.79 -14.38 -11.38
CA SER B 2064 47.47 -14.46 -12.80
C SER B 2064 47.52 -13.05 -13.39
N PRO B 2065 48.72 -12.54 -13.67
CA PRO B 2065 48.83 -11.15 -14.13
C PRO B 2065 48.06 -10.91 -15.41
N THR B 2066 47.57 -9.68 -15.55
CA THR B 2066 46.71 -9.27 -16.66
C THR B 2066 47.11 -7.88 -17.11
N PRO B 2067 46.88 -7.53 -18.38
CA PRO B 2067 47.26 -6.19 -18.83
C PRO B 2067 46.62 -5.04 -18.07
N THR B 2068 45.39 -5.22 -17.57
CA THR B 2068 44.72 -4.18 -16.81
C THR B 2068 43.95 -4.82 -15.67
N LEU B 2069 43.59 -3.99 -14.68
CA LEU B 2069 42.88 -4.51 -13.53
C LEU B 2069 41.45 -4.89 -13.87
N GLU B 2070 40.82 -4.18 -14.80
CA GLU B 2070 39.44 -4.49 -15.17
C GLU B 2070 39.34 -5.87 -15.80
N GLN B 2071 40.30 -6.22 -16.67
CA GLN B 2071 40.24 -7.50 -17.36
C GLN B 2071 40.48 -8.68 -16.44
N HIS B 2072 40.97 -8.46 -15.24
CA HIS B 2072 41.22 -9.55 -14.32
C HIS B 2072 39.90 -10.25 -13.98
N LEU B 2073 40.01 -11.48 -13.50
CA LEU B 2073 38.83 -12.24 -13.12
C LEU B 2073 38.27 -11.83 -11.77
N MET B 2074 39.00 -11.03 -11.00
CA MET B 2074 38.55 -10.55 -9.70
C MET B 2074 38.09 -9.10 -9.75
N TRP B 2075 37.78 -8.58 -10.94
CA TRP B 2075 37.31 -7.21 -11.03
C TRP B 2075 35.98 -7.04 -10.31
N ASP B 2076 35.06 -7.98 -10.49
CA ASP B 2076 33.74 -7.84 -9.89
C ASP B 2076 33.82 -7.78 -8.38
N ASP B 2077 34.65 -8.63 -7.77
CA ASP B 2077 34.79 -8.62 -6.32
C ASP B 2077 35.44 -7.34 -5.84
N ILE B 2078 36.11 -6.60 -6.71
CA ILE B 2078 36.71 -5.33 -6.33
C ILE B 2078 35.77 -4.16 -6.57
N ALA B 2079 34.78 -4.31 -7.45
CA ALA B 2079 33.84 -3.23 -7.71
C ALA B 2079 32.69 -3.23 -6.70
N ILE B 2080 32.20 -4.40 -6.30
CA ILE B 2080 31.14 -4.43 -5.30
C ILE B 2080 31.69 -4.06 -3.93
N LEU B 2081 32.89 -4.54 -3.59
CA LEU B 2081 33.48 -4.20 -2.30
C LEU B 2081 33.86 -2.72 -2.20
N ALA B 2082 33.88 -1.99 -3.32
CA ALA B 2082 34.16 -0.56 -3.25
C ALA B 2082 32.92 0.24 -2.92
N ARG B 2083 31.74 -0.22 -3.34
CA ARG B 2083 30.51 0.41 -2.91
C ARG B 2083 30.23 0.19 -1.44
N TYR B 2084 30.84 -0.83 -0.83
CA TYR B 2084 30.73 -1.00 0.61
C TYR B 2084 31.54 0.06 1.35
N MET B 2085 32.51 0.67 0.69
CA MET B 2085 33.32 1.71 1.31
C MET B 2085 32.77 3.10 1.03
N LEU B 2086 32.13 3.30 -0.11
CA LEU B 2086 31.46 4.58 -0.36
C LEU B 2086 30.33 4.80 0.64
N MET B 2087 29.52 3.77 0.89
CA MET B 2087 28.39 3.92 1.79
C MET B 2087 28.83 4.03 3.24
N LEU B 2088 29.96 3.43 3.60
CA LEU B 2088 30.44 3.42 4.96
C LEU B 2088 31.37 4.58 5.28
N SER B 2089 31.71 5.42 4.30
CA SER B 2089 32.62 6.51 4.56
C SER B 2089 31.94 7.65 5.30
N PHE B 2090 30.65 7.89 5.02
CA PHE B 2090 29.96 9.00 5.67
C PHE B 2090 29.89 8.80 7.17
N ASN B 2091 30.13 9.87 7.91
CA ASN B 2091 29.98 9.89 9.36
C ASN B 2091 30.96 8.97 10.06
N ASN B 2092 32.12 8.76 9.46
CA ASN B 2092 33.21 8.03 10.10
C ASN B 2092 32.81 6.61 10.49
N SER B 2093 32.08 5.94 9.59
CA SER B 2093 31.78 4.52 9.76
C SER B 2093 32.89 3.63 9.25
N LEU B 2094 33.97 4.18 8.71
CA LEU B 2094 35.15 3.42 8.34
C LEU B 2094 36.27 3.52 9.36
N ASP B 2095 36.10 4.30 10.42
CA ASP B 2095 37.07 4.38 11.50
C ASP B 2095 38.44 4.82 10.99
N VAL B 2096 38.49 6.06 10.48
CA VAL B 2096 39.70 6.57 9.84
C VAL B 2096 40.85 6.69 10.84
N ALA B 2097 40.54 6.89 12.12
CA ALA B 2097 41.60 7.15 13.09
C ALA B 2097 42.56 5.98 13.24
N ALA B 2098 42.19 4.80 12.78
CA ALA B 2098 43.06 3.63 12.85
C ALA B 2098 43.23 2.94 11.50
N HIS B 2099 42.73 3.54 10.41
CA HIS B 2099 42.72 2.89 9.11
C HIS B 2099 43.18 3.80 7.99
N LEU B 2100 43.64 5.01 8.29
CA LEU B 2100 43.95 5.95 7.22
C LEU B 2100 44.99 5.42 6.24
N PRO B 2101 46.08 4.78 6.67
CA PRO B 2101 47.06 4.29 5.68
C PRO B 2101 46.47 3.39 4.62
N TYR B 2102 45.57 2.48 5.00
CA TYR B 2102 45.02 1.52 4.05
C TYR B 2102 43.95 2.12 3.17
N LEU B 2103 43.31 3.20 3.59
CA LEU B 2103 42.31 3.84 2.75
C LEU B 2103 42.95 4.67 1.64
N PHE B 2104 44.10 5.29 1.92
CA PHE B 2104 44.85 5.94 0.85
C PHE B 2104 45.51 4.93 -0.06
N HIS B 2105 45.88 3.78 0.47
CA HIS B 2105 46.51 2.75 -0.34
C HIS B 2105 45.56 2.25 -1.44
N VAL B 2106 44.29 2.02 -1.10
CA VAL B 2106 43.34 1.57 -2.10
C VAL B 2106 43.01 2.70 -3.08
N VAL B 2107 42.93 3.93 -2.59
CA VAL B 2107 42.53 5.04 -3.45
C VAL B 2107 43.49 5.20 -4.61
N THR B 2108 44.79 5.00 -4.37
CA THR B 2108 45.78 5.17 -5.43
C THR B 2108 45.61 4.12 -6.52
N PHE B 2109 45.24 2.90 -6.15
CA PHE B 2109 45.06 1.84 -7.14
C PHE B 2109 43.70 1.88 -7.82
N LEU B 2110 42.82 2.79 -7.44
CA LEU B 2110 41.48 2.86 -8.02
C LEU B 2110 41.16 4.20 -8.68
N VAL B 2111 42.01 5.20 -8.55
CA VAL B 2111 41.72 6.49 -9.16
C VAL B 2111 41.56 6.32 -10.67
N ALA B 2112 40.47 6.84 -11.21
CA ALA B 2112 40.24 6.91 -12.64
C ALA B 2112 40.31 5.54 -13.31
N THR B 2113 39.45 4.63 -12.83
CA THR B 2113 39.29 3.33 -13.46
C THR B 2113 37.83 2.90 -13.35
N GLY B 2114 37.27 2.42 -14.45
CA GLY B 2114 35.93 1.87 -14.45
C GLY B 2114 34.92 2.78 -15.11
N PRO B 2115 33.65 2.41 -15.01
CA PRO B 2115 32.59 3.26 -15.58
C PRO B 2115 32.47 4.57 -14.82
N LEU B 2116 31.85 5.54 -15.48
CA LEU B 2116 31.73 6.88 -14.89
C LEU B 2116 31.10 6.83 -13.51
N SER B 2117 30.21 5.87 -13.27
CA SER B 2117 29.56 5.76 -11.97
C SER B 2117 30.54 5.29 -10.90
N LEU B 2118 31.54 4.50 -11.26
CA LEU B 2118 32.53 4.01 -10.32
C LEU B 2118 33.70 4.96 -10.16
N ARG B 2119 33.95 5.83 -11.15
CA ARG B 2119 34.96 6.87 -10.99
C ARG B 2119 34.44 8.04 -10.16
N ALA B 2120 33.14 8.30 -10.20
CA ALA B 2120 32.56 9.31 -9.32
C ALA B 2120 32.48 8.82 -7.88
N SER B 2121 32.51 7.51 -7.66
CA SER B 2121 32.47 6.98 -6.30
C SER B 2121 33.80 7.12 -5.58
N THR B 2122 34.91 7.06 -6.31
CA THR B 2122 36.21 7.23 -5.68
C THR B 2122 36.46 8.68 -5.30
N HIS B 2123 35.90 9.62 -6.06
CA HIS B 2123 35.99 11.02 -5.67
C HIS B 2123 35.21 11.25 -4.38
N GLY B 2124 34.00 10.70 -4.29
CA GLY B 2124 33.21 10.84 -3.08
C GLY B 2124 33.87 10.19 -1.88
N LEU B 2125 34.56 9.08 -2.09
CA LEU B 2125 35.19 8.38 -0.98
C LEU B 2125 36.36 9.17 -0.41
N VAL B 2126 37.01 10.02 -1.22
CA VAL B 2126 38.09 10.86 -0.72
C VAL B 2126 37.54 12.07 0.02
N ILE B 2127 36.44 12.64 -0.48
CA ILE B 2127 35.82 13.78 0.21
C ILE B 2127 35.33 13.36 1.60
N ASN B 2128 34.64 12.22 1.67
CA ASN B 2128 34.05 11.78 2.94
C ASN B 2128 35.12 11.46 3.97
N ILE B 2129 36.26 10.94 3.54
CA ILE B 2129 37.33 10.62 4.48
C ILE B 2129 37.87 11.88 5.14
N ILE B 2130 38.12 12.92 4.34
CA ILE B 2130 38.62 14.18 4.90
C ILE B 2130 37.59 14.77 5.85
N HIS B 2131 36.33 14.79 5.45
CA HIS B 2131 35.27 15.31 6.30
C HIS B 2131 35.23 14.57 7.63
N SER B 2132 35.63 13.30 7.65
CA SER B 2132 35.63 12.54 8.88
C SER B 2132 36.82 12.91 9.76
N LEU B 2133 37.98 13.19 9.16
CA LEU B 2133 39.13 13.62 9.95
C LEU B 2133 38.82 14.92 10.69
N CYS B 2134 38.15 15.86 10.03
CA CYS B 2134 37.83 17.13 10.66
C CYS B 2134 36.96 16.93 11.90
N THR B 2135 35.94 16.08 11.79
CA THR B 2135 34.90 15.96 12.81
C THR B 2135 35.05 14.71 13.66
N CYS B 2136 36.28 14.22 13.83
CA CYS B 2136 36.52 13.06 14.67
C CYS B 2136 36.88 13.49 16.08
N SER B 2137 36.33 12.78 17.07
CA SER B 2137 36.53 13.13 18.47
C SER B 2137 37.75 12.44 19.07
N GLN B 2138 38.06 11.23 18.63
CA GLN B 2138 39.21 10.51 19.18
C GLN B 2138 40.53 11.22 18.92
N LEU B 2139 40.56 12.14 17.96
CA LEU B 2139 41.77 12.89 17.62
C LEU B 2139 41.60 14.35 18.04
N HIS B 2140 42.68 14.94 18.54
CA HIS B 2140 42.66 16.30 19.05
C HIS B 2140 43.63 17.14 18.21
N PHE B 2141 43.13 17.69 17.11
CA PHE B 2141 43.93 18.54 16.25
C PHE B 2141 43.84 19.98 16.73
N SER B 2142 44.98 20.68 16.70
CA SER B 2142 45.00 22.07 17.09
C SER B 2142 44.18 22.89 16.10
N GLU B 2143 44.01 24.18 16.41
CA GLU B 2143 43.22 25.05 15.56
C GLU B 2143 43.93 25.38 14.26
N GLU B 2144 45.27 25.35 14.27
CA GLU B 2144 46.01 25.59 13.04
C GLU B 2144 45.80 24.47 12.04
N THR B 2145 45.85 23.21 12.51
CA THR B 2145 45.69 22.08 11.61
C THR B 2145 44.29 22.04 11.01
N LYS B 2146 43.27 22.28 11.82
CA LYS B 2146 41.91 22.18 11.32
C LYS B 2146 41.65 23.16 10.18
N GLN B 2147 42.35 24.28 10.17
CA GLN B 2147 42.22 25.21 9.05
C GLN B 2147 42.81 24.62 7.77
N VAL B 2148 43.84 23.79 7.89
CA VAL B 2148 44.43 23.17 6.71
C VAL B 2148 43.48 22.12 6.14
N LEU B 2149 42.89 21.29 7.00
CA LEU B 2149 41.99 20.26 6.52
C LEU B 2149 40.76 20.86 5.85
N ARG B 2150 40.21 21.93 6.43
CA ARG B 2150 39.04 22.57 5.83
C ARG B 2150 39.35 23.17 4.47
N LEU B 2151 40.58 23.65 4.28
CA LEU B 2151 40.94 24.24 3.00
C LEU B 2151 41.18 23.17 1.95
N SER B 2152 41.78 22.05 2.33
CA SER B 2152 41.94 20.94 1.39
C SER B 2152 40.59 20.39 0.97
N LEU B 2153 39.64 20.36 1.89
CA LEU B 2153 38.31 19.86 1.57
C LEU B 2153 37.65 20.65 0.46
N THR B 2154 38.07 21.90 0.25
CA THR B 2154 37.52 22.72 -0.82
C THR B 2154 38.25 22.57 -2.13
N GLU B 2155 39.56 22.33 -2.10
CA GLU B 2155 40.31 22.16 -3.33
C GLU B 2155 39.82 20.94 -4.11
N PHE B 2156 39.58 19.83 -3.43
CA PHE B 2156 39.22 18.60 -4.13
C PHE B 2156 37.91 18.72 -4.89
N SER B 2157 37.10 19.73 -4.61
CA SER B 2157 35.85 19.94 -5.31
C SER B 2157 35.97 20.90 -6.48
N LEU B 2158 37.16 21.40 -6.78
CA LEU B 2158 37.34 22.32 -7.89
C LEU B 2158 37.39 21.56 -9.21
N PRO B 2159 37.16 22.25 -10.33
CA PRO B 2159 37.24 21.59 -11.64
C PRO B 2159 38.64 21.11 -11.98
N LYS B 2160 39.67 21.58 -11.28
CA LYS B 2160 41.01 21.05 -11.48
C LYS B 2160 41.08 19.59 -11.06
N PHE B 2161 40.58 19.28 -9.86
CA PHE B 2161 40.66 17.91 -9.37
C PHE B 2161 39.62 16.99 -10.00
N TYR B 2162 38.48 17.52 -10.42
CA TYR B 2162 37.53 16.72 -11.19
C TYR B 2162 38.20 16.19 -12.45
N LEU B 2163 39.18 16.91 -12.98
CA LEU B 2163 39.90 16.46 -14.17
C LEU B 2163 40.91 15.38 -13.84
N LEU B 2164 41.57 15.48 -12.67
CA LEU B 2164 42.54 14.45 -12.29
C LEU B 2164 41.86 13.11 -12.06
N PHE B 2165 40.68 13.10 -11.46
CA PHE B 2165 39.97 11.87 -11.18
C PHE B 2165 39.26 11.30 -12.40
N GLY B 2166 39.23 12.02 -13.52
CA GLY B 2166 38.69 11.49 -14.74
C GLY B 2166 37.20 11.66 -14.91
N ILE B 2167 36.57 12.59 -14.21
CA ILE B 2167 35.12 12.76 -14.29
C ILE B 2167 34.75 14.17 -14.73
N SER B 2168 35.62 14.80 -15.52
CA SER B 2168 35.24 16.07 -16.13
C SER B 2168 34.00 15.85 -16.98
N LYS B 2169 33.29 16.95 -17.27
CA LYS B 2169 32.01 16.95 -17.97
C LYS B 2169 30.88 16.53 -17.05
N VAL B 2170 31.13 16.41 -15.75
CA VAL B 2170 30.13 16.02 -14.76
C VAL B 2170 29.88 17.21 -13.86
N LYS B 2171 28.62 17.64 -13.78
CA LYS B 2171 28.29 18.81 -12.96
C LYS B 2171 28.48 18.51 -11.48
N SER B 2172 27.92 17.40 -11.01
CA SER B 2172 28.01 17.00 -9.61
C SER B 2172 28.36 15.53 -9.54
N ALA B 2173 29.37 15.19 -8.74
CA ALA B 2173 29.77 13.80 -8.62
C ALA B 2173 28.76 12.99 -7.82
N ALA B 2174 28.13 13.60 -6.82
CA ALA B 2174 27.22 12.85 -5.97
C ALA B 2174 26.03 12.32 -6.76
N VAL B 2175 25.53 13.10 -7.72
CA VAL B 2175 24.35 12.70 -8.47
C VAL B 2175 24.63 11.45 -9.29
N ILE B 2176 25.84 11.33 -9.84
CA ILE B 2176 26.16 10.18 -10.67
C ILE B 2176 26.46 8.95 -9.82
N ALA B 2177 26.99 9.14 -8.62
CA ALA B 2177 27.32 7.99 -7.78
C ALA B 2177 26.08 7.18 -7.42
N PHE B 2178 25.01 7.85 -7.03
CA PHE B 2178 23.79 7.19 -6.60
C PHE B 2178 22.74 7.21 -7.71
N ARG B 2179 21.74 6.34 -7.56
CA ARG B 2179 20.61 6.29 -8.48
C ARG B 2179 19.33 6.01 -7.67
N SER B 2180 18.25 6.69 -8.05
CA SER B 2180 17.03 6.62 -7.26
C SER B 2180 16.33 5.27 -7.38
N SER B 2181 16.46 4.62 -8.54
CA SER B 2181 15.74 3.38 -8.82
C SER B 2181 16.60 2.14 -8.61
N TYR B 2182 17.52 2.18 -7.64
CA TYR B 2182 18.40 1.04 -7.42
C TYR B 2182 17.64 -0.19 -6.94
N ARG B 2183 16.55 0.00 -6.20
CA ARG B 2183 15.73 -1.12 -5.74
C ARG B 2183 14.78 -1.64 -6.81
N ASP B 2184 14.58 -0.91 -7.90
CA ASP B 2184 13.61 -1.30 -8.92
C ASP B 2184 14.27 -2.10 -10.05
N ARG B 2185 15.27 -1.51 -10.70
CA ARG B 2185 15.92 -2.12 -11.85
C ARG B 2185 17.44 -2.11 -11.64
N SER B 2186 18.15 -2.71 -12.60
CA SER B 2186 19.61 -2.77 -12.58
C SER B 2186 20.14 -1.88 -13.70
N PHE B 2187 21.11 -1.03 -13.36
CA PHE B 2187 21.65 -0.08 -14.33
C PHE B 2187 22.43 -0.81 -15.42
N SER B 2188 22.33 -0.29 -16.64
CA SER B 2188 23.05 -0.86 -17.78
C SER B 2188 24.24 0.02 -18.11
N PRO B 2189 25.47 -0.47 -18.00
CA PRO B 2189 26.63 0.40 -18.29
C PRO B 2189 26.61 0.87 -19.74
N GLY B 2190 27.04 2.11 -19.94
CA GLY B 2190 27.10 2.69 -21.26
C GLY B 2190 28.40 3.44 -21.46
N SER B 2191 28.61 3.89 -22.70
CA SER B 2191 29.79 4.66 -23.07
C SER B 2191 31.07 3.93 -22.66
N TYR B 2192 31.26 2.75 -23.28
CA TYR B 2192 32.42 1.93 -22.95
C TYR B 2192 33.73 2.65 -23.20
N GLU B 2193 33.72 3.69 -24.03
CA GLU B 2193 34.90 4.53 -24.17
C GLU B 2193 35.30 5.10 -22.82
N ARG B 2194 36.57 4.98 -22.48
CA ARG B 2194 37.07 5.43 -21.18
C ARG B 2194 38.40 6.13 -21.38
N GLU B 2195 38.55 7.29 -20.73
CA GLU B 2195 39.74 8.11 -20.91
C GLU B 2195 40.98 7.39 -20.40
N THR B 2196 42.12 7.73 -20.99
CA THR B 2196 43.39 7.19 -20.54
C THR B 2196 43.84 7.89 -19.26
N PHE B 2197 44.56 7.16 -18.43
CA PHE B 2197 45.10 7.68 -17.18
C PHE B 2197 46.59 7.91 -17.36
N ALA B 2198 47.07 9.10 -16.97
CA ALA B 2198 48.45 9.49 -17.12
C ALA B 2198 49.15 9.47 -15.77
N LEU B 2199 50.36 8.91 -15.72
CA LEU B 2199 51.07 8.80 -14.47
C LEU B 2199 51.46 10.16 -13.89
N THR B 2200 51.37 11.22 -14.68
CA THR B 2200 51.61 12.55 -14.12
C THR B 2200 50.44 13.03 -13.29
N SER B 2201 49.23 12.51 -13.56
CA SER B 2201 48.08 12.86 -12.75
C SER B 2201 48.13 12.17 -11.39
N LEU B 2202 48.70 10.96 -11.34
CA LEU B 2202 48.81 10.26 -10.07
C LEU B 2202 49.75 10.99 -9.11
N GLU B 2203 50.76 11.68 -9.64
CA GLU B 2203 51.66 12.43 -8.78
C GLU B 2203 50.93 13.57 -8.08
N THR B 2204 50.11 14.31 -8.81
CA THR B 2204 49.38 15.42 -8.20
C THR B 2204 48.42 14.91 -7.14
N VAL B 2205 47.76 13.78 -7.38
CA VAL B 2205 46.90 13.19 -6.37
C VAL B 2205 47.72 12.62 -5.22
N THR B 2206 48.83 11.95 -5.52
CA THR B 2206 49.61 11.32 -4.48
C THR B 2206 50.33 12.33 -3.60
N GLU B 2207 50.45 13.58 -4.04
CA GLU B 2207 51.13 14.61 -3.26
C GLU B 2207 50.17 15.50 -2.51
N ALA B 2208 48.93 15.64 -2.99
CA ALA B 2208 47.90 16.32 -2.21
C ALA B 2208 47.46 15.48 -1.02
N LEU B 2209 47.48 14.15 -1.17
CA LEU B 2209 47.14 13.27 -0.05
C LEU B 2209 48.28 13.14 0.95
N LEU B 2210 49.53 13.17 0.49
CA LEU B 2210 50.65 13.12 1.42
C LEU B 2210 50.67 14.38 2.28
N GLU B 2211 50.33 15.53 1.70
CA GLU B 2211 50.29 16.76 2.47
C GLU B 2211 49.26 16.67 3.59
N ILE B 2212 48.11 16.08 3.32
CA ILE B 2212 47.06 15.95 4.34
C ILE B 2212 47.57 15.09 5.49
N MET B 2213 48.20 13.96 5.18
CA MET B 2213 48.63 13.04 6.23
C MET B 2213 49.66 13.69 7.14
N GLU B 2214 50.60 14.45 6.57
CA GLU B 2214 51.67 15.01 7.40
C GLU B 2214 51.13 16.05 8.38
N ALA B 2215 50.17 16.87 7.95
CA ALA B 2215 49.61 17.86 8.85
C ALA B 2215 49.00 17.19 10.09
N CYS B 2216 48.42 16.02 9.92
CA CYS B 2216 47.82 15.31 11.04
C CYS B 2216 48.86 14.64 11.92
N MET B 2217 49.97 14.17 11.34
CA MET B 2217 50.97 13.47 12.13
C MET B 2217 51.67 14.38 13.12
N ARG B 2218 51.65 15.70 12.91
CA ARG B 2218 52.30 16.60 13.84
C ARG B 2218 51.63 16.58 15.21
N ASP B 2219 50.29 16.51 15.23
CA ASP B 2219 49.54 16.54 16.48
C ASP B 2219 49.33 15.17 17.09
N ILE B 2220 49.88 14.12 16.48
CA ILE B 2220 49.73 12.76 17.00
C ILE B 2220 51.12 12.23 17.33
N PRO B 2221 51.50 12.15 18.61
CA PRO B 2221 52.85 11.67 18.92
C PRO B 2221 53.05 10.22 18.51
N THR B 2222 54.29 9.91 18.14
CA THR B 2222 54.69 8.57 17.71
C THR B 2222 53.66 7.94 16.78
N CYS B 2223 53.29 8.69 15.74
CA CYS B 2223 52.38 8.19 14.73
C CYS B 2223 53.12 7.32 13.73
N LYS B 2224 52.45 6.27 13.27
CA LYS B 2224 53.03 5.29 12.35
C LYS B 2224 52.36 5.29 10.99
N TRP B 2225 51.58 6.31 10.66
CA TRP B 2225 50.82 6.28 9.41
C TRP B 2225 51.74 6.19 8.20
N LEU B 2226 52.84 6.96 8.21
CA LEU B 2226 53.67 7.05 7.01
C LEU B 2226 54.54 5.80 6.83
N ASP B 2227 55.00 5.19 7.92
CA ASP B 2227 55.76 3.95 7.80
C ASP B 2227 54.89 2.84 7.23
N GLN B 2228 53.64 2.73 7.71
CA GLN B 2228 52.77 1.66 7.21
C GLN B 2228 52.44 1.86 5.74
N TRP B 2229 52.16 3.10 5.32
CA TRP B 2229 51.89 3.34 3.91
C TRP B 2229 53.13 3.04 3.06
N THR B 2230 54.32 3.30 3.60
CA THR B 2230 55.54 3.03 2.85
C THR B 2230 55.74 1.54 2.62
N GLU B 2231 55.48 0.72 3.63
CA GLU B 2231 55.68 -0.72 3.47
C GLU B 2231 54.74 -1.31 2.43
N LEU B 2232 53.48 -0.88 2.44
CA LEU B 2232 52.54 -1.39 1.45
C LEU B 2232 53.00 -1.04 0.03
N ALA B 2233 53.56 0.15 -0.15
CA ALA B 2233 54.01 0.57 -1.47
C ALA B 2233 55.16 -0.31 -1.96
N GLN B 2234 56.11 -0.65 -1.09
CA GLN B 2234 57.24 -1.47 -1.52
C GLN B 2234 56.78 -2.83 -2.03
N ARG B 2235 55.86 -3.47 -1.31
CA ARG B 2235 55.50 -4.84 -1.63
C ARG B 2235 55.00 -4.98 -3.06
N PHE B 2236 54.48 -3.91 -3.63
CA PHE B 2236 53.96 -3.94 -5.00
C PHE B 2236 54.92 -3.35 -6.01
N ALA B 2237 55.77 -2.42 -5.61
CA ALA B 2237 56.69 -1.79 -6.56
C ALA B 2237 57.68 -2.80 -7.12
N PHE B 2238 58.24 -3.66 -6.26
CA PHE B 2238 59.34 -4.54 -6.64
C PHE B 2238 58.86 -5.96 -6.93
N GLN B 2239 57.68 -6.10 -7.50
CA GLN B 2239 57.16 -7.40 -7.91
C GLN B 2239 56.48 -7.24 -9.27
N TYR B 2240 56.48 -8.31 -10.06
CA TYR B 2240 56.00 -8.24 -11.43
C TYR B 2240 54.48 -8.28 -11.43
N ASN B 2241 53.85 -7.18 -11.86
CA ASN B 2241 52.41 -7.12 -12.08
C ASN B 2241 52.12 -6.03 -13.10
N PRO B 2242 51.62 -6.38 -14.29
CA PRO B 2242 51.40 -5.36 -15.32
C PRO B 2242 50.37 -4.31 -14.94
N SER B 2243 49.49 -4.58 -13.97
CA SER B 2243 48.38 -3.69 -13.68
C SER B 2243 48.59 -2.84 -12.44
N LEU B 2244 49.51 -3.21 -11.56
CA LEU B 2244 49.74 -2.48 -10.32
C LEU B 2244 51.15 -1.93 -10.17
N GLN B 2245 52.15 -2.58 -10.76
CA GLN B 2245 53.53 -2.16 -10.52
C GLN B 2245 53.79 -0.74 -11.00
N PRO B 2246 53.36 -0.33 -12.20
CA PRO B 2246 53.61 1.07 -12.60
C PRO B 2246 53.05 2.09 -11.62
N ARG B 2247 51.84 1.88 -11.11
CA ARG B 2247 51.26 2.85 -10.19
C ARG B 2247 51.95 2.82 -8.84
N ALA B 2248 52.30 1.64 -8.35
CA ALA B 2248 52.95 1.53 -7.06
C ALA B 2248 54.32 2.19 -7.07
N LEU B 2249 55.05 2.09 -8.18
CA LEU B 2249 56.36 2.72 -8.27
C LEU B 2249 56.26 4.23 -8.12
N VAL B 2250 55.27 4.86 -8.76
CA VAL B 2250 55.12 6.30 -8.66
C VAL B 2250 54.78 6.69 -7.22
N VAL B 2251 53.90 5.94 -6.57
CA VAL B 2251 53.55 6.24 -5.19
C VAL B 2251 54.76 6.05 -4.29
N PHE B 2252 55.55 5.01 -4.53
CA PHE B 2252 56.68 4.71 -3.66
C PHE B 2252 57.70 5.84 -3.67
N GLY B 2253 57.94 6.45 -4.83
CA GLY B 2253 58.92 7.51 -4.93
C GLY B 2253 58.45 8.85 -4.39
N CYS B 2254 57.17 8.99 -4.08
CA CYS B 2254 56.63 10.25 -3.60
C CYS B 2254 56.52 10.32 -2.08
N ILE B 2255 56.32 9.18 -1.41
CA ILE B 2255 56.10 9.16 0.03
C ILE B 2255 57.31 8.62 0.78
N SER B 2256 58.42 8.35 0.09
CA SER B 2256 59.59 7.77 0.72
C SER B 2256 60.54 8.85 1.18
N LYS B 2257 61.12 8.66 2.37
CA LYS B 2257 62.05 9.62 2.96
C LYS B 2257 63.49 9.14 2.92
N ARG B 2258 63.74 7.91 2.48
CA ARG B 2258 65.09 7.37 2.45
C ARG B 2258 65.18 6.37 1.31
N VAL B 2259 66.39 6.19 0.80
CA VAL B 2259 66.66 5.19 -0.23
C VAL B 2259 68.12 4.78 -0.12
N SER B 2260 68.38 3.51 -0.40
CA SER B 2260 69.72 2.95 -0.33
C SER B 2260 70.17 2.53 -1.72
N HIS B 2261 71.45 2.17 -1.83
CA HIS B 2261 71.99 1.73 -3.11
C HIS B 2261 71.26 0.51 -3.63
N GLY B 2262 71.00 -0.46 -2.75
CA GLY B 2262 70.36 -1.69 -3.21
C GLY B 2262 69.03 -1.44 -3.89
N GLN B 2263 68.22 -0.53 -3.34
CA GLN B 2263 66.95 -0.22 -3.96
C GLN B 2263 67.14 0.48 -5.31
N ILE B 2264 68.05 1.45 -5.38
CA ILE B 2264 68.33 2.12 -6.64
C ILE B 2264 68.87 1.15 -7.67
N LYS B 2265 69.41 0.01 -7.23
CA LYS B 2265 69.85 -1.01 -8.17
C LYS B 2265 68.67 -1.73 -8.79
N GLN B 2266 67.67 -2.10 -7.98
CA GLN B 2266 66.54 -2.84 -8.50
C GLN B 2266 65.70 -2.00 -9.46
N ILE B 2267 65.61 -0.69 -9.22
CA ILE B 2267 64.81 0.16 -10.10
C ILE B 2267 65.42 0.21 -11.50
N ILE B 2268 66.75 0.30 -11.59
CA ILE B 2268 67.39 0.30 -12.90
C ILE B 2268 67.25 -1.05 -13.57
N ARG B 2269 67.33 -2.13 -12.80
CA ARG B 2269 67.19 -3.46 -13.38
C ARG B 2269 65.80 -3.68 -13.94
N ILE B 2270 64.78 -3.06 -13.35
CA ILE B 2270 63.44 -3.10 -13.93
C ILE B 2270 63.42 -2.36 -15.26
N LEU B 2271 64.06 -1.18 -15.31
CA LEU B 2271 64.14 -0.44 -16.56
C LEU B 2271 64.86 -1.24 -17.63
N SER B 2272 65.90 -1.98 -17.26
CA SER B 2272 66.62 -2.79 -18.22
C SER B 2272 65.70 -3.84 -18.84
N LYS B 2273 64.92 -4.54 -18.01
CA LYS B 2273 64.06 -5.60 -18.52
C LYS B 2273 62.88 -5.05 -19.32
N ALA B 2274 62.37 -3.88 -18.94
CA ALA B 2274 61.23 -3.31 -19.67
C ALA B 2274 61.59 -3.06 -21.13
N LEU B 2275 62.79 -2.53 -21.39
CA LEU B 2275 63.23 -2.33 -22.76
C LEU B 2275 63.33 -3.65 -23.51
N GLU B 2276 63.92 -4.67 -22.87
CA GLU B 2276 64.10 -5.94 -23.54
C GLU B 2276 62.77 -6.54 -23.97
N SER B 2277 61.79 -6.56 -23.06
CA SER B 2277 60.49 -7.13 -23.40
C SER B 2277 59.78 -6.29 -24.46
N CYS B 2278 60.03 -4.99 -24.50
CA CYS B 2278 59.27 -4.11 -25.39
C CYS B 2278 59.56 -4.43 -26.85
N LEU B 2279 60.83 -4.66 -27.20
CA LEU B 2279 61.18 -4.89 -28.59
C LEU B 2279 60.84 -6.30 -29.05
N LYS B 2280 60.81 -7.27 -28.14
CA LYS B 2280 60.59 -8.66 -28.54
C LYS B 2280 59.22 -8.83 -29.20
N GLY B 2281 58.18 -8.28 -28.60
CA GLY B 2281 56.83 -8.52 -29.05
C GLY B 2281 56.06 -7.26 -29.37
N PRO B 2282 54.84 -7.41 -29.88
CA PRO B 2282 54.02 -6.25 -30.25
C PRO B 2282 53.27 -5.61 -29.09
N ASP B 2283 53.21 -6.25 -27.92
CA ASP B 2283 52.56 -5.67 -26.76
C ASP B 2283 53.50 -4.65 -26.13
N THR B 2284 53.68 -3.54 -26.84
CA THR B 2284 54.64 -2.52 -26.45
C THR B 2284 54.06 -1.53 -25.44
N TYR B 2285 52.86 -1.02 -25.71
CA TYR B 2285 52.29 0.00 -24.84
C TYR B 2285 52.17 -0.48 -23.41
N ASN B 2286 52.02 -1.79 -23.21
CA ASN B 2286 51.94 -2.32 -21.86
C ASN B 2286 53.22 -2.05 -21.07
N SER B 2287 54.37 -2.24 -21.71
CA SER B 2287 55.65 -2.07 -21.04
C SER B 2287 56.25 -0.69 -21.24
N GLN B 2288 55.75 0.10 -22.19
CA GLN B 2288 56.21 1.47 -22.31
C GLN B 2288 55.79 2.32 -21.12
N VAL B 2289 54.77 1.89 -20.37
CA VAL B 2289 54.39 2.62 -19.17
C VAL B 2289 55.31 2.24 -18.01
N LEU B 2290 55.81 1.01 -17.99
CA LEU B 2290 56.74 0.61 -16.95
C LEU B 2290 58.10 1.28 -17.11
N ILE B 2291 58.42 1.75 -18.33
CA ILE B 2291 59.62 2.55 -18.50
C ILE B 2291 59.39 3.98 -18.04
N GLU B 2292 58.15 4.48 -18.14
CA GLU B 2292 57.88 5.84 -17.74
C GLU B 2292 57.88 5.99 -16.22
N ALA B 2293 57.28 5.02 -15.52
CA ALA B 2293 57.20 5.10 -14.07
C ALA B 2293 58.57 4.91 -13.42
N THR B 2294 59.44 4.11 -14.03
CA THR B 2294 60.78 3.95 -13.49
C THR B 2294 61.57 5.26 -13.58
N VAL B 2295 61.45 5.98 -14.69
CA VAL B 2295 62.14 7.25 -14.83
C VAL B 2295 61.56 8.29 -13.89
N ILE B 2296 60.24 8.27 -13.71
CA ILE B 2296 59.62 9.23 -12.79
C ILE B 2296 60.11 9.00 -11.37
N ALA B 2297 60.21 7.73 -10.96
CA ALA B 2297 60.66 7.44 -9.60
C ALA B 2297 62.09 7.91 -9.36
N LEU B 2298 62.99 7.66 -10.31
CA LEU B 2298 64.38 8.08 -10.14
C LEU B 2298 64.49 9.59 -9.98
N THR B 2299 63.54 10.34 -10.55
CA THR B 2299 63.51 11.77 -10.33
C THR B 2299 63.23 12.11 -8.88
N LYS B 2300 62.31 11.38 -8.24
CA LYS B 2300 61.90 11.70 -6.89
C LYS B 2300 62.85 11.18 -5.83
N LEU B 2301 63.69 10.20 -6.15
CA LEU B 2301 64.53 9.56 -5.15
C LEU B 2301 65.97 10.04 -5.15
N GLN B 2302 66.47 10.60 -6.25
CA GLN B 2302 67.89 10.96 -6.28
C GLN B 2302 68.27 11.97 -5.23
N PRO B 2303 67.50 13.04 -4.98
CA PRO B 2303 67.90 14.00 -3.94
C PRO B 2303 68.09 13.39 -2.58
N LEU B 2304 67.60 12.17 -2.34
CA LEU B 2304 67.74 11.51 -1.05
C LEU B 2304 68.94 10.57 -1.01
N LEU B 2305 69.71 10.47 -2.09
CA LEU B 2305 70.82 9.55 -2.14
C LEU B 2305 71.96 10.02 -1.23
N ASN B 2306 72.89 9.11 -0.97
CA ASN B 2306 74.06 9.46 -0.17
C ASN B 2306 74.88 10.54 -0.89
N LYS B 2307 75.44 11.45 -0.10
CA LYS B 2307 76.07 12.63 -0.67
C LYS B 2307 77.29 12.30 -1.51
N ASP B 2308 77.94 11.16 -1.25
CA ASP B 2308 79.17 10.80 -1.94
C ASP B 2308 79.01 9.57 -2.82
N SER B 2309 77.78 9.19 -3.18
CA SER B 2309 77.59 8.03 -4.02
C SER B 2309 78.03 8.34 -5.45
N PRO B 2310 78.55 7.34 -6.18
CA PRO B 2310 78.89 7.59 -7.59
C PRO B 2310 77.67 7.74 -8.48
N LEU B 2311 76.49 7.34 -8.03
CA LEU B 2311 75.32 7.32 -8.90
C LEU B 2311 74.80 8.70 -9.23
N HIS B 2312 75.19 9.73 -8.48
CA HIS B 2312 74.74 11.08 -8.81
C HIS B 2312 75.18 11.48 -10.22
N LYS B 2313 76.31 10.96 -10.67
CA LYS B 2313 76.81 11.25 -12.01
C LYS B 2313 76.36 10.21 -13.03
N ALA B 2314 76.42 8.93 -12.66
CA ALA B 2314 76.03 7.89 -13.61
C ALA B 2314 74.57 8.04 -14.03
N LEU B 2315 73.74 8.66 -13.19
CA LEU B 2315 72.35 8.88 -13.55
C LEU B 2315 72.18 9.92 -14.63
N PHE B 2316 73.24 10.58 -15.05
CA PHE B 2316 73.16 11.50 -16.19
C PHE B 2316 73.06 10.72 -17.50
N TRP B 2317 73.75 9.59 -17.61
CA TRP B 2317 73.70 8.80 -18.82
C TRP B 2317 72.41 8.00 -18.94
N VAL B 2318 71.60 7.95 -17.89
CA VAL B 2318 70.30 7.33 -17.99
C VAL B 2318 69.29 8.29 -18.58
N ALA B 2319 69.39 9.58 -18.24
CA ALA B 2319 68.53 10.58 -18.85
C ALA B 2319 68.79 10.66 -20.35
N VAL B 2320 70.05 10.66 -20.76
CA VAL B 2320 70.37 10.75 -22.18
C VAL B 2320 69.87 9.53 -22.93
N ALA B 2321 70.12 8.33 -22.37
CA ALA B 2321 69.67 7.12 -23.05
C ALA B 2321 68.17 7.04 -23.17
N VAL B 2322 67.43 7.83 -22.39
CA VAL B 2322 65.97 7.84 -22.47
C VAL B 2322 65.46 8.87 -23.47
N LEU B 2323 66.27 9.87 -23.82
CA LEU B 2323 65.90 10.81 -24.86
C LEU B 2323 66.18 10.29 -26.26
N GLN B 2324 66.78 9.11 -26.38
CA GLN B 2324 67.06 8.52 -27.68
C GLN B 2324 65.99 7.54 -28.13
N LEU B 2325 64.94 7.33 -27.35
CA LEU B 2325 63.91 6.36 -27.69
C LEU B 2325 62.79 6.93 -28.55
N ASP B 2326 62.74 8.25 -28.73
CA ASP B 2326 61.82 8.88 -29.67
C ASP B 2326 60.36 8.56 -29.33
N GLU B 2327 59.93 9.01 -28.15
CA GLU B 2327 58.52 8.93 -27.76
C GLU B 2327 58.20 10.13 -26.90
N VAL B 2328 57.03 10.74 -27.13
CA VAL B 2328 56.70 11.99 -26.45
C VAL B 2328 56.68 11.79 -24.95
N ASN B 2329 56.08 10.68 -24.49
CA ASN B 2329 55.96 10.48 -23.04
C ASN B 2329 57.29 10.11 -22.42
N LEU B 2330 58.12 9.34 -23.13
CA LEU B 2330 59.45 9.00 -22.61
C LEU B 2330 60.39 10.19 -22.73
N TYR B 2331 60.18 11.06 -23.72
CA TYR B 2331 61.01 12.24 -23.84
C TYR B 2331 60.67 13.26 -22.75
N SER B 2332 59.38 13.38 -22.43
CA SER B 2332 58.98 14.33 -21.40
C SER B 2332 59.49 13.93 -20.03
N ALA B 2333 59.47 12.63 -19.72
CA ALA B 2333 59.96 12.16 -18.43
C ALA B 2333 61.48 12.18 -18.37
N GLY B 2334 62.14 12.06 -19.52
CA GLY B 2334 63.59 12.07 -19.54
C GLY B 2334 64.17 13.41 -19.15
N THR B 2335 63.55 14.50 -19.61
CA THR B 2335 64.08 15.82 -19.30
C THR B 2335 63.95 16.13 -17.82
N ALA B 2336 62.84 15.74 -17.20
CA ALA B 2336 62.64 16.04 -15.78
C ALA B 2336 63.72 15.41 -14.92
N LEU B 2337 64.29 14.28 -15.36
CA LEU B 2337 65.39 13.66 -14.64
C LEU B 2337 66.72 14.34 -14.92
N LEU B 2338 66.77 15.21 -15.92
CA LEU B 2338 67.99 15.94 -16.27
C LEU B 2338 67.97 17.36 -15.74
N GLU B 2339 66.81 18.01 -15.70
CA GLU B 2339 66.73 19.32 -15.10
C GLU B 2339 67.10 19.28 -13.63
N GLN B 2340 66.66 18.24 -12.93
CA GLN B 2340 66.94 18.13 -11.50
C GLN B 2340 68.30 17.53 -11.21
N ASN B 2341 68.80 16.68 -12.10
CA ASN B 2341 70.13 16.11 -11.90
C ASN B 2341 71.18 17.21 -11.87
N LEU B 2342 71.07 18.18 -12.78
CA LEU B 2342 71.96 19.34 -12.71
C LEU B 2342 71.74 20.12 -11.43
N HIS B 2343 70.48 20.30 -11.04
CA HIS B 2343 70.16 21.08 -9.86
C HIS B 2343 70.73 20.44 -8.60
N THR B 2344 70.66 19.11 -8.48
CA THR B 2344 71.18 18.44 -7.30
C THR B 2344 72.70 18.51 -7.24
N LEU B 2345 73.37 18.34 -8.38
CA LEU B 2345 74.83 18.34 -8.39
C LEU B 2345 75.40 19.69 -7.98
N ASP B 2346 74.65 20.78 -8.14
CA ASP B 2346 75.14 22.09 -7.71
C ASP B 2346 75.14 22.21 -6.20
N SER B 2347 74.05 21.78 -5.55
CA SER B 2347 73.98 21.90 -4.10
C SER B 2347 75.09 21.10 -3.43
N LEU B 2348 75.58 20.06 -4.09
CA LEU B 2348 76.76 19.33 -3.62
C LEU B 2348 78.06 19.98 -4.08
N ARG B 2349 77.98 21.04 -4.89
CA ARG B 2349 79.16 21.78 -5.33
C ARG B 2349 80.18 20.86 -5.99
N ILE B 2350 79.75 20.27 -7.11
CA ILE B 2350 80.65 19.42 -7.90
C ILE B 2350 81.19 20.16 -9.12
N PHE B 2351 80.48 21.17 -9.63
CA PHE B 2351 80.96 21.98 -10.74
C PHE B 2351 81.70 23.22 -10.29
N ASN B 2352 82.10 23.28 -9.02
CA ASN B 2352 82.76 24.49 -8.50
C ASN B 2352 84.08 24.74 -9.22
N ASP B 2353 84.86 23.68 -9.45
CA ASP B 2353 86.20 23.83 -10.02
C ASP B 2353 86.40 22.89 -11.21
N LYS B 2354 85.32 22.56 -11.92
CA LYS B 2354 85.39 21.70 -13.08
C LYS B 2354 84.34 22.13 -14.09
N SER B 2355 84.23 21.37 -15.17
CA SER B 2355 83.29 21.67 -16.23
C SER B 2355 82.39 20.46 -16.49
N PRO B 2356 81.17 20.67 -16.97
CA PRO B 2356 80.28 19.52 -17.21
C PRO B 2356 80.89 18.47 -18.10
N GLU B 2357 81.74 18.86 -19.05
CA GLU B 2357 82.37 17.89 -19.92
C GLU B 2357 83.32 16.98 -19.16
N GLU B 2358 84.04 17.52 -18.17
CA GLU B 2358 84.99 16.70 -17.43
C GLU B 2358 84.29 15.81 -16.41
N VAL B 2359 83.25 16.33 -15.74
CA VAL B 2359 82.58 15.58 -14.70
C VAL B 2359 81.90 14.35 -15.30
N PHE B 2360 81.11 14.54 -16.35
CA PHE B 2360 80.31 13.45 -16.89
C PHE B 2360 81.09 12.54 -17.81
N MET B 2361 82.13 13.05 -18.46
CA MET B 2361 82.91 12.22 -19.37
C MET B 2361 83.93 11.36 -18.63
N ALA B 2362 84.35 11.78 -17.45
CA ALA B 2362 85.28 10.96 -16.67
C ALA B 2362 84.61 9.67 -16.19
N ILE B 2363 83.38 9.78 -15.68
CA ILE B 2363 82.68 8.59 -15.18
C ILE B 2363 82.23 7.67 -16.30
N ARG B 2364 82.19 8.15 -17.54
CA ARG B 2364 81.86 7.31 -18.68
C ARG B 2364 83.06 6.52 -19.19
N ASN B 2365 84.27 6.86 -18.77
CA ASN B 2365 85.47 6.23 -19.31
C ASN B 2365 85.50 4.73 -19.06
N PRO B 2366 85.20 4.22 -17.86
CA PRO B 2366 85.39 2.78 -17.62
C PRO B 2366 84.65 1.88 -18.58
N LEU B 2367 83.49 2.31 -19.08
CA LEU B 2367 82.67 1.50 -19.98
C LEU B 2367 82.55 2.17 -21.34
N GLU B 2368 83.64 2.75 -21.83
CA GLU B 2368 83.60 3.45 -23.11
C GLU B 2368 83.32 2.51 -24.26
N TRP B 2369 83.68 1.23 -24.13
CA TRP B 2369 83.53 0.31 -25.25
C TRP B 2369 82.07 0.16 -25.68
N HIS B 2370 81.16 0.04 -24.71
CA HIS B 2370 79.75 -0.04 -25.04
C HIS B 2370 79.23 1.29 -25.57
N CYS B 2371 79.67 2.40 -24.97
CA CYS B 2371 79.21 3.71 -25.41
C CYS B 2371 79.66 4.02 -26.82
N LYS B 2372 80.88 3.62 -27.17
CA LYS B 2372 81.42 3.95 -28.48
C LYS B 2372 80.58 3.40 -29.62
N GLN B 2373 79.74 2.41 -29.36
CA GLN B 2373 78.85 1.87 -30.38
C GLN B 2373 77.49 2.56 -30.41
N MET B 2374 77.05 3.12 -29.29
CA MET B 2374 75.79 3.87 -29.29
C MET B 2374 75.93 5.16 -30.07
N ASP B 2375 77.08 5.82 -29.96
CA ASP B 2375 77.31 7.05 -30.71
C ASP B 2375 77.23 6.82 -32.20
N HIS B 2376 77.78 5.70 -32.68
CA HIS B 2376 77.86 5.47 -34.11
C HIS B 2376 76.48 5.40 -34.75
N PHE B 2377 75.55 4.69 -34.10
CA PHE B 2377 74.22 4.53 -34.69
C PHE B 2377 73.39 5.80 -34.56
N VAL B 2378 73.43 6.44 -33.39
CA VAL B 2378 72.65 7.66 -33.22
C VAL B 2378 73.22 8.79 -34.07
N GLY B 2379 74.54 8.85 -34.19
CA GLY B 2379 75.18 9.83 -35.06
C GLY B 2379 75.50 11.13 -34.35
N LEU B 2380 76.04 11.03 -33.14
CA LEU B 2380 76.41 12.22 -32.37
C LEU B 2380 77.57 11.80 -31.45
N ASN B 2381 78.79 12.14 -31.85
CA ASN B 2381 79.97 11.73 -31.12
C ASN B 2381 80.13 12.58 -29.87
N PHE B 2382 80.30 11.93 -28.72
CA PHE B 2382 80.55 12.64 -27.47
C PHE B 2382 82.03 12.80 -27.18
N ASN B 2383 82.90 12.00 -27.81
CA ASN B 2383 84.33 12.17 -27.67
C ASN B 2383 84.89 13.25 -28.56
N SER B 2384 84.13 13.71 -29.55
CA SER B 2384 84.61 14.74 -30.48
C SER B 2384 84.32 16.13 -29.95
N ASN B 2385 83.05 16.42 -29.66
CA ASN B 2385 82.64 17.74 -29.18
C ASN B 2385 81.47 17.52 -28.23
N PHE B 2386 81.77 17.49 -26.93
CA PHE B 2386 80.72 17.21 -25.95
C PHE B 2386 79.60 18.23 -26.04
N ASN B 2387 79.94 19.51 -26.11
CA ASN B 2387 78.92 20.55 -26.01
C ASN B 2387 77.95 20.51 -27.18
N PHE B 2388 78.43 20.23 -28.39
CA PHE B 2388 77.54 20.16 -29.53
C PHE B 2388 76.74 18.86 -29.56
N ALA B 2389 77.29 17.78 -29.02
CA ALA B 2389 76.55 16.53 -28.95
C ALA B 2389 75.36 16.65 -28.02
N LEU B 2390 75.55 17.27 -26.85
CA LEU B 2390 74.45 17.40 -25.90
C LEU B 2390 73.34 18.28 -26.46
N VAL B 2391 73.71 19.38 -27.11
CA VAL B 2391 72.69 20.23 -27.72
C VAL B 2391 72.01 19.52 -28.87
N GLY B 2392 72.62 18.47 -29.42
CA GLY B 2392 71.97 17.68 -30.45
C GLY B 2392 70.80 16.86 -29.94
N HIS B 2393 70.74 16.61 -28.64
CA HIS B 2393 69.63 15.88 -28.04
C HIS B 2393 68.52 16.79 -27.52
N LEU B 2394 68.86 18.00 -27.12
CA LEU B 2394 67.89 18.93 -26.57
C LEU B 2394 67.19 19.76 -27.63
N LEU B 2395 67.57 19.64 -28.90
CA LEU B 2395 66.90 20.38 -29.96
C LEU B 2395 65.54 19.80 -30.28
N LYS B 2396 65.38 18.49 -30.15
CA LYS B 2396 64.08 17.88 -30.47
C LYS B 2396 63.00 18.35 -29.54
N GLY B 2397 63.34 18.98 -28.42
CA GLY B 2397 62.36 19.44 -27.47
C GLY B 2397 61.53 20.61 -27.92
N TYR B 2398 61.97 21.33 -28.95
CA TYR B 2398 61.15 22.39 -29.51
C TYR B 2398 59.96 21.84 -30.28
N ARG B 2399 60.00 20.56 -30.64
CA ARG B 2399 58.93 19.93 -31.42
C ARG B 2399 57.88 19.26 -30.54
N HIS B 2400 58.07 19.24 -29.23
CA HIS B 2400 57.14 18.53 -28.36
C HIS B 2400 55.77 19.21 -28.42
N PRO B 2401 54.68 18.44 -28.54
CA PRO B 2401 53.36 19.09 -28.60
C PRO B 2401 53.03 19.94 -27.38
N SER B 2402 53.44 19.51 -26.20
CA SER B 2402 53.07 20.22 -24.99
C SER B 2402 53.84 21.53 -24.87
N PRO B 2403 53.16 22.67 -24.74
CA PRO B 2403 53.90 23.93 -24.54
C PRO B 2403 54.71 23.98 -23.25
N ALA B 2404 54.33 23.20 -22.24
CA ALA B 2404 55.02 23.24 -20.96
C ALA B 2404 56.34 22.48 -20.98
N ILE B 2405 56.54 21.60 -21.96
CA ILE B 2405 57.81 20.89 -22.07
C ILE B 2405 58.80 21.68 -22.91
N VAL B 2406 58.33 22.51 -23.84
CA VAL B 2406 59.23 23.35 -24.61
C VAL B 2406 59.89 24.39 -23.71
N ALA B 2407 59.15 24.90 -22.74
CA ALA B 2407 59.73 25.87 -21.80
C ALA B 2407 60.72 25.20 -20.86
N ARG B 2408 60.53 23.90 -20.57
CA ARG B 2408 61.45 23.20 -19.69
C ARG B 2408 62.80 23.01 -20.35
N THR B 2409 62.81 22.66 -21.63
CA THR B 2409 64.07 22.49 -22.35
C THR B 2409 64.81 23.80 -22.55
N VAL B 2410 64.09 24.94 -22.56
CA VAL B 2410 64.75 26.23 -22.64
C VAL B 2410 65.49 26.53 -21.34
N ARG B 2411 64.90 26.17 -20.20
CA ARG B 2411 65.57 26.39 -18.93
C ARG B 2411 66.86 25.59 -18.84
N ILE B 2412 66.85 24.35 -19.30
CA ILE B 2412 68.04 23.52 -19.22
C ILE B 2412 69.17 24.13 -20.04
N LEU B 2413 68.83 24.72 -21.19
CA LEU B 2413 69.84 25.37 -22.01
C LEU B 2413 70.45 26.57 -21.29
N HIS B 2414 69.61 27.37 -20.61
CA HIS B 2414 70.14 28.46 -19.81
C HIS B 2414 71.05 27.93 -18.71
N THR B 2415 70.63 26.86 -18.04
CA THR B 2415 71.38 26.35 -16.89
C THR B 2415 72.73 25.81 -17.31
N LEU B 2416 72.80 25.12 -18.46
CA LEU B 2416 74.07 24.57 -18.90
C LEU B 2416 75.02 25.67 -19.36
N LEU B 2417 74.49 26.75 -19.92
CA LEU B 2417 75.34 27.86 -20.34
C LEU B 2417 76.06 28.48 -19.16
N THR B 2418 75.34 28.68 -18.04
CA THR B 2418 75.92 29.31 -16.88
C THR B 2418 77.11 28.50 -16.34
N LEU B 2419 76.96 27.18 -16.26
CA LEU B 2419 77.99 26.36 -15.63
C LEU B 2419 79.25 26.29 -16.48
N VAL B 2420 79.12 26.40 -17.79
CA VAL B 2420 80.30 26.25 -18.65
C VAL B 2420 81.10 27.56 -18.69
N ASN B 2421 80.43 28.70 -18.72
CA ASN B 2421 81.15 29.97 -18.70
C ASN B 2421 81.77 30.23 -17.34
N LYS B 2422 81.03 29.96 -16.26
CA LYS B 2422 81.57 30.19 -14.93
C LYS B 2422 82.91 29.49 -14.74
N HIS B 2423 83.06 28.30 -15.33
CA HIS B 2423 84.36 27.63 -15.31
C HIS B 2423 85.43 28.49 -15.97
N ARG B 2424 85.03 29.33 -16.92
CA ARG B 2424 85.95 30.23 -17.62
C ARG B 2424 85.93 31.65 -17.07
N ASN B 2425 84.95 32.01 -16.26
CA ASN B 2425 84.80 33.38 -15.74
C ASN B 2425 84.62 34.35 -16.90
N CYS B 2426 83.56 34.13 -17.68
CA CYS B 2426 83.38 34.81 -18.96
C CYS B 2426 82.03 35.53 -19.06
N ASP B 2427 81.45 35.95 -17.96
CA ASP B 2427 80.31 36.87 -17.89
C ASP B 2427 78.98 36.21 -18.26
N LYS B 2428 78.96 34.92 -18.61
CA LYS B 2428 77.75 34.15 -18.90
C LYS B 2428 77.18 34.45 -20.27
N PHE B 2429 77.76 35.36 -21.05
CA PHE B 2429 77.29 35.62 -22.40
C PHE B 2429 78.42 35.77 -23.40
N GLU B 2430 79.66 35.52 -23.00
CA GLU B 2430 80.78 35.59 -23.93
C GLU B 2430 80.66 34.50 -24.97
N VAL B 2431 81.18 34.78 -26.16
CA VAL B 2431 81.19 33.83 -27.27
C VAL B 2431 82.55 33.17 -27.33
N ASN B 2432 82.58 31.85 -27.25
CA ASN B 2432 83.83 31.10 -27.31
C ASN B 2432 83.51 29.69 -27.80
N THR B 2433 84.56 28.87 -27.93
CA THR B 2433 84.37 27.54 -28.50
C THR B 2433 83.41 26.71 -27.66
N GLN B 2434 83.45 26.86 -26.34
CA GLN B 2434 82.57 26.07 -25.48
C GLN B 2434 81.13 26.56 -25.57
N SER B 2435 80.93 27.88 -25.51
CA SER B 2435 79.61 28.47 -25.34
C SER B 2435 78.91 28.81 -26.65
N VAL B 2436 79.53 28.54 -27.81
CA VAL B 2436 78.89 28.92 -29.06
C VAL B 2436 77.65 28.07 -29.31
N ALA B 2437 77.71 26.78 -28.94
CA ALA B 2437 76.60 25.88 -29.22
C ALA B 2437 75.33 26.31 -28.50
N TYR B 2438 75.44 26.62 -27.20
CA TYR B 2438 74.26 26.98 -26.44
C TYR B 2438 73.69 28.32 -26.87
N LEU B 2439 74.54 29.24 -27.33
CA LEU B 2439 74.06 30.55 -27.76
C LEU B 2439 73.32 30.47 -29.08
N ALA B 2440 73.70 29.54 -29.96
CA ALA B 2440 72.97 29.37 -31.20
C ALA B 2440 71.54 28.90 -30.94
N ALA B 2441 71.36 27.96 -30.02
CA ALA B 2441 70.03 27.41 -29.76
C ALA B 2441 69.11 28.44 -29.14
N LEU B 2442 69.60 29.19 -28.15
CA LEU B 2442 68.79 30.19 -27.46
C LEU B 2442 68.48 31.39 -28.32
N LEU B 2443 69.07 31.48 -29.51
CA LEU B 2443 68.96 32.69 -30.33
C LEU B 2443 67.51 33.11 -30.53
N THR B 2444 66.65 32.17 -30.92
CA THR B 2444 65.31 32.51 -31.34
C THR B 2444 64.31 32.63 -30.20
N VAL B 2445 64.72 32.34 -28.96
CA VAL B 2445 63.80 32.38 -27.83
C VAL B 2445 64.12 33.51 -26.86
N SER B 2446 65.38 33.84 -26.63
CA SER B 2446 65.78 34.79 -25.61
C SER B 2446 66.08 36.15 -26.22
N GLU B 2447 65.40 37.18 -25.73
CA GLU B 2447 65.69 38.54 -26.19
C GLU B 2447 67.10 38.97 -25.80
N GLU B 2448 67.54 38.61 -24.59
CA GLU B 2448 68.85 39.04 -24.12
C GLU B 2448 69.95 38.53 -25.03
N VAL B 2449 69.84 37.28 -25.49
CA VAL B 2449 70.90 36.69 -26.30
C VAL B 2449 71.07 37.46 -27.60
N ARG B 2450 69.96 37.83 -28.23
CA ARG B 2450 70.05 38.58 -29.48
C ARG B 2450 70.76 39.91 -29.29
N SER B 2451 70.42 40.63 -28.23
CA SER B 2451 71.05 41.93 -28.00
C SER B 2451 72.51 41.77 -27.62
N ARG B 2452 72.81 40.88 -26.67
CA ARG B 2452 74.18 40.68 -26.24
C ARG B 2452 75.04 40.06 -27.34
N CYS B 2453 74.44 39.32 -28.26
CA CYS B 2453 75.14 38.73 -29.40
C CYS B 2453 74.35 39.10 -30.66
N SER B 2454 74.68 40.24 -31.24
CA SER B 2454 73.97 40.76 -32.40
C SER B 2454 74.86 40.68 -33.64
N LEU B 2455 74.23 40.52 -34.79
CA LEU B 2455 74.95 40.43 -36.05
C LEU B 2455 75.71 41.73 -36.30
N LYS B 2456 76.93 41.59 -36.82
CA LYS B 2456 77.83 42.74 -36.95
C LYS B 2456 77.24 43.81 -37.86
N HIS B 2457 76.82 43.42 -39.06
CA HIS B 2457 76.32 44.38 -40.04
C HIS B 2457 74.85 44.67 -39.73
N ARG B 2458 74.66 45.52 -38.73
CA ARG B 2458 73.32 45.87 -38.27
C ARG B 2458 72.65 46.84 -39.24
N SER B 2601 76.89 44.09 -27.31
CA SER B 2601 78.31 44.40 -27.17
C SER B 2601 79.11 43.70 -28.27
N ASN B 2602 79.33 42.39 -28.10
CA ASN B 2602 80.04 41.60 -29.09
C ASN B 2602 79.05 41.18 -30.19
N VAL B 2603 79.50 40.29 -31.07
CA VAL B 2603 78.68 39.81 -32.17
C VAL B 2603 78.94 38.32 -32.36
N LEU B 2604 77.88 37.56 -32.62
CA LEU B 2604 78.05 36.17 -32.98
C LEU B 2604 78.76 36.06 -34.31
N LEU B 2605 79.32 34.87 -34.58
CA LEU B 2605 80.09 34.64 -35.81
C LEU B 2605 81.35 35.51 -35.83
N ASP B 2606 82.16 35.37 -34.77
CA ASP B 2606 83.44 36.06 -34.68
C ASP B 2606 84.51 35.20 -35.32
N GLU B 2607 85.17 35.73 -36.34
CA GLU B 2607 86.22 34.99 -37.03
C GLU B 2607 87.57 35.09 -36.33
N GLU B 2608 87.68 35.89 -35.27
CA GLU B 2608 88.92 35.96 -34.52
C GLU B 2608 89.02 34.82 -33.51
N VAL B 2609 87.90 34.28 -33.05
CA VAL B 2609 87.87 33.22 -32.07
C VAL B 2609 87.39 31.90 -32.65
N LEU B 2610 86.39 31.94 -33.54
CA LEU B 2610 85.88 30.75 -34.18
C LEU B 2610 86.74 30.46 -35.41
N THR B 2611 87.91 29.89 -35.16
CA THR B 2611 88.89 29.64 -36.22
C THR B 2611 88.89 28.21 -36.73
N ASP B 2612 88.63 27.23 -35.88
CA ASP B 2612 88.69 25.84 -36.31
C ASP B 2612 87.62 25.57 -37.35
N PRO B 2613 87.94 24.89 -38.46
CA PRO B 2613 86.88 24.60 -39.45
C PRO B 2613 85.76 23.75 -38.89
N LYS B 2614 86.05 22.82 -37.99
CA LYS B 2614 85.00 21.96 -37.44
C LYS B 2614 84.00 22.77 -36.64
N ILE B 2615 84.49 23.63 -35.75
CA ILE B 2615 83.60 24.37 -34.86
C ILE B 2615 82.74 25.37 -35.63
N GLN B 2616 83.15 25.77 -36.82
CA GLN B 2616 82.35 26.66 -37.66
C GLN B 2616 81.48 25.91 -38.65
N ALA B 2617 81.58 24.58 -38.69
CA ALA B 2617 80.65 23.76 -39.45
C ALA B 2617 79.54 23.17 -38.60
N LEU B 2618 79.78 22.98 -37.31
CA LEU B 2618 78.75 22.55 -36.39
C LEU B 2618 77.86 23.70 -35.93
N LEU B 2619 78.24 24.94 -36.20
CA LEU B 2619 77.42 26.08 -35.88
C LEU B 2619 76.44 26.40 -37.00
N LEU B 2620 76.85 26.22 -38.25
CA LEU B 2620 75.94 26.45 -39.37
C LEU B 2620 74.90 25.34 -39.48
N THR B 2621 75.31 24.11 -39.19
CA THR B 2621 74.36 22.99 -39.24
C THR B 2621 73.26 23.16 -38.21
N VAL B 2622 73.58 23.72 -37.04
CA VAL B 2622 72.54 23.99 -36.06
C VAL B 2622 71.58 25.07 -36.56
N LEU B 2623 72.12 26.11 -37.18
CA LEU B 2623 71.29 27.20 -37.66
C LEU B 2623 70.41 26.78 -38.83
N ALA B 2624 70.91 25.87 -39.68
CA ALA B 2624 70.10 25.38 -40.79
C ALA B 2624 69.04 24.39 -40.31
N THR B 2625 69.33 23.64 -39.25
CA THR B 2625 68.35 22.66 -38.76
C THR B 2625 67.15 23.34 -38.14
N LEU B 2626 67.37 24.45 -37.43
CA LEU B 2626 66.25 25.12 -36.77
C LEU B 2626 65.26 25.67 -37.77
N VAL B 2627 65.74 26.25 -38.87
CA VAL B 2627 64.84 26.83 -39.86
C VAL B 2627 64.06 25.73 -40.59
N LYS B 2628 64.72 24.59 -40.85
CA LYS B 2628 64.08 23.56 -41.67
C LYS B 2628 62.73 23.15 -41.11
N TYR B 2629 62.60 23.11 -39.79
CA TYR B 2629 61.37 22.66 -39.15
C TYR B 2629 60.51 23.79 -38.61
N THR B 2630 61.11 24.95 -38.33
CA THR B 2630 60.33 26.08 -37.84
C THR B 2630 59.27 26.49 -38.85
N THR B 2631 58.10 26.87 -38.36
CA THR B 2631 57.00 27.31 -39.21
C THR B 2631 56.34 28.56 -38.63
N ASP B 2632 57.15 29.50 -38.17
CA ASP B 2632 56.67 30.76 -37.63
C ASP B 2632 57.31 31.90 -38.40
N GLU B 2633 56.51 32.89 -38.79
CA GLU B 2633 57.03 34.00 -39.58
C GLU B 2633 58.13 34.74 -38.84
N PHE B 2634 57.90 35.04 -37.57
CA PHE B 2634 58.90 35.79 -36.80
C PHE B 2634 60.18 34.99 -36.65
N ASP B 2635 60.07 33.70 -36.33
CA ASP B 2635 61.26 32.89 -36.10
C ASP B 2635 62.10 32.76 -37.37
N GLN B 2636 61.44 32.55 -38.51
CA GLN B 2636 62.19 32.42 -39.76
C GLN B 2636 62.95 33.70 -40.09
N ARG B 2637 62.36 34.85 -39.79
CA ARG B 2637 63.00 36.11 -40.10
C ARG B 2637 64.36 36.23 -39.41
N ILE B 2638 64.40 35.93 -38.11
CA ILE B 2638 65.62 36.15 -37.36
C ILE B 2638 66.71 35.17 -37.80
N LEU B 2639 66.33 33.93 -38.13
CA LEU B 2639 67.35 32.94 -38.46
C LEU B 2639 67.94 33.17 -39.84
N TYR B 2640 67.11 33.53 -40.82
CA TYR B 2640 67.63 33.76 -42.16
C TYR B 2640 68.57 34.96 -42.21
N GLU B 2641 68.46 35.90 -41.27
CA GLU B 2641 69.39 37.01 -41.22
C GLU B 2641 70.78 36.58 -40.80
N TYR B 2642 70.88 35.60 -39.90
CA TYR B 2642 72.19 35.12 -39.49
C TYR B 2642 72.81 34.22 -40.54
N LEU B 2643 72.00 33.40 -41.21
CA LEU B 2643 72.53 32.57 -42.29
C LEU B 2643 73.01 33.44 -43.45
N ALA B 2644 72.23 34.45 -43.82
CA ALA B 2644 72.66 35.35 -44.88
C ALA B 2644 73.97 36.05 -44.52
N GLU B 2645 74.07 36.53 -43.28
CA GLU B 2645 75.29 37.17 -42.83
C GLU B 2645 76.45 36.17 -42.79
N ALA B 2646 76.16 34.90 -42.49
CA ALA B 2646 77.22 33.91 -42.38
C ALA B 2646 77.78 33.51 -43.74
N SER B 2647 77.06 33.77 -44.83
CA SER B 2647 77.53 33.37 -46.15
C SER B 2647 78.80 34.13 -46.53
N VAL B 2648 78.88 35.41 -46.18
CA VAL B 2648 80.05 36.20 -46.55
C VAL B 2648 81.19 35.98 -45.57
N VAL B 2649 80.89 35.59 -44.32
CA VAL B 2649 81.92 35.48 -43.31
C VAL B 2649 82.62 34.12 -43.33
N PHE B 2650 81.94 33.07 -43.81
CA PHE B 2650 82.53 31.74 -43.89
C PHE B 2650 82.29 31.17 -45.29
N PRO B 2651 82.86 31.79 -46.32
CA PRO B 2651 82.60 31.29 -47.68
C PRO B 2651 83.09 29.87 -47.91
N LYS B 2652 84.17 29.45 -47.27
CA LYS B 2652 84.74 28.15 -47.56
C LYS B 2652 83.82 27.01 -47.12
N VAL B 2653 83.28 27.11 -45.91
CA VAL B 2653 82.55 25.99 -45.30
C VAL B 2653 81.05 26.09 -45.49
N PHE B 2654 80.54 27.17 -46.06
CA PHE B 2654 79.10 27.29 -46.25
C PHE B 2654 78.51 26.18 -47.11
N PRO B 2655 79.15 25.71 -48.19
CA PRO B 2655 78.48 24.71 -49.04
C PRO B 2655 78.22 23.37 -48.38
N VAL B 2656 78.55 23.20 -47.09
CA VAL B 2656 78.23 21.96 -46.39
C VAL B 2656 76.81 22.04 -45.83
N VAL B 2657 76.06 23.06 -46.24
CA VAL B 2657 74.74 23.34 -45.69
C VAL B 2657 73.67 23.48 -46.76
N HIS B 2658 74.02 23.33 -48.04
CA HIS B 2658 73.06 23.61 -49.11
C HIS B 2658 71.82 22.71 -48.99
N ASN B 2659 72.04 21.42 -48.77
CA ASN B 2659 70.92 20.48 -48.78
C ASN B 2659 69.90 20.83 -47.70
N LEU B 2660 70.36 21.20 -46.50
CA LEU B 2660 69.43 21.59 -45.46
C LEU B 2660 68.67 22.85 -45.81
N LEU B 2661 69.18 23.65 -46.76
CA LEU B 2661 68.52 24.85 -47.21
C LEU B 2661 67.89 24.72 -48.58
N ASP B 2662 68.20 23.66 -49.31
CA ASP B 2662 67.80 23.56 -50.71
C ASP B 2662 66.29 23.63 -50.87
N SER B 2663 65.58 22.66 -50.30
CA SER B 2663 64.15 22.50 -50.60
C SER B 2663 63.35 23.73 -50.20
N LYS B 2664 63.52 24.18 -48.96
CA LYS B 2664 62.63 25.22 -48.45
C LYS B 2664 62.86 26.55 -49.15
N ILE B 2665 64.11 26.88 -49.47
CA ILE B 2665 64.39 28.12 -50.17
C ILE B 2665 63.72 28.13 -51.53
N ASN B 2666 63.81 27.00 -52.24
CA ASN B 2666 63.26 26.92 -53.59
C ASN B 2666 61.80 27.36 -53.60
N THR B 2667 61.00 26.85 -52.66
CA THR B 2667 59.62 27.27 -52.55
C THR B 2667 59.52 28.74 -52.15
N LEU B 2668 60.37 29.19 -51.24
CA LEU B 2668 60.26 30.56 -50.73
C LEU B 2668 60.53 31.57 -51.84
N LEU B 2669 61.46 31.27 -52.74
CA LEU B 2669 61.75 32.18 -53.84
C LEU B 2669 60.51 32.39 -54.71
N SER B 2670 59.74 31.33 -54.92
CA SER B 2670 58.61 31.39 -55.83
C SER B 2670 57.41 32.10 -55.20
N LEU B 2671 56.89 31.56 -54.11
CA LEU B 2671 55.58 31.94 -53.60
C LEU B 2671 55.61 33.00 -52.51
N CYS B 2672 56.77 33.34 -51.98
CA CYS B 2672 56.81 34.31 -50.89
C CYS B 2672 56.40 35.69 -51.39
N GLN B 2673 55.77 36.46 -50.50
CA GLN B 2673 55.35 37.82 -50.81
C GLN B 2673 55.60 38.77 -49.65
N ASP B 2674 56.55 38.43 -48.77
CA ASP B 2674 56.83 39.24 -47.60
C ASP B 2674 58.16 39.94 -47.76
N PRO B 2675 58.22 41.27 -47.89
CA PRO B 2675 59.52 41.93 -48.06
C PRO B 2675 60.46 41.70 -46.89
N ASN B 2676 59.95 41.61 -45.67
CA ASN B 2676 60.81 41.40 -44.51
C ASN B 2676 61.50 40.06 -44.58
N LEU B 2677 60.80 39.03 -45.04
CA LEU B 2677 61.33 37.68 -45.13
C LEU B 2677 62.00 37.40 -46.46
N LEU B 2678 61.94 38.33 -47.41
CA LEU B 2678 62.48 38.10 -48.75
C LEU B 2678 63.86 38.72 -48.95
N ASN B 2679 64.17 39.83 -48.29
CA ASN B 2679 65.48 40.43 -48.43
C ASN B 2679 66.59 39.50 -47.94
N PRO B 2680 66.51 38.91 -46.75
CA PRO B 2680 67.61 38.03 -46.32
C PRO B 2680 67.82 36.84 -47.23
N ILE B 2681 66.76 36.29 -47.81
CA ILE B 2681 66.90 35.13 -48.67
C ILE B 2681 67.68 35.51 -49.93
N HIS B 2682 67.34 36.65 -50.53
CA HIS B 2682 68.05 37.08 -51.73
C HIS B 2682 69.53 37.28 -51.46
N GLY B 2683 69.89 37.72 -50.26
CA GLY B 2683 71.29 37.85 -49.91
C GLY B 2683 72.03 36.54 -50.01
N ILE B 2684 71.37 35.44 -49.63
CA ILE B 2684 72.03 34.14 -49.69
C ILE B 2684 72.33 33.76 -51.14
N VAL B 2685 71.36 33.96 -52.03
CA VAL B 2685 71.55 33.57 -53.42
C VAL B 2685 72.70 34.35 -54.04
N GLN B 2686 72.72 35.66 -53.80
CA GLN B 2686 73.77 36.50 -54.39
C GLN B 2686 75.15 36.08 -53.92
N SER B 2687 75.25 35.49 -52.73
CA SER B 2687 76.55 35.15 -52.16
C SER B 2687 77.05 33.78 -52.60
N VAL B 2688 76.16 32.85 -52.92
CA VAL B 2688 76.60 31.53 -53.35
C VAL B 2688 77.24 31.60 -54.73
N VAL B 2689 76.61 32.31 -55.66
CA VAL B 2689 77.13 32.38 -57.02
C VAL B 2689 78.47 33.12 -57.04
N TYR B 2690 78.58 34.20 -56.27
CA TYR B 2690 79.81 34.99 -56.28
C TYR B 2690 81.01 34.16 -55.84
N HIS B 2691 80.85 33.36 -54.79
CA HIS B 2691 81.92 32.52 -54.28
C HIS B 2691 82.00 31.17 -54.97
N GLU B 2692 81.09 30.89 -55.91
CA GLU B 2692 81.19 29.68 -56.70
C GLU B 2692 82.36 29.81 -57.68
N GLU B 2693 82.51 28.81 -58.54
CA GLU B 2693 83.56 28.68 -59.54
C GLU B 2693 84.87 28.24 -58.90
N SER B 2694 84.91 28.05 -57.59
CA SER B 2694 86.08 27.50 -56.92
C SER B 2694 85.86 26.02 -56.65
N PRO B 2695 86.89 25.17 -56.75
CA PRO B 2695 86.70 23.75 -56.51
C PRO B 2695 86.17 23.50 -55.11
N PRO B 2696 85.26 22.56 -54.92
CA PRO B 2696 84.69 22.32 -53.59
C PRO B 2696 85.75 21.76 -52.64
N GLN B 2697 86.10 22.55 -51.63
CA GLN B 2697 87.05 22.09 -50.63
C GLN B 2697 86.37 21.18 -49.61
N TYR B 2698 85.22 21.60 -49.10
CA TYR B 2698 84.43 20.83 -48.15
C TYR B 2698 83.12 20.43 -48.81
N GLN B 2699 82.82 19.13 -48.77
CA GLN B 2699 81.61 18.60 -49.37
C GLN B 2699 80.52 18.46 -48.31
N THR B 2700 79.37 17.96 -48.73
CA THR B 2700 78.26 17.78 -47.80
C THR B 2700 78.48 16.63 -46.84
N SER B 2701 79.43 15.73 -47.15
CA SER B 2701 79.75 14.61 -46.28
C SER B 2701 80.90 14.92 -45.34
N TYR B 2702 81.20 16.20 -45.12
CA TYR B 2702 82.29 16.57 -44.22
C TYR B 2702 81.98 16.17 -42.78
N LEU B 2703 80.72 16.35 -42.36
CA LEU B 2703 80.36 16.07 -40.98
C LEU B 2703 80.50 14.58 -40.66
N GLN B 2704 80.13 13.72 -41.61
CA GLN B 2704 80.26 12.28 -41.37
C GLN B 2704 81.70 11.87 -41.13
N SER B 2705 82.66 12.72 -41.50
CA SER B 2705 84.06 12.37 -41.31
C SER B 2705 84.39 12.19 -39.83
N PHE B 2706 83.78 13.00 -38.96
CA PHE B 2706 84.08 12.95 -37.53
C PHE B 2706 82.83 12.75 -36.68
N GLY B 2707 81.79 12.12 -37.21
CA GLY B 2707 80.72 11.60 -36.37
C GLY B 2707 79.34 12.23 -36.52
N PHE B 2708 79.28 13.55 -36.68
CA PHE B 2708 78.02 14.27 -36.56
C PHE B 2708 77.20 14.23 -37.85
N ASN B 2709 76.95 13.02 -38.34
CA ASN B 2709 76.11 12.85 -39.51
C ASN B 2709 74.63 12.69 -39.17
N GLY B 2710 74.30 12.62 -37.88
CA GLY B 2710 72.91 12.52 -37.45
C GLY B 2710 72.36 13.75 -36.78
N LEU B 2711 73.07 14.88 -36.81
CA LEU B 2711 72.61 16.06 -36.11
C LEU B 2711 71.27 16.55 -36.69
N TRP B 2712 71.15 16.57 -38.01
CA TRP B 2712 69.94 17.11 -38.64
C TRP B 2712 68.78 16.14 -38.61
N ARG B 2713 69.02 14.84 -38.44
CA ARG B 2713 67.91 13.89 -38.39
C ARG B 2713 67.31 13.81 -36.99
N PHE B 2714 68.16 13.78 -35.96
CA PHE B 2714 67.67 13.57 -34.61
C PHE B 2714 66.72 14.67 -34.17
N ALA B 2715 66.81 15.86 -34.75
CA ALA B 2715 66.01 16.99 -34.30
C ALA B 2715 64.66 17.08 -35.00
N GLY B 2716 64.31 16.11 -35.84
CA GLY B 2716 63.09 16.17 -36.59
C GLY B 2716 61.87 15.99 -35.71
N PRO B 2717 60.69 16.03 -36.33
CA PRO B 2717 59.46 15.83 -35.56
C PRO B 2717 59.33 14.38 -35.07
N PHE B 2718 58.60 14.23 -33.97
CA PHE B 2718 58.35 12.89 -33.43
C PHE B 2718 57.54 12.08 -34.43
N SER B 2719 57.83 10.78 -34.47
CA SER B 2719 57.15 9.88 -35.39
C SER B 2719 55.80 9.48 -34.81
N LYS B 2720 54.74 9.55 -35.65
CA LYS B 2720 53.43 9.13 -35.21
C LYS B 2720 53.43 7.65 -34.83
N GLN B 2721 54.06 6.81 -35.64
CA GLN B 2721 54.12 5.38 -35.40
C GLN B 2721 55.14 5.13 -34.31
N THR B 2722 54.68 4.90 -33.09
CA THR B 2722 55.56 4.75 -31.94
C THR B 2722 56.25 3.40 -32.01
N GLN B 2723 57.44 3.38 -32.58
CA GLN B 2723 58.24 2.16 -32.73
C GLN B 2723 59.62 2.39 -32.14
N ILE B 2724 60.07 1.47 -31.31
CA ILE B 2724 61.42 1.59 -30.74
C ILE B 2724 62.44 1.57 -31.88
N PRO B 2725 63.41 2.49 -31.89
CA PRO B 2725 64.32 2.57 -33.05
C PRO B 2725 65.06 1.28 -33.37
N ASP B 2726 64.97 0.26 -32.52
CA ASP B 2726 65.49 -1.09 -32.72
C ASP B 2726 66.99 -1.17 -32.48
N TYR B 2727 67.67 -0.07 -32.16
CA TYR B 2727 69.00 -0.15 -31.57
C TYR B 2727 68.95 -0.08 -30.06
N ALA B 2728 67.76 -0.18 -29.47
CA ALA B 2728 67.64 -0.25 -28.03
C ALA B 2728 68.34 -1.48 -27.46
N GLU B 2729 68.62 -2.49 -28.29
CA GLU B 2729 69.39 -3.62 -27.83
C GLU B 2729 70.76 -3.20 -27.33
N LEU B 2730 71.31 -2.08 -27.83
CA LEU B 2730 72.57 -1.57 -27.32
C LEU B 2730 72.39 -0.90 -25.97
N ILE B 2731 71.27 -0.19 -25.79
CA ILE B 2731 71.03 0.49 -24.51
C ILE B 2731 70.90 -0.52 -23.39
N VAL B 2732 70.23 -1.65 -23.65
CA VAL B 2732 70.07 -2.67 -22.62
C VAL B 2732 71.43 -3.15 -22.13
N LYS B 2733 72.34 -3.42 -23.06
CA LYS B 2733 73.69 -3.84 -22.67
C LYS B 2733 74.43 -2.72 -21.95
N PHE B 2734 74.23 -1.48 -22.38
CA PHE B 2734 74.89 -0.36 -21.73
C PHE B 2734 74.47 -0.22 -20.28
N LEU B 2735 73.16 -0.32 -20.01
CA LEU B 2735 72.70 -0.25 -18.62
C LEU B 2735 73.21 -1.45 -17.82
N ASP B 2736 73.19 -2.63 -18.43
CA ASP B 2736 73.67 -3.82 -17.73
C ASP B 2736 75.11 -3.64 -17.25
N ALA B 2737 75.96 -3.07 -18.10
CA ALA B 2737 77.34 -2.82 -17.68
C ALA B 2737 77.40 -1.73 -16.62
N LEU B 2738 76.49 -0.74 -16.68
CA LEU B 2738 76.53 0.35 -15.72
C LEU B 2738 76.31 -0.14 -14.30
N ILE B 2739 75.37 -1.06 -14.11
CA ILE B 2739 75.09 -1.59 -12.77
C ILE B 2739 76.33 -2.27 -12.21
N ASP B 2740 76.97 -3.12 -13.02
CA ASP B 2740 78.11 -3.90 -12.55
C ASP B 2740 79.27 -2.99 -12.15
N THR B 2741 79.54 -1.94 -12.95
CA THR B 2741 80.70 -1.10 -12.70
C THR B 2741 80.60 -0.36 -11.38
N TYR B 2742 79.41 0.15 -11.06
CA TYR B 2742 79.24 1.04 -9.91
C TYR B 2742 78.37 0.44 -8.80
N LEU B 2743 77.71 -0.68 -9.03
CA LEU B 2743 76.94 -1.36 -7.99
C LEU B 2743 77.32 -2.85 -8.00
N PRO B 2744 78.58 -3.16 -7.71
CA PRO B 2744 79.01 -4.57 -7.77
C PRO B 2744 78.24 -5.48 -6.84
N GLY B 2745 77.84 -5.00 -5.67
CA GLY B 2745 77.10 -5.80 -4.73
C GLY B 2745 77.29 -5.34 -3.29
C48 PEV C . 30.14 71.84 9.53
C47 PEV C . 28.82 72.14 10.17
C46 PEV C . 28.03 70.89 10.47
C45 PEV C . 26.66 71.17 11.07
C44 PEV C . 25.80 69.94 11.22
C43 PEV C . 24.41 70.21 11.76
C42 PEV C . 23.59 68.97 11.98
C41 PEV C . 24.09 68.10 13.12
C40 PEV C . 23.95 66.62 12.86
C39 PEV C . 24.75 65.76 13.84
C38 PEV C . 24.56 64.27 13.64
C37 PEV C . 24.79 63.81 12.21
C36 PEV C . 26.13 64.19 11.63
C35 PEV C . 27.31 63.59 12.38
C34 PEV C . 28.62 63.69 11.64
C33 PEV C . 29.18 65.10 11.53
C32 PEV C . 30.62 65.08 11.04
C31 PEV C . 31.31 66.40 11.03
O31 PEV C . 30.99 67.34 10.34
O2 PEV C . 32.35 66.42 11.88
C2 PEV C . 33.28 67.55 11.84
C1 PEV C . 34.43 67.25 12.75
O3P PEV C . 35.45 68.24 12.57
P PEV C . 36.64 68.00 11.50
O1P PEV C . 37.90 68.61 11.97
O2P PEV C . 36.72 66.51 11.22
O4P PEV C . 36.13 68.69 10.15
C4 PEV C . 37.04 68.94 9.06
C5 PEV C . 36.68 67.95 7.94
N6 PEV C . 37.39 68.36 6.72
C3 PEV C . 32.56 68.81 12.25
O3 PEV C . 31.64 68.53 13.31
C11 PEV C . 31.20 69.58 14.01
O11 PEV C . 31.70 70.67 13.94
C12 PEV C . 30.01 69.24 14.84
C13 PEV C . 29.80 67.75 15.10
C14 PEV C . 28.36 67.44 15.46
C15 PEV C . 28.18 66.40 16.54
C16 PEV C . 28.74 65.03 16.21
C17 PEV C . 28.29 63.95 17.17
C18 PEV C . 29.05 62.64 17.05
C19 PEV C . 28.58 61.59 18.03
C20 PEV C . 27.77 60.46 17.40
C21 PEV C . 26.56 60.92 16.61
C22 PEV C . 25.65 59.77 16.18
C23 PEV C . 24.56 60.16 15.20
C24 PEV C . 23.63 59.02 14.85
C25 PEV C . 22.70 59.30 13.68
C26 PEV C . 21.81 60.48 13.91
H481 PEV C . 30.04 71.30 8.58
H482 PEV C . 30.77 71.23 10.16
H483 PEV C . 30.70 72.74 9.31
H471 PEV C . 28.99 72.71 11.08
H472 PEV C . 28.25 72.80 9.53
H461 PEV C . 27.92 70.30 9.57
H462 PEV C . 28.60 70.25 11.16
H451 PEV C . 26.78 71.65 12.04
H452 PEV C . 26.15 71.92 10.46
H441 PEV C . 25.71 69.44 10.25
H442 PEV C . 26.32 69.22 11.84
H431 PEV C . 24.50 70.77 12.70
H432 PEV C . 23.89 70.89 11.10
H421 PEV C . 22.55 69.24 12.17
H422 PEV C . 23.55 68.39 11.06
H411 PEV C . 25.13 68.34 13.34
H412 PEV C . 23.56 68.35 14.03
H401 PEV C . 22.91 66.33 12.90
H402 PEV C . 24.26 66.40 11.85
H391 PEV C . 24.47 66.03 14.85
H392 PEV C . 25.80 66.01 13.76
H381 PEV C . 23.57 63.97 13.98
H382 PEV C . 25.25 63.73 14.31
H371 PEV C . 24.68 62.73 12.17
H372 PEV C . 23.98 64.19 11.58
H361 PEV C . 26.18 63.90 10.59
H362 PEV C . 26.23 65.27 11.61
H351 PEV C . 27.09 62.56 12.63
H352 PEV C . 27.40 64.08 13.36
H341 PEV C . 29.35 63.04 12.13
H342 PEV C . 28.51 63.26 10.65
H331 PEV C . 28.57 65.70 10.86
H332 PEV C . 29.13 65.60 12.49
H321 PEV C . 31.20 64.36 11.64
H322 PEV C . 30.68 64.68 10.03
H2 PEV C . 33.64 67.68 10.82
H11 PEV C . 34.86 66.27 12.58
H12 PEV C . 34.10 67.26 13.80
H41 PEV C . 36.96 69.98 8.78
H42 PEV C . 38.06 68.77 9.40
H51 PEV C . 35.61 68.00 7.74
H52 PEV C . 36.87 66.92 8.24
HN61 PEV C . 38.34 68.66 6.91
HN62 PEV C . 37.39 67.66 5.99
H31 PEV C . 33.28 69.57 12.55
H32 PEV C . 31.99 69.23 11.42
H121 PEV C . 30.11 69.76 15.80
H122 PEV C . 29.11 69.67 14.40
H131 PEV C . 30.47 67.40 15.89
H132 PEV C . 30.08 67.17 14.23
H141 PEV C . 27.85 68.36 15.75
H142 PEV C . 27.83 67.12 14.56
H151 PEV C . 27.13 66.30 16.79
H152 PEV C . 28.64 66.76 17.47
H161 PEV C . 29.83 65.08 16.19
H162 PEV C . 28.46 64.76 15.19
H171 PEV C . 27.23 63.77 17.04
H172 PEV C . 28.39 64.33 18.20
H181 PEV C . 28.97 62.27 16.02
H182 PEV C . 30.12 62.83 17.19
H191 PEV C . 29.45 61.17 18.54
H192 PEV C . 27.99 62.05 18.81
H201 PEV C . 27.46 59.76 18.16
H202 PEV C . 28.42 59.87 16.74
H211 PEV C . 26.88 61.48 15.73
H212 PEV C . 25.99 61.64 17.20
H221 PEV C . 26.26 58.98 15.75
H222 PEV C . 25.20 59.32 17.06
H231 PEV C . 23.98 60.99 15.61
H232 PEV C . 25.02 60.57 14.30
H241 PEV C . 23.04 58.74 15.72
H242 PEV C . 24.22 58.13 14.63
H251 PEV C . 23.29 59.45 12.78
H252 PEV C . 22.10 58.41 13.47
H261 PEV C . 21.12 60.65 13.09
H262 PEV C . 22.38 61.41 14.04
H263 PEV C . 21.21 60.36 14.80
ZN ZN D . 16.77 64.52 -7.59
C48 PEV E . -7.53 -72.86 28.18
C47 PEV E . -6.22 -72.85 27.45
C46 PEV E . -5.81 -71.45 27.01
C45 PEV E . -4.49 -71.40 26.28
C44 PEV E . -4.08 -70.01 25.83
C43 PEV E . -2.68 -69.95 25.24
C42 PEV E . -2.26 -68.56 24.79
C41 PEV E . -2.44 -67.49 25.85
C40 PEV E . -1.69 -66.21 25.57
C39 PEV E . -1.91 -65.10 26.58
C38 PEV E . -3.35 -64.63 26.68
C37 PEV E . -4.15 -65.28 27.78
C36 PEV E . -5.64 -65.01 27.68
C35 PEV E . -6.47 -65.66 28.78
C34 PEV E . -6.39 -67.17 28.81
C33 PEV E . -7.31 -67.82 29.82
C32 PEV E . -7.22 -67.17 31.19
C31 PEV E . -7.77 -68.03 32.30
O31 PEV E . -8.93 -68.15 32.57
O2 PEV E . -6.78 -68.66 32.94
C2 PEV E . -7.13 -69.60 34.00
C1 PEV E . -7.60 -68.81 35.19
O3P PEV E . -8.60 -69.57 35.89
P PEV E . -10.13 -69.02 36.01
O1P PEV E . -10.67 -69.28 37.36
O2P PEV E . -10.14 -67.56 35.60
O4P PEV E . -10.93 -69.82 34.89
C4 PEV E . -12.38 -69.83 34.88
C5 PEV E . -12.82 -68.98 33.68
N6 PEV E . -14.27 -68.80 33.76
C3 PEV E . -5.89 -70.40 34.27
O3 PEV E . -4.93 -69.96 33.28
C11 PEV E . -4.95 -70.59 32.10
O11 PEV E . -5.57 -71.61 31.90
C12 PEV E . -4.18 -69.84 31.05
C13 PEV E . -3.01 -69.02 31.58
C14 PEV E . -2.43 -68.12 30.50
C15 PEV E . -0.97 -67.77 30.67
C16 PEV E . -0.69 -66.71 31.73
C17 PEV E . -0.92 -65.28 31.27
C18 PEV E . -0.49 -64.24 32.29
C19 PEV E . -0.86 -62.81 31.94
C20 PEV E . 0.03 -62.15 30.89
C21 PEV E . -0.55 -62.16 29.49
C22 PEV E . 0.18 -61.24 28.53
C23 PEV E . -0.43 -61.18 27.14
C24 PEV E . 0.21 -60.15 26.23
C25 PEV E . -0.38 -60.08 24.84
C26 PEV E . -0.19 -61.34 24.05
H481 PEV E . -8.35 -72.47 27.58
H482 PEV E . -7.51 -72.27 29.09
H483 PEV E . -7.81 -73.88 28.47
H471 PEV E . -5.45 -73.27 28.08
H472 PEV E . -6.27 -73.50 26.58
H461 PEV E . -6.59 -71.03 26.38
H462 PEV E . -5.77 -70.79 27.88
H451 PEV E . -3.71 -71.82 26.93
H452 PEV E . -4.50 -72.08 25.43
H441 PEV E . -4.80 -69.64 25.11
H442 PEV E . -4.16 -69.33 26.68
H431 PEV E . -1.96 -70.33 25.96
H432 PEV E . -2.61 -70.63 24.40
H421 PEV E . -1.22 -68.58 24.47
H422 PEV E . -2.81 -68.29 23.90
H411 PEV E . -3.50 -67.28 25.95
H412 PEV E . -2.15 -67.88 26.82
H401 PEV E . -0.62 -66.42 25.49
H402 PEV E . -1.96 -65.84 24.57
H391 PEV E . -1.26 -64.27 26.35
H392 PEV E . -1.57 -65.45 27.56
H381 PEV E . -3.84 -64.79 25.72
H382 PEV E . -3.36 -63.55 26.80
H371 PEV E . -3.96 -66.34 27.82
H372 PEV E . -3.80 -64.91 28.75
H361 PEV E . -5.83 -63.94 27.66
H362 PEV E . -6.00 -65.36 26.71
H351 PEV E . -7.51 -65.35 28.68
H352 PEV E . -6.16 -65.25 29.74
H341 PEV E . -6.59 -67.56 27.82
H342 PEV E . -5.36 -67.48 29.01
H331 PEV E . -8.34 -67.78 29.46
H332 PEV E . -7.09 -68.88 29.90
H321 PEV E . -6.19 -66.88 31.40
H322 PEV E . -7.77 -66.23 31.20
H2 PEV E . -7.91 -70.27 33.65
H11 PEV E . -8.01 -67.85 34.92
H12 PEV E . -6.77 -68.61 35.88
H41 PEV E . -12.71 -70.86 34.85
H42 PEV E . -12.74 -69.40 35.82
H51 PEV E . -12.58 -69.50 32.76
H52 PEV E . -12.25 -68.05 33.63
HN61 PEV E . -14.55 -68.24 34.55
HN62 PEV E . -14.68 -68.43 32.91
H31 PEV E . -5.51 -70.23 35.27
H32 PEV E . -6.06 -71.47 34.17
H121 PEV E . -3.82 -70.58 30.34
H122 PEV E . -4.84 -69.22 30.47
H131 PEV E . -2.24 -69.67 31.98
H132 PEV E . -3.34 -68.42 32.43
H141 PEV E . -2.57 -68.58 29.52
H142 PEV E . -3.01 -67.21 30.45
H151 PEV E . -0.55 -67.44 29.73
H152 PEV E . -0.40 -68.67 30.91
H161 PEV E . 0.34 -66.81 32.09
H162 PEV E . -1.29 -66.92 32.61
H171 PEV E . -1.98 -65.15 31.02
H172 PEV E . -0.40 -65.11 30.33
H181 PEV E . -0.89 -64.49 33.26
H182 PEV E . 0.59 -64.31 32.44
H191 PEV E . -1.90 -62.78 31.61
H192 PEV E . -0.85 -62.20 32.84
H201 PEV E . 1.00 -62.64 30.88
H202 PEV E . 0.25 -61.13 31.19
H211 PEV E . -1.61 -61.89 29.53
H212 PEV E . -0.55 -63.17 29.10
H221 PEV E . 0.22 -60.24 28.95
H222 PEV E . 1.22 -61.54 28.45
H231 PEV E . -0.38 -62.17 26.68
H232 PEV E . -1.50 -60.98 27.22
H241 PEV E . 1.28 -60.35 26.15
H242 PEV E . 0.16 -59.17 26.69
H251 PEV E . -1.44 -59.84 24.91
H252 PEV E . 0.05 -59.24 24.29
H261 PEV E . -0.55 -61.25 23.02
H262 PEV E . -0.71 -62.20 24.49
H263 PEV E . 0.85 -61.62 23.98
ZN ZN F . -16.00 -64.92 9.08
#